data_6V48
#
_entry.id   6V48
#
_cell.length_a   174.665
_cell.length_b   100.974
_cell.length_c   236.075
_cell.angle_alpha   90.000
_cell.angle_beta   103.930
_cell.angle_gamma   90.000
#
_symmetry.space_group_name_H-M   'C 1 2 1'
#
loop_
_entity.id
_entity.type
_entity.pdbx_description
1 polymer 'Hemagglutinin HA1 chain'
2 polymer 'Hemagglutinin HA2 chain'
3 branched 2-acetamido-2-deoxy-beta-D-glucopyranose-(1-4)-2-acetamido-2-deoxy-beta-D-glucopyranose
4 non-polymer 2-acetamido-2-deoxy-beta-D-glucopyranose
#
loop_
_entity_poly.entity_id
_entity_poly.type
_entity_poly.pdbx_seq_one_letter_code
_entity_poly.pdbx_strand_id
1 'polypeptide(L)'
;ADPGSQITNGTTGNPIICLGHHAVENGTSVKTLTDNHVEVVSAKELVETNHTDELCPSPLKLVDGQDCDLINGALGSPGC
DRLQDTTWDVFIERPTAVDTCYPFDVPDYQSLRSILASSGSLEFIAEQFTWNGVKVDGSSSACLRGGRNSFFSRLNWLTK
ATNGNYGPINVTKENTGSYVRLYLWGVHHPSSDNEQTDLYKVATGRVTVSTRSDQISIVPNIGSRPRVRNQSGRISIYWT
LVNPGDSIIFNSIGNLIAPRGHYKISKSTKSTVLKSDKRIGSCTSPCLTDKGSIQSDKPFQNVSRIAIGNCPKYVKQGSL
MLATGMRNIPGKQAK
;
A,C,E,G,I,K
2 'polypeptide(L)'
;GLFGAIAGFIENGWQGLIDGWYGFRHQNAEGTGTAADLKSTQAAIDQINGKLNRLIEKTNEKYHQIEKEFEQVEGRIQDL
EKYVEDTKIDLWSYNAELLVALENQHTIDVTDSEMNKLFERVRRQLRENAEDQGNGCFEIFHQCDNNCIESIRNGTYDHN
IYRDEAINNRIKINPVTLTMGSGRLVPR
;
B,D,F,H,J,L
#
loop_
_chem_comp.id
_chem_comp.type
_chem_comp.name
_chem_comp.formula
NAG D-saccharide, beta linking 2-acetamido-2-deoxy-beta-D-glucopyranose 'C8 H15 N O6'
#
# COMPACT_ATOMS: atom_id res chain seq x y z
N GLY A 13 9.05 -5.74 -9.58
CA GLY A 13 8.50 -4.70 -10.43
C GLY A 13 7.42 -3.85 -9.78
N ASN A 14 6.58 -4.50 -8.98
CA ASN A 14 5.36 -3.87 -8.51
C ASN A 14 5.64 -2.87 -7.39
N PRO A 15 5.12 -1.65 -7.48
CA PRO A 15 5.27 -0.70 -6.38
C PRO A 15 4.51 -1.15 -5.13
N ILE A 16 4.98 -0.65 -3.99
CA ILE A 16 4.37 -0.91 -2.69
C ILE A 16 3.91 0.41 -2.09
N ILE A 17 2.80 0.38 -1.37
CA ILE A 17 2.38 1.51 -0.54
C ILE A 17 1.96 0.98 0.83
N CYS A 18 2.53 1.57 1.88
CA CYS A 18 2.33 1.13 3.25
C CYS A 18 1.71 2.25 4.07
N LEU A 19 0.90 1.87 5.04
CA LEU A 19 0.27 2.83 5.93
C LEU A 19 0.71 2.55 7.37
N GLY A 20 1.14 3.60 8.06
CA GLY A 20 1.71 3.47 9.38
C GLY A 20 1.33 4.63 10.27
N HIS A 21 1.82 4.56 11.51
CA HIS A 21 1.62 5.61 12.50
C HIS A 21 2.95 5.94 13.16
N HIS A 22 2.99 7.09 13.85
CA HIS A 22 4.26 7.52 14.40
C HIS A 22 4.58 6.76 15.68
N ALA A 23 5.86 6.84 16.07
CA ALA A 23 6.35 6.20 17.28
C ALA A 23 7.53 6.98 17.82
N VAL A 24 7.81 6.78 19.10
CA VAL A 24 8.98 7.36 19.74
C VAL A 24 9.82 6.24 20.35
N GLU A 25 11.09 6.55 20.63
CA GLU A 25 11.97 5.55 21.20
C GLU A 25 11.55 5.19 22.62
N ASN A 26 11.18 6.19 23.42
CA ASN A 26 10.86 6.02 24.83
C ASN A 26 9.44 6.53 25.06
N GLY A 27 8.53 5.62 25.37
CA GLY A 27 7.13 5.96 25.57
C GLY A 27 6.83 6.50 26.95
N THR A 28 5.58 6.36 27.34
CA THR A 28 5.11 6.71 28.68
C THR A 28 4.03 5.71 29.11
N SER A 29 4.08 5.30 30.37
CA SER A 29 3.15 4.30 30.87
C SER A 29 1.87 4.94 31.37
N VAL A 30 0.73 4.35 30.99
CA VAL A 30 -0.59 4.80 31.43
C VAL A 30 -1.43 3.57 31.75
N LYS A 31 -2.55 3.81 32.43
CA LYS A 31 -3.43 2.75 32.91
C LYS A 31 -4.75 2.79 32.17
N THR A 32 -5.20 1.64 31.69
CA THR A 32 -6.59 1.43 31.33
C THR A 32 -7.26 0.57 32.42
N LEU A 33 -8.48 0.13 32.16
CA LEU A 33 -9.16 -0.72 33.14
C LEU A 33 -8.52 -2.10 33.26
N THR A 34 -7.80 -2.54 32.22
CA THR A 34 -7.34 -3.92 32.14
C THR A 34 -5.82 -4.06 32.11
N ASP A 35 -5.09 -2.99 31.81
CA ASP A 35 -3.63 -3.05 31.75
C ASP A 35 -3.08 -1.89 32.59
N ASN A 36 -2.25 -2.21 33.57
CA ASN A 36 -1.67 -1.22 34.46
C ASN A 36 -0.42 -0.58 33.88
N HIS A 37 -0.14 -0.82 32.59
CA HIS A 37 1.17 -0.55 32.03
C HIS A 37 1.08 -0.56 30.51
N VAL A 38 0.37 0.40 29.94
CA VAL A 38 0.29 0.59 28.49
C VAL A 38 1.21 1.74 28.10
N GLU A 39 2.10 1.49 27.14
CA GLU A 39 3.07 2.48 26.72
C GLU A 39 2.51 3.26 25.53
N VAL A 40 2.30 4.56 25.74
CA VAL A 40 1.72 5.44 24.75
C VAL A 40 2.73 6.51 24.35
N VAL A 41 2.50 7.10 23.18
CA VAL A 41 3.47 8.04 22.61
C VAL A 41 3.65 9.25 23.51
N SER A 42 2.55 9.82 24.01
CA SER A 42 2.60 11.03 24.83
C SER A 42 1.57 10.93 25.94
N ALA A 43 1.87 11.58 27.07
CA ALA A 43 1.00 11.50 28.24
C ALA A 43 1.15 12.77 29.08
N LYS A 44 0.14 13.02 29.92
CA LYS A 44 -0.01 14.27 30.65
C LYS A 44 -0.42 13.99 32.09
N GLU A 45 0.26 14.62 33.04
CA GLU A 45 -0.06 14.44 34.45
C GLU A 45 -1.29 15.25 34.84
N LEU A 46 -2.15 14.64 35.64
CA LEU A 46 -3.41 15.27 36.04
C LEU A 46 -3.48 15.57 37.53
N VAL A 47 -2.51 15.10 38.31
CA VAL A 47 -2.47 15.35 39.75
C VAL A 47 -1.41 16.41 40.01
N GLU A 48 -1.83 17.59 40.44
CA GLU A 48 -0.88 18.64 40.77
C GLU A 48 -0.22 18.35 42.11
N THR A 49 1.10 18.47 42.14
CA THR A 49 1.87 18.22 43.36
C THR A 49 2.61 19.44 43.87
N ASN A 50 2.78 20.47 43.04
CA ASN A 50 3.52 21.67 43.42
C ASN A 50 2.59 22.71 44.04
N HIS A 51 3.08 23.35 45.09
CA HIS A 51 2.49 24.57 45.63
C HIS A 51 3.54 25.66 45.69
N THR A 52 3.07 26.89 45.89
CA THR A 52 3.96 28.04 45.76
C THR A 52 4.82 28.28 46.99
N ASP A 53 4.28 27.98 48.18
CA ASP A 53 4.86 28.12 49.52
C ASP A 53 4.58 29.49 50.12
N GLU A 54 4.07 30.45 49.35
CA GLU A 54 3.57 31.71 49.85
C GLU A 54 2.09 31.84 49.49
N LEU A 55 1.32 32.49 50.37
CA LEU A 55 -0.10 32.69 50.13
C LEU A 55 -0.32 33.92 49.26
N CYS A 56 -0.98 33.73 48.12
CA CYS A 56 -1.14 34.80 47.15
C CYS A 56 -2.26 35.75 47.58
N PRO A 57 -2.00 37.04 47.71
CA PRO A 57 -3.07 37.97 48.10
C PRO A 57 -4.00 38.37 46.97
N SER A 58 -3.80 37.82 45.77
CA SER A 58 -4.74 37.96 44.67
C SER A 58 -5.21 36.58 44.22
N PRO A 59 -6.47 36.45 43.77
CA PRO A 59 -7.51 37.48 43.82
C PRO A 59 -8.30 37.47 45.14
N LEU A 60 -7.78 36.79 46.16
CA LEU A 60 -8.47 36.62 47.43
C LEU A 60 -7.98 37.65 48.44
N LYS A 61 -8.91 38.44 48.97
CA LYS A 61 -8.59 39.45 49.98
C LYS A 61 -8.20 38.77 51.28
N LEU A 62 -6.92 38.84 51.64
CA LEU A 62 -6.41 38.21 52.86
C LEU A 62 -6.24 39.22 53.99
N VAL A 63 -6.48 38.76 55.20
CA VAL A 63 -6.12 39.47 56.42
C VAL A 63 -5.25 38.54 57.27
N ASP A 64 -4.02 38.97 57.55
CA ASP A 64 -3.11 38.21 58.39
C ASP A 64 -3.38 38.58 59.84
N GLY A 65 -3.88 37.61 60.62
CA GLY A 65 -4.05 37.83 62.04
C GLY A 65 -2.75 38.00 62.80
N GLN A 66 -1.65 37.51 62.23
CA GLN A 66 -0.32 37.59 62.85
C GLN A 66 -0.34 37.01 64.26
N ASP A 67 -0.09 37.85 65.25
CA ASP A 67 -0.01 37.41 66.64
C ASP A 67 -1.36 37.10 67.25
N CYS A 68 -2.45 37.50 66.60
CA CYS A 68 -3.79 37.36 67.16
C CYS A 68 -4.61 36.37 66.34
N ASP A 69 -5.28 35.45 67.02
CA ASP A 69 -6.29 34.63 66.37
C ASP A 69 -7.57 35.44 66.15
N LEU A 70 -8.52 34.83 65.44
CA LEU A 70 -9.70 35.58 64.99
C LEU A 70 -10.58 36.03 66.16
N ILE A 71 -10.53 35.32 67.28
CA ILE A 71 -11.40 35.65 68.41
C ILE A 71 -10.80 36.73 69.29
N ASN A 72 -9.53 36.56 69.69
CA ASN A 72 -8.79 37.64 70.33
C ASN A 72 -9.00 38.96 69.60
N GLY A 73 -8.86 38.94 68.27
CA GLY A 73 -9.15 40.14 67.48
C GLY A 73 -10.57 40.62 67.65
N ALA A 74 -11.54 39.71 67.55
CA ALA A 74 -12.94 40.11 67.70
C ALA A 74 -13.21 40.63 69.10
N LEU A 75 -12.48 40.14 70.09
CA LEU A 75 -12.62 40.64 71.45
C LEU A 75 -11.84 41.92 71.68
N GLY A 76 -10.75 42.11 70.94
CA GLY A 76 -9.93 43.31 71.10
C GLY A 76 -8.81 43.16 72.10
N SER A 77 -8.23 41.97 72.23
CA SER A 77 -7.08 41.75 73.09
C SER A 77 -5.91 42.64 72.65
N PRO A 78 -4.92 42.85 73.55
CA PRO A 78 -3.86 43.84 73.28
C PRO A 78 -3.16 43.73 71.93
N GLY A 79 -2.61 42.56 71.61
CA GLY A 79 -1.95 42.35 70.34
C GLY A 79 -2.72 42.77 69.10
N CYS A 80 -4.04 42.90 69.23
CA CYS A 80 -4.95 42.77 68.10
C CYS A 80 -5.48 44.10 67.57
N ASP A 81 -4.85 45.22 67.96
CA ASP A 81 -5.43 46.53 67.65
C ASP A 81 -5.58 46.75 66.15
N ARG A 82 -4.51 46.51 65.38
CA ARG A 82 -4.54 46.63 63.93
C ARG A 82 -5.79 46.01 63.30
N LEU A 83 -6.12 44.78 63.71
CA LEU A 83 -7.19 44.00 63.08
C LEU A 83 -8.53 44.71 63.04
N GLN A 84 -8.70 45.81 63.78
CA GLN A 84 -9.97 46.53 63.78
C GLN A 84 -10.35 47.00 62.38
N ASP A 85 -11.62 46.79 62.01
CA ASP A 85 -12.24 47.25 60.77
C ASP A 85 -11.71 46.54 59.54
N THR A 86 -10.81 45.58 59.68
CA THR A 86 -10.36 44.77 58.54
C THR A 86 -11.49 43.90 58.01
N THR A 87 -11.48 43.71 56.69
CA THR A 87 -12.41 42.80 56.02
C THR A 87 -11.60 41.80 55.19
N TRP A 88 -12.21 40.65 54.90
CA TRP A 88 -11.44 39.59 54.27
C TRP A 88 -12.34 38.59 53.57
N ASP A 89 -11.76 37.94 52.55
CA ASP A 89 -12.29 36.66 52.08
C ASP A 89 -11.73 35.51 52.90
N VAL A 90 -10.42 35.56 53.21
CA VAL A 90 -9.76 34.55 54.03
C VAL A 90 -9.01 35.25 55.14
N PHE A 91 -9.40 34.97 56.39
CA PHE A 91 -8.63 35.36 57.56
C PHE A 91 -7.60 34.27 57.86
N ILE A 92 -6.34 34.66 57.99
CA ILE A 92 -5.26 33.71 58.24
C ILE A 92 -4.89 33.75 59.72
N GLU A 93 -4.99 32.61 60.37
CA GLU A 93 -4.52 32.44 61.74
C GLU A 93 -3.16 31.76 61.75
N ARG A 94 -2.24 32.30 62.48
CA ARG A 94 -0.91 31.76 62.59
C ARG A 94 -0.79 30.87 63.83
N PRO A 95 0.01 29.80 63.78
CA PRO A 95 0.15 28.94 64.96
C PRO A 95 0.98 29.57 66.07
N THR A 96 1.60 30.72 65.80
CA THR A 96 2.37 31.48 66.78
C THR A 96 1.52 32.47 67.55
N ALA A 97 0.23 32.54 67.27
CA ALA A 97 -0.66 33.45 67.98
C ALA A 97 -0.71 33.13 69.47
N VAL A 98 -1.01 34.15 70.27
CA VAL A 98 -0.85 34.06 71.72
C VAL A 98 -1.95 34.85 72.41
N ASP A 99 -2.37 34.37 73.57
CA ASP A 99 -3.26 35.13 74.43
C ASP A 99 -2.48 36.26 75.09
N THR A 100 -3.08 37.46 75.11
CA THR A 100 -2.43 38.62 75.72
C THR A 100 -3.32 39.40 76.68
N CYS A 101 -4.48 38.85 77.06
CA CYS A 101 -5.41 39.58 77.91
C CYS A 101 -5.83 38.69 79.08
N TYR A 102 -6.93 39.05 79.73
CA TYR A 102 -7.45 38.24 80.82
C TYR A 102 -7.77 36.83 80.31
N PRO A 103 -7.46 35.79 81.09
CA PRO A 103 -7.68 34.42 80.61
C PRO A 103 -9.18 34.11 80.51
N PHE A 104 -9.51 33.32 79.49
CA PHE A 104 -10.91 33.08 79.16
C PHE A 104 -11.06 31.78 78.40
N ASP A 105 -12.14 31.06 78.66
CA ASP A 105 -12.63 30.01 77.77
C ASP A 105 -13.89 30.49 77.05
N VAL A 106 -14.18 29.85 75.92
CA VAL A 106 -15.41 30.14 75.17
C VAL A 106 -16.17 28.86 74.93
N PRO A 107 -17.35 28.66 75.54
CA PRO A 107 -18.21 27.54 75.15
C PRO A 107 -18.64 27.70 73.70
N ASP A 108 -18.55 26.61 72.94
CA ASP A 108 -18.77 26.62 71.50
C ASP A 108 -17.76 27.52 70.79
N TYR A 109 -16.51 27.46 71.24
CA TYR A 109 -15.42 28.20 70.61
C TYR A 109 -15.47 28.12 69.08
N GLN A 110 -15.51 26.91 68.54
CA GLN A 110 -15.44 26.72 67.10
C GLN A 110 -16.71 27.18 66.40
N SER A 111 -17.84 27.22 67.12
CA SER A 111 -19.06 27.74 66.53
C SER A 111 -18.99 29.24 66.36
N LEU A 112 -18.52 29.94 67.40
CA LEU A 112 -18.33 31.39 67.30
C LEU A 112 -17.27 31.73 66.26
N ARG A 113 -16.12 31.06 66.31
CA ARG A 113 -15.07 31.27 65.31
C ARG A 113 -15.61 31.13 63.90
N SER A 114 -16.45 30.12 63.67
CA SER A 114 -17.07 29.95 62.36
C SER A 114 -17.92 31.16 61.99
N ILE A 115 -18.77 31.62 62.92
CA ILE A 115 -19.67 32.72 62.63
C ILE A 115 -18.88 33.98 62.27
N LEU A 116 -17.85 34.29 63.06
CA LEU A 116 -17.02 35.46 62.79
C LEU A 116 -16.34 35.33 61.43
N ALA A 117 -15.69 34.18 61.19
CA ALA A 117 -15.05 33.92 59.91
C ALA A 117 -16.00 34.15 58.74
N SER A 118 -17.18 33.52 58.79
CA SER A 118 -18.13 33.61 57.68
C SER A 118 -18.52 35.05 57.42
N SER A 119 -18.73 35.85 58.47
CA SER A 119 -19.09 37.25 58.28
C SER A 119 -17.99 38.01 57.54
N GLY A 120 -16.73 37.62 57.71
CA GLY A 120 -15.65 38.22 56.97
C GLY A 120 -15.42 39.70 57.26
N SER A 121 -15.46 40.09 58.53
CA SER A 121 -15.37 41.50 58.89
C SER A 121 -15.15 41.64 60.40
N LEU A 122 -14.24 42.54 60.76
CA LEU A 122 -14.07 42.97 62.15
C LEU A 122 -14.42 44.44 62.33
N GLU A 123 -15.44 44.90 61.59
CA GLU A 123 -15.91 46.29 61.65
C GLU A 123 -16.91 46.41 62.80
N PHE A 124 -16.43 46.88 63.94
CA PHE A 124 -17.21 46.94 65.17
C PHE A 124 -18.04 48.22 65.22
N ILE A 125 -19.36 48.08 65.09
CA ILE A 125 -20.28 49.21 65.28
C ILE A 125 -20.39 49.50 66.77
N ALA A 126 -19.85 50.63 67.21
CA ALA A 126 -19.87 51.00 68.62
C ALA A 126 -21.23 51.57 69.03
N GLU A 127 -21.69 51.15 70.21
CA GLU A 127 -22.89 51.66 70.84
C GLU A 127 -22.56 52.17 72.24
N GLN A 128 -23.37 53.09 72.76
CA GLN A 128 -23.17 53.63 74.10
C GLN A 128 -24.25 53.13 75.06
N PHE A 129 -23.81 52.55 76.17
CA PHE A 129 -24.69 52.03 77.21
C PHE A 129 -24.52 52.85 78.49
N THR A 130 -25.63 53.12 79.17
CA THR A 130 -25.58 53.75 80.49
C THR A 130 -25.89 52.69 81.56
N TRP A 131 -24.82 52.16 82.17
CA TRP A 131 -24.92 51.07 83.15
C TRP A 131 -25.19 51.66 84.53
N ASN A 132 -26.47 51.69 84.92
CA ASN A 132 -26.86 52.30 86.19
C ASN A 132 -26.30 51.57 87.41
N GLY A 133 -25.34 52.18 88.09
CA GLY A 133 -24.92 51.75 89.41
C GLY A 133 -23.74 50.80 89.44
N VAL A 134 -22.66 51.15 88.76
CA VAL A 134 -21.47 50.32 88.69
C VAL A 134 -20.32 51.19 88.22
N LYS A 135 -19.11 50.83 88.63
CA LYS A 135 -17.91 51.40 88.02
C LYS A 135 -17.68 50.78 86.65
N VAL A 136 -17.30 51.61 85.67
CA VAL A 136 -17.05 51.13 84.32
C VAL A 136 -15.56 51.03 84.03
N ASP A 137 -15.21 50.50 82.85
CA ASP A 137 -13.86 50.57 82.29
C ASP A 137 -12.82 49.91 83.19
N GLY A 138 -13.20 48.81 83.83
CA GLY A 138 -12.26 48.00 84.57
C GLY A 138 -11.07 47.52 83.75
N SER A 139 -9.92 47.36 84.41
CA SER A 139 -8.70 46.84 83.78
C SER A 139 -8.10 45.76 84.66
N SER A 140 -6.98 45.19 84.21
CA SER A 140 -6.36 44.06 84.89
C SER A 140 -4.89 43.96 84.52
N SER A 141 -4.09 43.47 85.47
CA SER A 141 -2.65 43.33 85.27
C SER A 141 -2.29 42.18 84.33
N ALA A 142 -3.26 41.38 83.90
CA ALA A 142 -3.01 40.32 82.93
C ALA A 142 -3.06 40.81 81.49
N CYS A 143 -3.70 41.95 81.25
CA CYS A 143 -4.01 42.45 79.91
C CYS A 143 -3.26 43.76 79.71
N LEU A 144 -1.95 43.66 79.48
CA LEU A 144 -1.12 44.87 79.38
C LEU A 144 -1.22 45.48 77.99
N ARG A 145 -1.35 46.80 77.95
CA ARG A 145 -1.28 47.58 76.71
C ARG A 145 -0.22 48.66 76.92
N GLY A 146 0.96 48.46 76.34
CA GLY A 146 2.08 49.33 76.63
C GLY A 146 2.58 49.19 78.05
N GLY A 147 2.49 48.00 78.63
CA GLY A 147 2.93 47.76 79.99
C GLY A 147 1.96 48.21 81.06
N ARG A 148 0.83 48.80 80.69
CA ARG A 148 -0.15 49.34 81.63
C ARG A 148 -1.43 48.52 81.59
N ASN A 149 -2.06 48.35 82.75
CA ASN A 149 -3.25 47.50 82.87
C ASN A 149 -4.35 47.94 81.90
N SER A 150 -4.91 46.97 81.18
CA SER A 150 -5.93 47.23 80.17
C SER A 150 -6.93 46.07 80.16
N PHE A 151 -7.82 46.09 79.17
CA PHE A 151 -8.86 45.08 79.01
C PHE A 151 -9.15 44.91 77.52
N PHE A 152 -10.02 43.95 77.20
CA PHE A 152 -10.51 43.80 75.85
C PHE A 152 -11.14 45.09 75.36
N SER A 153 -10.68 45.58 74.20
CA SER A 153 -11.20 46.83 73.66
C SER A 153 -12.69 46.80 73.40
N ARG A 154 -13.28 45.62 73.24
CA ARG A 154 -14.70 45.49 72.91
C ARG A 154 -15.56 45.07 74.10
N LEU A 155 -14.96 44.95 75.29
CA LEU A 155 -15.68 44.57 76.50
C LEU A 155 -15.49 45.62 77.59
N ASN A 156 -16.41 45.64 78.55
CA ASN A 156 -16.47 46.66 79.59
C ASN A 156 -16.66 45.97 80.94
N TRP A 157 -15.61 45.95 81.76
CA TRP A 157 -15.64 45.27 83.05
C TRP A 157 -16.40 46.12 84.07
N LEU A 158 -17.48 45.56 84.63
CA LEU A 158 -18.31 46.24 85.60
C LEU A 158 -18.00 45.74 87.02
N THR A 159 -17.67 46.67 87.91
CA THR A 159 -17.54 46.38 89.33
C THR A 159 -18.41 47.35 90.13
N LYS A 160 -18.64 47.02 91.40
CA LYS A 160 -19.53 47.82 92.23
C LYS A 160 -19.12 49.28 92.25
N ALA A 161 -20.11 50.16 92.35
CA ALA A 161 -19.84 51.59 92.37
C ALA A 161 -19.10 51.96 93.66
N THR A 162 -18.11 52.85 93.51
CA THR A 162 -17.29 53.29 94.66
C THR A 162 -18.16 53.90 95.74
N ASN A 163 -19.00 53.08 96.35
CA ASN A 163 -20.20 53.54 97.04
C ASN A 163 -20.96 52.35 97.58
N GLY A 164 -22.15 52.10 97.03
CA GLY A 164 -22.99 51.02 97.52
C GLY A 164 -22.72 49.67 96.90
N ASN A 165 -23.65 49.22 96.06
CA ASN A 165 -23.72 47.84 95.61
C ASN A 165 -23.72 47.78 94.09
N TYR A 166 -23.73 46.55 93.57
CA TYR A 166 -23.84 46.29 92.14
C TYR A 166 -25.24 46.64 91.65
N GLY A 167 -25.53 47.94 91.53
CA GLY A 167 -26.86 48.44 91.22
C GLY A 167 -27.51 47.74 90.05
N PRO A 168 -28.64 47.08 90.33
CA PRO A 168 -29.24 46.14 89.36
C PRO A 168 -29.37 46.71 87.96
N ILE A 169 -28.91 45.93 86.98
CA ILE A 169 -28.82 46.34 85.58
C ILE A 169 -29.98 45.74 84.79
N ASN A 170 -30.60 46.55 83.94
CA ASN A 170 -31.77 46.15 83.15
C ASN A 170 -31.75 46.92 81.83
N VAL A 171 -30.61 46.88 81.16
CA VAL A 171 -30.36 47.69 79.96
C VAL A 171 -30.90 46.98 78.73
N THR A 172 -31.46 47.76 77.80
CA THR A 172 -32.09 47.23 76.59
C THR A 172 -31.56 47.94 75.35
N LYS A 173 -31.62 47.24 74.22
CA LYS A 173 -31.21 47.79 72.93
C LYS A 173 -32.07 47.17 71.84
N GLU A 174 -32.76 48.02 71.07
CA GLU A 174 -33.62 47.58 69.97
C GLU A 174 -32.87 47.62 68.66
N ASN A 175 -32.91 46.53 67.90
CA ASN A 175 -32.28 46.46 66.58
C ASN A 175 -33.17 47.19 65.58
N THR A 176 -32.79 48.42 65.25
CA THR A 176 -33.52 49.21 64.27
C THR A 176 -32.93 49.11 62.88
N GLY A 177 -31.68 48.67 62.75
CA GLY A 177 -31.09 48.44 61.44
C GLY A 177 -31.76 47.31 60.69
N SER A 178 -31.40 47.20 59.41
CA SER A 178 -31.96 46.18 58.53
C SER A 178 -31.24 44.84 58.63
N TYR A 179 -30.13 44.77 59.35
CA TYR A 179 -29.27 43.59 59.39
C TYR A 179 -29.26 42.96 60.78
N VAL A 180 -28.80 41.71 60.83
CA VAL A 180 -28.76 40.94 62.07
C VAL A 180 -27.52 41.32 62.88
N ARG A 181 -27.69 41.41 64.19
CA ARG A 181 -26.67 41.94 65.10
C ARG A 181 -26.05 40.81 65.92
N LEU A 182 -24.71 40.79 65.98
CA LEU A 182 -23.97 39.91 66.86
C LEU A 182 -23.39 40.70 68.03
N TYR A 183 -23.83 40.39 69.24
CA TYR A 183 -23.33 41.02 70.47
C TYR A 183 -22.44 40.05 71.22
N LEU A 184 -21.19 40.46 71.48
CA LEU A 184 -20.26 39.66 72.28
C LEU A 184 -20.24 40.16 73.72
N TRP A 185 -20.47 39.25 74.68
CA TRP A 185 -20.46 39.57 76.09
C TRP A 185 -19.77 38.44 76.85
N GLY A 186 -19.68 38.58 78.18
CA GLY A 186 -18.97 37.61 78.99
C GLY A 186 -19.45 37.56 80.43
N VAL A 187 -18.81 36.67 81.20
CA VAL A 187 -19.14 36.42 82.60
C VAL A 187 -17.85 36.19 83.38
N HIS A 188 -17.66 36.93 84.46
CA HIS A 188 -16.48 36.76 85.32
C HIS A 188 -16.71 35.62 86.31
N HIS A 189 -15.73 34.71 86.38
CA HIS A 189 -15.70 33.68 87.41
C HIS A 189 -14.58 33.95 88.40
N PRO A 190 -14.84 34.60 89.53
CA PRO A 190 -13.77 34.97 90.45
C PRO A 190 -13.21 33.77 91.21
N SER A 191 -12.00 33.96 91.74
CA SER A 191 -11.29 32.88 92.40
C SER A 191 -11.84 32.58 93.79
N SER A 192 -11.94 33.59 94.64
CA SER A 192 -12.30 33.43 96.03
C SER A 192 -13.69 33.99 96.31
N ASP A 193 -14.30 33.52 97.40
CA ASP A 193 -15.51 34.14 97.90
C ASP A 193 -15.29 35.59 98.30
N ASN A 194 -14.03 35.96 98.59
CA ASN A 194 -13.73 37.35 98.94
C ASN A 194 -13.59 38.22 97.70
N GLU A 195 -13.03 37.67 96.62
CA GLU A 195 -12.92 38.43 95.38
C GLU A 195 -14.30 38.75 94.80
N GLN A 196 -15.23 37.80 94.92
CA GLN A 196 -16.62 38.05 94.53
C GLN A 196 -17.19 39.26 95.26
N THR A 197 -17.02 39.29 96.58
CA THR A 197 -17.66 40.34 97.37
C THR A 197 -16.98 41.69 97.19
N ASP A 198 -15.65 41.68 97.03
CA ASP A 198 -14.93 42.92 96.72
C ASP A 198 -15.50 43.59 95.47
N LEU A 199 -15.73 42.81 94.42
CA LEU A 199 -16.06 43.34 93.11
C LEU A 199 -17.56 43.54 92.92
N TYR A 200 -18.37 42.65 93.49
CA TYR A 200 -19.79 42.57 93.16
C TYR A 200 -20.67 42.59 94.40
N LYS A 201 -20.11 42.91 95.56
CA LYS A 201 -20.77 42.87 96.86
C LYS A 201 -21.52 41.56 97.11
N VAL A 202 -22.49 41.27 96.25
CA VAL A 202 -23.33 40.07 96.37
C VAL A 202 -22.46 38.82 96.52
N ALA A 203 -23.03 37.76 97.08
CA ALA A 203 -22.29 36.52 97.25
C ALA A 203 -22.37 35.62 96.02
N THR A 204 -23.47 35.66 95.29
CA THR A 204 -23.62 34.93 94.04
C THR A 204 -24.10 35.89 92.96
N GLY A 205 -23.40 35.92 91.83
CA GLY A 205 -23.78 36.72 90.69
C GLY A 205 -24.90 36.11 89.88
N ARG A 206 -25.31 36.86 88.85
CA ARG A 206 -26.19 36.33 87.80
C ARG A 206 -26.10 37.23 86.58
N VAL A 207 -26.01 36.61 85.40
CA VAL A 207 -26.06 37.31 84.12
C VAL A 207 -27.17 36.69 83.27
N THR A 208 -28.03 37.53 82.70
CA THR A 208 -29.16 37.06 81.90
C THR A 208 -29.32 37.95 80.66
N VAL A 209 -28.87 37.45 79.51
CA VAL A 209 -29.06 38.10 78.21
C VAL A 209 -30.15 37.36 77.44
N SER A 210 -31.02 38.12 76.77
CA SER A 210 -32.21 37.52 76.18
C SER A 210 -32.79 38.40 75.09
N THR A 211 -33.26 37.76 74.02
CA THR A 211 -34.11 38.38 73.00
C THR A 211 -35.51 37.77 73.07
N ARG A 212 -36.35 38.16 72.11
CA ARG A 212 -37.64 37.51 71.95
C ARG A 212 -37.48 36.05 71.52
N SER A 213 -36.43 35.75 70.76
CA SER A 213 -36.24 34.40 70.24
C SER A 213 -35.79 33.44 71.34
N ASP A 214 -34.66 33.72 71.98
CA ASP A 214 -34.10 32.79 72.95
C ASP A 214 -33.45 33.57 74.10
N GLN A 215 -32.78 32.84 74.99
CA GLN A 215 -32.25 33.39 76.23
C GLN A 215 -31.09 32.52 76.70
N ILE A 216 -30.22 33.12 77.51
CA ILE A 216 -29.21 32.41 78.30
C ILE A 216 -29.11 33.09 79.67
N SER A 217 -28.92 32.29 80.72
CA SER A 217 -28.57 32.82 82.04
C SER A 217 -27.43 32.01 82.65
N ILE A 218 -26.45 32.71 83.20
CA ILE A 218 -25.26 32.11 83.78
C ILE A 218 -25.12 32.56 85.22
N VAL A 219 -25.11 31.61 86.14
CA VAL A 219 -24.73 31.87 87.52
C VAL A 219 -23.23 31.61 87.65
N PRO A 220 -22.43 32.62 87.96
CA PRO A 220 -20.97 32.44 87.94
C PRO A 220 -20.49 31.54 89.07
N ASN A 221 -19.57 30.65 88.74
CA ASN A 221 -19.04 29.69 89.69
C ASN A 221 -17.71 30.17 90.26
N ILE A 222 -17.61 30.20 91.58
CA ILE A 222 -16.41 30.62 92.27
C ILE A 222 -15.51 29.42 92.49
N GLY A 223 -14.20 29.68 92.64
CA GLY A 223 -13.23 28.62 92.83
C GLY A 223 -11.91 28.92 92.17
N SER A 224 -10.92 28.05 92.35
CA SER A 224 -9.56 28.33 91.92
C SER A 224 -9.24 27.59 90.64
N ARG A 225 -8.65 28.30 89.68
CA ARG A 225 -7.98 27.76 88.51
C ARG A 225 -6.49 28.05 88.59
N PRO A 226 -5.67 27.39 87.76
CA PRO A 226 -4.24 27.72 87.76
C PRO A 226 -3.99 29.12 87.26
N ARG A 227 -2.99 29.77 87.84
CA ARG A 227 -2.74 31.17 87.51
C ARG A 227 -2.23 31.31 86.09
N VAL A 228 -2.87 32.19 85.33
CA VAL A 228 -2.49 32.51 83.95
C VAL A 228 -2.31 34.01 83.85
N ARG A 229 -1.11 34.44 83.49
CA ARG A 229 -0.73 35.85 83.61
C ARG A 229 -1.08 36.37 85.00
N ASN A 230 -0.85 35.52 86.00
CA ASN A 230 -1.07 35.82 87.42
C ASN A 230 -2.54 36.11 87.71
N GLN A 231 -3.38 35.12 87.41
CA GLN A 231 -4.82 35.25 87.60
C GLN A 231 -5.42 33.87 87.85
N SER A 232 -6.09 33.70 88.99
CA SER A 232 -6.78 32.46 89.30
C SER A 232 -8.20 32.40 88.74
N GLY A 233 -8.82 33.55 88.45
CA GLY A 233 -10.16 33.59 87.90
C GLY A 233 -10.21 33.43 86.39
N ARG A 234 -11.43 33.42 85.86
CA ARG A 234 -11.67 33.25 84.44
C ARG A 234 -12.87 34.09 84.00
N ILE A 235 -12.87 34.50 82.73
CA ILE A 235 -14.05 35.03 82.05
C ILE A 235 -14.55 33.99 81.04
N SER A 236 -15.87 33.89 80.92
CA SER A 236 -16.51 33.01 79.94
C SER A 236 -17.25 33.85 78.90
N ILE A 237 -16.80 33.77 77.65
CA ILE A 237 -17.34 34.59 76.56
C ILE A 237 -18.57 33.91 75.95
N TYR A 238 -19.65 34.69 75.81
CA TYR A 238 -20.90 34.24 75.19
C TYR A 238 -21.29 35.22 74.07
N TRP A 239 -22.25 34.82 73.25
CA TRP A 239 -22.73 35.70 72.19
C TRP A 239 -24.24 35.58 71.99
N THR A 240 -24.84 36.68 71.51
CA THR A 240 -26.27 36.75 71.21
C THR A 240 -26.50 37.36 69.83
N LEU A 241 -27.37 36.74 69.05
CA LEU A 241 -27.84 37.30 67.79
C LEU A 241 -29.16 38.04 68.01
N VAL A 242 -29.29 39.22 67.39
CA VAL A 242 -30.49 40.05 67.52
C VAL A 242 -31.00 40.42 66.13
N ASN A 243 -32.18 39.92 65.79
CA ASN A 243 -32.77 40.16 64.47
C ASN A 243 -33.29 41.59 64.34
N PRO A 244 -33.43 42.08 63.10
CA PRO A 244 -34.08 43.38 62.90
C PRO A 244 -35.51 43.38 63.43
N GLY A 245 -35.81 44.37 64.26
CA GLY A 245 -37.09 44.42 64.94
C GLY A 245 -36.97 44.04 66.39
N ASP A 246 -36.20 42.97 66.65
CA ASP A 246 -36.07 42.40 67.98
C ASP A 246 -35.20 43.27 68.88
N SER A 247 -35.23 42.98 70.17
CA SER A 247 -34.46 43.71 71.17
C SER A 247 -33.71 42.75 72.08
N ILE A 248 -32.59 43.22 72.61
CA ILE A 248 -31.76 42.45 73.54
C ILE A 248 -31.76 43.15 74.90
N ILE A 249 -31.83 42.36 75.98
CA ILE A 249 -31.80 42.88 77.34
C ILE A 249 -30.69 42.20 78.12
N PHE A 250 -29.77 43.01 78.66
CA PHE A 250 -28.77 42.54 79.61
C PHE A 250 -29.28 42.79 81.03
N ASN A 251 -29.33 41.73 81.83
CA ASN A 251 -29.94 41.77 83.17
C ASN A 251 -29.00 41.07 84.14
N SER A 252 -28.36 41.84 85.02
CA SER A 252 -27.33 41.29 85.90
C SER A 252 -27.41 41.90 87.30
N ILE A 253 -27.24 41.06 88.31
CA ILE A 253 -27.01 41.48 89.68
C ILE A 253 -25.59 41.17 90.11
N GLY A 254 -24.71 40.81 89.17
CA GLY A 254 -23.32 40.52 89.48
C GLY A 254 -22.58 39.81 88.35
N ASN A 255 -21.35 40.27 88.09
CA ASN A 255 -20.33 39.52 87.34
C ASN A 255 -20.45 39.64 85.83
N LEU A 256 -21.16 40.65 85.34
CA LEU A 256 -21.29 40.85 83.90
C LEU A 256 -20.02 41.46 83.30
N ILE A 257 -19.61 40.94 82.14
CA ILE A 257 -18.62 41.60 81.30
C ILE A 257 -19.36 42.19 80.11
N ALA A 258 -19.81 43.43 80.26
CA ALA A 258 -20.70 44.06 79.32
C ALA A 258 -20.04 44.28 77.95
N PRO A 259 -20.84 44.41 76.90
CA PRO A 259 -20.30 44.74 75.57
C PRO A 259 -20.16 46.24 75.35
N ARG A 260 -19.55 46.58 74.22
CA ARG A 260 -19.45 47.96 73.76
C ARG A 260 -20.12 48.19 72.41
N GLY A 261 -20.87 47.22 71.92
CA GLY A 261 -21.51 47.34 70.63
C GLY A 261 -21.60 45.97 69.98
N HIS A 262 -22.01 45.98 68.71
CA HIS A 262 -22.30 44.75 67.97
C HIS A 262 -21.47 44.65 66.71
N TYR A 263 -21.48 43.46 66.12
CA TYR A 263 -20.95 43.17 64.80
C TYR A 263 -22.08 42.89 63.82
N LYS A 264 -21.82 43.12 62.54
CA LYS A 264 -22.74 42.82 61.45
C LYS A 264 -22.59 41.37 61.01
N ILE A 265 -23.68 40.77 60.53
CA ILE A 265 -23.78 39.33 60.32
C ILE A 265 -23.93 38.97 58.84
N SER A 266 -24.93 39.54 58.16
CA SER A 266 -25.23 39.32 56.75
C SER A 266 -25.84 37.94 56.44
N LYS A 267 -25.11 36.86 56.72
CA LYS A 267 -25.50 35.47 56.44
C LYS A 267 -25.35 35.12 54.97
N SER A 268 -25.42 36.12 54.09
CA SER A 268 -25.12 35.92 52.67
C SER A 268 -23.67 36.29 52.37
N THR A 269 -22.76 35.64 53.09
CA THR A 269 -21.34 35.95 53.03
C THR A 269 -20.53 34.67 52.87
N LYS A 270 -19.46 34.76 52.09
CA LYS A 270 -18.74 33.59 51.64
C LYS A 270 -17.38 33.42 52.32
N SER A 271 -17.01 34.30 53.23
CA SER A 271 -15.65 34.34 53.75
C SER A 271 -15.37 33.14 54.67
N THR A 272 -14.09 32.92 54.94
CA THR A 272 -13.66 31.80 55.77
C THR A 272 -12.34 32.13 56.46
N VAL A 273 -11.84 31.16 57.25
CA VAL A 273 -10.61 31.29 58.00
C VAL A 273 -9.67 30.14 57.60
N LEU A 274 -8.38 30.45 57.45
CA LEU A 274 -7.36 29.46 57.10
C LEU A 274 -6.24 29.48 58.12
N LYS A 275 -5.77 28.29 58.49
CA LYS A 275 -4.73 28.12 59.50
C LYS A 275 -3.42 27.74 58.79
N SER A 276 -2.56 28.73 58.55
CA SER A 276 -1.32 28.54 57.82
C SER A 276 -0.19 29.30 58.51
N ASP A 277 1.04 28.79 58.34
CA ASP A 277 2.23 29.50 58.81
C ASP A 277 3.10 30.01 57.66
N LYS A 278 2.50 30.25 56.49
CA LYS A 278 3.25 30.62 55.30
C LYS A 278 3.09 32.11 55.04
N ARG A 279 4.17 32.73 54.55
CA ARG A 279 4.17 34.17 54.32
C ARG A 279 3.20 34.56 53.21
N ILE A 280 2.66 35.77 53.33
CA ILE A 280 1.86 36.37 52.26
C ILE A 280 2.81 37.01 51.25
N GLY A 281 2.95 36.37 50.09
CA GLY A 281 3.74 36.90 49.00
C GLY A 281 2.99 37.93 48.19
N SER A 282 3.34 38.03 46.91
CA SER A 282 2.64 38.92 45.99
C SER A 282 2.19 38.19 44.72
N CYS A 283 2.22 36.86 44.73
CA CYS A 283 1.77 36.05 43.61
C CYS A 283 0.26 36.19 43.40
N THR A 284 -0.23 35.51 42.37
CA THR A 284 -1.65 35.37 42.09
C THR A 284 -2.03 33.89 42.05
N SER A 285 -3.17 33.56 42.69
CA SER A 285 -3.66 32.18 42.74
C SER A 285 -5.06 32.14 43.36
N PRO A 286 -6.02 31.48 42.70
CA PRO A 286 -7.34 31.32 43.31
C PRO A 286 -7.44 30.19 44.32
N CYS A 287 -6.40 29.37 44.47
CA CYS A 287 -6.42 28.22 45.37
C CYS A 287 -5.39 28.41 46.46
N LEU A 288 -5.86 28.50 47.71
CA LEU A 288 -4.99 28.60 48.87
C LEU A 288 -5.13 27.36 49.73
N THR A 289 -4.00 26.81 50.18
CA THR A 289 -3.97 25.69 51.09
C THR A 289 -3.09 26.05 52.28
N ASP A 290 -3.20 25.25 53.35
CA ASP A 290 -2.34 25.46 54.51
C ASP A 290 -0.87 25.35 54.14
N LYS A 291 -0.55 24.53 53.12
CA LYS A 291 0.82 24.36 52.68
C LYS A 291 1.28 25.46 51.74
N GLY A 292 0.34 26.22 51.16
CA GLY A 292 0.66 27.23 50.18
C GLY A 292 -0.36 27.32 49.06
N SER A 293 -0.11 28.19 48.08
CA SER A 293 -1.03 28.37 46.97
C SER A 293 -0.80 27.31 45.90
N ILE A 294 -1.80 27.13 45.04
CA ILE A 294 -1.72 26.18 43.95
C ILE A 294 -1.96 26.92 42.64
N GLN A 295 -1.00 26.85 41.73
CA GLN A 295 -1.08 27.49 40.42
C GLN A 295 -1.04 26.40 39.36
N SER A 296 -2.22 25.93 38.96
CA SER A 296 -2.32 24.75 38.10
C SER A 296 -3.65 24.79 37.35
N ASP A 297 -3.65 24.20 36.16
CA ASP A 297 -4.89 23.92 35.44
C ASP A 297 -5.28 22.46 35.50
N LYS A 298 -4.53 21.63 36.24
CA LYS A 298 -4.86 20.22 36.39
C LYS A 298 -6.13 20.07 37.22
N PRO A 299 -6.85 18.95 37.07
CA PRO A 299 -8.10 18.76 37.82
C PRO A 299 -7.96 18.16 39.21
N PHE A 300 -6.78 17.67 39.59
CA PHE A 300 -6.59 16.99 40.86
C PHE A 300 -5.30 17.45 41.52
N GLN A 301 -5.17 17.14 42.80
CA GLN A 301 -4.02 17.58 43.59
C GLN A 301 -3.90 16.70 44.84
N ASN A 302 -2.67 16.40 45.23
CA ASN A 302 -2.41 15.64 46.45
C ASN A 302 -1.83 16.48 47.56
N VAL A 303 -1.79 17.80 47.40
CA VAL A 303 -1.12 18.70 48.32
C VAL A 303 -1.80 18.67 49.69
N SER A 304 -3.05 19.14 49.76
CA SER A 304 -3.74 19.21 51.03
C SER A 304 -5.24 19.12 50.85
N ARG A 305 -5.88 18.38 51.75
CA ARG A 305 -7.35 18.37 51.82
C ARG A 305 -7.88 19.76 52.18
N ILE A 306 -7.08 20.57 52.87
CA ILE A 306 -7.46 21.94 53.19
C ILE A 306 -7.18 22.79 51.95
N ALA A 307 -8.24 23.25 51.30
CA ALA A 307 -8.10 23.94 50.02
C ALA A 307 -9.23 24.94 49.88
N ILE A 308 -8.90 26.23 49.82
CA ILE A 308 -9.86 27.31 49.82
C ILE A 308 -9.82 28.01 48.47
N GLY A 309 -10.99 28.17 47.85
CA GLY A 309 -11.11 28.86 46.59
C GLY A 309 -11.34 27.91 45.42
N ASN A 310 -11.04 28.42 44.23
CA ASN A 310 -11.11 27.64 43.00
C ASN A 310 -9.90 26.72 42.97
N CYS A 311 -10.08 25.48 43.38
CA CYS A 311 -9.00 24.51 43.54
C CYS A 311 -9.21 23.27 42.70
N PRO A 312 -8.14 22.53 42.43
CA PRO A 312 -8.31 21.14 41.97
C PRO A 312 -8.80 20.26 43.11
N LYS A 313 -9.53 19.20 42.73
CA LYS A 313 -10.08 18.29 43.73
C LYS A 313 -8.97 17.51 44.42
N TYR A 314 -9.00 17.48 45.74
CA TYR A 314 -8.01 16.71 46.49
C TYR A 314 -8.27 15.21 46.32
N VAL A 315 -7.20 14.46 46.04
CA VAL A 315 -7.27 13.02 45.87
C VAL A 315 -6.06 12.39 46.57
N LYS A 316 -6.13 11.07 46.77
CA LYS A 316 -5.04 10.35 47.42
C LYS A 316 -3.88 10.09 46.46
N GLN A 317 -4.18 9.91 45.18
CA GLN A 317 -3.17 9.51 44.22
C GLN A 317 -2.06 10.53 44.09
N GLY A 318 -0.83 10.05 43.92
CA GLY A 318 0.28 10.93 43.61
C GLY A 318 0.40 11.25 42.14
N SER A 319 0.05 10.31 41.27
CA SER A 319 0.14 10.49 39.83
C SER A 319 -1.05 9.83 39.16
N LEU A 320 -1.57 10.48 38.12
CA LEU A 320 -2.60 9.91 37.25
C LEU A 320 -2.28 10.35 35.82
N MET A 321 -1.58 9.49 35.09
CA MET A 321 -1.10 9.86 33.75
C MET A 321 -2.21 9.67 32.72
N LEU A 322 -2.46 10.72 31.94
CA LEU A 322 -3.53 10.73 30.94
C LEU A 322 -2.89 10.66 29.56
N ALA A 323 -3.14 9.55 28.86
CA ALA A 323 -2.68 9.40 27.48
C ALA A 323 -3.16 10.54 26.59
N THR A 324 -2.21 11.19 25.93
CA THR A 324 -2.50 12.22 24.93
C THR A 324 -2.05 11.77 23.54
N GLY A 325 -1.88 10.47 23.35
CA GLY A 325 -1.42 9.94 22.07
C GLY A 325 -1.68 8.46 22.03
N MET A 326 -1.35 7.87 20.88
CA MET A 326 -1.66 6.47 20.61
C MET A 326 -0.65 5.56 21.30
N ARG A 327 -0.89 4.25 21.20
CA ARG A 327 0.06 3.25 21.65
C ARG A 327 1.41 3.47 20.99
N ASN A 328 2.47 3.37 21.79
CA ASN A 328 3.83 3.40 21.25
C ASN A 328 4.27 1.98 20.92
N ILE A 329 4.52 1.74 19.64
CA ILE A 329 5.05 0.45 19.19
C ILE A 329 6.29 0.75 18.37
N PRO A 330 7.48 0.73 18.98
CA PRO A 330 8.66 1.31 18.31
C PRO A 330 9.37 0.34 17.38
N GLY A 331 9.16 -0.96 17.58
CA GLY A 331 9.84 -1.97 16.80
C GLY A 331 11.29 -2.17 17.19
N ALA B 5 13.25 -3.18 2.39
CA ALA B 5 11.93 -3.80 2.55
C ALA B 5 11.07 -3.02 3.55
N ILE B 6 9.83 -2.73 3.16
CA ILE B 6 8.97 -1.83 3.90
C ILE B 6 7.81 -2.61 4.51
N ALA B 7 7.35 -2.16 5.67
CA ALA B 7 6.17 -2.70 6.34
C ALA B 7 5.26 -1.54 6.76
N GLY B 8 4.09 -1.91 7.29
CA GLY B 8 3.12 -0.94 7.78
C GLY B 8 2.73 -1.18 9.22
N PHE B 9 1.52 -0.74 9.60
CA PHE B 9 1.15 -0.70 11.01
C PHE B 9 1.03 -2.09 11.63
N ILE B 10 0.72 -3.13 10.83
CA ILE B 10 0.60 -4.48 11.38
C ILE B 10 1.88 -4.86 12.12
N GLU B 11 3.03 -4.58 11.52
CA GLU B 11 4.31 -4.88 12.13
C GLU B 11 4.55 -4.00 13.34
N ASN B 12 4.92 -2.74 13.09
CA ASN B 12 5.21 -1.80 14.17
C ASN B 12 4.98 -0.38 13.67
N GLY B 13 5.27 0.58 14.55
CA GLY B 13 5.17 1.98 14.21
C GLY B 13 6.40 2.51 13.49
N TRP B 14 6.40 3.83 13.29
CA TRP B 14 7.40 4.51 12.47
C TRP B 14 8.02 5.66 13.25
N GLN B 15 9.21 5.45 13.82
CA GLN B 15 9.92 6.59 14.38
C GLN B 15 10.29 7.60 13.29
N GLY B 16 10.47 7.14 12.04
CA GLY B 16 10.76 8.05 10.94
C GLY B 16 9.77 9.18 10.78
N LEU B 17 8.50 8.93 11.09
CA LEU B 17 7.42 9.86 10.78
C LEU B 17 7.32 10.89 11.89
N ILE B 18 7.62 12.14 11.58
CA ILE B 18 7.73 13.19 12.59
C ILE B 18 6.80 14.37 12.35
N ASP B 19 6.12 14.43 11.21
CA ASP B 19 5.24 15.55 10.91
C ASP B 19 3.77 15.14 10.85
N GLY B 20 3.40 14.07 11.55
CA GLY B 20 2.05 13.58 11.49
C GLY B 20 1.92 12.35 12.36
N TRP B 21 0.67 12.01 12.64
CA TRP B 21 0.38 10.82 13.44
C TRP B 21 0.25 9.57 12.57
N TYR B 22 -0.21 9.73 11.34
CA TYR B 22 -0.36 8.65 10.38
C TYR B 22 0.25 9.10 9.06
N GLY B 23 0.45 8.17 8.14
CA GLY B 23 1.07 8.54 6.88
C GLY B 23 1.27 7.36 5.97
N PHE B 24 1.65 7.68 4.72
CA PHE B 24 1.96 6.71 3.68
C PHE B 24 3.48 6.53 3.55
N ARG B 25 3.90 5.31 3.26
CA ARG B 25 5.27 5.03 2.87
C ARG B 25 5.24 4.15 1.62
N HIS B 26 5.94 4.56 0.57
CA HIS B 26 5.84 3.88 -0.71
C HIS B 26 7.21 3.49 -1.26
N GLN B 27 7.17 2.54 -2.18
CA GLN B 27 8.30 2.17 -3.02
C GLN B 27 7.84 2.13 -4.47
N ASN B 28 8.54 2.85 -5.34
CA ASN B 28 8.32 2.69 -6.77
C ASN B 28 9.68 2.76 -7.48
N ALA B 29 9.64 2.85 -8.81
CA ALA B 29 10.90 2.85 -9.56
C ALA B 29 11.66 4.15 -9.41
N GLU B 30 11.01 5.22 -8.91
CA GLU B 30 11.67 6.50 -8.70
C GLU B 30 12.31 6.62 -7.32
N GLY B 31 12.02 5.70 -6.40
CA GLY B 31 12.59 5.74 -5.09
C GLY B 31 11.58 5.32 -4.04
N THR B 32 11.81 5.79 -2.81
CA THR B 32 11.00 5.43 -1.65
C THR B 32 10.79 6.67 -0.80
N GLY B 33 9.59 6.82 -0.24
CA GLY B 33 9.26 8.05 0.46
C GLY B 33 8.22 7.85 1.55
N THR B 34 8.22 8.79 2.50
CA THR B 34 7.24 8.81 3.59
C THR B 34 6.58 10.19 3.64
N ALA B 35 5.24 10.22 3.54
CA ALA B 35 4.47 11.44 3.69
C ALA B 35 3.38 11.24 4.73
N ALA B 36 3.11 12.28 5.51
CA ALA B 36 2.06 12.22 6.52
C ALA B 36 0.69 12.54 5.92
N ASP B 37 -0.35 11.95 6.52
CA ASP B 37 -1.73 12.16 6.09
C ASP B 37 -2.41 13.10 7.08
N LEU B 38 -2.87 14.25 6.59
CA LEU B 38 -3.36 15.29 7.49
C LEU B 38 -4.74 14.96 8.04
N LYS B 39 -5.66 14.48 7.19
CA LYS B 39 -7.02 14.18 7.63
C LYS B 39 -7.02 13.22 8.82
N SER B 40 -6.43 12.04 8.64
CA SER B 40 -6.41 11.05 9.72
C SER B 40 -5.75 11.60 10.98
N THR B 41 -4.67 12.37 10.82
CA THR B 41 -3.99 12.93 11.97
C THR B 41 -4.88 13.91 12.72
N GLN B 42 -5.44 14.89 12.01
CA GLN B 42 -6.27 15.90 12.67
C GLN B 42 -7.50 15.28 13.31
N ALA B 43 -8.09 14.28 12.66
CA ALA B 43 -9.18 13.49 13.24
C ALA B 43 -8.84 13.05 14.66
N ALA B 44 -7.80 12.22 14.79
CA ALA B 44 -7.35 11.76 16.10
C ALA B 44 -7.07 12.93 17.04
N ILE B 45 -6.20 13.85 16.62
CA ILE B 45 -5.80 14.99 17.46
C ILE B 45 -7.02 15.71 18.02
N ASP B 46 -8.06 15.87 17.20
CA ASP B 46 -9.19 16.70 17.61
C ASP B 46 -10.00 16.06 18.74
N GLN B 47 -9.95 14.73 18.85
CA GLN B 47 -10.61 14.07 19.98
C GLN B 47 -9.73 14.02 21.22
N ILE B 48 -8.42 14.23 21.07
CA ILE B 48 -7.54 14.30 22.23
C ILE B 48 -7.63 15.68 22.86
N ASN B 49 -7.76 16.73 22.05
CA ASN B 49 -8.00 18.07 22.58
C ASN B 49 -9.35 18.16 23.27
N GLY B 50 -10.42 17.74 22.59
CA GLY B 50 -11.76 17.87 23.13
C GLY B 50 -11.95 17.23 24.49
N LYS B 51 -11.20 16.16 24.77
CA LYS B 51 -11.25 15.54 26.08
C LYS B 51 -10.27 16.19 27.05
N LEU B 52 -9.21 16.78 26.51
CA LEU B 52 -8.35 17.66 27.29
C LEU B 52 -9.08 18.95 27.66
N ASN B 53 -10.08 19.32 26.88
CA ASN B 53 -10.94 20.46 27.19
C ASN B 53 -11.95 20.11 28.27
N ARG B 54 -12.50 18.90 28.20
CA ARG B 54 -13.48 18.41 29.17
C ARG B 54 -12.90 18.30 30.58
N LEU B 55 -11.59 18.48 30.74
CA LEU B 55 -10.91 18.23 32.01
C LEU B 55 -10.45 19.50 32.72
N ILE B 56 -10.19 20.58 31.99
CA ILE B 56 -9.75 21.83 32.60
C ILE B 56 -10.91 22.78 32.87
N GLU B 57 -12.13 22.25 32.97
CA GLU B 57 -13.31 23.02 33.36
C GLU B 57 -13.48 22.91 34.86
N LYS B 58 -13.28 24.02 35.58
CA LYS B 58 -13.22 24.00 37.03
C LYS B 58 -14.57 24.42 37.62
N THR B 59 -15.45 23.44 37.81
CA THR B 59 -16.69 23.65 38.54
C THR B 59 -16.50 23.46 40.05
N ASN B 60 -15.25 23.26 40.49
CA ASN B 60 -14.90 23.08 41.90
C ASN B 60 -14.42 24.40 42.47
N GLU B 61 -15.27 25.05 43.27
CA GLU B 61 -14.88 26.24 44.02
C GLU B 61 -15.53 26.19 45.39
N LYS B 62 -14.72 26.36 46.45
CA LYS B 62 -15.18 26.10 47.81
C LYS B 62 -14.56 27.12 48.76
N TYR B 63 -15.40 27.96 49.36
CA TYR B 63 -14.91 28.95 50.33
C TYR B 63 -14.95 28.40 51.76
N HIS B 64 -16.02 28.68 52.51
CA HIS B 64 -16.11 28.16 53.86
C HIS B 64 -16.67 26.74 53.84
N GLN B 65 -15.95 25.83 54.47
CA GLN B 65 -16.28 24.41 54.42
C GLN B 65 -16.42 23.84 55.84
N ILE B 66 -15.51 22.96 56.25
CA ILE B 66 -15.45 22.46 57.62
C ILE B 66 -14.00 22.32 58.03
N GLU B 67 -13.79 22.30 59.35
CA GLU B 67 -12.48 22.02 59.90
C GLU B 67 -12.02 20.62 59.49
N LYS B 68 -10.75 20.51 59.11
CA LYS B 68 -10.18 19.25 58.64
C LYS B 68 -8.97 18.81 59.45
N GLU B 69 -8.58 19.59 60.46
CA GLU B 69 -7.44 19.33 61.30
C GLU B 69 -7.78 19.77 62.71
N PHE B 70 -7.39 18.96 63.70
CA PHE B 70 -7.81 19.19 65.07
C PHE B 70 -6.62 19.14 66.03
N GLU B 71 -6.75 19.87 67.13
CA GLU B 71 -5.69 20.00 68.12
C GLU B 71 -5.92 19.16 69.37
N GLN B 72 -7.17 18.94 69.76
CA GLN B 72 -7.52 18.09 70.88
C GLN B 72 -8.59 17.10 70.42
N VAL B 73 -8.70 15.98 71.13
CA VAL B 73 -9.76 15.03 70.84
C VAL B 73 -11.08 15.53 71.43
N GLU B 74 -12.17 15.18 70.76
CA GLU B 74 -13.50 15.61 71.17
C GLU B 74 -14.54 14.49 71.17
N GLY B 75 -14.32 13.42 70.44
CA GLY B 75 -15.30 12.34 70.35
C GLY B 75 -16.25 12.52 69.17
N ARG B 76 -17.55 12.59 69.47
CA ARG B 76 -18.58 12.31 68.47
C ARG B 76 -18.48 13.24 67.27
N ILE B 77 -18.47 14.55 67.50
CA ILE B 77 -18.59 15.49 66.39
C ILE B 77 -17.30 15.53 65.58
N GLN B 78 -16.14 15.46 66.24
CA GLN B 78 -14.88 15.34 65.52
C GLN B 78 -14.86 14.06 64.69
N ASP B 79 -15.28 12.95 65.30
CA ASP B 79 -15.31 11.67 64.58
C ASP B 79 -16.15 11.75 63.32
N LEU B 80 -17.27 12.48 63.37
CA LEU B 80 -18.13 12.60 62.19
C LEU B 80 -17.48 13.47 61.12
N GLU B 81 -17.03 14.66 61.50
CA GLU B 81 -16.35 15.55 60.58
C GLU B 81 -15.18 14.85 59.88
N LYS B 82 -14.37 14.10 60.64
CA LYS B 82 -13.29 13.34 60.02
C LYS B 82 -13.83 12.30 59.04
N TYR B 83 -14.99 11.71 59.37
CA TYR B 83 -15.59 10.68 58.53
C TYR B 83 -16.11 11.25 57.23
N VAL B 84 -16.88 12.35 57.32
CA VAL B 84 -17.44 12.99 56.13
C VAL B 84 -16.36 13.34 55.12
N GLU B 85 -15.27 13.96 55.60
CA GLU B 85 -14.20 14.36 54.69
C GLU B 85 -13.47 13.15 54.11
N ASP B 86 -13.16 12.16 54.95
CA ASP B 86 -12.50 10.96 54.45
C ASP B 86 -13.38 10.21 53.46
N THR B 87 -14.70 10.29 53.63
CA THR B 87 -15.60 9.70 52.65
C THR B 87 -15.56 10.48 51.34
N LYS B 88 -15.60 11.81 51.44
CA LYS B 88 -15.51 12.64 50.23
C LYS B 88 -14.22 12.38 49.48
N ILE B 89 -13.09 12.25 50.19
CA ILE B 89 -11.81 12.07 49.54
C ILE B 89 -11.76 10.71 48.84
N ASP B 90 -12.29 9.67 49.49
CA ASP B 90 -12.31 8.34 48.88
C ASP B 90 -13.12 8.34 47.58
N LEU B 91 -14.26 9.04 47.57
CA LEU B 91 -15.16 8.97 46.43
C LEU B 91 -14.60 9.74 45.24
N TRP B 92 -13.93 10.88 45.49
CA TRP B 92 -13.31 11.61 44.40
C TRP B 92 -12.07 10.89 43.89
N SER B 93 -11.27 10.32 44.80
CA SER B 93 -10.12 9.52 44.39
C SER B 93 -10.55 8.40 43.45
N TYR B 94 -11.70 7.77 43.74
CA TYR B 94 -12.21 6.74 42.84
C TYR B 94 -12.60 7.33 41.49
N ASN B 95 -13.33 8.45 41.51
CA ASN B 95 -13.77 9.06 40.27
C ASN B 95 -12.57 9.39 39.37
N ALA B 96 -11.47 9.85 39.97
CA ALA B 96 -10.30 10.21 39.19
C ALA B 96 -9.65 8.97 38.59
N GLU B 97 -9.45 7.93 39.40
CA GLU B 97 -8.85 6.70 38.91
C GLU B 97 -9.64 6.13 37.74
N LEU B 98 -10.97 6.14 37.85
CA LEU B 98 -11.80 5.55 36.81
C LEU B 98 -11.85 6.44 35.57
N LEU B 99 -12.05 7.75 35.77
CA LEU B 99 -12.12 8.67 34.63
C LEU B 99 -10.86 8.57 33.78
N VAL B 100 -9.69 8.65 34.41
CA VAL B 100 -8.43 8.59 33.66
C VAL B 100 -8.29 7.24 32.97
N ALA B 101 -8.55 6.15 33.71
CA ALA B 101 -8.44 4.81 33.13
C ALA B 101 -9.37 4.63 31.94
N LEU B 102 -10.49 5.36 31.92
CA LEU B 102 -11.56 5.17 30.95
C LEU B 102 -11.37 6.07 29.74
N GLU B 103 -10.99 7.32 29.99
CA GLU B 103 -10.46 8.19 28.94
C GLU B 103 -9.34 7.49 28.16
N ASN B 104 -8.38 6.93 28.88
CA ASN B 104 -7.19 6.35 28.25
C ASN B 104 -7.58 5.17 27.35
N GLN B 105 -8.49 4.31 27.82
CA GLN B 105 -8.98 3.23 26.99
C GLN B 105 -9.67 3.77 25.74
N HIS B 106 -10.32 4.92 25.86
CA HIS B 106 -10.95 5.54 24.70
C HIS B 106 -9.90 6.11 23.74
N THR B 107 -8.92 6.83 24.29
CA THR B 107 -7.86 7.39 23.47
C THR B 107 -7.17 6.31 22.64
N ILE B 108 -7.00 5.13 23.21
CA ILE B 108 -6.37 4.04 22.47
C ILE B 108 -7.30 3.53 21.38
N ASP B 109 -8.59 3.35 21.71
CA ASP B 109 -9.56 2.87 20.74
C ASP B 109 -9.67 3.83 19.56
N VAL B 110 -9.75 5.14 19.83
CA VAL B 110 -9.95 6.12 18.78
C VAL B 110 -8.77 6.12 17.82
N THR B 111 -7.54 6.03 18.36
CA THR B 111 -6.35 6.08 17.52
C THR B 111 -6.16 4.79 16.74
N ASP B 112 -6.50 3.65 17.36
CA ASP B 112 -6.48 2.39 16.63
C ASP B 112 -7.49 2.40 15.49
N SER B 113 -8.63 3.06 15.70
CA SER B 113 -9.67 3.10 14.67
C SER B 113 -9.25 3.99 13.51
N GLU B 114 -8.69 5.17 13.81
CA GLU B 114 -8.31 6.09 12.75
C GLU B 114 -7.25 5.47 11.85
N MET B 115 -6.33 4.70 12.41
CA MET B 115 -5.37 3.98 11.61
C MET B 115 -6.06 3.03 10.64
N ASN B 116 -7.04 2.28 11.14
CA ASN B 116 -7.74 1.30 10.31
C ASN B 116 -8.62 1.98 9.26
N LYS B 117 -9.28 3.08 9.63
CA LYS B 117 -10.00 3.87 8.63
C LYS B 117 -9.08 4.30 7.50
N LEU B 118 -7.90 4.82 7.84
CA LEU B 118 -6.93 5.22 6.82
C LEU B 118 -6.59 4.06 5.88
N PHE B 119 -6.34 2.88 6.44
CA PHE B 119 -6.03 1.72 5.61
C PHE B 119 -7.20 1.38 4.69
N GLU B 120 -8.42 1.37 5.24
CA GLU B 120 -9.59 1.00 4.46
C GLU B 120 -9.88 2.05 3.38
N ARG B 121 -9.69 3.33 3.72
CA ARG B 121 -9.82 4.38 2.71
C ARG B 121 -8.97 4.09 1.48
N VAL B 122 -7.72 3.71 1.70
CA VAL B 122 -6.81 3.41 0.59
C VAL B 122 -7.28 2.16 -0.15
N ARG B 123 -7.64 1.12 0.60
CA ARG B 123 -8.22 -0.09 0.03
C ARG B 123 -9.28 0.22 -1.02
N ARG B 124 -10.22 1.10 -0.65
CA ARG B 124 -11.33 1.44 -1.53
C ARG B 124 -10.84 2.15 -2.78
N GLN B 125 -9.95 3.14 -2.60
CA GLN B 125 -9.38 3.85 -3.75
C GLN B 125 -8.78 2.90 -4.77
N LEU B 126 -8.13 1.85 -4.30
CA LEU B 126 -7.30 1.02 -5.15
C LEU B 126 -8.09 -0.06 -5.87
N ARG B 127 -9.33 -0.33 -5.45
CA ARG B 127 -10.19 -1.34 -6.05
C ARG B 127 -9.45 -2.63 -6.37
N GLU B 128 -9.61 -3.13 -7.60
CA GLU B 128 -9.01 -4.39 -8.00
C GLU B 128 -7.61 -4.22 -8.56
N ASN B 129 -6.93 -3.12 -8.24
CA ASN B 129 -5.60 -2.85 -8.75
C ASN B 129 -4.50 -3.17 -7.76
N ALA B 130 -4.84 -3.49 -6.52
CA ALA B 130 -3.86 -3.81 -5.50
C ALA B 130 -4.36 -4.96 -4.65
N GLU B 131 -3.42 -5.73 -4.10
CA GLU B 131 -3.72 -6.76 -3.13
C GLU B 131 -3.11 -6.43 -1.78
N ASP B 132 -3.85 -6.72 -0.72
CA ASP B 132 -3.39 -6.47 0.64
C ASP B 132 -2.31 -7.49 0.99
N GLN B 133 -1.11 -7.01 1.30
CA GLN B 133 0.02 -7.89 1.58
C GLN B 133 -0.04 -8.53 2.96
N GLY B 134 -0.80 -7.97 3.89
CA GLY B 134 -0.88 -8.50 5.24
C GLY B 134 -0.09 -7.73 6.27
N ASN B 135 0.78 -6.82 5.83
CA ASN B 135 1.67 -6.09 6.72
C ASN B 135 1.32 -4.60 6.77
N GLY B 136 0.03 -4.28 6.62
CA GLY B 136 -0.38 -2.90 6.49
C GLY B 136 0.05 -2.23 5.20
N CYS B 137 0.33 -3.02 4.16
CA CYS B 137 0.76 -2.48 2.87
C CYS B 137 -0.04 -3.11 1.74
N PHE B 138 -0.16 -2.35 0.65
CA PHE B 138 -0.78 -2.81 -0.58
C PHE B 138 0.29 -3.00 -1.65
N GLU B 139 0.31 -4.18 -2.26
CA GLU B 139 1.07 -4.37 -3.49
C GLU B 139 0.26 -3.82 -4.65
N ILE B 140 0.80 -2.82 -5.33
CA ILE B 140 0.12 -2.21 -6.46
C ILE B 140 0.62 -2.89 -7.73
N PHE B 141 -0.31 -3.46 -8.50
CA PHE B 141 0.04 -4.30 -9.64
C PHE B 141 0.12 -3.51 -10.94
N HIS B 142 0.53 -2.25 -10.88
CA HIS B 142 0.81 -1.46 -12.06
C HIS B 142 1.91 -0.48 -11.73
N GLN B 143 2.61 -0.03 -12.78
CA GLN B 143 3.61 1.02 -12.61
C GLN B 143 2.94 2.28 -12.05
N CYS B 144 3.48 2.80 -10.96
CA CYS B 144 2.91 3.94 -10.25
C CYS B 144 4.03 4.92 -9.92
N ASP B 145 4.23 5.91 -10.78
CA ASP B 145 5.28 6.89 -10.59
C ASP B 145 4.89 7.85 -9.46
N ASN B 146 5.71 8.89 -9.27
CA ASN B 146 5.54 9.76 -8.11
C ASN B 146 4.23 10.54 -8.18
N ASN B 147 3.75 10.87 -9.39
CA ASN B 147 2.45 11.54 -9.49
C ASN B 147 1.33 10.57 -9.12
N CYS B 148 1.48 9.30 -9.50
CA CYS B 148 0.48 8.30 -9.19
C CYS B 148 0.43 8.02 -7.69
N ILE B 149 1.58 8.00 -7.02
CA ILE B 149 1.61 7.82 -5.57
C ILE B 149 0.94 9.00 -4.88
N GLU B 150 1.16 10.21 -5.40
CA GLU B 150 0.55 11.39 -4.79
C GLU B 150 -0.96 11.39 -4.98
N SER B 151 -1.45 10.85 -6.11
CA SER B 151 -2.89 10.79 -6.34
C SER B 151 -3.57 9.90 -5.30
N ILE B 152 -2.96 8.76 -4.99
CA ILE B 152 -3.45 7.91 -3.91
C ILE B 152 -3.52 8.71 -2.61
N ARG B 153 -2.49 9.52 -2.35
CA ARG B 153 -2.39 10.22 -1.07
C ARG B 153 -3.34 11.41 -0.99
N ASN B 154 -3.59 12.09 -2.11
CA ASN B 154 -4.48 13.24 -2.11
C ASN B 154 -5.88 12.90 -2.61
N GLY B 155 -6.18 11.62 -2.83
CA GLY B 155 -7.54 11.16 -3.03
C GLY B 155 -8.12 11.32 -4.42
N THR B 156 -7.28 11.41 -5.44
CA THR B 156 -7.75 11.60 -6.81
C THR B 156 -7.43 10.42 -7.72
N TYR B 157 -7.01 9.29 -7.15
CA TYR B 157 -6.54 8.15 -7.94
C TYR B 157 -7.72 7.46 -8.62
N ASP B 158 -7.76 7.50 -9.95
CA ASP B 158 -8.86 6.93 -10.72
C ASP B 158 -8.49 5.48 -11.09
N HIS B 159 -9.10 4.52 -10.40
CA HIS B 159 -8.72 3.12 -10.59
C HIS B 159 -8.98 2.64 -12.02
N ASN B 160 -9.96 3.23 -12.71
CA ASN B 160 -10.24 2.84 -14.09
C ASN B 160 -9.03 3.03 -15.00
N ILE B 161 -8.21 4.03 -14.70
CA ILE B 161 -7.02 4.32 -15.51
C ILE B 161 -6.12 3.09 -15.63
N TYR B 162 -5.90 2.39 -14.52
CA TYR B 162 -4.93 1.30 -14.47
C TYR B 162 -5.56 -0.08 -14.37
N ARG B 163 -6.89 -0.20 -14.47
CA ARG B 163 -7.53 -1.48 -14.17
C ARG B 163 -7.07 -2.59 -15.10
N ASP B 164 -6.95 -2.31 -16.40
CA ASP B 164 -6.55 -3.36 -17.34
C ASP B 164 -5.11 -3.82 -17.08
N GLU B 165 -4.20 -2.86 -16.90
CA GLU B 165 -2.81 -3.21 -16.60
C GLU B 165 -2.73 -4.07 -15.34
N ALA B 166 -3.47 -3.69 -14.30
CA ALA B 166 -3.34 -4.35 -13.02
C ALA B 166 -4.00 -5.72 -12.99
N ILE B 167 -5.20 -5.84 -13.57
CA ILE B 167 -5.88 -7.13 -13.57
C ILE B 167 -5.10 -8.15 -14.38
N ASN B 168 -4.51 -7.72 -15.51
CA ASN B 168 -3.70 -8.64 -16.31
C ASN B 168 -2.44 -9.06 -15.58
N ASN B 169 -1.94 -8.24 -14.65
CA ASN B 169 -0.77 -8.62 -13.87
C ASN B 169 -1.13 -9.52 -12.69
N ARG B 170 -2.39 -9.52 -12.26
CA ARG B 170 -2.83 -10.32 -11.14
C ARG B 170 -3.27 -11.71 -11.56
N ILE B 171 -3.86 -11.84 -12.75
CA ILE B 171 -4.50 -13.08 -13.19
C ILE B 171 -3.55 -13.95 -13.98
N LYS B 172 -2.41 -13.43 -14.41
CA LYS B 172 -1.43 -14.24 -15.14
C LYS B 172 -0.01 -13.94 -14.65
N GLY C 13 21.70 13.21 10.06
CA GLY C 13 20.77 14.31 9.86
C GLY C 13 20.88 14.97 8.50
N ASN C 14 22.11 15.10 8.02
CA ASN C 14 22.38 15.94 6.86
C ASN C 14 21.96 15.23 5.58
N PRO C 15 21.18 15.87 4.71
CA PRO C 15 20.83 15.24 3.43
C PRO C 15 22.05 15.06 2.54
N ILE C 16 21.92 14.08 1.64
CA ILE C 16 22.92 13.78 0.63
C ILE C 16 22.27 13.96 -0.73
N ILE C 17 23.04 14.46 -1.70
CA ILE C 17 22.62 14.47 -3.09
C ILE C 17 23.76 13.96 -3.95
N CYS C 18 23.47 12.98 -4.81
CA CYS C 18 24.46 12.27 -5.59
C CYS C 18 24.20 12.48 -7.07
N LEU C 19 25.27 12.48 -7.86
CA LEU C 19 25.19 12.59 -9.30
C LEU C 19 25.78 11.35 -9.93
N GLY C 20 25.02 10.74 -10.86
CA GLY C 20 25.40 9.48 -11.45
C GLY C 20 25.01 9.44 -12.92
N HIS C 21 25.33 8.31 -13.55
CA HIS C 21 25.01 8.08 -14.95
C HIS C 21 24.40 6.69 -15.08
N HIS C 22 23.76 6.44 -16.23
CA HIS C 22 23.06 5.18 -16.35
C HIS C 22 24.03 4.05 -16.67
N ALA C 23 23.57 2.82 -16.46
CA ALA C 23 24.36 1.64 -16.74
C ALA C 23 23.43 0.49 -17.08
N VAL C 24 23.96 -0.52 -17.76
CA VAL C 24 23.23 -1.73 -18.07
C VAL C 24 24.00 -2.91 -17.50
N GLU C 25 23.29 -4.04 -17.33
CA GLU C 25 23.93 -5.24 -16.79
C GLU C 25 24.93 -5.82 -17.78
N ASN C 26 24.60 -5.85 -19.07
CA ASN C 26 25.43 -6.46 -20.09
C ASN C 26 25.77 -5.40 -21.14
N GLY C 27 27.05 -5.02 -21.20
CA GLY C 27 27.51 -3.99 -22.11
C GLY C 27 27.77 -4.50 -23.52
N THR C 28 28.62 -3.75 -24.24
CA THR C 28 29.09 -4.12 -25.57
C THR C 28 30.53 -3.65 -25.72
N SER C 29 31.35 -4.48 -26.33
CA SER C 29 32.78 -4.20 -26.45
C SER C 29 33.05 -3.37 -27.69
N VAL C 30 33.88 -2.34 -27.55
CA VAL C 30 34.30 -1.48 -28.65
C VAL C 30 35.78 -1.18 -28.49
N LYS C 31 36.38 -0.67 -29.56
CA LYS C 31 37.81 -0.42 -29.62
C LYS C 31 38.08 1.08 -29.65
N THR C 32 39.01 1.52 -28.81
CA THR C 32 39.67 2.81 -28.99
C THR C 32 41.08 2.55 -29.50
N LEU C 33 41.90 3.61 -29.56
CA LEU C 33 43.27 3.44 -30.03
C LEU C 33 44.12 2.63 -29.05
N THR C 34 43.73 2.58 -27.77
CA THR C 34 44.58 2.05 -26.72
C THR C 34 44.02 0.82 -26.02
N ASP C 35 42.71 0.56 -26.16
CA ASP C 35 42.07 -0.56 -25.52
C ASP C 35 41.23 -1.29 -26.55
N ASN C 36 41.49 -2.58 -26.72
CA ASN C 36 40.77 -3.40 -27.68
C ASN C 36 39.47 -3.93 -27.13
N HIS C 37 39.03 -3.42 -25.98
CA HIS C 37 38.00 -4.08 -25.19
C HIS C 37 37.44 -3.10 -24.17
N VAL C 38 36.77 -2.05 -24.64
CA VAL C 38 36.08 -1.10 -23.77
C VAL C 38 34.59 -1.43 -23.81
N GLU C 39 34.00 -1.60 -22.63
CA GLU C 39 32.60 -1.98 -22.52
C GLU C 39 31.75 -0.72 -22.38
N VAL C 40 30.90 -0.47 -23.37
CA VAL C 40 30.06 0.72 -23.40
C VAL C 40 28.59 0.31 -23.34
N VAL C 41 27.75 1.28 -22.97
CA VAL C 41 26.34 0.99 -22.73
C VAL C 41 25.66 0.50 -24.00
N SER C 42 25.92 1.17 -25.12
CA SER C 42 25.27 0.84 -26.38
C SER C 42 26.27 0.98 -27.52
N ALA C 43 26.07 0.20 -28.57
CA ALA C 43 26.99 0.18 -29.70
C ALA C 43 26.25 -0.20 -30.97
N LYS C 44 26.86 0.15 -32.11
CA LYS C 44 26.22 0.04 -33.41
C LYS C 44 27.20 -0.51 -34.43
N GLU C 45 26.77 -1.51 -35.19
CA GLU C 45 27.61 -2.12 -36.21
C GLU C 45 27.71 -1.23 -37.45
N LEU C 46 28.93 -1.13 -37.99
CA LEU C 46 29.20 -0.27 -39.15
C LEU C 46 29.58 -1.05 -40.40
N VAL C 47 29.81 -2.35 -40.30
CA VAL C 47 30.16 -3.18 -41.44
C VAL C 47 28.94 -4.01 -41.82
N GLU C 48 28.36 -3.72 -43.00
CA GLU C 48 27.22 -4.48 -43.49
C GLU C 48 27.68 -5.85 -44.00
N THR C 49 26.97 -6.89 -43.58
CA THR C 49 27.28 -8.26 -43.97
C THR C 49 26.18 -8.92 -44.80
N ASN C 50 24.96 -8.37 -44.79
CA ASN C 50 23.84 -8.94 -45.51
C ASN C 50 23.72 -8.40 -46.93
N HIS C 51 23.41 -9.29 -47.86
CA HIS C 51 22.95 -8.93 -49.19
C HIS C 51 21.61 -9.60 -49.45
N THR C 52 20.93 -9.14 -50.50
CA THR C 52 19.56 -9.55 -50.72
C THR C 52 19.45 -10.92 -51.37
N ASP C 53 20.39 -11.26 -52.25
CA ASP C 53 20.52 -12.49 -53.03
C ASP C 53 19.80 -12.39 -54.38
N GLU C 54 19.00 -11.35 -54.59
CA GLU C 54 18.44 -11.03 -55.89
C GLU C 54 18.91 -9.64 -56.31
N LEU C 55 19.10 -9.45 -57.61
CA LEU C 55 19.54 -8.15 -58.12
C LEU C 55 18.33 -7.24 -58.32
N CYS C 56 18.34 -6.09 -57.67
CA CYS C 56 17.19 -5.19 -57.68
C CYS C 56 17.16 -4.40 -58.98
N PRO C 57 16.07 -4.48 -59.76
CA PRO C 57 16.01 -3.72 -61.02
C PRO C 57 15.66 -2.25 -60.84
N SER C 58 15.50 -1.79 -59.60
CA SER C 58 15.39 -0.37 -59.28
C SER C 58 16.52 0.02 -58.33
N PRO C 59 17.03 1.24 -58.43
CA PRO C 59 16.75 2.22 -59.50
C PRO C 59 17.67 2.07 -60.72
N LEU C 60 18.35 0.94 -60.84
CA LEU C 60 19.34 0.72 -61.89
C LEU C 60 18.70 -0.07 -63.03
N LYS C 61 18.72 0.48 -64.24
CA LYS C 61 18.18 -0.20 -65.41
C LYS C 61 19.06 -1.38 -65.78
N LEU C 62 18.56 -2.59 -65.58
CA LEU C 62 19.30 -3.80 -65.86
C LEU C 62 18.86 -4.44 -67.19
N VAL C 63 19.82 -5.05 -67.87
CA VAL C 63 19.56 -5.94 -69.00
C VAL C 63 20.21 -7.27 -68.68
N ASP C 64 19.40 -8.32 -68.63
CA ASP C 64 19.91 -9.67 -68.39
C ASP C 64 20.31 -10.25 -69.75
N GLY C 65 21.62 -10.47 -69.93
CA GLY C 65 22.07 -11.14 -71.14
C GLY C 65 21.61 -12.57 -71.24
N GLN C 66 21.25 -13.19 -70.11
CA GLN C 66 20.80 -14.57 -70.06
C GLN C 66 21.83 -15.50 -70.72
N ASP C 67 21.44 -16.13 -71.83
CA ASP C 67 22.32 -17.10 -72.48
C ASP C 67 23.46 -16.43 -73.24
N CYS C 68 23.40 -15.11 -73.43
CA CYS C 68 24.38 -14.40 -74.25
C CYS C 68 25.23 -13.47 -73.40
N ASP C 69 26.54 -13.51 -73.61
CA ASP C 69 27.41 -12.49 -73.06
C ASP C 69 27.31 -11.21 -73.90
N LEU C 70 27.95 -10.14 -73.40
CA LEU C 70 27.76 -8.82 -73.99
C LEU C 70 28.29 -8.74 -75.42
N ILE C 71 29.28 -9.55 -75.76
CA ILE C 71 29.90 -9.47 -77.08
C ILE C 71 29.11 -10.27 -78.11
N ASN C 72 28.81 -11.54 -77.80
CA ASN C 72 27.88 -12.31 -78.61
C ASN C 72 26.65 -11.49 -78.98
N GLY C 73 26.06 -10.80 -78.01
CA GLY C 73 24.94 -9.91 -78.29
C GLY C 73 25.30 -8.82 -79.29
N ALA C 74 26.44 -8.15 -79.06
CA ALA C 74 26.85 -7.07 -79.95
C ALA C 74 27.13 -7.58 -81.35
N LEU C 75 27.57 -8.84 -81.47
CA LEU C 75 27.81 -9.44 -82.78
C LEU C 75 26.54 -9.98 -83.40
N GLY C 76 25.56 -10.38 -82.58
CA GLY C 76 24.33 -10.92 -83.09
C GLY C 76 24.31 -12.42 -83.25
N SER C 77 25.02 -13.16 -82.39
CA SER C 77 25.00 -14.61 -82.41
C SER C 77 23.58 -15.13 -82.15
N PRO C 78 23.30 -16.40 -82.50
CA PRO C 78 21.92 -16.91 -82.46
C PRO C 78 21.13 -16.66 -81.19
N GLY C 79 21.64 -17.09 -80.04
CA GLY C 79 20.97 -16.89 -78.77
C GLY C 79 20.49 -15.48 -78.47
N CYS C 80 21.05 -14.49 -79.14
CA CYS C 80 21.12 -13.12 -78.64
C CYS C 80 20.11 -12.18 -79.27
N ASP C 81 19.09 -12.69 -79.96
CA ASP C 81 18.23 -11.81 -80.74
C ASP C 81 17.51 -10.78 -79.88
N ARG C 82 16.89 -11.21 -78.78
CA ARG C 82 16.23 -10.29 -77.86
C ARG C 82 17.04 -9.03 -77.56
N LEU C 83 18.33 -9.21 -77.23
CA LEU C 83 19.20 -8.15 -76.74
C LEU C 83 19.28 -6.93 -77.65
N GLN C 84 18.79 -7.06 -78.88
CA GLN C 84 18.81 -5.96 -79.83
C GLN C 84 18.08 -4.74 -79.28
N ASP C 85 18.70 -3.58 -79.40
CA ASP C 85 18.17 -2.27 -79.05
C ASP C 85 17.98 -2.09 -77.55
N THR C 86 18.37 -3.06 -76.73
CA THR C 86 18.31 -2.88 -75.29
C THR C 86 19.31 -1.83 -74.83
N THR C 87 18.92 -1.08 -73.79
CA THR C 87 19.79 -0.11 -73.15
C THR C 87 19.85 -0.42 -71.66
N TRP C 88 20.93 0.03 -71.01
CA TRP C 88 21.13 -0.40 -69.63
C TRP C 88 22.07 0.54 -68.89
N ASP C 89 21.89 0.57 -67.57
CA ASP C 89 22.94 1.03 -66.67
C ASP C 89 23.91 -0.11 -66.35
N VAL C 90 23.38 -1.30 -66.09
CA VAL C 90 24.18 -2.49 -65.81
C VAL C 90 23.71 -3.62 -66.71
N PHE C 91 24.61 -4.10 -67.57
CA PHE C 91 24.42 -5.34 -68.32
C PHE C 91 24.92 -6.51 -67.48
N ILE C 92 24.07 -7.52 -67.30
CA ILE C 92 24.41 -8.69 -66.49
C ILE C 92 24.79 -9.85 -67.39
N GLU C 93 26.01 -10.37 -67.21
CA GLU C 93 26.46 -11.58 -67.86
C GLU C 93 26.37 -12.76 -66.91
N ARG C 94 25.79 -13.87 -67.38
CA ARG C 94 25.60 -15.09 -66.61
C ARG C 94 26.72 -16.09 -66.91
N PRO C 95 27.12 -16.89 -65.91
CA PRO C 95 28.20 -17.87 -66.16
C PRO C 95 27.74 -19.05 -66.99
N THR C 96 26.44 -19.16 -67.25
CA THR C 96 25.87 -20.19 -68.10
C THR C 96 25.80 -19.78 -69.56
N ALA C 97 26.25 -18.56 -69.88
CA ALA C 97 26.25 -18.10 -71.27
C ALA C 97 27.14 -19.00 -72.13
N VAL C 98 26.83 -19.05 -73.42
CA VAL C 98 27.42 -20.04 -74.32
C VAL C 98 27.60 -19.44 -75.70
N ASP C 99 28.65 -19.88 -76.38
CA ASP C 99 28.85 -19.57 -77.78
C ASP C 99 27.86 -20.37 -78.64
N THR C 100 27.24 -19.69 -79.60
CA THR C 100 26.28 -20.37 -80.49
C THR C 100 26.51 -20.09 -81.98
N CYS C 101 27.62 -19.48 -82.36
CA CYS C 101 27.84 -19.12 -83.76
C CYS C 101 29.21 -19.62 -84.20
N TYR C 102 29.70 -19.08 -85.31
CA TYR C 102 31.03 -19.45 -85.79
C TYR C 102 32.08 -19.14 -84.72
N PRO C 103 33.06 -20.01 -84.53
CA PRO C 103 34.06 -19.77 -83.48
C PRO C 103 34.95 -18.59 -83.81
N PHE C 104 35.31 -17.84 -82.77
CA PHE C 104 36.02 -16.59 -82.95
C PHE C 104 36.82 -16.25 -81.70
N ASP C 105 38.00 -15.68 -81.89
CA ASP C 105 38.71 -14.96 -80.83
C ASP C 105 38.65 -13.46 -81.10
N VAL C 106 38.84 -12.69 -80.04
CA VAL C 106 38.90 -11.23 -80.16
C VAL C 106 40.17 -10.70 -79.52
N PRO C 107 41.12 -10.17 -80.28
CA PRO C 107 42.23 -9.45 -79.67
C PRO C 107 41.72 -8.22 -78.94
N ASP C 108 42.20 -8.03 -77.71
CA ASP C 108 41.70 -7.00 -76.80
C ASP C 108 40.23 -7.24 -76.46
N TYR C 109 39.87 -8.51 -76.25
CA TYR C 109 38.51 -8.86 -75.82
C TYR C 109 37.99 -7.94 -74.73
N GLN C 110 38.78 -7.78 -73.66
CA GLN C 110 38.31 -7.04 -72.49
C GLN C 110 38.20 -5.55 -72.76
N SER C 111 38.98 -5.04 -73.71
CA SER C 111 38.85 -3.62 -74.08
C SER C 111 37.56 -3.38 -74.87
N LEU C 112 37.26 -4.24 -75.84
CA LEU C 112 36.00 -4.12 -76.57
C LEU C 112 34.82 -4.30 -75.64
N ARG C 113 34.83 -5.36 -74.82
CA ARG C 113 33.79 -5.55 -73.84
C ARG C 113 33.59 -4.32 -72.97
N SER C 114 34.70 -3.69 -72.54
CA SER C 114 34.62 -2.46 -71.77
C SER C 114 33.92 -1.36 -72.55
N ILE C 115 34.32 -1.16 -73.81
CA ILE C 115 33.75 -0.09 -74.61
C ILE C 115 32.25 -0.28 -74.79
N LEU C 116 31.85 -1.51 -75.12
CA LEU C 116 30.42 -1.80 -75.30
C LEU C 116 29.65 -1.58 -74.01
N ALA C 117 30.14 -2.15 -72.91
CA ALA C 117 29.52 -1.94 -71.60
C ALA C 117 29.33 -0.47 -71.28
N SER C 118 30.40 0.32 -71.40
CA SER C 118 30.33 1.74 -71.05
C SER C 118 29.28 2.47 -71.89
N SER C 119 29.20 2.14 -73.18
CA SER C 119 28.21 2.78 -74.05
C SER C 119 26.79 2.51 -73.57
N GLY C 120 26.55 1.35 -72.96
CA GLY C 120 25.24 1.04 -72.38
C GLY C 120 24.12 0.96 -73.38
N SER C 121 24.35 0.30 -74.50
CA SER C 121 23.35 0.28 -75.56
C SER C 121 23.76 -0.75 -76.59
N LEU C 122 22.79 -1.54 -77.04
CA LEU C 122 22.93 -2.42 -78.20
C LEU C 122 22.02 -1.98 -79.34
N GLU C 123 21.84 -0.67 -79.49
CA GLU C 123 21.00 -0.10 -80.54
C GLU C 123 21.83 0.02 -81.82
N PHE C 124 21.70 -0.96 -82.70
CA PHE C 124 22.51 -1.05 -83.91
C PHE C 124 21.92 -0.20 -85.02
N ILE C 125 22.60 0.88 -85.38
CA ILE C 125 22.21 1.69 -86.54
C ILE C 125 22.61 0.94 -87.80
N ALA C 126 21.63 0.46 -88.55
CA ALA C 126 21.90 -0.29 -89.76
C ALA C 126 22.29 0.61 -90.92
N GLU C 127 23.30 0.18 -91.67
CA GLU C 127 23.74 0.84 -92.89
C GLU C 127 23.73 -0.17 -94.04
N GLN C 128 23.61 0.33 -95.26
CA GLN C 128 23.60 -0.52 -96.45
C GLN C 128 24.88 -0.33 -97.25
N PHE C 129 25.58 -1.43 -97.51
CA PHE C 129 26.81 -1.44 -98.29
C PHE C 129 26.59 -2.22 -99.59
N THR C 130 27.16 -1.71 -100.68
CA THR C 130 27.17 -2.43 -101.96
C THR C 130 28.58 -3.00 -102.18
N TRP C 131 28.76 -4.27 -101.84
CA TRP C 131 30.05 -4.94 -101.93
C TRP C 131 30.24 -5.45 -103.36
N ASN C 132 30.90 -4.66 -104.19
CA ASN C 132 31.05 -4.98 -105.61
C ASN C 132 31.92 -6.22 -105.80
N GLY C 133 31.31 -7.31 -106.25
CA GLY C 133 32.01 -8.48 -106.74
C GLY C 133 32.26 -9.58 -105.74
N VAL C 134 31.21 -10.00 -105.03
CA VAL C 134 31.29 -11.04 -104.01
C VAL C 134 29.88 -11.53 -103.75
N LYS C 135 29.77 -12.80 -103.35
CA LYS C 135 28.53 -13.29 -102.78
C LYS C 135 28.37 -12.77 -101.35
N VAL C 136 27.15 -12.34 -101.02
CA VAL C 136 26.86 -11.81 -99.69
C VAL C 136 26.12 -12.85 -98.85
N ASP C 137 25.89 -12.51 -97.58
CA ASP C 137 24.98 -13.24 -96.70
C ASP C 137 25.37 -14.71 -96.54
N GLY C 138 26.67 -14.98 -96.49
CA GLY C 138 27.17 -16.29 -96.15
C GLY C 138 26.66 -16.82 -94.82
N SER C 139 26.51 -18.15 -94.71
CA SER C 139 26.08 -18.80 -93.47
C SER C 139 26.99 -19.99 -93.18
N SER C 140 26.72 -20.69 -92.08
CA SER C 140 27.59 -21.77 -91.63
C SER C 140 26.83 -22.72 -90.73
N SER C 141 27.22 -24.00 -90.79
CA SER C 141 26.58 -25.03 -89.99
C SER C 141 26.93 -24.94 -88.51
N ALA C 142 27.84 -24.06 -88.12
CA ALA C 142 28.17 -23.86 -86.73
C ALA C 142 27.23 -22.88 -86.04
N CYS C 143 26.53 -22.05 -86.81
CA CYS C 143 25.74 -20.93 -86.31
C CYS C 143 24.28 -21.18 -86.67
N LEU C 144 23.64 -22.09 -85.94
CA LEU C 144 22.27 -22.47 -86.26
C LEU C 144 21.26 -21.48 -85.70
N ARG C 145 20.28 -21.13 -86.51
CA ARG C 145 19.13 -20.33 -86.10
C ARG C 145 17.88 -21.10 -86.47
N GLY C 146 17.25 -21.73 -85.47
CA GLY C 146 16.17 -22.65 -85.75
C GLY C 146 16.61 -23.90 -86.46
N GLY C 147 17.83 -24.38 -86.17
CA GLY C 147 18.37 -25.57 -86.78
C GLY C 147 18.92 -25.39 -88.18
N ARG C 148 18.84 -24.19 -88.74
CA ARG C 148 19.27 -23.91 -90.10
C ARG C 148 20.49 -22.98 -90.07
N ASN C 149 21.40 -23.21 -91.02
CA ASN C 149 22.66 -22.46 -91.07
C ASN C 149 22.44 -20.94 -91.09
N SER C 150 23.16 -20.23 -90.23
CA SER C 150 23.03 -18.79 -90.08
C SER C 150 24.41 -18.19 -89.78
N PHE C 151 24.41 -16.90 -89.47
CA PHE C 151 25.62 -16.16 -89.16
C PHE C 151 25.30 -15.07 -88.14
N PHE C 152 26.33 -14.35 -87.71
CA PHE C 152 26.13 -13.18 -86.85
C PHE C 152 25.20 -12.19 -87.52
N SER C 153 24.13 -11.80 -86.82
CA SER C 153 23.16 -10.87 -87.39
C SER C 153 23.79 -9.53 -87.77
N ARG C 154 24.94 -9.17 -87.19
CA ARG C 154 25.57 -7.87 -87.43
C ARG C 154 26.77 -7.97 -88.35
N LEU C 155 27.09 -9.14 -88.88
CA LEU C 155 28.21 -9.33 -89.78
C LEU C 155 27.74 -9.94 -91.10
N ASN C 156 28.55 -9.78 -92.14
CA ASN C 156 28.20 -10.19 -93.50
C ASN C 156 29.37 -10.94 -94.11
N TRP C 157 29.22 -12.27 -94.24
CA TRP C 157 30.29 -13.12 -94.77
C TRP C 157 30.38 -12.99 -96.29
N LEU C 158 31.55 -12.57 -96.78
CA LEU C 158 31.79 -12.38 -98.21
C LEU C 158 32.61 -13.54 -98.77
N THR C 159 32.09 -14.18 -99.81
CA THR C 159 32.83 -15.17 -100.59
C THR C 159 32.79 -14.78 -102.05
N LYS C 160 33.67 -15.41 -102.84
CA LYS C 160 33.79 -15.06 -104.25
C LYS C 160 32.45 -15.16 -104.97
N ALA C 161 32.24 -14.29 -105.95
CA ALA C 161 31.00 -14.28 -106.68
C ALA C 161 30.85 -15.56 -107.50
N THR C 162 29.63 -16.11 -107.52
CA THR C 162 29.36 -17.33 -108.27
C THR C 162 29.68 -17.13 -109.74
N ASN C 163 30.98 -16.96 -110.03
CA ASN C 163 31.42 -16.30 -111.25
C ASN C 163 32.95 -16.23 -111.22
N GLY C 164 33.50 -15.02 -111.17
CA GLY C 164 34.93 -14.86 -111.21
C GLY C 164 35.62 -14.94 -109.87
N ASN C 165 36.09 -13.80 -109.39
CA ASN C 165 37.03 -13.72 -108.29
C ASN C 165 36.50 -12.82 -107.20
N TYR C 166 37.27 -12.73 -106.12
CA TYR C 166 36.95 -11.85 -105.00
C TYR C 166 37.11 -10.40 -105.44
N GLY C 167 36.17 -9.90 -106.24
CA GLY C 167 36.26 -8.59 -106.85
C GLY C 167 36.66 -7.50 -105.88
N PRO C 168 37.82 -6.88 -106.12
CA PRO C 168 38.45 -6.01 -105.12
C PRO C 168 37.50 -4.97 -104.53
N ILE C 169 37.51 -4.90 -103.20
CA ILE C 169 36.57 -4.08 -102.42
C ILE C 169 37.28 -2.81 -101.96
N ASN C 170 36.59 -1.68 -102.07
CA ASN C 170 37.15 -0.37 -101.74
C ASN C 170 36.00 0.54 -101.27
N VAL C 171 35.20 0.01 -100.34
CA VAL C 171 33.97 0.65 -99.90
C VAL C 171 34.29 1.68 -98.81
N THR C 172 33.59 2.80 -98.83
CA THR C 172 33.83 3.91 -97.93
C THR C 172 32.52 4.36 -97.27
N LYS C 173 32.65 4.96 -96.09
CA LYS C 173 31.51 5.50 -95.34
C LYS C 173 31.98 6.74 -94.58
N GLU C 174 31.32 7.87 -94.81
CA GLU C 174 31.65 9.13 -94.14
C GLU C 174 30.73 9.33 -92.94
N ASN C 175 31.33 9.61 -91.78
CA ASN C 175 30.56 9.89 -90.56
C ASN C 175 30.03 11.32 -90.64
N THR C 176 28.75 11.45 -90.98
CA THR C 176 28.10 12.75 -91.05
C THR C 176 27.33 13.10 -89.78
N GLY C 177 27.01 12.11 -88.95
CA GLY C 177 26.38 12.38 -87.67
C GLY C 177 27.29 13.13 -86.72
N SER C 178 26.69 13.57 -85.60
CA SER C 178 27.42 14.35 -84.61
C SER C 178 28.17 13.47 -83.60
N TYR C 179 27.99 12.17 -83.63
CA TYR C 179 28.52 11.26 -82.62
C TYR C 179 29.56 10.33 -83.21
N VAL C 180 30.34 9.71 -82.33
CA VAL C 180 31.42 8.82 -82.73
C VAL C 180 30.85 7.44 -83.05
N ARG C 181 31.39 6.81 -84.09
CA ARG C 181 30.86 5.56 -84.63
C ARG C 181 31.76 4.38 -84.29
N LEU C 182 31.17 3.30 -83.78
CA LEU C 182 31.88 2.02 -83.58
C LEU C 182 31.45 1.02 -84.64
N TYR C 183 32.39 0.60 -85.48
CA TYR C 183 32.15 -0.40 -86.51
C TYR C 183 32.80 -1.72 -86.11
N LEU C 184 32.00 -2.78 -86.04
CA LEU C 184 32.51 -4.13 -85.76
C LEU C 184 32.69 -4.91 -87.06
N TRP C 185 33.90 -5.43 -87.28
CA TRP C 185 34.21 -6.22 -88.47
C TRP C 185 35.09 -7.40 -88.06
N GLY C 186 35.47 -8.23 -89.05
CA GLY C 186 36.24 -9.42 -88.76
C GLY C 186 37.07 -9.89 -89.93
N VAL C 187 37.78 -11.00 -89.70
CA VAL C 187 38.69 -11.60 -90.67
C VAL C 187 38.57 -13.12 -90.56
N HIS C 188 38.31 -13.79 -91.68
CA HIS C 188 38.25 -15.24 -91.68
C HIS C 188 39.65 -15.86 -91.78
N HIS C 189 39.93 -16.80 -90.89
CA HIS C 189 41.14 -17.62 -90.97
C HIS C 189 40.78 -19.03 -91.39
N PRO C 190 40.86 -19.37 -92.67
CA PRO C 190 40.43 -20.70 -93.11
C PRO C 190 41.40 -21.80 -92.70
N SER C 191 40.88 -23.03 -92.72
CA SER C 191 41.66 -24.16 -92.25
C SER C 191 42.72 -24.60 -93.24
N SER C 192 42.32 -24.84 -94.48
CA SER C 192 43.19 -25.43 -95.49
C SER C 192 43.53 -24.39 -96.55
N ASP C 193 44.64 -24.64 -97.25
CA ASP C 193 44.96 -23.85 -98.44
C ASP C 193 43.87 -24.00 -99.50
N ASN C 194 43.11 -25.09 -99.46
CA ASN C 194 42.02 -25.30 -100.41
C ASN C 194 40.76 -24.54 -100.01
N GLU C 195 40.48 -24.47 -98.71
CA GLU C 195 39.31 -23.71 -98.25
C GLU C 195 39.48 -22.23 -98.58
N GLN C 196 40.70 -21.71 -98.46
CA GLN C 196 40.99 -20.34 -98.86
C GLN C 196 40.61 -20.10 -100.32
N THR C 197 41.04 -21.00 -101.21
CA THR C 197 40.85 -20.78 -102.63
C THR C 197 39.40 -20.98 -103.05
N ASP C 198 38.72 -21.94 -102.44
CA ASP C 198 37.29 -22.11 -102.68
C ASP C 198 36.52 -20.82 -102.43
N LEU C 199 36.82 -20.16 -101.32
CA LEU C 199 36.03 -19.03 -100.84
C LEU C 199 36.49 -17.70 -101.43
N TYR C 200 37.80 -17.54 -101.62
CA TYR C 200 38.39 -16.24 -101.89
C TYR C 200 39.28 -16.26 -103.14
N LYS C 201 39.24 -17.33 -103.93
CA LYS C 201 40.11 -17.57 -105.07
C LYS C 201 41.59 -17.35 -104.75
N VAL C 202 41.95 -16.13 -104.36
CA VAL C 202 43.33 -15.76 -104.07
C VAL C 202 43.98 -16.74 -103.10
N ALA C 203 45.31 -16.79 -103.09
CA ALA C 203 46.02 -17.69 -102.20
C ALA C 203 46.27 -17.07 -100.82
N THR C 204 46.44 -15.76 -100.76
CA THR C 204 46.59 -15.05 -99.49
C THR C 204 45.61 -13.89 -99.48
N GLY C 205 44.79 -13.79 -98.43
CA GLY C 205 43.88 -12.67 -98.27
C GLY C 205 44.55 -11.41 -97.78
N ARG C 206 43.74 -10.36 -97.67
CA ARG C 206 44.15 -9.14 -96.98
C ARG C 206 42.90 -8.34 -96.62
N VAL C 207 42.87 -7.82 -95.39
CA VAL C 207 41.83 -6.90 -94.94
C VAL C 207 42.50 -5.64 -94.41
N THR C 208 42.01 -4.47 -94.86
CA THR C 208 42.60 -3.18 -94.47
C THR C 208 41.47 -2.19 -94.21
N VAL C 209 41.19 -1.95 -92.93
CA VAL C 209 40.24 -0.91 -92.50
C VAL C 209 41.02 0.28 -91.96
N SER C 210 40.57 1.49 -92.28
CA SER C 210 41.37 2.66 -91.99
C SER C 210 40.51 3.92 -91.98
N THR C 211 40.81 4.82 -91.05
CA THR C 211 40.33 6.20 -91.05
C THR C 211 41.50 7.15 -91.30
N ARG C 212 41.21 8.45 -91.23
CA ARG C 212 42.29 9.44 -91.25
C ARG C 212 43.16 9.34 -90.02
N SER C 213 42.59 8.93 -88.88
CA SER C 213 43.36 8.84 -87.65
C SER C 213 44.33 7.67 -87.66
N ASP C 214 43.82 6.45 -87.80
CA ASP C 214 44.67 5.27 -87.70
C ASP C 214 44.19 4.20 -88.69
N GLN C 215 44.81 3.01 -88.59
CA GLN C 215 44.64 1.94 -89.57
C GLN C 215 44.93 0.61 -88.91
N ILE C 216 44.39 -0.46 -89.49
CA ILE C 216 44.79 -1.84 -89.23
C ILE C 216 44.80 -2.59 -90.56
N SER C 217 45.77 -3.49 -90.74
CA SER C 217 45.77 -4.42 -91.85
C SER C 217 46.11 -5.82 -91.35
N ILE C 218 45.32 -6.80 -91.77
CA ILE C 218 45.45 -8.18 -91.32
C ILE C 218 45.61 -9.08 -92.54
N VAL C 219 46.72 -9.81 -92.60
CA VAL C 219 46.90 -10.89 -93.55
C VAL C 219 46.42 -12.17 -92.88
N PRO C 220 45.38 -12.83 -93.39
CA PRO C 220 44.83 -13.99 -92.68
C PRO C 220 45.77 -15.18 -92.75
N ASN C 221 45.91 -15.86 -91.61
CA ASN C 221 46.78 -17.01 -91.47
C ASN C 221 45.99 -18.30 -91.63
N ILE C 222 46.44 -19.15 -92.53
CA ILE C 222 45.80 -20.43 -92.79
C ILE C 222 46.40 -21.49 -91.87
N GLY C 223 45.65 -22.55 -91.61
CA GLY C 223 46.10 -23.61 -90.73
C GLY C 223 44.97 -24.22 -89.92
N SER C 224 45.28 -25.25 -89.14
CA SER C 224 44.25 -26.02 -88.46
C SER C 224 44.17 -25.64 -86.98
N ARG C 225 42.97 -25.43 -86.50
CA ARG C 225 42.59 -25.33 -85.10
C ARG C 225 41.70 -26.51 -84.73
N PRO C 226 41.47 -26.75 -83.43
CA PRO C 226 40.56 -27.83 -83.05
C PRO C 226 39.13 -27.50 -83.48
N ARG C 227 38.40 -28.54 -83.88
CA ARG C 227 37.06 -28.33 -84.40
C ARG C 227 36.13 -27.87 -83.29
N VAL C 228 35.43 -26.77 -83.54
CA VAL C 228 34.47 -26.20 -82.60
C VAL C 228 33.16 -26.02 -83.36
N ARG C 229 32.10 -26.68 -82.89
CA ARG C 229 30.86 -26.81 -83.65
C ARG C 229 31.17 -27.26 -85.08
N ASN C 230 32.13 -28.19 -85.19
CA ASN C 230 32.55 -28.80 -86.45
C ASN C 230 33.15 -27.76 -87.40
N GLN C 231 34.19 -27.07 -86.93
CA GLN C 231 34.86 -26.03 -87.69
C GLN C 231 36.31 -25.92 -87.27
N SER C 232 37.23 -26.09 -88.24
CA SER C 232 38.65 -25.95 -87.98
C SER C 232 39.13 -24.50 -88.12
N GLY C 233 38.40 -23.67 -88.85
CA GLY C 233 38.79 -22.28 -89.04
C GLY C 233 38.32 -21.37 -87.91
N ARG C 234 38.68 -20.09 -88.04
CA ARG C 234 38.35 -19.09 -87.04
C ARG C 234 38.08 -17.76 -87.73
N ILE C 235 37.25 -16.93 -87.09
CA ILE C 235 37.12 -15.51 -87.40
C ILE C 235 37.77 -14.70 -86.29
N SER C 236 38.43 -13.61 -86.66
CA SER C 236 39.04 -12.70 -85.71
C SER C 236 38.32 -11.35 -85.76
N ILE C 237 37.65 -10.98 -84.67
CA ILE C 237 36.84 -9.78 -84.61
C ILE C 237 37.70 -8.57 -84.27
N TYR C 238 37.55 -7.51 -85.06
CA TYR C 238 38.24 -6.24 -84.88
C TYR C 238 37.20 -5.11 -84.82
N TRP C 239 37.63 -3.93 -84.36
CA TRP C 239 36.73 -2.79 -84.32
C TRP C 239 37.46 -1.50 -84.68
N THR C 240 36.71 -0.56 -85.25
CA THR C 240 37.21 0.75 -85.65
C THR C 240 36.28 1.84 -85.15
N LEU C 241 36.86 2.89 -84.58
CA LEU C 241 36.13 4.11 -84.23
C LEU C 241 36.26 5.13 -85.34
N VAL C 242 35.17 5.80 -85.67
CA VAL C 242 35.14 6.80 -86.74
C VAL C 242 34.54 8.08 -86.18
N ASN C 243 35.37 9.13 -86.08
CA ASN C 243 34.94 10.40 -85.53
C ASN C 243 34.02 11.15 -86.48
N PRO C 244 33.20 12.07 -85.96
CA PRO C 244 32.40 12.93 -86.83
C PRO C 244 33.28 13.75 -87.78
N GLY C 245 32.97 13.68 -89.07
CA GLY C 245 33.78 14.31 -90.09
C GLY C 245 34.59 13.29 -90.85
N ASP C 246 35.19 12.35 -90.12
CA ASP C 246 36.11 11.37 -90.67
C ASP C 246 35.35 10.30 -91.45
N SER C 247 36.11 9.50 -92.21
CA SER C 247 35.56 8.43 -93.04
C SER C 247 36.33 7.14 -92.81
N ILE C 248 35.64 6.01 -93.01
CA ILE C 248 36.23 4.68 -92.87
C ILE C 248 36.22 3.99 -94.22
N ILE C 249 37.31 3.28 -94.53
CA ILE C 249 37.45 2.53 -95.79
C ILE C 249 37.74 1.07 -95.48
N PHE C 250 36.87 0.19 -95.97
CA PHE C 250 37.15 -1.24 -95.96
C PHE C 250 37.76 -1.63 -97.31
N ASN C 251 38.93 -2.25 -97.27
CA ASN C 251 39.73 -2.54 -98.46
C ASN C 251 40.24 -3.98 -98.37
N SER C 252 39.68 -4.86 -99.19
CA SER C 252 40.00 -6.28 -99.08
C SER C 252 40.10 -6.94 -100.45
N ILE C 253 41.11 -7.81 -100.58
CA ILE C 253 41.22 -8.74 -101.69
C ILE C 253 40.97 -10.17 -101.24
N GLY C 254 40.47 -10.35 -100.02
CA GLY C 254 40.18 -11.67 -99.48
C GLY C 254 39.94 -11.70 -97.99
N ASN C 255 38.91 -12.44 -97.56
CA ASN C 255 38.72 -12.93 -96.20
C ASN C 255 38.06 -11.91 -95.27
N LEU C 256 37.40 -10.90 -95.81
CA LEU C 256 36.73 -9.92 -94.97
C LEU C 256 35.42 -10.48 -94.41
N ILE C 257 35.19 -10.21 -93.13
CA ILE C 257 33.86 -10.37 -92.55
C ILE C 257 33.25 -8.99 -92.36
N ALA C 258 32.55 -8.53 -93.39
CA ALA C 258 32.08 -7.14 -93.45
C ALA C 258 31.04 -6.83 -92.36
N PRO C 259 30.88 -5.55 -92.03
CA PRO C 259 29.84 -5.14 -91.10
C PRO C 259 28.50 -4.87 -91.78
N ARG C 260 27.50 -4.63 -90.94
CA ARG C 260 26.18 -4.22 -91.41
C ARG C 260 25.78 -2.86 -90.86
N GLY C 261 26.70 -2.13 -90.26
CA GLY C 261 26.39 -0.84 -89.68
C GLY C 261 27.25 -0.62 -88.44
N HIS C 262 26.93 0.45 -87.72
CA HIS C 262 27.74 0.90 -86.59
C HIS C 262 26.92 0.97 -85.31
N TYR C 263 27.63 1.12 -84.19
CA TYR C 263 27.07 1.41 -82.89
C TYR C 263 27.42 2.84 -82.47
N LYS C 264 26.58 3.41 -81.60
CA LYS C 264 26.84 4.73 -81.03
C LYS C 264 27.74 4.61 -79.80
N ILE C 265 28.54 5.65 -79.55
CA ILE C 265 29.64 5.60 -78.58
C ILE C 265 29.40 6.53 -77.38
N SER C 266 29.16 7.82 -77.65
CA SER C 266 28.91 8.85 -76.63
C SER C 266 30.16 9.26 -75.85
N LYS C 267 30.75 8.32 -75.10
CA LYS C 267 31.92 8.53 -74.23
C LYS C 267 31.52 9.25 -72.94
N SER C 268 30.43 10.01 -72.98
CA SER C 268 29.85 10.60 -71.77
C SER C 268 28.75 9.70 -71.20
N THR C 269 29.13 8.45 -70.94
CA THR C 269 28.18 7.42 -70.52
C THR C 269 28.73 6.68 -69.32
N LYS C 270 27.84 6.30 -68.40
CA LYS C 270 28.22 5.80 -67.10
C LYS C 270 27.99 4.30 -66.94
N SER C 271 27.48 3.62 -67.97
CA SER C 271 27.02 2.24 -67.82
C SER C 271 28.20 1.28 -67.65
N THR C 272 27.88 0.06 -67.21
CA THR C 272 28.90 -0.96 -66.97
C THR C 272 28.29 -2.35 -67.11
N VAL C 273 29.12 -3.37 -66.88
CA VAL C 273 28.72 -4.77 -66.98
C VAL C 273 29.01 -5.46 -65.66
N LEU C 274 28.11 -6.33 -65.22
CA LEU C 274 28.26 -7.10 -63.99
C LEU C 274 28.12 -8.58 -64.28
N LYS C 275 28.97 -9.38 -63.65
CA LYS C 275 29.01 -10.83 -63.83
C LYS C 275 28.43 -11.50 -62.58
N SER C 276 27.16 -11.87 -62.65
CA SER C 276 26.44 -12.45 -61.53
C SER C 276 25.59 -13.62 -62.01
N ASP C 277 25.34 -14.58 -61.12
CA ASP C 277 24.42 -15.69 -61.39
C ASP C 277 23.14 -15.61 -60.56
N LYS C 278 22.77 -14.41 -60.12
CA LYS C 278 21.65 -14.23 -59.20
C LYS C 278 20.44 -13.70 -59.98
N ARG C 279 19.26 -14.16 -59.57
CA ARG C 279 18.03 -13.77 -60.26
C ARG C 279 17.76 -12.28 -60.09
N ILE C 280 17.11 -11.71 -61.10
CA ILE C 280 16.59 -10.35 -61.02
C ILE C 280 15.24 -10.38 -60.31
N GLY C 281 15.21 -9.91 -59.07
CA GLY C 281 13.99 -9.80 -58.29
C GLY C 281 13.19 -8.55 -58.62
N SER C 282 12.44 -8.06 -57.63
CA SER C 282 11.69 -6.82 -57.77
C SER C 282 11.98 -5.85 -56.64
N CYS C 283 13.01 -6.09 -55.85
CA CYS C 283 13.42 -5.21 -54.77
C CYS C 283 13.93 -3.86 -55.28
N THR C 284 14.28 -2.98 -54.35
CA THR C 284 14.93 -1.72 -54.65
C THR C 284 16.27 -1.64 -53.93
N SER C 285 17.31 -1.19 -54.66
CA SER C 285 18.65 -1.06 -54.08
C SER C 285 19.60 -0.35 -55.04
N PRO C 286 20.31 0.69 -54.57
CA PRO C 286 21.31 1.34 -55.43
C PRO C 286 22.65 0.62 -55.48
N CYS C 287 22.84 -0.42 -54.68
CA CYS C 287 24.12 -1.14 -54.61
C CYS C 287 23.92 -2.55 -55.09
N LEU C 288 24.57 -2.90 -56.21
CA LEU C 288 24.54 -4.25 -56.75
C LEU C 288 25.93 -4.86 -56.68
N THR C 289 26.00 -6.12 -56.22
CA THR C 289 27.24 -6.88 -56.18
C THR C 289 27.03 -8.21 -56.88
N ASP C 290 28.13 -8.88 -57.20
CA ASP C 290 28.03 -10.22 -57.80
C ASP C 290 27.28 -11.19 -56.88
N LYS C 291 27.37 -10.97 -55.57
CA LYS C 291 26.68 -11.84 -54.62
C LYS C 291 25.23 -11.45 -54.44
N GLY C 292 24.84 -10.25 -54.87
CA GLY C 292 23.49 -9.75 -54.66
C GLY C 292 23.46 -8.27 -54.34
N SER C 293 22.28 -7.73 -54.08
CA SER C 293 22.14 -6.31 -53.79
C SER C 293 22.44 -6.06 -52.31
N ILE C 294 22.73 -4.80 -51.98
CA ILE C 294 23.00 -4.38 -50.62
C ILE C 294 22.00 -3.28 -50.25
N GLN C 295 21.24 -3.52 -49.18
CA GLN C 295 20.25 -2.57 -48.66
C GLN C 295 20.69 -2.18 -47.26
N SER C 296 21.44 -1.10 -47.16
CA SER C 296 22.09 -0.74 -45.91
C SER C 296 22.36 0.75 -45.87
N ASP C 297 22.33 1.32 -44.68
CA ASP C 297 22.80 2.67 -44.44
C ASP C 297 24.16 2.70 -43.75
N LYS C 298 24.75 1.52 -43.52
CA LYS C 298 26.08 1.43 -42.94
C LYS C 298 27.11 1.95 -43.95
N PRO C 299 28.26 2.44 -43.47
CA PRO C 299 29.27 2.99 -44.39
C PRO C 299 30.24 1.95 -44.96
N PHE C 300 30.23 0.73 -44.46
CA PHE C 300 31.21 -0.28 -44.87
C PHE C 300 30.49 -1.60 -45.09
N GLN C 301 31.20 -2.53 -45.75
CA GLN C 301 30.62 -3.82 -46.10
C GLN C 301 31.74 -4.80 -46.40
N ASN C 302 31.55 -6.06 -46.02
CA ASN C 302 32.51 -7.12 -46.32
C ASN C 302 32.00 -8.11 -47.36
N VAL C 303 30.87 -7.80 -48.02
CA VAL C 303 30.26 -8.75 -48.93
C VAL C 303 31.15 -9.02 -50.14
N SER C 304 31.40 -7.99 -50.95
CA SER C 304 32.18 -8.18 -52.16
C SER C 304 32.89 -6.89 -52.56
N ARG C 305 34.13 -7.04 -53.03
CA ARG C 305 34.85 -5.93 -53.65
C ARG C 305 34.15 -5.47 -54.92
N ILE C 306 33.41 -6.36 -55.57
CA ILE C 306 32.65 -6.02 -56.77
C ILE C 306 31.36 -5.35 -56.31
N ALA C 307 31.24 -4.04 -56.57
CA ALA C 307 30.11 -3.27 -56.04
C ALA C 307 29.81 -2.12 -56.99
N ILE C 308 28.61 -2.14 -57.57
CA ILE C 308 28.20 -1.20 -58.61
C ILE C 308 27.08 -0.33 -58.05
N GLY C 309 27.25 0.98 -58.18
CA GLY C 309 26.26 1.94 -57.74
C GLY C 309 26.65 2.65 -56.46
N ASN C 310 25.63 3.20 -55.81
CA ASN C 310 25.81 3.84 -54.50
C ASN C 310 25.96 2.74 -53.45
N CYS C 311 27.20 2.43 -53.08
CA CYS C 311 27.50 1.32 -52.20
C CYS C 311 28.25 1.78 -50.95
N PRO C 312 28.23 0.97 -49.89
CA PRO C 312 29.20 1.16 -48.82
C PRO C 312 30.59 0.73 -49.28
N LYS C 313 31.60 1.34 -48.68
CA LYS C 313 32.98 1.03 -49.04
C LYS C 313 33.31 -0.40 -48.61
N TYR C 314 33.90 -1.17 -49.53
CA TYR C 314 34.32 -2.53 -49.19
C TYR C 314 35.54 -2.49 -48.28
N VAL C 315 35.51 -3.30 -47.22
CA VAL C 315 36.60 -3.41 -46.26
C VAL C 315 36.81 -4.87 -45.92
N LYS C 316 37.97 -5.16 -45.32
CA LYS C 316 38.27 -6.54 -44.94
C LYS C 316 37.57 -6.94 -43.65
N GLN C 317 37.34 -5.98 -42.76
CA GLN C 317 36.81 -6.29 -41.43
C GLN C 317 35.44 -6.94 -41.51
N GLY C 318 35.18 -7.88 -40.60
CA GLY C 318 33.85 -8.43 -40.46
C GLY C 318 32.95 -7.58 -39.59
N SER C 319 33.51 -6.93 -38.57
CA SER C 319 32.75 -6.12 -37.64
C SER C 319 33.55 -4.88 -37.26
N LEU C 320 32.85 -3.75 -37.11
CA LEU C 320 33.43 -2.52 -36.58
C LEU C 320 32.37 -1.86 -35.69
N MET C 321 32.45 -2.11 -34.39
CA MET C 321 31.43 -1.65 -33.47
C MET C 321 31.66 -0.20 -33.08
N LEU C 322 30.63 0.63 -33.22
CA LEU C 322 30.71 2.06 -32.95
C LEU C 322 29.96 2.36 -31.67
N ALA C 323 30.68 2.81 -30.64
CA ALA C 323 30.05 3.24 -29.40
C ALA C 323 28.99 4.31 -29.65
N THR C 324 27.79 4.05 -29.17
CA THR C 324 26.70 5.01 -29.19
C THR C 324 26.28 5.42 -27.79
N GLY C 325 27.14 5.19 -26.80
CA GLY C 325 26.84 5.49 -25.42
C GLY C 325 28.11 5.49 -24.61
N MET C 326 27.97 5.82 -23.33
CA MET C 326 29.11 5.99 -22.45
C MET C 326 29.64 4.64 -21.98
N ARG C 327 30.76 4.69 -21.24
CA ARG C 327 31.30 3.49 -20.59
C ARG C 327 30.24 2.85 -19.71
N ASN C 328 30.15 1.52 -19.79
CA ASN C 328 29.29 0.76 -18.89
C ASN C 328 30.07 0.40 -17.63
N ILE C 329 29.63 0.92 -16.49
CA ILE C 329 30.24 0.58 -15.20
C ILE C 329 29.12 0.08 -14.30
N PRO C 330 28.87 -1.24 -14.25
CA PRO C 330 27.62 -1.75 -13.66
C PRO C 330 27.68 -1.97 -12.16
N GLY C 331 28.89 -2.13 -11.62
CA GLY C 331 29.05 -2.43 -10.22
C GLY C 331 28.74 -3.88 -9.87
N ALA D 5 22.76 3.31 2.04
CA ALA D 5 23.87 4.19 1.72
C ALA D 5 23.99 4.41 0.21
N ILE D 6 24.11 5.66 -0.19
CA ILE D 6 24.06 6.04 -1.60
C ILE D 6 25.44 6.49 -2.05
N ALA D 7 25.76 6.25 -3.32
CA ALA D 7 26.98 6.73 -3.93
C ALA D 7 26.67 7.40 -5.26
N GLY D 8 27.70 7.96 -5.89
CA GLY D 8 27.58 8.60 -7.19
C GLY D 8 28.51 8.03 -8.23
N PHE D 9 28.87 8.84 -9.24
CA PHE D 9 29.56 8.30 -10.40
C PHE D 9 30.97 7.81 -10.07
N ILE D 10 31.61 8.36 -9.04
CA ILE D 10 32.96 7.92 -8.68
C ILE D 10 32.98 6.41 -8.47
N GLU D 11 32.00 5.89 -7.74
CA GLU D 11 31.91 4.47 -7.49
C GLU D 11 31.60 3.70 -8.77
N ASN D 12 30.34 3.71 -9.18
CA ASN D 12 29.92 3.02 -10.39
C ASN D 12 28.69 3.70 -10.95
N GLY D 13 28.16 3.12 -12.03
CA GLY D 13 26.96 3.61 -12.67
C GLY D 13 25.69 3.15 -11.99
N TRP D 14 24.57 3.49 -12.62
CA TRP D 14 23.24 3.29 -12.04
C TRP D 14 22.38 2.51 -13.02
N GLN D 15 22.26 1.19 -12.81
CA GLN D 15 21.29 0.42 -13.59
C GLN D 15 19.87 0.89 -13.32
N GLY D 16 19.58 1.39 -12.11
CA GLY D 16 18.26 1.90 -11.79
C GLY D 16 17.75 2.98 -12.74
N LEU D 17 18.65 3.81 -13.26
CA LEU D 17 18.28 5.02 -13.98
C LEU D 17 18.02 4.65 -15.44
N ILE D 18 16.76 4.77 -15.87
CA ILE D 18 16.34 4.33 -17.19
C ILE D 18 15.70 5.42 -18.02
N ASP D 19 15.45 6.61 -17.46
CA ASP D 19 14.80 7.69 -18.19
C ASP D 19 15.75 8.85 -18.44
N GLY D 20 17.04 8.56 -18.48
CA GLY D 20 18.03 9.61 -18.68
C GLY D 20 19.41 8.99 -18.64
N TRP D 21 20.37 9.75 -19.16
CA TRP D 21 21.75 9.31 -19.15
C TRP D 21 22.48 9.71 -17.88
N TYR D 22 22.06 10.83 -17.28
CA TYR D 22 22.61 11.35 -16.03
C TYR D 22 21.44 11.70 -15.13
N GLY D 23 21.71 11.94 -13.86
CA GLY D 23 20.61 12.24 -12.95
C GLY D 23 21.09 12.44 -11.53
N PHE D 24 20.14 12.91 -10.71
CA PHE D 24 20.36 13.13 -9.28
C PHE D 24 19.79 11.96 -8.50
N ARG D 25 20.48 11.59 -7.42
CA ARG D 25 19.94 10.67 -6.43
C ARG D 25 20.18 11.26 -5.05
N HIS D 26 19.11 11.36 -4.25
CA HIS D 26 19.20 12.09 -2.99
C HIS D 26 18.69 11.25 -1.82
N GLN D 27 19.10 11.66 -0.64
CA GLN D 27 18.56 11.20 0.63
C GLN D 27 18.20 12.41 1.49
N ASN D 28 16.96 12.48 1.95
CA ASN D 28 16.59 13.48 2.96
C ASN D 28 15.64 12.83 3.96
N ALA D 29 15.02 13.67 4.80
CA ALA D 29 14.17 13.13 5.85
C ALA D 29 12.86 12.59 5.31
N GLU D 30 12.49 12.95 4.07
CA GLU D 30 11.27 12.46 3.45
C GLU D 30 11.45 11.16 2.71
N GLY D 31 12.70 10.72 2.47
CA GLY D 31 12.95 9.50 1.76
C GLY D 31 14.14 9.64 0.83
N THR D 32 14.14 8.82 -0.22
CA THR D 32 15.25 8.75 -1.17
C THR D 32 14.67 8.65 -2.57
N GLY D 33 15.32 9.30 -3.54
CA GLY D 33 14.77 9.36 -4.88
C GLY D 33 15.83 9.52 -5.95
N THR D 34 15.48 9.12 -7.16
CA THR D 34 16.32 9.27 -8.34
C THR D 34 15.54 9.97 -9.44
N ALA D 35 16.07 11.09 -9.93
CA ALA D 35 15.50 11.82 -11.06
C ALA D 35 16.58 12.06 -12.11
N ALA D 36 16.19 11.99 -13.37
CA ALA D 36 17.11 12.25 -14.47
C ALA D 36 17.25 13.74 -14.77
N ASP D 37 18.43 14.12 -15.27
CA ASP D 37 18.73 15.49 -15.65
C ASP D 37 18.70 15.59 -17.17
N LEU D 38 17.81 16.43 -17.71
CA LEU D 38 17.58 16.43 -19.14
C LEU D 38 18.70 17.15 -19.92
N LYS D 39 19.15 18.31 -19.43
CA LYS D 39 20.18 19.06 -20.13
C LYS D 39 21.43 18.21 -20.38
N SER D 40 22.02 17.69 -19.30
CA SER D 40 23.23 16.89 -19.45
C SER D 40 23.03 15.70 -20.37
N THR D 41 21.85 15.06 -20.29
CA THR D 41 21.58 13.93 -21.16
C THR D 41 21.54 14.34 -22.63
N GLN D 42 20.74 15.35 -22.96
CA GLN D 42 20.60 15.76 -24.35
C GLN D 42 21.91 16.26 -24.93
N ALA D 43 22.70 16.97 -24.12
CA ALA D 43 24.06 17.36 -24.49
C ALA D 43 24.84 16.20 -25.08
N ALA D 44 25.09 15.17 -24.26
CA ALA D 44 25.78 13.97 -24.73
C ALA D 44 25.11 13.37 -25.97
N ILE D 45 23.81 13.08 -25.86
CA ILE D 45 23.06 12.47 -26.96
C ILE D 45 23.27 13.22 -28.27
N ASP D 46 23.29 14.55 -28.20
CA ASP D 46 23.30 15.34 -29.43
C ASP D 46 24.61 15.21 -30.19
N GLN D 47 25.71 14.90 -29.50
CA GLN D 47 26.97 14.65 -30.19
C GLN D 47 27.10 13.21 -30.66
N ILE D 48 26.28 12.30 -30.14
CA ILE D 48 26.28 10.93 -30.62
C ILE D 48 25.50 10.84 -31.93
N ASN D 49 24.40 11.59 -32.03
CA ASN D 49 23.68 11.68 -33.29
C ASN D 49 24.51 12.37 -34.36
N GLY D 50 25.05 13.56 -34.04
CA GLY D 50 25.78 14.34 -35.03
C GLY D 50 26.93 13.61 -35.69
N LYS D 51 27.55 12.67 -34.96
CA LYS D 51 28.60 11.84 -35.54
C LYS D 51 28.02 10.60 -36.21
N LEU D 52 26.84 10.17 -35.77
CA LEU D 52 26.07 9.18 -36.50
C LEU D 52 25.54 9.75 -37.81
N ASN D 53 25.39 11.07 -37.88
CA ASN D 53 25.00 11.75 -39.11
C ASN D 53 26.18 11.85 -40.07
N ARG D 54 27.38 12.12 -39.52
CA ARG D 54 28.59 12.25 -40.31
C ARG D 54 28.98 10.94 -41.00
N LEU D 55 28.28 9.84 -40.71
CA LEU D 55 28.67 8.53 -41.21
C LEU D 55 27.73 7.95 -42.25
N ILE D 56 26.48 8.39 -42.28
CA ILE D 56 25.52 7.92 -43.27
C ILE D 56 25.44 8.85 -44.48
N GLU D 57 26.49 9.64 -44.70
CA GLU D 57 26.62 10.47 -45.89
C GLU D 57 27.41 9.67 -46.93
N LYS D 58 26.76 9.26 -48.00
CA LYS D 58 27.35 8.31 -48.95
C LYS D 58 27.91 9.08 -50.15
N THR D 59 29.17 9.51 -50.04
CA THR D 59 29.92 10.07 -51.17
C THR D 59 30.56 8.97 -52.02
N ASN D 60 30.26 7.72 -51.74
CA ASN D 60 30.76 6.56 -52.49
C ASN D 60 29.71 6.15 -53.52
N GLU D 61 29.96 6.48 -54.78
CA GLU D 61 29.14 6.02 -55.90
C GLU D 61 30.06 5.72 -57.07
N LYS D 62 29.95 4.49 -57.61
CA LYS D 62 30.91 4.00 -58.60
C LYS D 62 30.19 3.13 -59.61
N TYR D 63 30.16 3.55 -60.87
CA TYR D 63 29.55 2.76 -61.92
C TYR D 63 30.56 1.85 -62.60
N HIS D 64 31.14 2.27 -63.73
CA HIS D 64 32.13 1.44 -64.40
C HIS D 64 33.50 1.63 -63.76
N GLN D 65 34.12 0.53 -63.35
CA GLN D 65 35.36 0.58 -62.59
C GLN D 65 36.45 -0.23 -63.30
N ILE D 66 36.87 -1.35 -62.70
CA ILE D 66 37.80 -2.27 -63.34
C ILE D 66 37.39 -3.69 -63.00
N GLU D 67 37.83 -4.63 -63.84
CA GLU D 67 37.64 -6.04 -63.55
C GLU D 67 38.38 -6.41 -62.27
N LYS D 68 37.71 -7.18 -61.42
CA LYS D 68 38.25 -7.57 -60.12
C LYS D 68 38.33 -9.07 -59.92
N GLU D 69 37.94 -9.86 -60.93
CA GLU D 69 37.93 -11.31 -60.87
C GLU D 69 38.33 -11.83 -62.23
N PHE D 70 39.17 -12.86 -62.27
CA PHE D 70 39.74 -13.33 -63.53
C PHE D 70 39.63 -14.84 -63.67
N GLU D 71 39.56 -15.29 -64.92
CA GLU D 71 39.39 -16.70 -65.21
C GLU D 71 40.69 -17.39 -65.65
N GLN D 72 41.58 -16.66 -66.30
CA GLN D 72 42.86 -17.18 -66.74
C GLN D 72 43.95 -16.25 -66.25
N VAL D 73 45.17 -16.77 -66.14
CA VAL D 73 46.32 -15.94 -65.79
C VAL D 73 46.78 -15.17 -67.03
N GLU D 74 47.30 -13.97 -66.78
CA GLU D 74 47.76 -13.09 -67.86
C GLU D 74 49.11 -12.46 -67.60
N GLY D 75 49.54 -12.35 -66.35
CA GLY D 75 50.81 -11.70 -66.05
C GLY D 75 50.64 -10.21 -65.73
N ARG D 76 51.35 -9.37 -66.49
CA ARG D 76 51.65 -8.01 -66.04
C ARG D 76 50.38 -7.20 -65.75
N ILE D 77 49.46 -7.15 -66.71
CA ILE D 77 48.32 -6.23 -66.58
C ILE D 77 47.36 -6.71 -65.52
N GLN D 78 47.10 -8.03 -65.47
CA GLN D 78 46.30 -8.58 -64.38
C GLN D 78 46.96 -8.34 -63.04
N ASP D 79 48.27 -8.59 -62.95
CA ASP D 79 49.00 -8.39 -61.71
C ASP D 79 48.85 -6.97 -61.19
N LEU D 80 48.85 -6.00 -62.11
CA LEU D 80 48.72 -4.60 -61.71
C LEU D 80 47.32 -4.31 -61.22
N GLU D 81 46.30 -4.68 -62.01
CA GLU D 81 44.92 -4.50 -61.61
C GLU D 81 44.65 -5.12 -60.24
N LYS D 82 45.16 -6.34 -60.01
CA LYS D 82 45.02 -6.97 -58.70
C LYS D 82 45.70 -6.15 -57.61
N TYR D 83 46.84 -5.53 -57.94
CA TYR D 83 47.57 -4.74 -56.95
C TYR D 83 46.83 -3.46 -56.61
N VAL D 84 46.35 -2.74 -57.63
CA VAL D 84 45.64 -1.48 -57.41
C VAL D 84 44.46 -1.70 -56.48
N GLU D 85 43.65 -2.73 -56.75
CA GLU D 85 42.47 -2.99 -55.93
C GLU D 85 42.85 -3.44 -54.52
N ASP D 86 43.83 -4.34 -54.40
CA ASP D 86 44.27 -4.78 -53.08
C ASP D 86 44.84 -3.61 -52.28
N THR D 87 45.49 -2.66 -52.95
CA THR D 87 45.96 -1.47 -52.25
C THR D 87 44.80 -0.60 -51.80
N LYS D 88 43.82 -0.38 -52.67
CA LYS D 88 42.63 0.38 -52.31
C LYS D 88 41.91 -0.24 -51.11
N ILE D 89 41.77 -1.57 -51.11
CA ILE D 89 41.05 -2.23 -50.03
C ILE D 89 41.81 -2.08 -48.71
N ASP D 90 43.14 -2.21 -48.75
CA ASP D 90 43.94 -2.05 -47.53
C ASP D 90 43.78 -0.65 -46.94
N LEU D 91 43.80 0.37 -47.80
CA LEU D 91 43.80 1.74 -47.30
C LEU D 91 42.44 2.14 -46.73
N TRP D 92 41.37 1.67 -47.34
CA TRP D 92 40.05 1.95 -46.77
C TRP D 92 39.82 1.14 -45.50
N SER D 93 40.26 -0.12 -45.48
CA SER D 93 40.20 -0.90 -44.25
C SER D 93 40.93 -0.19 -43.12
N TYR D 94 42.07 0.43 -43.43
CA TYR D 94 42.77 1.20 -42.41
C TYR D 94 41.95 2.40 -41.94
N ASN D 95 41.40 3.15 -42.90
CA ASN D 95 40.62 4.33 -42.56
C ASN D 95 39.45 3.99 -41.65
N ALA D 96 38.80 2.85 -41.90
CA ALA D 96 37.64 2.45 -41.11
C ALA D 96 38.08 2.07 -39.69
N GLU D 97 39.13 1.25 -39.57
CA GLU D 97 39.61 0.85 -38.26
C GLU D 97 39.98 2.06 -37.41
N LEU D 98 40.65 3.04 -38.02
CA LEU D 98 41.08 4.22 -37.29
C LEU D 98 39.90 5.15 -36.99
N LEU D 99 39.05 5.39 -37.99
CA LEU D 99 37.90 6.27 -37.78
C LEU D 99 37.04 5.78 -36.61
N VAL D 100 36.68 4.51 -36.63
CA VAL D 100 35.84 3.95 -35.56
C VAL D 100 36.55 4.04 -34.21
N ALA D 101 37.83 3.62 -34.18
CA ALA D 101 38.60 3.67 -32.94
C ALA D 101 38.70 5.09 -32.40
N LEU D 102 38.63 6.09 -33.27
CA LEU D 102 38.87 7.48 -32.91
C LEU D 102 37.58 8.19 -32.53
N GLU D 103 36.52 7.95 -33.31
CA GLU D 103 35.17 8.28 -32.89
C GLU D 103 34.88 7.75 -31.49
N ASN D 104 35.16 6.47 -31.26
CA ASN D 104 34.81 5.84 -30.00
C ASN D 104 35.55 6.49 -28.83
N GLN D 105 36.83 6.81 -29.02
CA GLN D 105 37.57 7.52 -27.98
C GLN D 105 36.95 8.88 -27.69
N HIS D 106 36.39 9.51 -28.71
CA HIS D 106 35.72 10.80 -28.51
C HIS D 106 34.41 10.62 -27.77
N THR D 107 33.60 9.65 -28.20
CA THR D 107 32.33 9.38 -27.53
C THR D 107 32.52 9.14 -26.04
N ILE D 108 33.62 8.47 -25.67
CA ILE D 108 33.90 8.21 -24.27
C ILE D 108 34.30 9.50 -23.56
N ASP D 109 35.17 10.29 -24.18
CA ASP D 109 35.60 11.56 -23.59
C ASP D 109 34.43 12.49 -23.37
N VAL D 110 33.55 12.62 -24.38
CA VAL D 110 32.43 13.56 -24.28
C VAL D 110 31.51 13.18 -23.14
N THR D 111 31.23 11.89 -22.99
CA THR D 111 30.32 11.44 -21.95
C THR D 111 30.94 11.54 -20.57
N ASP D 112 32.25 11.27 -20.47
CA ASP D 112 32.95 11.49 -19.20
C ASP D 112 32.97 12.97 -18.84
N SER D 113 33.02 13.85 -19.84
CA SER D 113 33.02 15.28 -19.56
C SER D 113 31.65 15.76 -19.08
N GLU D 114 30.58 15.32 -19.76
CA GLU D 114 29.24 15.78 -19.40
C GLU D 114 28.88 15.38 -17.97
N MET D 115 29.30 14.18 -17.55
CA MET D 115 29.12 13.78 -16.16
C MET D 115 29.79 14.76 -15.23
N ASN D 116 31.04 15.12 -15.52
CA ASN D 116 31.79 16.01 -14.65
C ASN D 116 31.22 17.43 -14.65
N LYS D 117 30.80 17.91 -15.81
CA LYS D 117 30.11 19.20 -15.88
C LYS D 117 28.89 19.21 -14.97
N LEU D 118 28.07 18.17 -15.04
CA LEU D 118 26.90 18.06 -14.18
C LEU D 118 27.28 18.15 -12.71
N PHE D 119 28.33 17.44 -12.30
CA PHE D 119 28.79 17.49 -10.91
C PHE D 119 29.20 18.90 -10.53
N GLU D 120 29.98 19.56 -11.39
CA GLU D 120 30.48 20.89 -11.07
C GLU D 120 29.35 21.92 -11.08
N ARG D 121 28.38 21.76 -11.98
CA ARG D 121 27.21 22.64 -11.96
C ARG D 121 26.56 22.62 -10.58
N VAL D 122 26.37 21.43 -10.01
CA VAL D 122 25.76 21.31 -8.71
C VAL D 122 26.65 21.93 -7.64
N ARG D 123 27.95 21.62 -7.70
CA ARG D 123 28.92 22.25 -6.80
C ARG D 123 28.70 23.75 -6.72
N ARG D 124 28.57 24.42 -7.87
CA ARG D 124 28.45 25.87 -7.90
C ARG D 124 27.16 26.33 -7.25
N GLN D 125 26.04 25.67 -7.60
CA GLN D 125 24.75 26.00 -7.01
C GLN D 125 24.81 25.97 -5.49
N LEU D 126 25.55 25.02 -4.93
CA LEU D 126 25.50 24.73 -3.50
C LEU D 126 26.43 25.62 -2.69
N ARG D 127 27.35 26.33 -3.34
CA ARG D 127 28.31 27.23 -2.69
C ARG D 127 28.87 26.63 -1.41
N GLU D 128 28.84 27.40 -0.33
CA GLU D 128 29.40 26.98 0.96
C GLU D 128 28.39 26.23 1.81
N ASN D 129 27.35 25.65 1.19
CA ASN D 129 26.32 24.94 1.91
C ASN D 129 26.49 23.42 1.85
N ALA D 130 27.42 22.92 1.04
CA ALA D 130 27.65 21.49 0.91
C ALA D 130 29.14 21.22 0.81
N GLU D 131 29.54 20.04 1.26
CA GLU D 131 30.90 19.55 1.09
C GLU D 131 30.90 18.29 0.21
N ASP D 132 31.92 18.20 -0.65
CA ASP D 132 32.06 17.05 -1.54
C ASP D 132 32.51 15.84 -0.73
N GLN D 133 31.71 14.78 -0.73
CA GLN D 133 32.01 13.59 0.05
C GLN D 133 33.09 12.71 -0.57
N GLY D 134 33.35 12.85 -1.87
CA GLY D 134 34.35 12.04 -2.54
C GLY D 134 33.79 10.92 -3.39
N ASN D 135 32.49 10.63 -3.26
CA ASN D 135 31.85 9.52 -3.96
C ASN D 135 30.86 10.02 -5.01
N GLY D 136 31.14 11.17 -5.62
CA GLY D 136 30.20 11.81 -6.52
C GLY D 136 28.96 12.34 -5.85
N CYS D 137 29.02 12.60 -4.54
CA CYS D 137 27.89 13.11 -3.77
C CYS D 137 28.29 14.32 -2.93
N PHE D 138 27.30 15.18 -2.67
CA PHE D 138 27.46 16.33 -1.80
C PHE D 138 26.69 16.08 -0.50
N GLU D 139 27.36 16.23 0.63
CA GLU D 139 26.66 16.31 1.91
C GLU D 139 26.14 17.72 2.10
N ILE D 140 24.82 17.86 2.21
CA ILE D 140 24.18 19.16 2.37
C ILE D 140 24.00 19.42 3.86
N PHE D 141 24.57 20.53 4.33
CA PHE D 141 24.62 20.81 5.76
C PHE D 141 23.43 21.63 6.25
N HIS D 142 22.26 21.45 5.63
CA HIS D 142 21.02 22.02 6.11
C HIS D 142 19.89 21.08 5.75
N GLN D 143 18.79 21.18 6.51
CA GLN D 143 17.60 20.41 6.17
C GLN D 143 17.09 20.79 4.79
N CYS D 144 16.91 19.80 3.93
CA CYS D 144 16.55 19.99 2.52
C CYS D 144 15.42 19.03 2.15
N ASP D 145 14.18 19.50 2.24
CA ASP D 145 13.03 18.66 1.93
C ASP D 145 12.91 18.45 0.41
N ASN D 146 11.81 17.83 -0.01
CA ASN D 146 11.67 17.43 -1.40
C ASN D 146 11.60 18.63 -2.34
N ASN D 147 11.03 19.75 -1.88
CA ASN D 147 11.02 20.96 -2.69
C ASN D 147 12.42 21.54 -2.79
N CYS D 148 13.19 21.45 -1.72
CA CYS D 148 14.56 21.94 -1.71
C CYS D 148 15.44 21.12 -2.65
N ILE D 149 15.24 19.80 -2.68
CA ILE D 149 16.00 18.96 -3.61
C ILE D 149 15.62 19.28 -5.04
N GLU D 150 14.34 19.57 -5.29
CA GLU D 150 13.91 19.92 -6.64
C GLU D 150 14.49 21.24 -7.10
N SER D 151 14.69 22.20 -6.19
CA SER D 151 15.30 23.47 -6.56
C SER D 151 16.71 23.26 -7.06
N ILE D 152 17.48 22.41 -6.37
CA ILE D 152 18.81 22.03 -6.85
C ILE D 152 18.72 21.47 -8.26
N ARG D 153 17.71 20.62 -8.50
CA ARG D 153 17.59 19.91 -9.76
C ARG D 153 17.10 20.80 -10.89
N ASN D 154 16.22 21.76 -10.58
CA ASN D 154 15.68 22.64 -11.60
C ASN D 154 16.37 24.01 -11.64
N GLY D 155 17.45 24.19 -10.88
CA GLY D 155 18.34 25.32 -11.04
C GLY D 155 17.88 26.62 -10.39
N THR D 156 17.05 26.55 -9.37
CA THR D 156 16.54 27.75 -8.70
C THR D 156 17.00 27.85 -7.25
N TYR D 157 17.95 27.01 -6.83
CA TYR D 157 18.32 26.92 -5.42
C TYR D 157 19.12 28.15 -5.01
N ASP D 158 18.57 28.97 -4.13
CA ASP D 158 19.19 30.22 -3.69
C ASP D 158 20.00 29.93 -2.42
N HIS D 159 21.32 29.84 -2.57
CA HIS D 159 22.19 29.45 -1.47
C HIS D 159 22.11 30.42 -0.29
N ASN D 160 21.82 31.70 -0.56
CA ASN D 160 21.71 32.67 0.53
C ASN D 160 20.63 32.28 1.53
N ILE D 161 19.58 31.61 1.07
CA ILE D 161 18.48 31.19 1.95
C ILE D 161 18.99 30.36 3.11
N TYR D 162 19.90 29.43 2.85
CA TYR D 162 20.33 28.45 3.85
C TYR D 162 21.76 28.68 4.35
N ARG D 163 22.41 29.78 3.96
CA ARG D 163 23.84 29.91 4.23
C ARG D 163 24.17 29.90 5.72
N ASP D 164 23.37 30.60 6.53
CA ASP D 164 23.66 30.67 7.96
C ASP D 164 23.52 29.30 8.62
N GLU D 165 22.41 28.60 8.33
CA GLU D 165 22.23 27.26 8.91
C GLU D 165 23.38 26.33 8.53
N ALA D 166 23.81 26.37 7.26
CA ALA D 166 24.79 25.41 6.79
C ALA D 166 26.19 25.73 7.29
N ILE D 167 26.57 27.00 7.29
CA ILE D 167 27.91 27.37 7.76
C ILE D 167 28.06 27.05 9.24
N ASN D 168 27.00 27.28 10.03
CA ASN D 168 27.06 26.97 11.46
C ASN D 168 27.13 25.47 11.69
N ASN D 169 26.62 24.66 10.76
CA ASN D 169 26.71 23.21 10.90
C ASN D 169 28.06 22.67 10.46
N ARG D 170 28.81 23.43 9.66
CA ARG D 170 30.11 23.01 9.17
C ARG D 170 31.24 23.41 10.11
N ILE D 171 31.10 24.55 10.77
CA ILE D 171 32.18 25.13 11.56
C ILE D 171 32.12 24.70 13.02
N LYS D 172 31.03 24.10 13.46
CA LYS D 172 30.91 23.62 14.83
C LYS D 172 30.26 22.24 14.89
N GLY E 13 -14.24 -30.68 -4.10
CA GLY E 13 -12.78 -30.76 -4.05
C GLY E 13 -12.12 -29.80 -3.09
N ASN E 14 -12.66 -28.59 -2.99
CA ASN E 14 -11.95 -27.49 -2.34
C ASN E 14 -11.99 -27.64 -0.82
N PRO E 15 -10.84 -27.56 -0.14
CA PRO E 15 -10.83 -27.58 1.33
C PRO E 15 -11.46 -26.32 1.92
N ILE E 16 -11.93 -26.47 3.16
CA ILE E 16 -12.50 -25.39 3.94
C ILE E 16 -11.66 -25.21 5.20
N ILE E 17 -11.53 -23.97 5.65
CA ILE E 17 -10.97 -23.68 6.96
C ILE E 17 -11.86 -22.66 7.66
N CYS E 18 -12.27 -22.98 8.89
CA CYS E 18 -13.22 -22.18 9.63
C CYS E 18 -12.57 -21.69 10.92
N LEU E 19 -12.98 -20.50 11.36
CA LEU E 19 -12.48 -19.93 12.60
C LEU E 19 -13.65 -19.72 13.56
N GLY E 20 -13.48 -20.18 14.79
CA GLY E 20 -14.55 -20.17 15.76
C GLY E 20 -14.05 -19.86 17.16
N HIS E 21 -15.00 -19.83 18.08
CA HIS E 21 -14.71 -19.60 19.49
C HIS E 21 -15.45 -20.64 20.33
N HIS E 22 -15.03 -20.77 21.59
CA HIS E 22 -15.61 -21.82 22.40
C HIS E 22 -16.99 -21.43 22.92
N ALA E 23 -17.72 -22.45 23.37
CA ALA E 23 -19.06 -22.26 23.93
C ALA E 23 -19.33 -23.34 24.94
N VAL E 24 -20.28 -23.06 25.84
CA VAL E 24 -20.74 -24.05 26.80
C VAL E 24 -22.24 -24.22 26.64
N GLU E 25 -22.75 -25.34 27.15
CA GLU E 25 -24.18 -25.62 27.03
C GLU E 25 -25.00 -24.65 27.87
N ASN E 26 -24.54 -24.35 29.09
CA ASN E 26 -25.27 -23.51 30.04
C ASN E 26 -24.39 -22.32 30.42
N GLY E 27 -24.82 -21.12 30.00
CA GLY E 27 -24.06 -19.91 30.26
C GLY E 27 -24.29 -19.31 31.64
N THR E 28 -24.01 -18.01 31.73
CA THR E 28 -24.27 -17.22 32.93
C THR E 28 -24.69 -15.81 32.52
N SER E 29 -25.68 -15.27 33.20
CA SER E 29 -26.23 -13.96 32.86
C SER E 29 -25.44 -12.84 33.53
N VAL E 30 -25.13 -11.80 32.76
CA VAL E 30 -24.46 -10.61 33.26
C VAL E 30 -25.09 -9.38 32.64
N LYS E 31 -24.78 -8.23 33.21
CA LYS E 31 -25.38 -6.95 32.83
C LYS E 31 -24.33 -6.06 32.17
N THR E 32 -24.68 -5.48 31.02
CA THR E 32 -24.00 -4.32 30.48
C THR E 32 -24.88 -3.09 30.71
N LEU E 33 -24.50 -1.96 30.10
CA LEU E 33 -25.31 -0.76 30.24
C LEU E 33 -26.64 -0.87 29.51
N THR E 34 -26.72 -1.73 28.50
CA THR E 34 -27.86 -1.76 27.59
C THR E 34 -28.65 -3.06 27.61
N ASP E 35 -28.09 -4.14 28.14
CA ASP E 35 -28.76 -5.43 28.19
C ASP E 35 -28.66 -5.96 29.61
N ASN E 36 -29.80 -6.24 30.22
CA ASN E 36 -29.85 -6.74 31.59
C ASN E 36 -29.66 -8.25 31.66
N HIS E 37 -29.25 -8.87 30.56
CA HIS E 37 -29.35 -10.31 30.42
C HIS E 37 -28.50 -10.79 29.25
N VAL E 38 -27.18 -10.66 29.38
CA VAL E 38 -26.24 -11.17 28.40
C VAL E 38 -25.66 -12.47 28.93
N GLU E 39 -25.72 -13.52 28.12
CA GLU E 39 -25.26 -14.84 28.53
C GLU E 39 -23.82 -15.02 28.09
N VAL E 40 -22.92 -15.15 29.06
CA VAL E 40 -21.49 -15.27 28.80
C VAL E 40 -20.99 -16.62 29.27
N VAL E 41 -19.83 -17.03 28.75
CA VAL E 41 -19.32 -18.37 28.99
C VAL E 41 -19.02 -18.57 30.48
N SER E 42 -18.38 -17.59 31.10
CA SER E 42 -17.99 -17.71 32.51
C SER E 42 -18.19 -16.36 33.20
N ALA E 43 -18.46 -16.41 34.50
CA ALA E 43 -18.76 -15.21 35.26
C ALA E 43 -18.37 -15.41 36.71
N LYS E 44 -18.19 -14.30 37.42
CA LYS E 44 -17.61 -14.29 38.76
C LYS E 44 -18.39 -13.32 39.65
N GLU E 45 -18.76 -13.77 40.84
CA GLU E 45 -19.49 -12.93 41.78
C GLU E 45 -18.57 -11.94 42.48
N LEU E 46 -19.03 -10.71 42.63
CA LEU E 46 -18.25 -9.64 43.23
C LEU E 46 -18.79 -9.14 44.55
N VAL E 47 -19.99 -9.57 44.95
CA VAL E 47 -20.60 -9.15 46.21
C VAL E 47 -20.48 -10.32 47.19
N GLU E 48 -19.68 -10.14 48.23
CA GLU E 48 -19.55 -11.17 49.26
C GLU E 48 -20.78 -11.19 50.15
N THR E 49 -21.32 -12.38 50.37
CA THR E 49 -22.49 -12.55 51.22
C THR E 49 -22.23 -13.39 52.45
N ASN E 50 -21.13 -14.14 52.49
CA ASN E 50 -20.82 -15.02 53.61
C ASN E 50 -19.99 -14.30 54.66
N HIS E 51 -20.33 -14.56 55.93
CA HIS E 51 -19.49 -14.21 57.06
C HIS E 51 -19.23 -15.44 57.91
N THR E 52 -18.24 -15.34 58.81
CA THR E 52 -17.76 -16.52 59.52
C THR E 52 -18.66 -16.91 60.68
N ASP E 53 -19.26 -15.93 61.35
CA ASP E 53 -20.15 -16.01 62.52
C ASP E 53 -19.37 -15.96 63.83
N GLU E 54 -18.05 -16.07 63.79
CA GLU E 54 -17.19 -15.83 64.94
C GLU E 54 -16.24 -14.69 64.62
N LEU E 55 -15.89 -13.89 65.64
CA LEU E 55 -14.97 -12.78 65.45
C LEU E 55 -13.53 -13.28 65.55
N CYS E 56 -12.75 -13.04 64.50
CA CYS E 56 -11.40 -13.57 64.42
C CYS E 56 -10.44 -12.71 65.24
N PRO E 57 -9.72 -13.29 66.21
CA PRO E 57 -8.76 -12.50 67.00
C PRO E 57 -7.45 -12.21 66.30
N SER E 58 -7.29 -12.65 65.05
CA SER E 58 -6.17 -12.27 64.21
C SER E 58 -6.69 -11.59 62.95
N PRO E 59 -5.95 -10.61 62.42
CA PRO E 59 -4.77 -9.98 63.01
C PRO E 59 -5.12 -8.80 63.93
N LEU E 60 -6.38 -8.69 64.32
CA LEU E 60 -6.87 -7.56 65.11
C LEU E 60 -6.90 -7.94 66.59
N LYS E 61 -6.21 -7.17 67.43
CA LYS E 61 -6.19 -7.40 68.86
C LYS E 61 -7.55 -7.07 69.46
N LEU E 62 -8.28 -8.08 69.90
CA LEU E 62 -9.61 -7.91 70.48
C LEU E 62 -9.57 -7.96 71.99
N VAL E 63 -10.45 -7.18 72.62
CA VAL E 63 -10.77 -7.27 74.03
C VAL E 63 -12.27 -7.47 74.17
N ASP E 64 -12.67 -8.58 74.76
CA ASP E 64 -14.09 -8.86 75.01
C ASP E 64 -14.48 -8.21 76.33
N GLY E 65 -15.35 -7.20 76.25
CA GLY E 65 -15.88 -6.60 77.47
C GLY E 65 -16.77 -7.53 78.27
N GLN E 66 -17.32 -8.58 77.63
CA GLN E 66 -18.20 -9.54 78.26
C GLN E 66 -19.36 -8.84 78.96
N ASP E 67 -19.41 -8.96 80.29
CA ASP E 67 -20.51 -8.40 81.06
C ASP E 67 -20.43 -6.89 81.21
N CYS E 68 -19.31 -6.28 80.87
CA CYS E 68 -19.08 -4.85 81.07
C CYS E 68 -18.97 -4.13 79.73
N ASP E 69 -19.68 -3.01 79.61
CA ASP E 69 -19.45 -2.11 78.50
C ASP E 69 -18.16 -1.29 78.73
N LEU E 70 -17.77 -0.53 77.71
CA LEU E 70 -16.47 0.12 77.72
C LEU E 70 -16.37 1.17 78.83
N ILE E 71 -17.49 1.76 79.24
CA ILE E 71 -17.47 2.83 80.23
C ILE E 71 -17.45 2.27 81.65
N ASN E 72 -18.36 1.35 81.95
CA ASN E 72 -18.29 0.59 83.21
C ASN E 72 -16.86 0.11 83.47
N GLY E 73 -16.22 -0.47 82.45
CA GLY E 73 -14.84 -0.86 82.58
C GLY E 73 -13.92 0.30 82.91
N ALA E 74 -14.07 1.40 82.17
CA ALA E 74 -13.22 2.57 82.41
C ALA E 74 -13.47 3.16 83.79
N LEU E 75 -14.70 3.00 84.30
CA LEU E 75 -15.02 3.47 85.64
C LEU E 75 -14.59 2.47 86.71
N GLY E 76 -14.56 1.18 86.38
CA GLY E 76 -14.18 0.16 87.32
C GLY E 76 -15.33 -0.44 88.10
N SER E 77 -16.52 -0.54 87.49
CA SER E 77 -17.66 -1.18 88.11
C SER E 77 -17.34 -2.64 88.44
N PRO E 78 -18.12 -3.27 89.35
CA PRO E 78 -17.77 -4.61 89.87
C PRO E 78 -17.43 -5.66 88.83
N GLY E 79 -18.33 -5.92 87.88
CA GLY E 79 -18.10 -6.89 86.84
C GLY E 79 -16.77 -6.77 86.09
N CYS E 80 -16.15 -5.60 86.15
CA CYS E 80 -15.21 -5.15 85.14
C CYS E 80 -13.75 -5.29 85.54
N ASP E 81 -13.44 -6.03 86.61
CA ASP E 81 -12.08 -6.01 87.15
C ASP E 81 -11.05 -6.49 86.13
N ARG E 82 -11.30 -7.64 85.50
CA ARG E 82 -10.42 -8.17 84.45
C ARG E 82 -9.95 -7.10 83.47
N LEU E 83 -10.88 -6.29 82.97
CA LEU E 83 -10.61 -5.35 81.89
C LEU E 83 -9.46 -4.38 82.19
N GLN E 84 -9.00 -4.30 83.44
CA GLN E 84 -7.92 -3.39 83.78
C GLN E 84 -6.66 -3.70 82.99
N ASP E 85 -6.03 -2.64 82.46
CA ASP E 85 -4.76 -2.67 81.75
C ASP E 85 -4.84 -3.36 80.39
N THR E 86 -6.02 -3.81 79.97
CA THR E 86 -6.18 -4.38 78.64
C THR E 86 -6.00 -3.31 77.55
N THR E 87 -5.44 -3.72 76.43
CA THR E 87 -5.30 -2.87 75.26
C THR E 87 -5.92 -3.57 74.06
N TRP E 88 -6.30 -2.80 73.05
CA TRP E 88 -7.06 -3.39 71.96
C TRP E 88 -7.00 -2.54 70.70
N ASP E 89 -7.17 -3.20 69.56
CA ASP E 89 -7.58 -2.53 68.34
C ASP E 89 -9.11 -2.39 68.29
N VAL E 90 -9.83 -3.44 68.67
CA VAL E 90 -11.28 -3.43 68.72
C VAL E 90 -11.73 -3.90 70.10
N PHE E 91 -12.43 -3.04 70.82
CA PHE E 91 -13.14 -3.41 72.03
C PHE E 91 -14.54 -3.89 71.66
N ILE E 92 -14.90 -5.07 72.13
CA ILE E 92 -16.21 -5.66 71.82
C ILE E 92 -17.14 -5.45 73.00
N GLU E 93 -18.26 -4.79 72.76
CA GLU E 93 -19.34 -4.67 73.74
C GLU E 93 -20.44 -5.67 73.43
N ARG E 94 -20.88 -6.38 74.43
CA ARG E 94 -21.94 -7.37 74.28
C ARG E 94 -23.28 -6.76 74.67
N PRO E 95 -24.38 -7.17 74.03
CA PRO E 95 -25.69 -6.61 74.40
C PRO E 95 -26.21 -7.14 75.72
N THR E 96 -25.53 -8.12 76.31
CA THR E 96 -25.89 -8.68 77.61
C THR E 96 -25.21 -7.94 78.76
N ALA E 97 -24.40 -6.92 78.45
CA ALA E 97 -23.73 -6.15 79.48
C ALA E 97 -24.73 -5.47 80.40
N VAL E 98 -24.30 -5.22 81.64
CA VAL E 98 -25.22 -4.80 82.70
C VAL E 98 -24.51 -3.84 83.63
N ASP E 99 -25.28 -2.90 84.17
CA ASP E 99 -24.79 -2.04 85.24
C ASP E 99 -24.69 -2.85 86.54
N THR E 100 -23.58 -2.68 87.27
CA THR E 100 -23.39 -3.39 88.53
C THR E 100 -22.96 -2.50 89.68
N CYS E 101 -23.01 -1.18 89.53
CA CYS E 101 -22.53 -0.26 90.56
C CYS E 101 -23.60 0.78 90.84
N TYR E 102 -23.20 1.88 91.48
CA TYR E 102 -24.12 2.97 91.75
C TYR E 102 -24.69 3.50 90.43
N PRO E 103 -25.98 3.82 90.38
CA PRO E 103 -26.59 4.27 89.13
C PRO E 103 -26.06 5.64 88.70
N PHE E 104 -25.91 5.81 87.39
CA PHE E 104 -25.25 7.00 86.86
C PHE E 104 -25.71 7.25 85.43
N ASP E 105 -25.85 8.52 85.08
CA ASP E 105 -25.90 8.96 83.70
C ASP E 105 -24.59 9.66 83.33
N VAL E 106 -24.32 9.72 82.03
CA VAL E 106 -23.15 10.44 81.54
C VAL E 106 -23.57 11.43 80.46
N PRO E 107 -23.50 12.73 80.72
CA PRO E 107 -23.68 13.70 79.63
C PRO E 107 -22.58 13.53 78.58
N ASP E 108 -23.00 13.51 77.32
CA ASP E 108 -22.10 13.20 76.20
C ASP E 108 -21.56 11.77 76.32
N TYR E 109 -22.44 10.85 76.73
CA TYR E 109 -22.08 9.44 76.82
C TYR E 109 -21.30 8.95 75.59
N GLN E 110 -21.84 9.18 74.40
CA GLN E 110 -21.23 8.66 73.19
C GLN E 110 -19.93 9.39 72.84
N SER E 111 -19.77 10.62 73.31
CA SER E 111 -18.52 11.34 73.10
C SER E 111 -17.40 10.74 73.94
N LEU E 112 -17.67 10.49 75.22
CA LEU E 112 -16.69 9.84 76.08
C LEU E 112 -16.37 8.43 75.59
N ARG E 113 -17.42 7.63 75.32
CA ARG E 113 -17.22 6.29 74.78
C ARG E 113 -16.32 6.31 73.56
N SER E 114 -16.52 7.28 72.66
CA SER E 114 -15.66 7.41 71.49
C SER E 114 -14.21 7.66 71.90
N ILE E 115 -13.99 8.59 72.82
CA ILE E 115 -12.64 8.95 73.23
C ILE E 115 -11.92 7.74 73.82
N LEU E 116 -12.59 7.03 74.71
CA LEU E 116 -12.00 5.83 75.33
C LEU E 116 -11.69 4.78 74.27
N ALA E 117 -12.66 4.47 73.42
CA ALA E 117 -12.45 3.52 72.33
C ALA E 117 -11.23 3.87 71.49
N SER E 118 -11.17 5.11 71.02
CA SER E 118 -10.08 5.52 70.13
C SER E 118 -8.73 5.34 70.81
N SER E 119 -8.64 5.67 72.10
CA SER E 119 -7.38 5.50 72.81
C SER E 119 -6.95 4.05 72.85
N GLY E 120 -7.90 3.12 72.84
CA GLY E 120 -7.56 1.71 72.77
C GLY E 120 -6.78 1.18 73.96
N SER E 121 -7.17 1.55 75.18
CA SER E 121 -6.40 1.17 76.36
C SER E 121 -7.20 1.46 77.61
N LEU E 122 -7.19 0.52 78.56
CA LEU E 122 -7.71 0.73 79.91
C LEU E 122 -6.58 0.66 80.94
N GLU E 123 -5.40 1.15 80.58
CA GLU E 123 -4.25 1.16 81.47
C GLU E 123 -4.30 2.42 82.34
N PHE E 124 -4.81 2.25 83.56
CA PHE E 124 -5.07 3.36 84.47
C PHE E 124 -3.80 3.72 85.24
N ILE E 125 -3.22 4.88 84.95
CA ILE E 125 -2.11 5.41 85.73
C ILE E 125 -2.65 5.94 87.05
N ALA E 126 -2.32 5.27 88.14
CA ALA E 126 -2.82 5.67 89.46
C ALA E 126 -2.01 6.84 90.02
N GLU E 127 -2.73 7.80 90.62
CA GLU E 127 -2.15 8.94 91.33
C GLU E 127 -2.71 8.98 92.74
N GLN E 128 -1.97 9.62 93.65
CA GLN E 128 -2.40 9.76 95.04
C GLN E 128 -2.76 11.20 95.36
N PHE E 129 -3.98 11.40 95.87
CA PHE E 129 -4.49 12.69 96.26
C PHE E 129 -4.68 12.74 97.77
N THR E 130 -4.35 13.88 98.38
CA THR E 130 -4.62 14.12 99.80
C THR E 130 -5.80 15.08 99.91
N TRP E 131 -6.99 14.53 100.14
CA TRP E 131 -8.24 15.30 100.19
C TRP E 131 -8.44 15.85 101.61
N ASN E 132 -8.04 17.11 101.81
CA ASN E 132 -8.10 17.72 103.14
C ASN E 132 -9.53 17.89 103.64
N GLY E 133 -9.92 17.11 104.64
CA GLY E 133 -11.13 17.35 105.40
C GLY E 133 -12.36 16.61 104.92
N VAL E 134 -12.24 15.31 104.71
CA VAL E 134 -13.34 14.49 104.23
C VAL E 134 -12.99 13.04 104.53
N LYS E 135 -14.03 12.22 104.73
CA LYS E 135 -13.85 10.78 104.73
C LYS E 135 -13.67 10.27 103.31
N VAL E 136 -12.73 9.33 103.14
CA VAL E 136 -12.45 8.77 101.82
C VAL E 136 -13.06 7.39 101.67
N ASP E 137 -12.97 6.82 100.46
CA ASP E 137 -13.25 5.41 100.20
C ASP E 137 -14.68 5.01 100.57
N GLY E 138 -15.63 5.92 100.33
CA GLY E 138 -17.04 5.61 100.45
C GLY E 138 -17.49 4.42 99.63
N SER E 139 -18.49 3.69 100.11
CA SER E 139 -19.06 2.55 99.41
C SER E 139 -20.59 2.65 99.45
N SER E 140 -21.25 1.67 98.83
CA SER E 140 -22.70 1.71 98.68
C SER E 140 -23.23 0.31 98.48
N SER E 141 -24.46 0.08 98.95
CA SER E 141 -25.11 -1.22 98.83
C SER E 141 -25.58 -1.52 97.41
N ALA E 142 -25.46 -0.57 96.49
CA ALA E 142 -25.83 -0.82 95.09
C ALA E 142 -24.69 -1.44 94.30
N CYS E 143 -23.45 -1.31 94.79
CA CYS E 143 -22.23 -1.67 94.06
C CYS E 143 -21.54 -2.80 94.81
N LEU E 144 -22.08 -4.01 94.70
CA LEU E 144 -21.56 -5.14 95.45
C LEU E 144 -20.33 -5.74 94.77
N ARG E 145 -19.31 -6.03 95.58
CA ARG E 145 -18.13 -6.76 95.14
C ARG E 145 -17.95 -7.95 96.08
N GLY E 146 -18.32 -9.14 95.62
CA GLY E 146 -18.37 -10.29 96.50
C GLY E 146 -19.45 -10.19 97.55
N GLY E 147 -20.57 -9.54 97.22
CA GLY E 147 -21.66 -9.38 98.16
C GLY E 147 -21.48 -8.26 99.18
N ARG E 148 -20.35 -7.56 99.15
CA ARG E 148 -20.02 -6.53 100.11
C ARG E 148 -20.02 -5.16 99.44
N ASN E 149 -20.48 -4.14 100.17
CA ASN E 149 -20.59 -2.80 99.62
C ASN E 149 -19.27 -2.30 99.06
N SER E 150 -19.31 -1.78 97.83
CA SER E 150 -18.11 -1.32 97.14
C SER E 150 -18.46 -0.09 96.30
N PHE E 151 -17.51 0.35 95.48
CA PHE E 151 -17.66 1.51 94.61
C PHE E 151 -16.85 1.28 93.34
N PHE E 152 -16.96 2.23 92.41
CA PHE E 152 -16.11 2.21 91.22
C PHE E 152 -14.64 2.21 91.61
N SER E 153 -13.89 1.24 91.09
CA SER E 153 -12.47 1.11 91.42
C SER E 153 -11.66 2.35 91.06
N ARG E 154 -12.15 3.18 90.14
CA ARG E 154 -11.41 4.35 89.68
C ARG E 154 -11.96 5.65 90.25
N LEU E 155 -12.95 5.59 91.13
CA LEU E 155 -13.54 6.77 91.75
C LEU E 155 -13.47 6.67 93.28
N ASN E 156 -13.54 7.83 93.93
CA ASN E 156 -13.35 7.93 95.38
C ASN E 156 -14.47 8.80 95.95
N TRP E 157 -15.41 8.17 96.65
CA TRP E 157 -16.57 8.87 97.21
C TRP E 157 -16.16 9.64 98.46
N LEU E 158 -16.36 10.96 98.44
CA LEU E 158 -16.02 11.85 99.55
C LEU E 158 -17.27 12.24 100.33
N THR E 159 -17.25 11.97 101.63
CA THR E 159 -18.28 12.46 102.55
C THR E 159 -17.62 13.22 103.69
N LYS E 160 -18.42 13.98 104.44
CA LYS E 160 -17.90 14.82 105.51
C LYS E 160 -17.07 14.01 106.50
N ALA E 161 -16.05 14.64 107.05
CA ALA E 161 -15.18 13.95 108.00
C ALA E 161 -15.94 13.64 109.28
N THR E 162 -15.70 12.44 109.82
CA THR E 162 -16.36 11.99 111.04
C THR E 162 -16.10 12.97 112.19
N ASN E 163 -16.62 14.18 112.06
CA ASN E 163 -16.09 15.34 112.76
C ASN E 163 -16.87 16.58 112.35
N GLY E 164 -16.21 17.51 111.67
CA GLY E 164 -16.84 18.76 111.29
C GLY E 164 -17.59 18.71 109.98
N ASN E 165 -17.04 19.37 108.97
CA ASN E 165 -17.74 19.71 107.74
C ASN E 165 -16.97 19.19 106.52
N TYR E 166 -17.56 19.40 105.36
CA TYR E 166 -16.93 19.06 104.08
C TYR E 166 -15.77 20.01 103.80
N GLY E 167 -14.65 19.81 104.52
CA GLY E 167 -13.52 20.71 104.47
C GLY E 167 -13.09 21.10 103.07
N PRO E 168 -13.17 22.40 102.75
CA PRO E 168 -13.05 22.85 101.37
C PRO E 168 -11.83 22.29 100.64
N ILE E 169 -12.08 21.78 99.44
CA ILE E 169 -11.07 21.07 98.64
C ILE E 169 -10.55 21.99 97.54
N ASN E 170 -9.24 21.99 97.35
CA ASN E 170 -8.57 22.86 96.39
C ASN E 170 -7.32 22.14 95.88
N VAL E 171 -7.50 20.90 95.44
CA VAL E 171 -6.41 20.01 95.07
C VAL E 171 -5.99 20.26 93.63
N THR E 172 -4.69 20.18 93.36
CA THR E 172 -4.13 20.48 92.05
C THR E 172 -3.21 19.34 91.60
N LYS E 173 -3.07 19.20 90.28
CA LYS E 173 -2.17 18.21 89.69
C LYS E 173 -1.63 18.78 88.39
N GLU E 174 -0.30 18.85 88.27
CA GLU E 174 0.38 19.36 87.09
C GLU E 174 0.77 18.20 86.16
N ASN E 175 0.41 18.31 84.89
CA ASN E 175 0.79 17.31 83.89
C ASN E 175 2.24 17.52 83.51
N THR E 176 3.13 16.71 84.07
CA THR E 176 4.55 16.77 83.75
C THR E 176 4.96 15.76 82.68
N GLY E 177 4.15 14.75 82.43
CA GLY E 177 4.41 13.82 81.35
C GLY E 177 4.32 14.48 79.98
N SER E 178 4.75 13.72 78.98
CA SER E 178 4.77 14.20 77.60
C SER E 178 3.44 14.01 76.89
N TYR E 179 2.48 13.31 77.49
CA TYR E 179 1.23 12.93 76.84
C TYR E 179 0.04 13.62 77.50
N VAL E 180 -1.09 13.60 76.78
CA VAL E 180 -2.30 14.25 77.24
C VAL E 180 -3.04 13.33 78.20
N ARG E 181 -3.62 13.92 79.25
CA ARG E 181 -4.21 13.19 80.37
C ARG E 181 -5.73 13.28 80.34
N LEU E 182 -6.39 12.13 80.48
CA LEU E 182 -7.84 12.06 80.67
C LEU E 182 -8.17 11.72 82.12
N TYR E 183 -8.83 12.64 82.81
CA TYR E 183 -9.27 12.46 84.19
C TYR E 183 -10.77 12.24 84.23
N LEU E 184 -11.20 11.10 84.79
CA LEU E 184 -12.62 10.81 84.98
C LEU E 184 -13.06 11.16 86.40
N TRP E 185 -14.11 11.98 86.52
CA TRP E 185 -14.65 12.38 87.81
C TRP E 185 -16.18 12.39 87.72
N GLY E 186 -16.83 12.73 88.84
CA GLY E 186 -18.27 12.69 88.91
C GLY E 186 -18.87 13.65 89.93
N VAL E 187 -20.19 13.63 90.02
CA VAL E 187 -20.97 14.50 90.91
C VAL E 187 -22.14 13.71 91.47
N HIS E 188 -22.28 13.71 92.80
CA HIS E 188 -23.40 13.03 93.44
C HIS E 188 -24.64 13.93 93.45
N HIS E 189 -25.77 13.37 93.02
CA HIS E 189 -27.07 14.04 93.13
C HIS E 189 -27.92 13.31 94.17
N PRO E 190 -27.95 13.76 95.42
CA PRO E 190 -28.67 13.03 96.46
C PRO E 190 -30.18 13.17 96.31
N SER E 191 -30.88 12.23 96.96
CA SER E 191 -32.34 12.16 96.83
C SER E 191 -33.04 13.24 97.64
N SER E 192 -32.74 13.31 98.94
CA SER E 192 -33.44 14.20 99.85
C SER E 192 -32.55 15.33 100.31
N ASP E 193 -33.19 16.41 100.77
CA ASP E 193 -32.46 17.47 101.44
C ASP E 193 -31.77 16.98 102.71
N ASN E 194 -32.24 15.86 103.26
CA ASN E 194 -31.61 15.28 104.45
C ASN E 194 -30.38 14.46 104.08
N GLU E 195 -30.43 13.76 102.95
CA GLU E 195 -29.27 12.99 102.50
C GLU E 195 -28.11 13.90 102.14
N GLN E 196 -28.41 15.05 101.54
CA GLN E 196 -27.38 16.05 101.27
C GLN E 196 -26.65 16.45 102.56
N THR E 197 -27.41 16.78 103.60
CA THR E 197 -26.81 17.31 104.82
C THR E 197 -26.08 16.23 105.60
N ASP E 198 -26.60 15.01 105.60
CA ASP E 198 -25.89 13.89 106.22
C ASP E 198 -24.49 13.74 105.65
N LEU E 199 -24.38 13.79 104.32
CA LEU E 199 -23.14 13.46 103.63
C LEU E 199 -22.21 14.64 103.48
N TYR E 200 -22.77 15.84 103.27
CA TYR E 200 -21.99 17.00 102.83
C TYR E 200 -22.22 18.22 103.72
N LYS E 201 -22.89 18.04 104.86
CA LYS E 201 -23.31 19.11 105.77
C LYS E 201 -24.01 20.27 105.07
N VAL E 202 -23.32 20.91 104.13
CA VAL E 202 -23.84 22.06 103.40
C VAL E 202 -25.19 21.73 102.79
N ALA E 203 -25.98 22.76 102.48
CA ALA E 203 -27.28 22.57 101.89
C ALA E 203 -27.22 22.46 100.37
N THR E 204 -26.28 23.15 99.73
CA THR E 204 -26.07 23.05 98.29
C THR E 204 -24.59 22.78 98.05
N GLY E 205 -24.30 21.74 97.27
CA GLY E 205 -22.94 21.43 96.87
C GLY E 205 -22.41 22.31 95.74
N ARG E 206 -21.15 22.07 95.40
CA ARG E 206 -20.56 22.62 94.18
C ARG E 206 -19.31 21.82 93.83
N VAL E 207 -19.15 21.51 92.54
CA VAL E 207 -17.95 20.88 92.02
C VAL E 207 -17.42 21.75 90.87
N THR E 208 -16.12 22.04 90.89
CA THR E 208 -15.50 22.90 89.88
C THR E 208 -14.14 22.32 89.49
N VAL E 209 -14.09 21.67 88.32
CA VAL E 209 -12.84 21.18 87.73
C VAL E 209 -12.44 22.10 86.58
N SER E 210 -11.14 22.39 86.47
CA SER E 210 -10.71 23.42 85.53
C SER E 210 -9.23 23.26 85.20
N THR E 211 -8.89 23.49 83.94
CA THR E 211 -7.52 23.69 83.48
C THR E 211 -7.35 25.13 83.01
N ARG E 212 -6.17 25.42 82.45
CA ARG E 212 -5.97 26.71 81.80
C ARG E 212 -6.83 26.84 80.54
N SER E 213 -7.11 25.73 79.86
CA SER E 213 -7.88 25.78 78.62
C SER E 213 -9.36 26.07 78.88
N ASP E 214 -10.02 25.21 79.66
CA ASP E 214 -11.47 25.34 79.86
C ASP E 214 -11.82 24.93 81.29
N GLN E 215 -13.13 24.87 81.56
CA GLN E 215 -13.65 24.68 82.90
C GLN E 215 -15.04 24.07 82.83
N ILE E 216 -15.44 23.41 83.92
CA ILE E 216 -16.82 23.02 84.17
C ILE E 216 -17.12 23.23 85.65
N SER E 217 -18.33 23.67 85.97
CA SER E 217 -18.84 23.70 87.34
C SER E 217 -20.26 23.17 87.39
N ILE E 218 -20.52 22.30 88.36
CA ILE E 218 -21.81 21.64 88.51
C ILE E 218 -22.32 21.91 89.93
N VAL E 219 -23.49 22.53 90.03
CA VAL E 219 -24.23 22.61 91.28
C VAL E 219 -25.18 21.41 91.32
N PRO E 220 -25.01 20.50 92.29
CA PRO E 220 -25.81 19.27 92.27
C PRO E 220 -27.27 19.52 92.61
N ASN E 221 -28.15 18.84 91.86
CA ASN E 221 -29.59 18.99 92.02
C ASN E 221 -30.15 17.88 92.92
N ILE E 222 -30.90 18.30 93.93
CA ILE E 222 -31.51 17.35 94.84
C ILE E 222 -32.90 16.98 94.31
N GLY E 223 -33.38 15.80 94.71
CA GLY E 223 -34.68 15.33 94.25
C GLY E 223 -34.73 13.83 94.06
N SER E 224 -35.90 13.29 93.73
CA SER E 224 -36.09 11.85 93.69
C SER E 224 -36.08 11.33 92.26
N ARG E 225 -35.35 10.26 92.03
CA ARG E 225 -35.40 9.42 90.85
C ARG E 225 -35.93 8.04 91.23
N PRO E 226 -36.32 7.23 90.24
CA PRO E 226 -36.76 5.87 90.58
C PRO E 226 -35.60 5.03 91.11
N ARG E 227 -35.92 4.17 92.07
CA ARG E 227 -34.87 3.40 92.74
C ARG E 227 -34.24 2.39 91.79
N VAL E 228 -32.91 2.41 91.72
CA VAL E 228 -32.12 1.51 90.90
C VAL E 228 -31.09 0.85 91.81
N ARG E 229 -31.15 -0.48 91.91
CA ARG E 229 -30.40 -1.20 92.94
C ARG E 229 -30.62 -0.56 94.30
N ASN E 230 -31.86 -0.13 94.54
CA ASN E 230 -32.31 0.46 95.80
C ASN E 230 -31.59 1.78 96.07
N GLN E 231 -31.73 2.72 95.12
CA GLN E 231 -31.08 4.02 95.22
C GLN E 231 -31.90 5.06 94.48
N SER E 232 -32.32 6.11 95.18
CA SER E 232 -33.05 7.21 94.58
C SER E 232 -32.13 8.28 93.98
N GLY E 233 -30.89 8.36 94.44
CA GLY E 233 -29.94 9.34 93.92
C GLY E 233 -29.23 8.89 92.66
N ARG E 234 -28.38 9.78 92.14
CA ARG E 234 -27.62 9.53 90.92
C ARG E 234 -26.24 10.18 91.02
N ILE E 235 -25.28 9.60 90.31
CA ILE E 235 -24.00 10.22 90.03
C ILE E 235 -23.95 10.63 88.55
N SER E 236 -23.35 11.78 88.27
CA SER E 236 -23.15 12.25 86.91
C SER E 236 -21.66 12.28 86.58
N ILE E 237 -21.26 11.46 85.61
CA ILE E 237 -19.84 11.30 85.26
C ILE E 237 -19.43 12.38 84.25
N TYR E 238 -18.31 13.05 84.54
CA TYR E 238 -17.72 14.07 83.68
C TYR E 238 -16.25 13.71 83.42
N TRP E 239 -15.63 14.39 82.44
CA TRP E 239 -14.22 14.16 82.15
C TRP E 239 -13.51 15.46 81.79
N THR E 240 -12.21 15.50 82.06
CA THR E 240 -11.35 16.64 81.75
C THR E 240 -10.07 16.15 81.07
N LEU E 241 -9.69 16.83 80.00
CA LEU E 241 -8.38 16.62 79.36
C LEU E 241 -7.37 17.63 79.87
N VAL E 242 -6.15 17.17 80.14
CA VAL E 242 -5.08 18.02 80.67
C VAL E 242 -3.83 17.85 79.79
N ASN E 243 -3.45 18.92 79.10
CA ASN E 243 -2.30 18.89 78.19
C ASN E 243 -0.98 18.87 78.96
N PRO E 244 0.09 18.40 78.32
CA PRO E 244 1.42 18.51 78.93
C PRO E 244 1.79 19.97 79.21
N GLY E 245 2.18 20.23 80.45
CA GLY E 245 2.44 21.59 80.89
C GLY E 245 1.33 22.12 81.77
N ASP E 246 0.09 21.86 81.35
CA ASP E 246 -1.09 22.40 82.01
C ASP E 246 -1.35 21.67 83.34
N SER E 247 -2.24 22.26 84.14
CA SER E 247 -2.61 21.72 85.44
C SER E 247 -4.13 21.68 85.58
N ILE E 248 -4.61 20.74 86.40
CA ILE E 248 -6.02 20.57 86.70
C ILE E 248 -6.26 20.85 88.18
N ILE E 249 -7.36 21.53 88.49
CA ILE E 249 -7.72 21.84 89.87
C ILE E 249 -9.13 21.34 90.13
N PHE E 250 -9.27 20.48 91.14
CA PHE E 250 -10.57 20.07 91.66
C PHE E 250 -10.93 20.94 92.86
N ASN E 251 -12.08 21.60 92.80
CA ASN E 251 -12.49 22.59 93.79
C ASN E 251 -13.94 22.32 94.17
N SER E 252 -14.16 21.84 95.40
CA SER E 252 -15.50 21.43 95.81
C SER E 252 -15.77 21.80 97.26
N ILE E 253 -17.00 22.27 97.50
CA ILE E 253 -17.54 22.43 98.84
C ILE E 253 -18.65 21.42 99.10
N GLY E 254 -18.81 20.42 98.23
CA GLY E 254 -19.81 19.40 98.40
C GLY E 254 -20.06 18.56 97.17
N ASN E 255 -20.17 17.24 97.35
CA ASN E 255 -20.77 16.29 96.42
C ASN E 255 -19.81 15.82 95.33
N LEU E 256 -18.51 15.96 95.53
CA LEU E 256 -17.53 15.50 94.55
C LEU E 256 -17.37 13.98 94.59
N ILE E 257 -17.31 13.37 93.41
CA ILE E 257 -16.84 11.99 93.27
C ILE E 257 -15.45 12.04 92.66
N ALA E 258 -14.45 12.10 93.54
CA ALA E 258 -13.07 12.35 93.14
C ALA E 258 -12.49 11.22 92.29
N PRO E 259 -11.47 11.51 91.49
CA PRO E 259 -10.78 10.46 90.74
C PRO E 259 -9.66 9.80 91.54
N ARG E 260 -9.09 8.76 90.94
CA ARG E 260 -7.92 8.08 91.48
C ARG E 260 -6.73 8.12 90.53
N GLY E 261 -6.80 8.91 89.47
CA GLY E 261 -5.74 8.97 88.49
C GLY E 261 -6.31 9.23 87.12
N HIS E 262 -5.44 9.14 86.12
CA HIS E 262 -5.78 9.51 84.75
C HIS E 262 -5.55 8.35 83.79
N TYR E 263 -6.09 8.52 82.58
CA TYR E 263 -5.83 7.66 81.43
C TYR E 263 -4.99 8.40 80.39
N LYS E 264 -4.25 7.63 79.59
CA LYS E 264 -3.45 8.15 78.48
C LYS E 264 -4.32 8.30 77.23
N ILE E 265 -3.97 9.28 76.39
CA ILE E 265 -4.85 9.74 75.30
C ILE E 265 -4.23 9.46 73.92
N SER E 266 -2.99 9.93 73.68
CA SER E 266 -2.25 9.76 72.43
C SER E 266 -2.79 10.60 71.27
N LYS E 267 -4.04 10.38 70.85
CA LYS E 267 -4.68 11.04 69.71
C LYS E 267 -4.20 10.49 68.37
N SER E 268 -2.99 9.94 68.34
CA SER E 268 -2.50 9.23 67.15
C SER E 268 -2.75 7.73 67.29
N THR E 269 -4.02 7.38 67.50
CA THR E 269 -4.43 6.01 67.79
C THR E 269 -5.61 5.64 66.92
N LYS E 270 -5.63 4.38 66.48
CA LYS E 270 -6.55 3.92 65.46
C LYS E 270 -7.67 3.04 65.99
N SER E 271 -7.69 2.77 67.29
CA SER E 271 -8.58 1.74 67.85
C SER E 271 -10.04 2.19 67.81
N THR E 272 -10.94 1.22 68.00
CA THR E 272 -12.38 1.49 67.96
C THR E 272 -13.12 0.46 68.82
N VAL E 273 -14.45 0.58 68.84
CA VAL E 273 -15.34 -0.28 69.61
C VAL E 273 -16.36 -0.90 68.65
N LEU E 274 -16.65 -2.19 68.85
CA LEU E 274 -17.61 -2.91 68.03
C LEU E 274 -18.68 -3.54 68.93
N LYS E 275 -19.94 -3.47 68.48
CA LYS E 275 -21.07 -3.97 69.24
C LYS E 275 -21.57 -5.25 68.57
N SER E 276 -21.12 -6.40 69.11
CA SER E 276 -21.43 -7.71 68.54
C SER E 276 -21.79 -8.69 69.65
N ASP E 277 -22.62 -9.68 69.31
CA ASP E 277 -22.93 -10.78 70.22
C ASP E 277 -22.35 -12.11 69.75
N LYS E 278 -21.28 -12.07 68.97
CA LYS E 278 -20.72 -13.27 68.36
C LYS E 278 -19.46 -13.69 69.11
N ARG E 279 -19.26 -15.00 69.22
CA ARG E 279 -18.12 -15.51 69.98
C ARG E 279 -16.81 -15.17 69.30
N ILE E 280 -15.77 -15.02 70.11
CA ILE E 280 -14.40 -14.87 69.62
C ILE E 280 -13.85 -16.27 69.34
N GLY E 281 -13.74 -16.61 68.06
CA GLY E 281 -13.15 -17.88 67.63
C GLY E 281 -11.63 -17.82 67.59
N SER E 282 -11.04 -18.61 66.70
CA SER E 282 -9.60 -18.60 66.49
C SER E 282 -9.24 -18.42 65.02
N CYS E 283 -10.21 -18.03 64.19
CA CYS E 283 -9.99 -17.79 62.77
C CYS E 283 -9.07 -16.58 62.57
N THR E 284 -8.79 -16.31 61.29
CA THR E 284 -8.07 -15.12 60.86
C THR E 284 -8.91 -14.33 59.86
N SER E 285 -8.95 -13.01 60.03
CA SER E 285 -9.72 -12.12 59.16
C SER E 285 -9.44 -10.66 59.45
N PRO E 286 -9.11 -9.86 58.44
CA PRO E 286 -8.93 -8.41 58.67
C PRO E 286 -10.23 -7.63 58.71
N CYS E 287 -11.37 -8.24 58.41
CA CYS E 287 -12.65 -7.54 58.36
C CYS E 287 -13.59 -8.11 59.41
N LEU E 288 -13.97 -7.28 60.38
CA LEU E 288 -14.92 -7.65 61.42
C LEU E 288 -16.19 -6.84 61.28
N THR E 289 -17.34 -7.51 61.36
CA THR E 289 -18.65 -6.87 61.34
C THR E 289 -19.44 -7.34 62.57
N ASP E 290 -20.52 -6.60 62.86
CA ASP E 290 -21.39 -7.01 63.96
C ASP E 290 -21.96 -8.42 63.73
N LYS E 291 -22.14 -8.81 62.46
CA LYS E 291 -22.66 -10.13 62.14
C LYS E 291 -21.57 -11.20 62.18
N GLY E 292 -20.31 -10.82 62.14
CA GLY E 292 -19.21 -11.75 62.08
C GLY E 292 -18.08 -11.29 61.18
N SER E 293 -17.05 -12.11 61.02
CA SER E 293 -15.91 -11.75 60.20
C SER E 293 -16.19 -12.02 58.72
N ILE E 294 -15.40 -11.39 57.86
CA ILE E 294 -15.52 -11.56 56.41
C ILE E 294 -14.17 -12.03 55.88
N GLN E 295 -14.18 -13.19 55.22
CA GLN E 295 -13.00 -13.79 54.61
C GLN E 295 -13.22 -13.87 53.11
N SER E 296 -12.79 -12.83 52.40
CA SER E 296 -13.12 -12.68 50.98
C SER E 296 -12.09 -11.81 50.31
N ASP E 297 -11.87 -12.06 49.01
CA ASP E 297 -11.10 -11.17 48.16
C ASP E 297 -11.98 -10.36 47.22
N LYS E 298 -13.30 -10.48 47.34
CA LYS E 298 -14.23 -9.70 46.53
C LYS E 298 -14.18 -8.23 46.95
N PRO E 299 -14.56 -7.32 46.05
CA PRO E 299 -14.53 -5.89 46.39
C PRO E 299 -15.77 -5.35 47.09
N PHE E 300 -16.86 -6.11 47.17
CA PHE E 300 -18.12 -5.61 47.73
C PHE E 300 -18.73 -6.66 48.65
N GLN E 301 -19.71 -6.22 49.44
CA GLN E 301 -20.36 -7.07 50.43
C GLN E 301 -21.69 -6.46 50.83
N ASN E 302 -22.69 -7.32 51.06
CA ASN E 302 -24.00 -6.88 51.51
C ASN E 302 -24.27 -7.25 52.97
N VAL E 303 -23.26 -7.73 53.68
CA VAL E 303 -23.43 -8.26 55.03
C VAL E 303 -23.87 -7.16 56.00
N SER E 304 -22.99 -6.19 56.24
CA SER E 304 -23.30 -5.15 57.20
C SER E 304 -22.57 -3.86 56.85
N ARG E 305 -23.26 -2.74 57.01
CA ARG E 305 -22.62 -1.43 56.92
C ARG E 305 -21.58 -1.24 58.02
N ILE E 306 -21.75 -1.94 59.14
CA ILE E 306 -20.79 -1.91 60.24
C ILE E 306 -19.65 -2.85 59.86
N ALA E 307 -18.48 -2.29 59.56
CA ALA E 307 -17.38 -3.08 59.04
C ALA E 307 -16.07 -2.43 59.45
N ILE E 308 -15.28 -3.15 60.24
CA ILE E 308 -14.06 -2.63 60.86
C ILE E 308 -12.86 -3.35 60.26
N GLY E 309 -11.88 -2.60 59.79
CA GLY E 309 -10.67 -3.16 59.24
C GLY E 309 -10.61 -3.09 57.73
N ASN E 310 -9.75 -3.94 57.17
CA ASN E 310 -9.62 -4.09 55.72
C ASN E 310 -10.82 -4.88 55.22
N CYS E 311 -11.83 -4.19 54.72
CA CYS E 311 -13.09 -4.79 54.33
C CYS E 311 -13.43 -4.53 52.88
N PRO E 312 -14.30 -5.35 52.29
CA PRO E 312 -14.96 -4.95 51.04
C PRO E 312 -15.98 -3.85 51.31
N LYS E 313 -16.19 -3.02 50.28
CA LYS E 313 -17.13 -1.90 50.42
C LYS E 313 -18.55 -2.40 50.55
N TYR E 314 -19.28 -1.88 51.54
CA TYR E 314 -20.67 -2.26 51.72
C TYR E 314 -21.53 -1.64 50.62
N VAL E 315 -22.41 -2.46 50.02
CA VAL E 315 -23.32 -2.03 48.97
C VAL E 315 -24.69 -2.66 49.23
N LYS E 316 -25.70 -2.14 48.54
CA LYS E 316 -27.05 -2.68 48.69
C LYS E 316 -27.25 -3.95 47.87
N GLN E 317 -26.55 -4.09 46.76
CA GLN E 317 -26.79 -5.20 45.84
C GLN E 317 -26.51 -6.54 46.51
N GLY E 318 -27.31 -7.54 46.16
CA GLY E 318 -27.04 -8.89 46.58
C GLY E 318 -26.07 -9.62 45.68
N SER E 319 -26.10 -9.33 44.38
CA SER E 319 -25.24 -9.97 43.41
C SER E 319 -24.80 -8.96 42.36
N LEU E 320 -23.54 -9.07 41.93
CA LEU E 320 -23.02 -8.30 40.80
C LEU E 320 -22.10 -9.23 40.01
N MET E 321 -22.64 -9.85 38.97
CA MET E 321 -21.88 -10.85 38.24
C MET E 321 -20.96 -10.19 37.22
N LEU E 322 -19.68 -10.57 37.26
CA LEU E 322 -18.65 -9.99 36.41
C LEU E 322 -18.26 -11.02 35.36
N ALA E 323 -18.54 -10.72 34.10
CA ALA E 323 -18.14 -11.58 32.99
C ALA E 323 -16.63 -11.82 33.00
N THR E 324 -16.25 -13.09 32.99
CA THR E 324 -14.86 -13.51 32.88
C THR E 324 -14.62 -14.26 31.57
N GLY E 325 -15.50 -14.08 30.59
CA GLY E 325 -15.41 -14.78 29.32
C GLY E 325 -16.30 -14.11 28.31
N MET E 326 -16.25 -14.62 27.08
CA MET E 326 -16.96 -14.05 25.96
C MET E 326 -18.44 -14.42 26.01
N ARG E 327 -19.20 -13.84 25.07
CA ARG E 327 -20.60 -14.22 24.88
C ARG E 327 -20.71 -15.72 24.64
N ASN E 328 -21.69 -16.35 25.29
CA ASN E 328 -22.01 -17.74 25.02
C ASN E 328 -23.03 -17.81 23.90
N ILE E 329 -22.64 -18.43 22.79
CA ILE E 329 -23.55 -18.67 21.67
C ILE E 329 -23.48 -20.16 21.36
N PRO E 330 -24.37 -20.97 21.93
CA PRO E 330 -24.14 -22.42 21.94
C PRO E 330 -24.63 -23.15 20.71
N GLY E 331 -25.56 -22.56 19.96
CA GLY E 331 -26.15 -23.22 18.81
C GLY E 331 -27.16 -24.29 19.21
N ALA F 5 -20.84 -30.76 7.04
CA ALA F 5 -20.78 -29.35 6.70
C ALA F 5 -20.36 -28.50 7.90
N ILE F 6 -19.39 -27.63 7.70
CA ILE F 6 -18.75 -26.90 8.78
C ILE F 6 -19.11 -25.42 8.67
N ALA F 7 -19.20 -24.77 9.83
CA ALA F 7 -19.40 -23.33 9.89
C ALA F 7 -18.41 -22.71 10.88
N GLY F 8 -18.43 -21.38 10.94
CA GLY F 8 -17.57 -20.64 11.86
C GLY F 8 -18.29 -19.70 12.81
N PHE F 9 -17.61 -18.64 13.27
CA PHE F 9 -18.18 -17.84 14.34
C PHE F 9 -19.43 -17.07 13.92
N ILE F 10 -19.59 -16.76 12.63
CA ILE F 10 -20.78 -16.03 12.17
C ILE F 10 -22.05 -16.77 12.60
N GLU F 11 -22.07 -18.08 12.40
CA GLU F 11 -23.20 -18.90 12.79
C GLU F 11 -23.33 -18.96 14.30
N ASN F 12 -22.50 -19.76 14.95
CA ASN F 12 -22.53 -19.93 16.39
C ASN F 12 -21.15 -20.35 16.89
N GLY F 13 -21.06 -20.58 18.20
CA GLY F 13 -19.84 -21.04 18.83
C GLY F 13 -19.65 -22.55 18.71
N TRP F 14 -18.60 -23.03 19.39
CA TRP F 14 -18.14 -24.40 19.28
C TRP F 14 -18.04 -25.01 20.68
N GLN F 15 -19.05 -25.79 21.07
CA GLN F 15 -18.90 -26.56 22.30
C GLN F 15 -17.78 -27.58 22.20
N GLY F 16 -17.51 -28.08 20.98
CA GLY F 16 -16.41 -29.01 20.77
C GLY F 16 -15.06 -28.52 21.28
N LEU F 17 -14.83 -27.21 21.22
CA LEU F 17 -13.50 -26.64 21.45
C LEU F 17 -13.33 -26.42 22.96
N ILE F 18 -12.42 -27.17 23.58
CA ILE F 18 -12.28 -27.18 25.03
C ILE F 18 -10.88 -26.81 25.50
N ASP F 19 -9.91 -26.68 24.61
CA ASP F 19 -8.54 -26.39 24.99
C ASP F 19 -8.11 -25.00 24.52
N GLY F 20 -9.07 -24.10 24.34
CA GLY F 20 -8.77 -22.78 23.84
C GLY F 20 -10.04 -21.98 23.71
N TRP F 21 -9.86 -20.67 23.60
CA TRP F 21 -11.00 -19.77 23.41
C TRP F 21 -11.35 -19.58 21.95
N TYR F 22 -10.36 -19.67 21.07
CA TYR F 22 -10.53 -19.55 19.63
C TYR F 22 -9.79 -20.71 18.98
N GLY F 23 -10.05 -20.93 17.69
CA GLY F 23 -9.40 -22.05 17.02
C GLY F 23 -9.83 -22.19 15.59
N PHE F 24 -9.10 -23.07 14.88
CA PHE F 24 -9.35 -23.42 13.49
C PHE F 24 -10.12 -24.75 13.42
N ARG F 25 -11.02 -24.84 12.44
CA ARG F 25 -11.64 -26.10 12.07
C ARG F 25 -11.58 -26.24 10.56
N HIS F 26 -11.04 -27.37 10.07
CA HIS F 26 -10.78 -27.52 8.65
C HIS F 26 -11.39 -28.80 8.11
N GLN F 27 -11.57 -28.81 6.78
CA GLN F 27 -11.89 -29.99 6.00
C GLN F 27 -10.93 -30.08 4.82
N ASN F 28 -10.28 -31.22 4.67
CA ASN F 28 -9.53 -31.48 3.44
C ASN F 28 -9.75 -32.95 3.05
N ALA F 29 -8.95 -33.42 2.09
CA ALA F 29 -9.13 -34.78 1.59
C ALA F 29 -8.65 -35.82 2.60
N GLU F 30 -7.87 -35.41 3.60
CA GLU F 30 -7.38 -36.31 4.63
C GLU F 30 -8.33 -36.44 5.80
N GLY F 31 -9.32 -35.58 5.92
CA GLY F 31 -10.26 -35.63 7.02
C GLY F 31 -10.63 -34.24 7.49
N THR F 32 -11.05 -34.15 8.75
CA THR F 32 -11.53 -32.92 9.35
C THR F 32 -11.00 -32.81 10.77
N GLY F 33 -10.65 -31.60 11.19
CA GLY F 33 -10.00 -31.41 12.48
C GLY F 33 -10.27 -30.05 13.08
N THR F 34 -10.12 -29.99 14.41
CA THR F 34 -10.24 -28.74 15.18
C THR F 34 -9.00 -28.57 16.04
N ALA F 35 -8.32 -27.42 15.88
CA ALA F 35 -7.18 -27.06 16.70
C ALA F 35 -7.38 -25.67 17.28
N ALA F 36 -6.96 -25.48 18.52
CA ALA F 36 -7.07 -24.18 19.16
C ALA F 36 -5.89 -23.28 18.81
N ASP F 37 -6.14 -21.96 18.79
CA ASP F 37 -5.13 -20.96 18.49
C ASP F 37 -4.70 -20.29 19.78
N LEU F 38 -3.41 -20.40 20.11
CA LEU F 38 -2.94 -19.96 21.41
C LEU F 38 -2.82 -18.44 21.50
N LYS F 39 -2.28 -17.79 20.47
CA LYS F 39 -2.09 -16.34 20.50
C LYS F 39 -3.40 -15.61 20.79
N SER F 40 -4.41 -15.84 19.95
CA SER F 40 -5.70 -15.17 20.14
C SER F 40 -6.29 -15.47 21.51
N THR F 41 -6.15 -16.71 21.98
CA THR F 41 -6.69 -17.08 23.29
C THR F 41 -6.00 -16.31 24.40
N GLN F 42 -4.66 -16.37 24.43
CA GLN F 42 -3.92 -15.71 25.51
C GLN F 42 -4.14 -14.20 25.48
N ALA F 43 -4.23 -13.61 24.29
CA ALA F 43 -4.61 -12.21 24.13
C ALA F 43 -5.83 -11.87 24.96
N ALA F 44 -6.98 -12.48 24.63
CA ALA F 44 -8.21 -12.26 25.39
C ALA F 44 -8.01 -12.52 26.87
N ILE F 45 -7.54 -13.72 27.23
CA ILE F 45 -7.37 -14.10 28.63
C ILE F 45 -6.58 -13.04 29.40
N ASP F 46 -5.55 -12.47 28.77
CA ASP F 46 -4.65 -11.58 29.51
C ASP F 46 -5.33 -10.27 29.88
N GLN F 47 -6.35 -9.86 29.14
CA GLN F 47 -7.13 -8.69 29.52
C GLN F 47 -8.24 -9.00 30.50
N ILE F 48 -8.60 -10.28 30.65
CA ILE F 48 -9.57 -10.66 31.67
C ILE F 48 -8.90 -10.76 33.03
N ASN F 49 -7.66 -11.25 33.06
CA ASN F 49 -6.89 -11.26 34.31
C ASN F 49 -6.58 -9.84 34.77
N GLY F 50 -6.01 -9.02 33.88
CA GLY F 50 -5.60 -7.67 34.25
C GLY F 50 -6.69 -6.83 34.87
N LYS F 51 -7.94 -7.07 34.47
CA LYS F 51 -9.07 -6.37 35.08
C LYS F 51 -9.58 -7.09 36.32
N LEU F 52 -9.36 -8.40 36.38
CA LEU F 52 -9.55 -9.15 37.62
C LEU F 52 -8.52 -8.77 38.66
N ASN F 53 -7.35 -8.27 38.21
CA ASN F 53 -6.32 -7.75 39.10
C ASN F 53 -6.68 -6.36 39.60
N ARG F 54 -7.26 -5.53 38.72
CA ARG F 54 -7.67 -4.19 39.07
C ARG F 54 -8.79 -4.16 40.12
N LEU F 55 -9.35 -5.31 40.48
CA LEU F 55 -10.51 -5.39 41.34
C LEU F 55 -10.23 -5.93 42.73
N ILE F 56 -9.18 -6.74 42.89
CA ILE F 56 -8.84 -7.28 44.20
C ILE F 56 -7.78 -6.43 44.90
N GLU F 57 -7.66 -5.16 44.54
CA GLU F 57 -6.78 -4.20 45.21
C GLU F 57 -7.61 -3.49 46.28
N LYS F 58 -7.31 -3.74 47.55
CA LYS F 58 -8.14 -3.26 48.65
C LYS F 58 -7.54 -2.00 49.25
N THR F 59 -7.90 -0.85 48.69
CA THR F 59 -7.58 0.45 49.28
C THR F 59 -8.59 0.89 50.33
N ASN F 60 -9.55 0.02 50.65
CA ASN F 60 -10.58 0.30 51.65
C ASN F 60 -10.17 -0.33 52.98
N GLU F 61 -9.73 0.52 53.92
CA GLU F 61 -9.46 0.07 55.29
C GLU F 61 -9.93 1.16 56.25
N LYS F 62 -10.73 0.78 57.24
CA LYS F 62 -11.45 1.74 58.07
C LYS F 62 -11.48 1.21 59.50
N TYR F 63 -10.83 1.93 60.42
CA TYR F 63 -10.86 1.54 61.83
C TYR F 63 -11.99 2.25 62.58
N HIS F 64 -11.70 3.37 63.24
CA HIS F 64 -12.76 4.09 63.94
C HIS F 64 -13.50 5.00 62.98
N GLN F 65 -14.83 4.86 62.95
CA GLN F 65 -15.66 5.55 61.98
C GLN F 65 -16.76 6.36 62.68
N ILE F 66 -18.02 5.96 62.52
CA ILE F 66 -19.14 6.55 63.24
C ILE F 66 -20.13 5.45 63.59
N GLU F 67 -20.96 5.75 64.60
CA GLU F 67 -22.07 4.86 64.95
C GLU F 67 -23.04 4.76 63.78
N LYS F 68 -23.50 3.54 63.52
CA LYS F 68 -24.40 3.27 62.40
C LYS F 68 -25.69 2.63 62.86
N GLU F 69 -25.86 2.40 64.15
CA GLU F 69 -27.03 1.74 64.71
C GLU F 69 -27.33 2.41 66.05
N PHE F 70 -28.60 2.68 66.33
CA PHE F 70 -28.98 3.46 67.49
C PHE F 70 -30.07 2.77 68.29
N GLU F 71 -30.08 3.06 69.59
CA GLU F 71 -31.00 2.45 70.54
C GLU F 71 -32.14 3.36 70.94
N GLN F 72 -31.90 4.68 70.99
CA GLN F 72 -32.93 5.67 71.27
C GLN F 72 -32.90 6.73 70.18
N VAL F 73 -34.03 7.41 70.00
CA VAL F 73 -34.07 8.54 69.07
C VAL F 73 -33.44 9.77 69.71
N GLU F 74 -32.84 10.62 68.88
CA GLU F 74 -32.15 11.82 69.34
C GLU F 74 -32.48 13.07 68.55
N GLY F 75 -32.95 12.93 67.33
CA GLY F 75 -33.23 14.10 66.49
C GLY F 75 -32.04 14.46 65.61
N ARG F 76 -31.54 15.70 65.77
CA ARG F 76 -30.73 16.33 64.73
C ARG F 76 -29.47 15.53 64.40
N ILE F 77 -28.67 15.20 65.43
CA ILE F 77 -27.36 14.61 65.16
C ILE F 77 -27.50 13.18 64.67
N GLN F 78 -28.42 12.41 65.25
CA GLN F 78 -28.70 11.08 64.73
C GLN F 78 -29.18 11.15 63.29
N ASP F 79 -30.09 12.07 63.00
CA ASP F 79 -30.61 12.23 61.64
C ASP F 79 -29.49 12.47 60.64
N LEU F 80 -28.48 13.26 61.03
CA LEU F 80 -27.38 13.56 60.13
C LEU F 80 -26.48 12.34 59.94
N GLU F 81 -26.06 11.73 61.04
CA GLU F 81 -25.24 10.51 60.97
C GLU F 81 -25.89 9.44 60.11
N LYS F 82 -27.20 9.23 60.29
CA LYS F 82 -27.92 8.28 59.44
C LYS F 82 -27.88 8.71 57.98
N TYR F 83 -27.93 10.03 57.74
CA TYR F 83 -27.93 10.56 56.39
C TYR F 83 -26.57 10.38 55.72
N VAL F 84 -25.50 10.74 56.43
CA VAL F 84 -24.14 10.62 55.90
C VAL F 84 -23.85 9.19 55.44
N GLU F 85 -24.18 8.21 56.30
CA GLU F 85 -23.91 6.83 55.94
C GLU F 85 -24.79 6.36 54.78
N ASP F 86 -26.09 6.69 54.81
CA ASP F 86 -26.97 6.32 53.72
C ASP F 86 -26.54 6.97 52.41
N THR F 87 -25.96 8.17 52.47
CA THR F 87 -25.45 8.80 51.28
C THR F 87 -24.22 8.06 50.77
N LYS F 88 -23.30 7.72 51.67
CA LYS F 88 -22.12 6.94 51.29
C LYS F 88 -22.49 5.62 50.66
N ILE F 89 -23.48 4.93 51.22
CA ILE F 89 -23.86 3.61 50.71
C ILE F 89 -24.47 3.73 49.31
N ASP F 90 -25.31 4.75 49.10
CA ASP F 90 -25.90 4.95 47.78
C ASP F 90 -24.83 5.20 46.73
N LEU F 91 -23.82 5.99 47.06
CA LEU F 91 -22.82 6.39 46.06
C LEU F 91 -21.90 5.23 45.71
N TRP F 92 -21.55 4.40 46.69
CA TRP F 92 -20.74 3.24 46.38
C TRP F 92 -21.54 2.17 45.64
N SER F 93 -22.79 1.96 46.05
CA SER F 93 -23.65 1.03 45.32
C SER F 93 -23.75 1.41 43.85
N TYR F 94 -23.82 2.72 43.56
CA TYR F 94 -23.85 3.16 42.17
C TYR F 94 -22.52 2.84 41.48
N ASN F 95 -21.40 3.16 42.14
CA ASN F 95 -20.10 2.92 41.54
C ASN F 95 -19.93 1.45 41.18
N ALA F 96 -20.42 0.55 42.03
CA ALA F 96 -20.29 -0.88 41.77
C ALA F 96 -21.14 -1.31 40.58
N GLU F 97 -22.41 -0.88 40.56
CA GLU F 97 -23.30 -1.22 39.46
C GLU F 97 -22.72 -0.76 38.12
N LEU F 98 -22.16 0.44 38.09
CA LEU F 98 -21.63 0.99 36.85
C LEU F 98 -20.32 0.32 36.47
N LEU F 99 -19.40 0.16 37.43
CA LEU F 99 -18.13 -0.47 37.16
C LEU F 99 -18.31 -1.85 36.54
N VAL F 100 -19.13 -2.70 37.18
CA VAL F 100 -19.35 -4.05 36.68
C VAL F 100 -19.99 -4.01 35.29
N ALA F 101 -21.04 -3.20 35.14
CA ALA F 101 -21.72 -3.08 33.84
C ALA F 101 -20.76 -2.63 32.74
N LEU F 102 -19.74 -1.87 33.10
CA LEU F 102 -18.85 -1.21 32.17
C LEU F 102 -17.65 -2.09 31.83
N GLU F 103 -17.08 -2.72 32.86
CA GLU F 103 -16.14 -3.82 32.66
C GLU F 103 -16.72 -4.87 31.73
N ASN F 104 -17.95 -5.29 31.99
CA ASN F 104 -18.56 -6.40 31.24
C ASN F 104 -18.74 -6.02 29.77
N GLN F 105 -19.17 -4.78 29.50
CA GLN F 105 -19.26 -4.33 28.12
C GLN F 105 -17.90 -4.35 27.45
N HIS F 106 -16.84 -4.08 28.21
CA HIS F 106 -15.50 -4.13 27.66
C HIS F 106 -15.06 -5.56 27.41
N THR F 107 -15.28 -6.44 28.38
CA THR F 107 -14.95 -7.85 28.22
C THR F 107 -15.57 -8.43 26.95
N ILE F 108 -16.81 -8.02 26.65
CA ILE F 108 -17.48 -8.51 25.45
C ILE F 108 -16.83 -7.92 24.21
N ASP F 109 -16.53 -6.62 24.23
CA ASP F 109 -15.90 -5.96 23.09
C ASP F 109 -14.55 -6.59 22.78
N VAL F 110 -13.74 -6.82 23.82
CA VAL F 110 -12.39 -7.32 23.61
C VAL F 110 -12.43 -8.71 22.98
N THR F 111 -13.34 -9.57 23.45
CA THR F 111 -13.41 -10.93 22.95
C THR F 111 -14.00 -10.98 21.55
N ASP F 112 -14.98 -10.11 21.27
CA ASP F 112 -15.48 -10.00 19.91
C ASP F 112 -14.41 -9.49 18.96
N SER F 113 -13.53 -8.62 19.44
CA SER F 113 -12.46 -8.09 18.59
C SER F 113 -11.40 -9.15 18.29
N GLU F 114 -10.99 -9.90 19.31
CA GLU F 114 -9.95 -10.89 19.13
C GLU F 114 -10.37 -11.96 18.13
N MET F 115 -11.65 -12.35 18.15
CA MET F 115 -12.18 -13.27 17.15
C MET F 115 -11.99 -12.70 15.74
N ASN F 116 -12.36 -11.44 15.55
CA ASN F 116 -12.28 -10.83 14.23
C ASN F 116 -10.84 -10.64 13.77
N LYS F 117 -9.95 -10.25 14.70
CA LYS F 117 -8.53 -10.20 14.37
C LYS F 117 -8.04 -11.55 13.87
N LEU F 118 -8.40 -12.63 14.57
CA LEU F 118 -8.01 -13.98 14.14
C LEU F 118 -8.49 -14.27 12.72
N PHE F 119 -9.74 -13.93 12.42
CA PHE F 119 -10.27 -14.16 11.08
C PHE F 119 -9.47 -13.35 10.05
N GLU F 120 -9.22 -12.07 10.35
CA GLU F 120 -8.53 -11.21 9.41
C GLU F 120 -7.08 -11.63 9.23
N ARG F 121 -6.43 -12.09 10.31
CA ARG F 121 -5.09 -12.65 10.20
C ARG F 121 -5.03 -13.73 9.13
N VAL F 122 -5.99 -14.66 9.17
CA VAL F 122 -6.01 -15.76 8.21
C VAL F 122 -6.28 -15.23 6.80
N ARG F 123 -7.26 -14.33 6.67
CA ARG F 123 -7.54 -13.66 5.40
C ARG F 123 -6.26 -13.19 4.73
N ARG F 124 -5.40 -12.50 5.50
CA ARG F 124 -4.18 -11.94 4.94
C ARG F 124 -3.22 -13.04 4.49
N GLN F 125 -3.03 -14.07 5.34
CA GLN F 125 -2.17 -15.19 4.98
C GLN F 125 -2.57 -15.80 3.64
N LEU F 126 -3.87 -15.87 3.39
CA LEU F 126 -4.39 -16.65 2.28
C LEU F 126 -4.41 -15.88 0.96
N ARG F 127 -4.24 -14.56 1.01
CA ARG F 127 -4.24 -13.69 -0.17
C ARG F 127 -5.33 -14.07 -1.17
N GLU F 128 -4.95 -14.20 -2.45
CA GLU F 128 -5.90 -14.48 -3.51
C GLU F 128 -6.14 -15.98 -3.70
N ASN F 129 -5.86 -16.79 -2.69
CA ASN F 129 -5.99 -18.24 -2.80
C ASN F 129 -7.26 -18.77 -2.15
N ALA F 130 -7.99 -17.93 -1.43
CA ALA F 130 -9.21 -18.34 -0.75
C ALA F 130 -10.24 -17.22 -0.86
N GLU F 131 -11.51 -17.62 -0.85
CA GLU F 131 -12.62 -16.70 -0.78
C GLU F 131 -13.40 -16.87 0.52
N ASP F 132 -13.84 -15.76 1.08
CA ASP F 132 -14.61 -15.76 2.32
C ASP F 132 -16.02 -16.27 2.01
N GLN F 133 -16.40 -17.38 2.66
CA GLN F 133 -17.70 -18.00 2.39
C GLN F 133 -18.87 -17.26 3.04
N GLY F 134 -18.61 -16.42 4.05
CA GLY F 134 -19.65 -15.69 4.72
C GLY F 134 -20.02 -16.24 6.07
N ASN F 135 -19.57 -17.45 6.40
CA ASN F 135 -19.92 -18.15 7.63
C ASN F 135 -18.73 -18.27 8.58
N GLY F 136 -17.81 -17.30 8.55
CA GLY F 136 -16.58 -17.42 9.29
C GLY F 136 -15.63 -18.48 8.76
N CYS F 137 -15.76 -18.87 7.50
CA CYS F 137 -14.90 -19.86 6.90
C CYS F 137 -14.36 -19.38 5.56
N PHE F 138 -13.19 -19.89 5.21
CA PHE F 138 -12.56 -19.64 3.92
C PHE F 138 -12.62 -20.90 3.06
N GLU F 139 -13.14 -20.77 1.85
CA GLU F 139 -12.97 -21.81 0.85
C GLU F 139 -11.60 -21.68 0.21
N ILE F 140 -10.77 -22.71 0.35
CA ILE F 140 -9.43 -22.69 -0.19
C ILE F 140 -9.47 -23.36 -1.56
N PHE F 141 -9.03 -22.63 -2.59
CA PHE F 141 -9.17 -23.08 -3.97
C PHE F 141 -7.95 -23.85 -4.46
N HIS F 142 -7.27 -24.57 -3.56
CA HIS F 142 -6.19 -25.47 -3.94
C HIS F 142 -6.18 -26.64 -2.97
N GLN F 143 -5.61 -27.76 -3.42
CA GLN F 143 -5.42 -28.89 -2.53
C GLN F 143 -4.52 -28.49 -1.36
N CYS F 144 -5.00 -28.72 -0.14
CA CYS F 144 -4.32 -28.31 1.09
C CYS F 144 -4.33 -29.48 2.07
N ASP F 145 -3.26 -30.27 2.06
CA ASP F 145 -3.16 -31.43 2.93
C ASP F 145 -2.90 -30.98 4.37
N ASN F 146 -2.63 -31.95 5.25
CA ASN F 146 -2.53 -31.65 6.68
C ASN F 146 -1.34 -30.76 6.99
N ASN F 147 -0.26 -30.87 6.22
CA ASN F 147 0.86 -29.97 6.43
C ASN F 147 0.49 -28.55 6.03
N CYS F 148 -0.28 -28.41 4.94
CA CYS F 148 -0.70 -27.10 4.49
C CYS F 148 -1.67 -26.45 5.47
N ILE F 149 -2.58 -27.24 6.06
CA ILE F 149 -3.49 -26.69 7.06
C ILE F 149 -2.70 -26.25 8.30
N GLU F 150 -1.67 -27.01 8.67
CA GLU F 150 -0.86 -26.63 9.82
C GLU F 150 -0.06 -25.36 9.56
N SER F 151 0.38 -25.15 8.31
CA SER F 151 1.12 -23.93 7.99
C SER F 151 0.24 -22.70 8.18
N ILE F 152 -1.01 -22.77 7.73
CA ILE F 152 -1.96 -21.69 7.99
C ILE F 152 -2.06 -21.44 9.49
N ARG F 153 -2.10 -22.51 10.29
CA ARG F 153 -2.34 -22.37 11.73
C ARG F 153 -1.10 -21.87 12.46
N ASN F 154 0.10 -22.25 12.00
CA ASN F 154 1.33 -21.82 12.66
C ASN F 154 1.99 -20.65 11.94
N GLY F 155 1.33 -20.06 10.94
CA GLY F 155 1.73 -18.79 10.38
C GLY F 155 2.85 -18.82 9.36
N THR F 156 3.08 -19.94 8.69
CA THR F 156 4.17 -20.07 7.71
C THR F 156 3.66 -20.31 6.29
N TYR F 157 2.37 -20.14 6.04
CA TYR F 157 1.77 -20.49 4.75
C TYR F 157 2.19 -19.48 3.69
N ASP F 158 2.95 -19.93 2.70
CA ASP F 158 3.48 -19.07 1.65
C ASP F 158 2.50 -19.08 0.47
N HIS F 159 1.72 -18.01 0.33
CA HIS F 159 0.66 -17.97 -0.66
C HIS F 159 1.20 -18.10 -2.09
N ASN F 160 2.43 -17.65 -2.33
CA ASN F 160 3.01 -17.77 -3.67
C ASN F 160 3.08 -19.22 -4.13
N ILE F 161 3.25 -20.15 -3.19
CA ILE F 161 3.35 -21.57 -3.52
C ILE F 161 2.13 -22.03 -4.32
N TYR F 162 0.93 -21.60 -3.91
CA TYR F 162 -0.31 -22.11 -4.48
C TYR F 162 -1.04 -21.09 -5.35
N ARG F 163 -0.44 -19.92 -5.61
CA ARG F 163 -1.20 -18.85 -6.26
C ARG F 163 -1.70 -19.24 -7.64
N ASP F 164 -0.86 -19.89 -8.46
CA ASP F 164 -1.28 -20.25 -9.80
C ASP F 164 -2.40 -21.28 -9.77
N GLU F 165 -2.25 -22.32 -8.95
CA GLU F 165 -3.32 -23.32 -8.84
C GLU F 165 -4.63 -22.69 -8.41
N ALA F 166 -4.58 -21.79 -7.42
CA ALA F 166 -5.80 -21.25 -6.84
C ALA F 166 -6.47 -20.23 -7.75
N ILE F 167 -5.68 -19.34 -8.37
CA ILE F 167 -6.27 -18.34 -9.26
C ILE F 167 -6.92 -19.01 -10.47
N ASN F 168 -6.29 -20.07 -10.99
CA ASN F 168 -6.86 -20.78 -12.13
C ASN F 168 -8.14 -21.51 -11.73
N ASN F 169 -8.28 -21.86 -10.45
CA ASN F 169 -9.52 -22.50 -10.00
C ASN F 169 -10.63 -21.49 -9.71
N ARG F 170 -10.27 -20.22 -9.50
CA ARG F 170 -11.26 -19.20 -9.19
C ARG F 170 -11.81 -18.54 -10.44
N ILE F 171 -10.98 -18.40 -11.48
CA ILE F 171 -11.35 -17.63 -12.67
C ILE F 171 -11.96 -18.52 -13.75
N LYS F 172 -11.84 -19.83 -13.62
CA LYS F 172 -12.45 -20.76 -14.58
C LYS F 172 -13.11 -21.93 -13.86
N GLY G 13 0.55 -14.40 -122.12
CA GLY G 13 1.98 -14.54 -122.20
C GLY G 13 2.74 -13.58 -121.29
N ASN G 14 2.24 -12.36 -121.18
CA ASN G 14 3.01 -11.29 -120.54
C ASN G 14 2.97 -11.43 -119.02
N PRO G 15 4.12 -11.38 -118.35
CA PRO G 15 4.12 -11.42 -116.89
C PRO G 15 3.50 -10.17 -116.29
N ILE G 16 3.00 -10.32 -115.06
CA ILE G 16 2.43 -9.23 -114.29
C ILE G 16 3.27 -9.08 -113.03
N ILE G 17 3.43 -7.84 -112.56
CA ILE G 17 4.00 -7.58 -111.26
C ILE G 17 3.14 -6.54 -110.55
N CYS G 18 2.74 -6.86 -109.32
CA CYS G 18 1.79 -6.06 -108.56
C CYS G 18 2.44 -5.54 -107.29
N LEU G 19 2.00 -4.37 -106.86
CA LEU G 19 2.49 -3.76 -105.63
C LEU G 19 1.32 -3.59 -104.68
N GLY G 20 1.51 -4.06 -103.44
CA GLY G 20 0.45 -4.08 -102.46
C GLY G 20 0.98 -3.78 -101.07
N HIS G 21 0.06 -3.77 -100.11
CA HIS G 21 0.37 -3.53 -98.71
C HIS G 21 -0.34 -4.57 -97.86
N HIS G 22 0.10 -4.70 -96.62
CA HIS G 22 -0.47 -5.77 -95.81
C HIS G 22 -1.84 -5.36 -95.25
N ALA G 23 -2.57 -6.37 -94.80
CA ALA G 23 -3.89 -6.16 -94.23
C ALA G 23 -4.17 -7.26 -93.22
N VAL G 24 -5.10 -6.98 -92.31
CA VAL G 24 -5.55 -7.97 -91.35
C VAL G 24 -7.06 -8.14 -91.49
N GLU G 25 -7.56 -9.27 -90.99
CA GLU G 25 -8.99 -9.53 -91.09
C GLU G 25 -9.80 -8.59 -90.21
N ASN G 26 -9.30 -8.31 -89.00
CA ASN G 26 -10.02 -7.49 -88.02
C ASN G 26 -9.16 -6.30 -87.65
N GLY G 27 -9.59 -5.10 -88.06
CA GLY G 27 -8.85 -3.88 -87.80
C GLY G 27 -9.07 -3.31 -86.42
N THR G 28 -8.80 -2.00 -86.31
CA THR G 28 -9.05 -1.22 -85.12
C THR G 28 -9.47 0.19 -85.54
N SER G 29 -10.47 0.74 -84.84
CA SER G 29 -11.03 2.03 -85.20
C SER G 29 -10.24 3.16 -84.54
N VAL G 30 -9.94 4.20 -85.31
CA VAL G 30 -9.26 5.39 -84.82
C VAL G 30 -9.92 6.62 -85.42
N LYS G 31 -9.61 7.79 -84.85
CA LYS G 31 -10.24 9.04 -85.23
C LYS G 31 -9.21 9.94 -85.91
N THR G 32 -9.60 10.52 -87.04
CA THR G 32 -8.94 11.69 -87.59
C THR G 32 -9.83 12.90 -87.35
N LEU G 33 -9.47 14.05 -87.93
CA LEU G 33 -10.30 15.23 -87.77
C LEU G 33 -11.65 15.11 -88.47
N THR G 34 -11.76 14.23 -89.48
CA THR G 34 -12.90 14.19 -90.37
C THR G 34 -13.69 12.89 -90.31
N ASP G 35 -13.10 11.82 -89.79
CA ASP G 35 -13.77 10.53 -89.72
C ASP G 35 -13.60 10.00 -88.31
N ASN G 36 -14.72 9.70 -87.67
CA ASN G 36 -14.75 9.19 -86.30
C ASN G 36 -14.52 7.69 -86.23
N HIS G 37 -14.14 7.08 -87.35
CA HIS G 37 -14.24 5.64 -87.50
C HIS G 37 -13.41 5.19 -88.70
N VAL G 38 -12.09 5.33 -88.60
CA VAL G 38 -11.17 4.83 -89.61
C VAL G 38 -10.54 3.55 -89.10
N GLU G 39 -10.61 2.48 -89.90
CA GLU G 39 -10.12 1.18 -89.50
C GLU G 39 -8.68 1.01 -89.98
N VAL G 40 -7.75 0.89 -89.03
CA VAL G 40 -6.34 0.79 -89.32
C VAL G 40 -5.83 -0.57 -88.85
N VAL G 41 -4.68 -0.97 -89.39
CA VAL G 41 -4.15 -2.31 -89.15
C VAL G 41 -3.84 -2.51 -87.66
N SER G 42 -3.20 -1.52 -87.04
CA SER G 42 -2.80 -1.64 -85.65
C SER G 42 -3.00 -0.30 -84.95
N ALA G 43 -3.25 -0.36 -83.65
CA ALA G 43 -3.54 0.84 -82.86
C ALA G 43 -3.12 0.64 -81.42
N LYS G 44 -2.93 1.76 -80.71
CA LYS G 44 -2.33 1.78 -79.39
C LYS G 44 -3.09 2.75 -78.49
N GLU G 45 -3.43 2.31 -77.28
CA GLU G 45 -4.15 3.15 -76.34
C GLU G 45 -3.22 4.15 -75.68
N LEU G 46 -3.71 5.39 -75.53
CA LEU G 46 -2.92 6.49 -74.97
C LEU G 46 -3.46 6.98 -73.64
N VAL G 47 -4.63 6.54 -73.21
CA VAL G 47 -5.24 6.94 -71.95
C VAL G 47 -5.08 5.78 -70.97
N GLU G 48 -4.27 5.97 -69.93
CA GLU G 48 -4.10 4.94 -68.91
C GLU G 48 -5.32 4.92 -67.98
N THR G 49 -5.83 3.72 -67.73
CA THR G 49 -6.98 3.53 -66.85
C THR G 49 -6.67 2.71 -65.61
N ASN G 50 -5.56 1.98 -65.58
CA ASN G 50 -5.20 1.14 -64.45
C ASN G 50 -4.35 1.89 -63.43
N HIS G 51 -4.65 1.64 -62.16
CA HIS G 51 -3.77 2.03 -61.06
C HIS G 51 -3.46 0.79 -60.22
N THR G 52 -2.45 0.93 -59.35
CA THR G 52 -1.92 -0.24 -58.66
C THR G 52 -2.77 -0.66 -57.47
N ASP G 53 -3.39 0.29 -56.78
CA ASP G 53 -4.25 0.18 -55.59
C ASP G 53 -3.44 0.25 -54.30
N GLU G 54 -2.12 0.18 -54.37
CA GLU G 54 -1.24 0.45 -53.25
C GLU G 54 -0.34 1.63 -53.59
N LEU G 55 -0.01 2.43 -52.57
CA LEU G 55 0.87 3.58 -52.79
C LEU G 55 2.32 3.11 -52.72
N CYS G 56 3.08 3.36 -53.79
CA CYS G 56 4.43 2.85 -53.89
C CYS G 56 5.38 3.74 -53.09
N PRO G 57 6.13 3.20 -52.12
CA PRO G 57 7.05 4.01 -51.34
C PRO G 57 8.36 4.33 -52.06
N SER G 58 8.52 3.89 -53.29
CA SER G 58 9.62 4.29 -54.14
C SER G 58 9.07 4.96 -55.40
N PRO G 59 9.77 5.95 -55.95
CA PRO G 59 10.94 6.61 -55.37
C PRO G 59 10.59 7.80 -54.46
N LEU G 60 9.33 7.90 -54.05
CA LEU G 60 8.84 9.03 -53.26
C LEU G 60 8.82 8.65 -51.78
N LYS G 61 9.53 9.44 -50.97
CA LYS G 61 9.56 9.21 -49.52
C LYS G 61 8.20 9.53 -48.91
N LEU G 62 7.49 8.50 -48.47
CA LEU G 62 6.18 8.65 -47.87
C LEU G 62 6.25 8.59 -46.34
N VAL G 63 5.39 9.37 -45.70
CA VAL G 63 5.11 9.27 -44.27
C VAL G 63 3.61 9.03 -44.11
N ASP G 64 3.25 7.91 -43.50
CA ASP G 64 1.85 7.61 -43.23
C ASP G 64 1.49 8.25 -41.90
N GLY G 65 0.61 9.26 -41.94
CA GLY G 65 0.12 9.84 -40.71
C GLY G 65 -0.73 8.88 -39.91
N GLN G 66 -1.27 7.84 -40.54
CA GLN G 66 -2.11 6.85 -39.89
C GLN G 66 -3.28 7.51 -39.16
N ASP G 67 -3.29 7.39 -37.83
CA ASP G 67 -4.39 7.92 -37.04
C ASP G 67 -4.36 9.45 -36.92
N CYS G 68 -3.25 10.08 -37.29
CA CYS G 68 -3.07 11.52 -37.11
C CYS G 68 -3.03 12.23 -38.47
N ASP G 69 -3.77 13.32 -38.58
CA ASP G 69 -3.59 14.21 -39.71
C ASP G 69 -2.33 15.07 -39.51
N LEU G 70 -1.99 15.84 -40.55
CA LEU G 70 -0.70 16.52 -40.56
C LEU G 70 -0.60 17.60 -39.47
N ILE G 71 -1.73 18.17 -39.06
CA ILE G 71 -1.70 19.26 -38.09
C ILE G 71 -1.65 18.72 -36.66
N ASN G 72 -2.53 17.78 -36.32
CA ASN G 72 -2.41 17.05 -35.07
C ASN G 72 -0.97 16.62 -34.81
N GLY G 73 -0.32 16.05 -35.83
CA GLY G 73 1.08 15.70 -35.71
C GLY G 73 1.96 16.89 -35.41
N ALA G 74 1.79 17.99 -36.16
CA ALA G 74 2.61 19.18 -35.93
C ALA G 74 2.36 19.77 -34.55
N LEU G 75 1.15 19.60 -34.02
CA LEU G 75 0.85 20.08 -32.67
C LEU G 75 1.32 19.10 -31.60
N GLY G 76 1.38 17.81 -31.92
CA GLY G 76 1.78 16.82 -30.96
C GLY G 76 0.66 16.19 -30.17
N SER G 77 -0.52 16.05 -30.78
CA SER G 77 -1.64 15.38 -30.13
C SER G 77 -1.27 13.93 -29.79
N PRO G 78 -2.03 13.29 -28.88
CA PRO G 78 -1.63 11.97 -28.36
C PRO G 78 -1.28 10.91 -29.39
N GLY G 79 -2.19 10.61 -30.32
CA GLY G 79 -1.95 9.62 -31.36
C GLY G 79 -0.63 9.75 -32.12
N CYS G 80 -0.03 10.94 -32.08
CA CYS G 80 0.87 11.39 -33.12
C CYS G 80 2.36 11.29 -32.76
N ASP G 81 2.71 10.56 -31.69
CA ASP G 81 4.08 10.62 -31.19
C ASP G 81 5.10 10.17 -32.23
N ARG G 82 4.87 9.01 -32.86
CA ARG G 82 5.74 8.51 -33.91
C ARG G 82 6.16 9.58 -34.91
N LEU G 83 5.19 10.36 -35.39
CA LEU G 83 5.41 11.31 -36.48
C LEU G 83 6.54 12.31 -36.20
N GLN G 84 7.02 12.41 -34.97
CA GLN G 84 8.09 13.36 -34.65
C GLN G 84 9.32 13.08 -35.48
N ASP G 85 9.92 14.13 -36.03
CA ASP G 85 11.17 14.14 -36.79
C ASP G 85 11.05 13.42 -38.13
N THR G 86 9.87 12.94 -38.51
CA THR G 86 9.70 12.36 -39.83
C THR G 86 9.84 13.43 -40.91
N THR G 87 10.40 13.02 -42.04
CA THR G 87 10.50 13.86 -43.22
C THR G 87 9.87 13.13 -44.40
N TRP G 88 9.45 13.88 -45.40
CA TRP G 88 8.68 13.26 -46.48
C TRP G 88 8.71 14.10 -47.75
N ASP G 89 8.53 13.40 -48.87
CA ASP G 89 8.07 14.06 -50.09
C ASP G 89 6.55 14.16 -50.11
N VAL G 90 5.86 13.11 -49.71
CA VAL G 90 4.40 13.09 -49.61
C VAL G 90 4.00 12.60 -48.24
N PHE G 91 3.29 13.46 -47.49
CA PHE G 91 2.61 13.07 -46.26
C PHE G 91 1.21 12.55 -46.60
N ILE G 92 0.88 11.37 -46.10
CA ILE G 92 -0.40 10.74 -46.40
C ILE G 92 -1.33 10.92 -45.20
N GLU G 93 -2.47 11.55 -45.42
CA GLU G 93 -3.54 11.65 -44.43
C GLU G 93 -4.63 10.63 -44.73
N ARG G 94 -5.05 9.89 -43.71
CA ARG G 94 -6.07 8.86 -43.80
C ARG G 94 -7.42 9.42 -43.37
N PRO G 95 -8.52 8.94 -43.98
CA PRO G 95 -9.85 9.45 -43.59
C PRO G 95 -10.30 8.93 -42.25
N THR G 96 -9.57 7.97 -41.68
CA THR G 96 -9.85 7.41 -40.37
C THR G 96 -9.13 8.18 -39.26
N ALA G 97 -8.37 9.21 -39.61
CA ALA G 97 -7.70 10.02 -38.60
C ALA G 97 -8.72 10.69 -37.67
N VAL G 98 -8.28 10.97 -36.45
CA VAL G 98 -9.18 11.36 -35.38
C VAL G 98 -8.50 12.38 -34.48
N ASP G 99 -9.30 13.30 -33.95
CA ASP G 99 -8.83 14.20 -32.89
C ASP G 99 -8.66 13.43 -31.59
N THR G 100 -7.55 13.66 -30.89
CA THR G 100 -7.30 12.98 -29.63
C THR G 100 -6.88 13.92 -28.50
N CYS G 101 -6.99 15.24 -28.68
CA CYS G 101 -6.51 16.18 -27.67
C CYS G 101 -7.60 17.21 -27.39
N TYR G 102 -7.21 18.32 -26.77
CA TYR G 102 -8.16 19.39 -26.49
C TYR G 102 -8.77 19.91 -27.79
N PRO G 103 -10.06 20.20 -27.81
CA PRO G 103 -10.70 20.63 -29.07
C PRO G 103 -10.21 22.01 -29.50
N PHE G 104 -10.08 22.18 -30.81
CA PHE G 104 -9.48 23.39 -31.36
C PHE G 104 -9.96 23.62 -32.78
N ASP G 105 -10.15 24.89 -33.13
CA ASP G 105 -10.25 25.31 -34.52
C ASP G 105 -8.97 26.04 -34.91
N VAL G 106 -8.71 26.09 -36.21
CA VAL G 106 -7.56 26.83 -36.74
C VAL G 106 -8.03 27.79 -37.83
N PRO G 107 -7.99 29.10 -37.59
CA PRO G 107 -8.22 30.03 -38.70
C PRO G 107 -7.13 29.86 -39.76
N ASP G 108 -7.55 29.81 -41.02
CA ASP G 108 -6.67 29.49 -42.14
C ASP G 108 -6.07 28.09 -41.99
N TYR G 109 -6.91 27.14 -41.54
CA TYR G 109 -6.51 25.74 -41.44
C TYR G 109 -5.76 25.27 -42.68
N GLN G 110 -6.33 25.51 -43.86
CA GLN G 110 -5.77 24.97 -45.09
C GLN G 110 -4.48 25.68 -45.48
N SER G 111 -4.30 26.93 -45.03
CA SER G 111 -3.03 27.61 -45.29
C SER G 111 -1.91 27.05 -44.42
N LEU G 112 -2.19 26.84 -43.13
CA LEU G 112 -1.20 26.22 -42.25
C LEU G 112 -0.86 24.81 -42.72
N ARG G 113 -1.88 23.99 -42.98
CA ARG G 113 -1.66 22.65 -43.52
C ARG G 113 -0.77 22.70 -44.76
N SER G 114 -1.02 23.65 -45.65
CA SER G 114 -0.18 23.80 -46.84
C SER G 114 1.26 24.09 -46.46
N ILE G 115 1.47 25.05 -45.55
CA ILE G 115 2.83 25.43 -45.18
C ILE G 115 3.58 24.25 -44.58
N LEU G 116 2.93 23.53 -43.67
CA LEU G 116 3.55 22.36 -43.06
C LEU G 116 3.87 21.30 -44.11
N ALA G 117 2.89 20.97 -44.95
CA ALA G 117 3.11 20.00 -46.03
C ALA G 117 4.31 20.38 -46.89
N SER G 118 4.34 21.62 -47.37
CA SER G 118 5.42 22.05 -48.25
C SER G 118 6.78 21.92 -47.59
N SER G 119 6.87 22.25 -46.31
CA SER G 119 8.14 22.13 -45.60
C SER G 119 8.64 20.69 -45.59
N GLY G 120 7.73 19.73 -45.59
CA GLY G 120 8.11 18.32 -45.68
C GLY G 120 8.94 17.83 -44.52
N SER G 121 8.56 18.19 -43.29
CA SER G 121 9.36 17.84 -42.12
C SER G 121 8.56 18.15 -40.86
N LEU G 122 8.60 17.21 -39.90
CA LEU G 122 8.09 17.44 -38.55
C LEU G 122 9.22 17.41 -37.53
N GLU G 123 10.39 17.93 -37.93
CA GLU G 123 11.56 17.98 -37.06
C GLU G 123 11.49 19.25 -36.21
N PHE G 124 11.01 19.09 -34.98
CA PHE G 124 10.74 20.20 -34.07
C PHE G 124 12.02 20.59 -33.33
N ILE G 125 12.56 21.77 -33.64
CA ILE G 125 13.68 22.33 -32.89
C ILE G 125 13.14 22.86 -31.56
N ALA G 126 13.50 22.20 -30.46
CA ALA G 126 13.02 22.59 -29.14
C ALA G 126 13.79 23.80 -28.60
N GLU G 127 13.04 24.73 -28.00
CA GLU G 127 13.59 25.89 -27.31
C GLU G 127 13.06 25.92 -25.88
N GLN G 128 13.81 26.58 -24.99
CA GLN G 128 13.42 26.70 -23.59
C GLN G 128 13.02 28.14 -23.28
N PHE G 129 11.80 28.30 -22.74
CA PHE G 129 11.26 29.58 -22.35
C PHE G 129 11.09 29.64 -20.83
N THR G 130 11.40 30.78 -20.23
CA THR G 130 11.14 31.01 -18.82
C THR G 130 9.94 31.95 -18.69
N TRP G 131 8.77 31.38 -18.46
CA TRP G 131 7.51 32.13 -18.38
C TRP G 131 7.33 32.65 -16.97
N ASN G 132 7.75 33.90 -16.74
CA ASN G 132 7.73 34.49 -15.41
C ASN G 132 6.29 34.68 -14.92
N GLY G 133 5.91 33.90 -13.91
CA GLY G 133 4.71 34.14 -13.14
C GLY G 133 3.47 33.39 -13.59
N VAL G 134 3.60 32.08 -13.79
CA VAL G 134 2.50 31.24 -14.25
C VAL G 134 2.87 29.81 -13.93
N LYS G 135 1.85 28.98 -13.72
CA LYS G 135 2.04 27.54 -13.70
C LYS G 135 2.22 27.01 -15.13
N VAL G 136 3.18 26.12 -15.32
CA VAL G 136 3.45 25.56 -16.64
C VAL G 136 2.89 24.14 -16.76
N ASP G 137 3.00 23.57 -17.97
CA ASP G 137 2.76 22.15 -18.22
C ASP G 137 1.36 21.70 -17.83
N GLY G 138 0.38 22.58 -18.06
CA GLY G 138 -1.02 22.23 -17.90
C GLY G 138 -1.43 21.01 -18.73
N SER G 139 -2.41 20.25 -18.22
CA SER G 139 -2.96 19.10 -18.92
C SER G 139 -4.48 19.16 -18.87
N SER G 140 -5.13 18.17 -19.48
CA SER G 140 -6.58 18.18 -19.60
C SER G 140 -7.10 16.76 -19.79
N SER G 141 -8.30 16.52 -19.28
CA SER G 141 -8.93 15.21 -19.37
C SER G 141 -9.42 14.88 -20.78
N ALA G 142 -9.35 15.83 -21.71
CA ALA G 142 -9.71 15.56 -23.10
C ALA G 142 -8.56 14.98 -23.91
N CYS G 143 -7.33 15.14 -23.43
CA CYS G 143 -6.11 14.82 -24.17
C CYS G 143 -5.38 13.71 -23.42
N LEU G 144 -5.89 12.49 -23.52
CA LEU G 144 -5.33 11.38 -22.76
C LEU G 144 -4.09 10.80 -23.44
N ARG G 145 -3.06 10.54 -22.65
CA ARG G 145 -1.87 9.82 -23.12
C ARG G 145 -1.67 8.64 -22.17
N GLY G 146 -2.02 7.44 -22.62
CA GLY G 146 -2.05 6.30 -21.73
C GLY G 146 -3.13 6.38 -20.68
N GLY G 147 -4.27 7.01 -21.01
CA GLY G 147 -5.37 7.16 -20.08
C GLY G 147 -5.22 8.26 -19.07
N ARG G 148 -4.09 8.98 -19.08
CA ARG G 148 -3.81 10.03 -18.11
C ARG G 148 -3.80 11.38 -18.80
N ASN G 149 -4.27 12.41 -18.08
CA ASN G 149 -4.40 13.74 -18.65
C ASN G 149 -3.08 14.26 -19.22
N SER G 150 -3.15 14.77 -20.46
CA SER G 150 -1.97 15.26 -21.16
C SER G 150 -2.36 16.48 -22.00
N PHE G 151 -1.43 16.93 -22.84
CA PHE G 151 -1.64 18.09 -23.71
C PHE G 151 -0.85 17.88 -25.00
N PHE G 152 -0.99 18.83 -25.92
CA PHE G 152 -0.17 18.83 -27.13
C PHE G 152 1.31 18.85 -26.75
N SER G 153 2.07 17.89 -27.30
CA SER G 153 3.49 17.80 -26.97
C SER G 153 4.26 19.06 -27.34
N ARG G 154 3.75 19.87 -28.27
CA ARG G 154 4.45 21.05 -28.74
C ARG G 154 3.89 22.35 -28.18
N LEU G 155 2.91 22.29 -27.29
CA LEU G 155 2.32 23.47 -26.69
C LEU G 155 2.41 23.38 -25.17
N ASN G 156 2.31 24.54 -24.51
CA ASN G 156 2.52 24.66 -23.07
C ASN G 156 1.38 25.49 -22.48
N TRP G 157 0.46 24.84 -21.77
CA TRP G 157 -0.70 25.53 -21.19
C TRP G 157 -0.30 26.31 -19.94
N LEU G 158 -0.52 27.62 -19.97
CA LEU G 158 -0.19 28.52 -18.87
C LEU G 158 -1.44 28.89 -18.07
N THR G 159 -1.41 28.63 -16.77
CA THR G 159 -2.43 29.09 -15.84
C THR G 159 -1.77 29.88 -14.71
N LYS G 160 -2.59 30.61 -13.96
CA LYS G 160 -2.07 31.47 -12.90
C LYS G 160 -1.20 30.68 -11.92
N ALA G 161 -0.18 31.34 -11.40
CA ALA G 161 0.72 30.69 -10.46
C ALA G 161 0.00 30.37 -9.16
N THR G 162 0.28 29.18 -8.61
CA THR G 162 -0.34 28.74 -7.36
C THR G 162 -0.04 29.74 -6.25
N ASN G 163 -0.59 30.94 -6.38
CA ASN G 163 -0.04 32.13 -5.72
C ASN G 163 -0.88 33.33 -6.11
N GLY G 164 -0.28 34.28 -6.81
CA GLY G 164 -0.97 35.50 -7.19
C GLY G 164 -1.75 35.40 -8.48
N ASN G 165 -1.24 36.08 -9.50
CA ASN G 165 -1.97 36.36 -10.72
C ASN G 165 -1.21 35.86 -11.93
N TYR G 166 -1.83 36.04 -13.09
CA TYR G 166 -1.20 35.71 -14.37
C TYR G 166 -0.06 36.68 -14.66
N GLY G 167 1.06 36.52 -13.94
CA GLY G 167 2.17 37.44 -13.99
C GLY G 167 2.57 37.82 -15.41
N PRO G 168 2.45 39.11 -15.72
CA PRO G 168 2.54 39.58 -17.12
C PRO G 168 3.74 39.03 -17.86
N ILE G 169 3.50 38.50 -19.06
CA ILE G 169 4.49 37.81 -19.87
C ILE G 169 4.97 38.73 -20.98
N ASN G 170 6.28 38.75 -21.21
CA ASN G 170 6.91 39.63 -22.19
C ASN G 170 8.17 38.93 -22.72
N VAL G 171 8.00 37.69 -23.14
CA VAL G 171 9.11 36.82 -23.53
C VAL G 171 9.48 37.08 -24.97
N THR G 172 10.79 37.04 -25.27
CA THR G 172 11.32 37.34 -26.59
C THR G 172 12.27 36.24 -27.05
N LYS G 173 12.39 36.10 -28.37
CA LYS G 173 13.31 35.13 -28.97
C LYS G 173 13.83 35.72 -30.28
N GLU G 174 15.15 35.81 -30.40
CA GLU G 174 15.79 36.33 -31.61
C GLU G 174 16.19 35.18 -32.54
N ASN G 175 15.80 35.28 -33.80
CA ASN G 175 16.17 34.29 -34.81
C ASN G 175 17.63 34.53 -35.21
N THR G 176 18.53 33.72 -34.67
CA THR G 176 19.94 33.82 -35.01
C THR G 176 20.36 32.82 -36.09
N GLY G 177 19.58 31.78 -36.32
CA GLY G 177 19.85 30.87 -37.41
C GLY G 177 19.70 31.51 -38.78
N SER G 178 20.14 30.78 -39.79
CA SER G 178 20.10 31.27 -41.17
C SER G 178 18.77 31.05 -41.85
N TYR G 179 17.85 30.32 -41.23
CA TYR G 179 16.60 29.90 -41.85
C TYR G 179 15.40 30.55 -41.18
N VAL G 180 14.27 30.49 -41.86
CA VAL G 180 13.03 31.11 -41.39
C VAL G 180 12.35 30.18 -40.39
N ARG G 181 11.79 30.76 -39.33
CA ARG G 181 11.24 30.02 -38.20
C ARG G 181 9.71 30.05 -38.20
N LEU G 182 9.09 28.89 -38.04
CA LEU G 182 7.65 28.78 -37.84
C LEU G 182 7.35 28.45 -36.38
N TYR G 183 6.67 29.36 -35.68
CA TYR G 183 6.26 29.17 -34.30
C TYR G 183 4.77 28.90 -34.23
N LEU G 184 4.38 27.77 -33.65
CA LEU G 184 2.98 27.45 -33.43
C LEU G 184 2.57 27.80 -32.00
N TRP G 185 1.51 28.61 -31.86
CA TRP G 185 0.98 29.00 -30.55
C TRP G 185 -0.55 28.99 -30.61
N GLY G 186 -1.18 29.33 -29.50
CA GLY G 186 -2.63 29.27 -29.41
C GLY G 186 -3.22 30.20 -28.38
N VAL G 187 -4.54 30.17 -28.28
CA VAL G 187 -5.32 31.02 -27.37
C VAL G 187 -6.46 30.20 -26.80
N HIS G 188 -6.57 30.18 -25.47
CA HIS G 188 -7.67 29.46 -24.83
C HIS G 188 -8.93 30.32 -24.80
N HIS G 189 -10.04 29.74 -25.24
CA HIS G 189 -11.35 30.36 -25.08
C HIS G 189 -12.17 29.60 -24.04
N PRO G 190 -12.18 30.06 -22.79
CA PRO G 190 -12.86 29.30 -21.74
C PRO G 190 -14.38 29.41 -21.85
N SER G 191 -15.05 28.45 -21.18
CA SER G 191 -16.50 28.35 -21.30
C SER G 191 -17.21 29.42 -20.47
N SER G 192 -16.88 29.52 -19.19
CA SER G 192 -17.60 30.39 -18.28
C SER G 192 -16.74 31.57 -17.86
N ASP G 193 -17.41 32.64 -17.41
CA ASP G 193 -16.69 33.73 -16.78
C ASP G 193 -15.94 33.29 -15.53
N ASN G 194 -16.37 32.18 -14.93
CA ASN G 194 -15.69 31.64 -13.75
C ASN G 194 -14.48 30.81 -14.13
N GLU G 195 -14.55 30.07 -15.25
CA GLU G 195 -13.39 29.31 -15.70
C GLU G 195 -12.26 30.25 -16.10
N GLN G 196 -12.59 31.39 -16.71
CA GLN G 196 -11.59 32.41 -17.00
C GLN G 196 -10.85 32.83 -15.74
N THR G 197 -11.60 33.15 -14.68
CA THR G 197 -10.98 33.71 -13.48
C THR G 197 -10.21 32.65 -12.70
N ASP G 198 -10.71 31.42 -12.67
CA ASP G 198 -9.96 30.33 -12.05
C ASP G 198 -8.57 30.20 -12.65
N LEU G 199 -8.48 30.25 -13.97
CA LEU G 199 -7.26 29.93 -14.69
C LEU G 199 -6.34 31.15 -14.86
N TYR G 200 -6.93 32.32 -15.07
CA TYR G 200 -6.17 33.49 -15.51
C TYR G 200 -6.42 34.71 -14.63
N LYS G 201 -7.04 34.54 -13.47
CA LYS G 201 -7.47 35.60 -12.57
C LYS G 201 -8.23 36.73 -13.27
N VAL G 202 -7.58 37.38 -14.23
CA VAL G 202 -8.14 38.52 -14.97
C VAL G 202 -9.51 38.16 -15.54
N ALA G 203 -10.32 39.17 -15.85
CA ALA G 203 -11.63 38.94 -16.41
C ALA G 203 -11.61 38.82 -17.93
N THR G 204 -10.70 39.52 -18.59
CA THR G 204 -10.52 39.40 -20.03
C THR G 204 -9.04 39.16 -20.30
N GLY G 205 -8.74 38.12 -21.08
CA GLY G 205 -7.37 37.84 -21.50
C GLY G 205 -6.89 38.73 -22.63
N ARG G 206 -5.62 38.54 -22.99
CA ARG G 206 -5.07 39.10 -24.21
C ARG G 206 -3.81 38.35 -24.58
N VAL G 207 -3.67 38.03 -25.87
CA VAL G 207 -2.44 37.43 -26.42
C VAL G 207 -1.98 38.31 -27.58
N THR G 208 -0.68 38.66 -27.58
CA THR G 208 -0.12 39.52 -28.62
C THR G 208 1.26 38.98 -29.01
N VAL G 209 1.32 38.31 -30.16
CA VAL G 209 2.57 37.83 -30.74
C VAL G 209 2.94 38.74 -31.91
N SER G 210 4.22 39.08 -32.02
CA SER G 210 4.61 40.11 -32.98
C SER G 210 6.09 40.00 -33.31
N THR G 211 6.42 40.24 -34.59
CA THR G 211 7.78 40.47 -35.05
C THR G 211 7.89 41.93 -35.52
N ARG G 212 9.06 42.26 -36.08
CA ARG G 212 9.20 43.55 -36.75
C ARG G 212 8.33 43.65 -37.99
N SER G 213 8.09 42.51 -38.65
CA SER G 213 7.31 42.52 -39.89
C SER G 213 5.83 42.76 -39.61
N ASP G 214 5.20 41.88 -38.82
CA ASP G 214 3.75 41.96 -38.62
C ASP G 214 3.42 41.56 -37.18
N GLN G 215 2.12 41.46 -36.91
CA GLN G 215 1.60 41.27 -35.56
C GLN G 215 0.22 40.62 -35.65
N ILE G 216 -0.18 39.98 -34.54
CA ILE G 216 -1.56 39.57 -34.28
C ILE G 216 -1.84 39.82 -32.80
N SER G 217 -3.05 40.26 -32.49
CA SER G 217 -3.52 40.30 -31.11
C SER G 217 -4.93 39.72 -31.02
N ILE G 218 -5.13 38.83 -30.05
CA ILE G 218 -6.40 38.13 -29.87
C ILE G 218 -6.90 38.36 -28.45
N VAL G 219 -8.10 38.94 -28.34
CA VAL G 219 -8.81 38.99 -27.07
C VAL G 219 -9.72 37.76 -27.00
N PRO G 220 -9.51 36.87 -26.04
CA PRO G 220 -10.27 35.60 -26.03
C PRO G 220 -11.72 35.84 -25.69
N ASN G 221 -12.59 35.16 -26.43
CA ASN G 221 -14.03 35.27 -26.24
C ASN G 221 -14.55 34.12 -25.37
N ILE G 222 -15.27 34.48 -24.32
CA ILE G 222 -15.84 33.52 -23.39
C ILE G 222 -17.24 33.12 -23.87
N GLY G 223 -17.69 31.94 -23.46
CA GLY G 223 -18.98 31.44 -23.88
C GLY G 223 -19.00 29.94 -24.06
N SER G 224 -20.17 29.37 -24.36
CA SER G 224 -20.33 27.92 -24.38
C SER G 224 -20.34 27.41 -25.82
N ARG G 225 -19.59 26.35 -26.05
CA ARG G 225 -19.62 25.50 -27.23
C ARG G 225 -20.12 24.11 -26.85
N PRO G 226 -20.48 23.27 -27.82
CA PRO G 226 -20.87 21.90 -27.47
C PRO G 226 -19.68 21.12 -26.92
N ARG G 227 -19.97 20.26 -25.95
CA ARG G 227 -18.90 19.54 -25.27
C ARG G 227 -18.25 18.54 -26.22
N VAL G 228 -16.93 18.60 -26.32
CA VAL G 228 -16.14 17.70 -27.15
C VAL G 228 -15.07 17.09 -26.26
N ARG G 229 -15.09 15.76 -26.13
CA ARG G 229 -14.30 15.07 -25.12
C ARG G 229 -14.49 15.72 -23.76
N ASN G 230 -15.74 16.10 -23.49
CA ASN G 230 -16.17 16.70 -22.23
C ASN G 230 -15.48 18.04 -21.99
N GLN G 231 -15.67 18.96 -22.94
CA GLN G 231 -15.07 20.28 -22.88
C GLN G 231 -15.94 21.29 -23.63
N SER G 232 -16.37 22.32 -22.93
CA SER G 232 -17.15 23.39 -23.54
C SER G 232 -16.27 24.48 -24.15
N GLY G 233 -15.02 24.61 -23.69
CA GLY G 233 -14.11 25.61 -24.21
C GLY G 233 -13.39 25.17 -25.48
N ARG G 234 -12.57 26.08 -26.01
CA ARG G 234 -11.83 25.85 -27.23
C ARG G 234 -10.46 26.53 -27.16
N ILE G 235 -9.49 25.97 -27.87
CA ILE G 235 -8.23 26.64 -28.19
C ILE G 235 -8.23 27.02 -29.66
N SER G 236 -7.67 28.19 -29.96
CA SER G 236 -7.52 28.66 -31.34
C SER G 236 -6.04 28.72 -31.69
N ILE G 237 -5.62 27.90 -32.65
CA ILE G 237 -4.21 27.78 -33.02
C ILE G 237 -3.84 28.85 -34.04
N TYR G 238 -2.75 29.55 -33.79
CA TYR G 238 -2.19 30.58 -34.65
C TYR G 238 -0.73 30.25 -34.96
N TRP G 239 -0.16 30.93 -35.95
CA TRP G 239 1.25 30.72 -36.27
C TRP G 239 1.91 32.03 -36.67
N THR G 240 3.23 32.11 -36.40
CA THR G 240 4.05 33.27 -36.72
C THR G 240 5.33 32.83 -37.42
N LEU G 241 5.68 33.50 -38.51
CA LEU G 241 6.97 33.32 -39.16
C LEU G 241 7.96 34.38 -38.67
N VAL G 242 9.20 33.96 -38.39
CA VAL G 242 10.24 34.85 -37.89
C VAL G 242 11.47 34.72 -38.79
N ASN G 243 11.79 35.79 -39.51
CA ASN G 243 12.91 35.78 -40.45
C ASN G 243 14.25 35.80 -39.72
N PRO G 244 15.31 35.35 -40.37
CA PRO G 244 16.65 35.49 -39.80
C PRO G 244 16.99 36.95 -39.53
N GLY G 245 17.41 37.24 -38.30
CA GLY G 245 17.66 38.61 -37.89
C GLY G 245 16.56 39.12 -36.97
N ASP G 246 15.32 38.84 -37.35
CA ASP G 246 14.15 39.34 -36.66
C ASP G 246 13.94 38.62 -35.32
N SER G 247 13.06 39.17 -34.49
CA SER G 247 12.73 38.63 -33.18
C SER G 247 11.22 38.54 -33.00
N ILE G 248 10.79 37.58 -32.19
CA ILE G 248 9.38 37.37 -31.88
C ILE G 248 9.15 37.64 -30.39
N ILE G 249 8.03 38.30 -30.08
CA ILE G 249 7.66 38.62 -28.70
C ILE G 249 6.27 38.07 -28.41
N PHE G 250 6.19 37.20 -27.41
CA PHE G 250 4.90 36.78 -26.85
C PHE G 250 4.55 37.66 -25.66
N ASN G 251 3.38 38.29 -25.72
CA ASN G 251 2.98 39.29 -24.73
C ASN G 251 1.55 39.01 -24.32
N SER G 252 1.35 38.53 -23.09
CA SER G 252 0.03 38.09 -22.65
C SER G 252 -0.23 38.47 -21.20
N ILE G 253 -1.45 38.90 -20.94
CA ILE G 253 -1.98 39.04 -19.59
C ILE G 253 -3.07 38.00 -19.32
N GLY G 254 -3.21 37.00 -20.20
CA GLY G 254 -4.18 35.95 -20.02
C GLY G 254 -4.44 35.10 -21.25
N ASN G 255 -4.50 33.78 -21.05
CA ASN G 255 -5.08 32.82 -21.99
C ASN G 255 -4.13 32.36 -23.08
N LEU G 256 -2.83 32.54 -22.89
CA LEU G 256 -1.87 32.09 -23.89
C LEU G 256 -1.68 30.58 -23.84
N ILE G 257 -1.63 29.95 -25.02
CA ILE G 257 -1.12 28.59 -25.14
C ILE G 257 0.26 28.65 -25.76
N ALA G 258 1.28 28.75 -24.91
CA ALA G 258 2.65 29.03 -25.33
C ALA G 258 3.24 27.90 -26.18
N PRO G 259 4.25 28.21 -26.98
CA PRO G 259 4.97 27.19 -27.73
C PRO G 259 6.11 26.56 -26.94
N ARG G 260 6.69 25.52 -27.54
CA ARG G 260 7.88 24.87 -26.99
C ARG G 260 9.05 24.93 -27.97
N GLY G 261 8.94 25.71 -29.02
CA GLY G 261 9.99 25.80 -30.02
C GLY G 261 9.38 26.02 -31.38
N HIS G 262 10.24 25.96 -32.40
CA HIS G 262 9.85 26.31 -33.76
C HIS G 262 10.09 25.14 -34.72
N TYR G 263 9.52 25.29 -35.92
CA TYR G 263 9.78 24.42 -37.06
C TYR G 263 10.58 25.16 -38.12
N LYS G 264 11.32 24.40 -38.93
CA LYS G 264 12.07 24.95 -40.05
C LYS G 264 11.18 25.07 -41.29
N ILE G 265 11.49 26.06 -42.13
CA ILE G 265 10.59 26.48 -43.21
C ILE G 265 11.18 26.20 -44.59
N SER G 266 12.40 26.69 -44.86
CA SER G 266 13.12 26.53 -46.12
C SER G 266 12.54 27.34 -47.28
N LYS G 267 11.29 27.06 -47.67
CA LYS G 267 10.60 27.70 -48.80
C LYS G 267 11.09 27.15 -50.13
N SER G 268 12.31 26.64 -50.16
CA SER G 268 12.82 25.93 -51.34
C SER G 268 12.61 24.43 -51.19
N THR G 269 11.35 24.05 -50.96
CA THR G 269 10.98 22.68 -50.67
C THR G 269 9.78 22.27 -51.52
N LYS G 270 9.78 21.02 -51.97
CA LYS G 270 8.84 20.56 -52.97
C LYS G 270 7.76 19.64 -52.42
N SER G 271 7.77 19.35 -51.12
CA SER G 271 6.93 18.31 -50.55
C SER G 271 5.46 18.72 -50.55
N THR G 272 4.58 17.73 -50.35
CA THR G 272 3.14 17.95 -50.35
C THR G 272 2.45 16.90 -49.49
N VAL G 273 1.12 16.99 -49.43
CA VAL G 273 0.27 16.09 -48.65
C VAL G 273 -0.76 15.45 -49.57
N LEU G 274 -1.01 14.16 -49.37
CA LEU G 274 -1.99 13.41 -50.15
C LEU G 274 -3.00 12.76 -49.23
N LYS G 275 -4.28 12.79 -49.64
CA LYS G 275 -5.38 12.24 -48.85
C LYS G 275 -5.87 10.95 -49.51
N SER G 276 -5.39 9.81 -49.00
CA SER G 276 -5.69 8.50 -49.55
C SER G 276 -6.00 7.52 -48.43
N ASP G 277 -6.80 6.50 -48.75
CA ASP G 277 -7.08 5.40 -47.82
C ASP G 277 -6.46 4.08 -48.28
N LYS G 278 -5.40 4.13 -49.09
CA LYS G 278 -4.82 2.94 -49.71
C LYS G 278 -3.54 2.56 -48.99
N ARG G 279 -3.30 1.25 -48.89
CA ARG G 279 -2.13 0.76 -48.16
C ARG G 279 -0.84 1.16 -48.88
N ILE G 280 0.21 1.33 -48.09
CA ILE G 280 1.56 1.51 -48.61
C ILE G 280 2.15 0.13 -48.91
N GLY G 281 2.25 -0.21 -50.20
CA GLY G 281 2.86 -1.46 -50.63
C GLY G 281 4.36 -1.38 -50.68
N SER G 282 4.96 -2.17 -51.58
CA SER G 282 6.39 -2.12 -51.81
C SER G 282 6.73 -1.94 -53.28
N CYS G 283 5.76 -1.58 -54.11
CA CYS G 283 5.96 -1.32 -55.53
C CYS G 283 6.84 -0.10 -55.78
N THR G 284 7.11 0.18 -57.04
CA THR G 284 7.79 1.39 -57.47
C THR G 284 6.90 2.16 -58.43
N SER G 285 6.83 3.49 -58.25
CA SER G 285 6.02 4.35 -59.10
C SER G 285 6.26 5.83 -58.81
N PRO G 286 6.55 6.64 -59.84
CA PRO G 286 6.67 8.09 -59.63
C PRO G 286 5.34 8.83 -59.59
N CYS G 287 4.22 8.16 -59.88
CA CYS G 287 2.92 8.81 -59.93
C CYS G 287 2.02 8.24 -58.85
N LEU G 288 1.64 9.07 -57.88
CA LEU G 288 0.73 8.69 -56.82
C LEU G 288 -0.59 9.46 -56.95
N THR G 289 -1.70 8.75 -56.82
CA THR G 289 -3.03 9.35 -56.82
C THR G 289 -3.78 8.89 -55.58
N ASP G 290 -4.86 9.59 -55.26
CA ASP G 290 -5.70 9.18 -54.14
C ASP G 290 -6.24 7.76 -54.34
N LYS G 291 -6.44 7.34 -55.60
CA LYS G 291 -6.94 6.01 -55.90
C LYS G 291 -5.83 4.96 -55.87
N GLY G 292 -4.57 5.39 -55.93
CA GLY G 292 -3.45 4.46 -56.01
C GLY G 292 -2.36 4.96 -56.92
N SER G 293 -1.30 4.18 -57.10
CA SER G 293 -0.19 4.57 -57.94
C SER G 293 -0.50 4.27 -59.41
N ILE G 294 0.25 4.91 -60.30
CA ILE G 294 0.10 4.72 -61.74
C ILE G 294 1.44 4.26 -62.30
N GLN G 295 1.44 3.10 -62.95
CA GLN G 295 2.62 2.52 -63.58
C GLN G 295 2.35 2.41 -65.08
N SER G 296 2.73 3.45 -65.82
CA SER G 296 2.35 3.57 -67.22
C SER G 296 3.35 4.43 -67.95
N ASP G 297 3.52 4.15 -69.24
CA ASP G 297 4.26 5.04 -70.13
C ASP G 297 3.34 5.83 -71.04
N LYS G 298 2.03 5.68 -70.87
CA LYS G 298 1.07 6.45 -71.65
C LYS G 298 1.10 7.92 -71.23
N PRO G 299 0.73 8.84 -72.12
CA PRO G 299 0.78 10.27 -71.79
C PRO G 299 -0.46 10.82 -71.09
N PHE G 300 -1.54 10.05 -71.01
CA PHE G 300 -2.79 10.54 -70.46
C PHE G 300 -3.39 9.48 -69.54
N GLN G 301 -4.35 9.91 -68.72
CA GLN G 301 -4.94 9.03 -67.72
C GLN G 301 -6.28 9.62 -67.27
N ASN G 302 -7.24 8.74 -67.01
CA ASN G 302 -8.55 9.15 -66.50
C ASN G 302 -8.78 8.77 -65.04
N VAL G 303 -7.73 8.30 -64.36
CA VAL G 303 -7.89 7.76 -63.00
C VAL G 303 -8.33 8.86 -62.05
N SER G 304 -7.48 9.87 -61.84
CA SER G 304 -7.81 10.92 -60.88
C SER G 304 -7.11 12.22 -61.25
N ARG G 305 -7.84 13.33 -61.08
CA ARG G 305 -7.23 14.65 -61.20
C ARG G 305 -6.17 14.87 -60.12
N ILE G 306 -6.30 14.18 -59.00
CA ILE G 306 -5.32 14.25 -57.92
C ILE G 306 -4.16 13.34 -58.30
N ALA G 307 -3.01 13.93 -58.63
CA ALA G 307 -1.89 13.16 -59.15
C ALA G 307 -0.58 13.85 -58.76
N ILE G 308 0.23 13.16 -57.97
CA ILE G 308 1.45 13.71 -57.38
C ILE G 308 2.65 12.99 -57.99
N GLY G 309 3.61 13.76 -58.48
CA GLY G 309 4.83 13.22 -59.05
C GLY G 309 4.85 13.28 -60.56
N ASN G 310 5.72 12.44 -61.13
CA ASN G 310 5.79 12.29 -62.58
C ASN G 310 4.59 11.47 -63.05
N CYS G 311 3.56 12.14 -63.53
CA CYS G 311 2.31 11.51 -63.88
C CYS G 311 1.94 11.77 -65.34
N PRO G 312 1.07 10.93 -65.90
CA PRO G 312 0.40 11.32 -67.15
C PRO G 312 -0.63 12.41 -66.89
N LYS G 313 -0.88 13.22 -67.92
CA LYS G 313 -1.84 14.31 -67.79
C LYS G 313 -3.24 13.75 -67.61
N TYR G 314 -3.96 14.25 -66.62
CA TYR G 314 -5.34 13.84 -66.42
C TYR G 314 -6.24 14.40 -67.52
N VAL G 315 -7.11 13.56 -68.09
CA VAL G 315 -8.04 13.95 -69.13
C VAL G 315 -9.39 13.31 -68.84
N LYS G 316 -10.42 13.82 -69.52
CA LYS G 316 -11.76 13.27 -69.34
C LYS G 316 -11.97 11.99 -70.13
N GLN G 317 -11.28 11.85 -71.26
CA GLN G 317 -11.52 10.73 -72.17
C GLN G 317 -11.20 9.40 -71.49
N GLY G 318 -11.99 8.38 -71.82
CA GLY G 318 -11.65 7.03 -71.40
C GLY G 318 -10.67 6.35 -72.33
N SER G 319 -10.75 6.64 -73.63
CA SER G 319 -9.88 6.01 -74.61
C SER G 319 -9.47 7.03 -75.67
N LEU G 320 -8.23 6.93 -76.12
CA LEU G 320 -7.74 7.71 -77.26
C LEU G 320 -6.81 6.81 -78.07
N MET G 321 -7.35 6.19 -79.11
CA MET G 321 -6.62 5.19 -79.86
C MET G 321 -5.70 5.85 -80.89
N LEU G 322 -4.43 5.46 -80.88
CA LEU G 322 -3.41 6.02 -81.74
C LEU G 322 -3.04 5.00 -82.81
N ALA G 323 -3.34 5.33 -84.07
CA ALA G 323 -2.94 4.48 -85.18
C ALA G 323 -1.44 4.24 -85.19
N THR G 324 -1.05 2.96 -85.19
CA THR G 324 0.34 2.56 -85.33
C THR G 324 0.57 1.79 -86.63
N GLY G 325 -0.33 1.95 -87.60
CA GLY G 325 -0.25 1.24 -88.86
C GLY G 325 -1.17 1.89 -89.86
N MET G 326 -1.13 1.39 -91.08
CA MET G 326 -1.86 1.98 -92.18
C MET G 326 -3.34 1.61 -92.13
N ARG G 327 -4.11 2.20 -93.04
CA ARG G 327 -5.51 1.82 -93.22
C ARG G 327 -5.61 0.32 -93.48
N ASN G 328 -6.58 -0.31 -92.82
CA ASN G 328 -6.88 -1.71 -93.08
C ASN G 328 -7.92 -1.79 -94.19
N ILE G 329 -7.53 -2.40 -95.31
CA ILE G 329 -8.45 -2.63 -96.43
C ILE G 329 -8.38 -4.13 -96.74
N PRO G 330 -9.29 -4.93 -96.17
CA PRO G 330 -9.08 -6.39 -96.16
C PRO G 330 -9.60 -7.11 -97.40
N GLY G 331 -10.53 -6.49 -98.12
CA GLY G 331 -11.15 -7.13 -99.26
C GLY G 331 -12.18 -8.18 -98.89
N ALA H 5 -5.93 -14.77 -110.93
CA ALA H 5 -5.83 -13.37 -111.32
C ALA H 5 -5.39 -12.51 -110.14
N ILE H 6 -4.40 -11.66 -110.35
CA ILE H 6 -3.75 -10.91 -109.29
C ILE H 6 -4.10 -9.43 -109.43
N ALA H 7 -4.17 -8.74 -108.28
CA ALA H 7 -4.38 -7.29 -108.23
C ALA H 7 -3.34 -6.66 -107.30
N GLY H 8 -3.37 -5.34 -107.23
CA GLY H 8 -2.48 -4.59 -106.36
C GLY H 8 -3.22 -3.67 -105.41
N PHE H 9 -2.55 -2.60 -104.96
CA PHE H 9 -3.10 -1.81 -103.86
C PHE H 9 -4.37 -1.07 -104.25
N ILE H 10 -4.56 -0.75 -105.53
CA ILE H 10 -5.77 -0.03 -105.95
C ILE H 10 -7.02 -0.78 -105.49
N GLU H 11 -7.02 -2.09 -105.69
CA GLU H 11 -8.14 -2.93 -105.29
C GLU H 11 -8.27 -3.00 -103.78
N ASN H 12 -7.42 -3.79 -103.13
CA ASN H 12 -7.44 -3.93 -101.69
C ASN H 12 -6.05 -4.33 -101.20
N GLY H 13 -5.95 -4.55 -99.89
CA GLY H 13 -4.72 -4.99 -99.28
C GLY H 13 -4.51 -6.49 -99.38
N TRP H 14 -3.46 -6.94 -98.71
CA TRP H 14 -2.98 -8.32 -98.83
C TRP H 14 -2.87 -8.91 -97.42
N GLN H 15 -3.88 -9.67 -97.00
CA GLN H 15 -3.74 -10.42 -95.75
C GLN H 15 -2.62 -11.46 -95.85
N GLY H 16 -2.36 -11.97 -97.05
CA GLY H 16 -1.27 -12.93 -97.24
C GLY H 16 0.08 -12.43 -96.77
N LEU H 17 0.33 -11.12 -96.88
CA LEU H 17 1.67 -10.56 -96.69
C LEU H 17 1.87 -10.31 -95.20
N ILE H 18 2.78 -11.07 -94.59
CA ILE H 18 2.97 -11.04 -93.15
C ILE H 18 4.39 -10.70 -92.73
N ASP H 19 5.33 -10.59 -93.67
CA ASP H 19 6.72 -10.30 -93.34
C ASP H 19 7.15 -8.92 -93.83
N GLY H 20 6.19 -8.02 -93.98
CA GLY H 20 6.47 -6.70 -94.49
C GLY H 20 5.18 -5.91 -94.58
N TRP H 21 5.35 -4.59 -94.69
CA TRP H 21 4.20 -3.71 -94.83
C TRP H 21 3.80 -3.52 -96.29
N TYR H 22 4.78 -3.60 -97.20
CA TYR H 22 4.58 -3.48 -98.63
C TYR H 22 5.31 -4.62 -99.31
N GLY H 23 5.04 -4.84 -100.59
CA GLY H 23 5.70 -5.95 -101.25
C GLY H 23 5.25 -6.11 -102.69
N PHE H 24 5.97 -6.98 -103.39
CA PHE H 24 5.69 -7.32 -104.78
C PHE H 24 4.93 -8.63 -104.84
N ARG H 25 4.01 -8.73 -105.79
CA ARG H 25 3.37 -9.99 -106.13
C ARG H 25 3.39 -10.14 -107.65
N HIS H 26 3.92 -11.25 -108.14
CA HIS H 26 4.15 -11.41 -109.57
C HIS H 26 3.55 -12.69 -110.12
N GLN H 27 3.36 -12.68 -111.44
CA GLN H 27 3.03 -13.87 -112.22
C GLN H 27 3.99 -13.95 -113.40
N ASN H 28 4.66 -15.09 -113.57
CA ASN H 28 5.41 -15.35 -114.80
C ASN H 28 5.20 -16.81 -115.18
N ALA H 29 6.01 -17.29 -116.13
CA ALA H 29 5.82 -18.65 -116.63
C ALA H 29 6.29 -19.68 -115.62
N GLU H 30 7.07 -19.27 -114.61
CA GLU H 30 7.54 -20.18 -113.58
C GLU H 30 6.58 -20.31 -112.41
N GLY H 31 5.59 -19.44 -112.30
CA GLY H 31 4.65 -19.49 -111.20
C GLY H 31 4.29 -18.10 -110.71
N THR H 32 3.89 -18.03 -109.44
CA THR H 32 3.41 -16.79 -108.83
C THR H 32 3.97 -16.69 -107.42
N GLY H 33 4.32 -15.48 -107.00
CA GLY H 33 4.99 -15.29 -105.72
C GLY H 33 4.74 -13.93 -105.11
N THR H 34 4.91 -13.87 -103.78
CA THR H 34 4.80 -12.63 -103.02
C THR H 34 6.06 -12.44 -102.18
N ALA H 35 6.73 -11.30 -102.36
CA ALA H 35 7.89 -10.92 -101.55
C ALA H 35 7.69 -9.52 -100.98
N ALA H 36 8.16 -9.31 -99.76
CA ALA H 36 8.08 -8.02 -99.12
C ALA H 36 9.23 -7.10 -99.53
N ASP H 37 8.96 -5.80 -99.53
CA ASP H 37 9.96 -4.78 -99.86
C ASP H 37 10.40 -4.10 -98.56
N LEU H 38 11.69 -4.21 -98.24
CA LEU H 38 12.17 -3.77 -96.93
C LEU H 38 12.28 -2.25 -96.83
N LYS H 39 12.81 -1.59 -97.85
CA LYS H 39 12.99 -0.14 -97.81
C LYS H 39 11.67 0.57 -97.53
N SER H 40 10.67 0.34 -98.37
CA SER H 40 9.38 0.98 -98.19
C SER H 40 8.79 0.68 -96.81
N THR H 41 8.94 -0.55 -96.34
CA THR H 41 8.41 -0.91 -95.02
C THR H 41 9.09 -0.11 -93.91
N GLN H 42 10.43 -0.15 -93.87
CA GLN H 42 11.15 0.53 -92.80
C GLN H 42 10.93 2.03 -92.83
N ALA H 43 10.83 2.61 -94.02
CA ALA H 43 10.45 4.01 -94.20
C ALA H 43 9.22 4.35 -93.36
N ALA H 44 8.08 3.73 -93.69
CA ALA H 44 6.85 3.94 -92.93
C ALA H 44 7.05 3.69 -91.44
N ILE H 45 7.54 2.49 -91.09
CA ILE H 45 7.73 2.12 -89.69
C ILE H 45 8.49 3.18 -88.91
N ASP H 46 9.52 3.76 -89.54
CA ASP H 46 10.42 4.65 -88.81
C ASP H 46 9.73 5.96 -88.42
N GLN H 47 8.70 6.37 -89.16
CA GLN H 47 7.95 7.55 -88.77
C GLN H 47 6.85 7.23 -87.75
N ILE H 48 6.48 5.96 -87.62
CA ILE H 48 5.52 5.57 -86.60
C ILE H 48 6.18 5.48 -85.24
N ASN H 49 7.41 4.98 -85.21
CA ASN H 49 8.19 4.98 -83.98
C ASN H 49 8.52 6.40 -83.53
N GLY H 50 9.07 7.21 -84.43
CA GLY H 50 9.51 8.56 -84.08
C GLY H 50 8.43 9.41 -83.46
N LYS H 51 7.17 9.18 -83.83
CA LYS H 51 6.05 9.88 -83.22
C LYS H 51 5.56 9.17 -81.96
N LEU H 52 5.78 7.86 -81.88
CA LEU H 52 5.60 7.13 -80.63
C LEU H 52 6.65 7.52 -79.62
N ASN H 53 7.80 8.02 -80.08
CA ASN H 53 8.84 8.54 -79.20
C ASN H 53 8.48 9.93 -78.70
N ARG H 54 7.89 10.75 -79.57
CA ARG H 54 7.48 12.11 -79.23
C ARG H 54 6.39 12.13 -78.15
N LEU H 55 5.86 10.97 -77.77
CA LEU H 55 4.72 10.90 -76.86
C LEU H 55 5.06 10.36 -75.48
N ILE H 56 6.13 9.58 -75.35
CA ILE H 56 6.53 9.03 -74.07
C ILE H 56 7.59 9.90 -73.40
N GLU H 57 7.66 11.17 -73.77
CA GLU H 57 8.52 12.16 -73.12
C GLU H 57 7.68 12.87 -72.04
N LYS H 58 8.00 12.62 -70.78
CA LYS H 58 7.16 13.06 -69.68
C LYS H 58 7.72 14.34 -69.08
N THR H 59 7.31 15.48 -69.65
CA THR H 59 7.59 16.79 -69.07
C THR H 59 6.57 17.18 -68.01
N ASN H 60 5.69 16.26 -67.62
CA ASN H 60 4.68 16.47 -66.59
C ASN H 60 5.19 15.93 -65.26
N GLU H 61 5.59 16.83 -64.37
CA GLU H 61 5.94 16.48 -62.99
C GLU H 61 5.43 17.57 -62.07
N LYS H 62 4.65 17.18 -61.06
CA LYS H 62 3.94 18.15 -60.23
C LYS H 62 3.88 17.62 -58.80
N TYR H 63 4.52 18.32 -57.87
CA TYR H 63 4.47 17.94 -56.47
C TYR H 63 3.31 18.63 -55.74
N HIS H 64 3.58 19.75 -55.07
CA HIS H 64 2.52 20.46 -54.37
C HIS H 64 1.75 21.35 -55.33
N GLN H 65 0.43 21.19 -55.36
CA GLN H 65 -0.41 21.86 -56.33
C GLN H 65 -1.51 22.66 -55.63
N ILE H 66 -2.76 22.23 -55.77
CA ILE H 66 -3.87 22.82 -55.02
C ILE H 66 -4.84 21.72 -54.62
N GLU H 67 -5.62 22.01 -53.59
CA GLU H 67 -6.68 21.10 -53.19
C GLU H 67 -7.70 20.94 -54.32
N LYS H 68 -8.11 19.70 -54.57
CA LYS H 68 -9.01 19.40 -55.67
C LYS H 68 -10.28 18.70 -55.20
N GLU H 69 -10.44 18.47 -53.91
CA GLU H 69 -11.59 17.78 -53.34
C GLU H 69 -11.90 18.43 -52.01
N PHE H 70 -13.18 18.63 -51.73
CA PHE H 70 -13.58 19.42 -50.56
C PHE H 70 -14.64 18.70 -49.76
N GLU H 71 -14.66 19.01 -48.45
CA GLU H 71 -15.57 18.37 -47.51
C GLU H 71 -16.76 19.25 -47.13
N GLN H 72 -16.56 20.56 -47.11
CA GLN H 72 -17.62 21.52 -46.80
C GLN H 72 -17.64 22.58 -47.90
N VAL H 73 -18.78 23.24 -48.05
CA VAL H 73 -18.86 24.35 -48.99
C VAL H 73 -18.24 25.60 -48.36
N GLU H 74 -17.66 26.44 -49.21
CA GLU H 74 -16.98 27.64 -48.75
C GLU H 74 -17.31 28.88 -49.56
N GLY H 75 -17.77 28.75 -50.79
CA GLY H 75 -18.08 29.90 -51.63
C GLY H 75 -16.90 30.30 -52.50
N ARG H 76 -16.47 31.56 -52.36
CA ARG H 76 -15.68 32.23 -53.40
C ARG H 76 -14.39 31.48 -53.71
N ILE H 77 -13.59 31.18 -52.70
CA ILE H 77 -12.26 30.64 -52.96
C ILE H 77 -12.34 29.21 -53.46
N GLN H 78 -13.23 28.41 -52.88
CA GLN H 78 -13.47 27.06 -53.40
C GLN H 78 -13.99 27.12 -54.84
N ASP H 79 -14.95 28.02 -55.09
CA ASP H 79 -15.51 28.16 -56.43
C ASP H 79 -14.42 28.46 -57.45
N LEU H 80 -13.43 29.27 -57.07
CA LEU H 80 -12.35 29.61 -57.99
C LEU H 80 -11.43 28.42 -58.22
N GLU H 81 -10.98 27.80 -57.13
CA GLU H 81 -10.13 26.61 -57.23
C GLU H 81 -10.79 25.54 -58.10
N LYS H 82 -12.08 25.30 -57.90
CA LYS H 82 -12.79 24.34 -58.75
C LYS H 82 -12.78 24.78 -60.21
N TYR H 83 -12.87 26.08 -60.46
CA TYR H 83 -12.90 26.58 -61.83
C TYR H 83 -11.55 26.42 -62.51
N VAL H 84 -10.48 26.82 -61.82
CA VAL H 84 -9.12 26.72 -62.38
C VAL H 84 -8.83 25.29 -62.81
N GLU H 85 -9.13 24.32 -61.94
CA GLU H 85 -8.84 22.92 -62.26
C GLU H 85 -9.72 22.41 -63.39
N ASP H 86 -11.02 22.71 -63.35
CA ASP H 86 -11.91 22.29 -64.43
C ASP H 86 -11.50 22.93 -65.76
N THR H 87 -10.97 24.15 -65.72
CA THR H 87 -10.47 24.76 -66.95
C THR H 87 -9.22 24.05 -67.45
N LYS H 88 -8.29 23.74 -66.54
CA LYS H 88 -7.09 23.00 -66.89
C LYS H 88 -7.42 21.65 -67.51
N ILE H 89 -8.38 20.92 -66.92
CA ILE H 89 -8.72 19.60 -67.42
C ILE H 89 -9.36 19.69 -68.80
N ASP H 90 -10.24 20.68 -69.01
CA ASP H 90 -10.87 20.85 -70.32
C ASP H 90 -9.82 21.12 -71.40
N LEU H 91 -8.83 21.96 -71.10
CA LEU H 91 -7.88 22.37 -72.12
C LEU H 91 -6.91 21.24 -72.46
N TRP H 92 -6.51 20.44 -71.47
CA TRP H 92 -5.67 19.29 -71.77
C TRP H 92 -6.47 18.21 -72.50
N SER H 93 -7.72 17.99 -72.06
CA SER H 93 -8.58 17.05 -72.78
C SER H 93 -8.71 17.43 -74.24
N TYR H 94 -8.81 18.73 -74.53
CA TYR H 94 -8.85 19.17 -75.93
C TYR H 94 -7.55 18.85 -76.64
N ASN H 95 -6.42 19.18 -76.01
CA ASN H 95 -5.12 18.96 -76.64
C ASN H 95 -4.93 17.49 -77.00
N ALA H 96 -5.39 16.59 -76.12
CA ALA H 96 -5.23 15.16 -76.38
C ALA H 96 -6.09 14.71 -77.55
N GLU H 97 -7.36 15.13 -77.56
CA GLU H 97 -8.25 14.78 -78.66
C GLU H 97 -7.70 15.26 -79.99
N LEU H 98 -7.16 16.48 -80.03
CA LEU H 98 -6.65 17.04 -81.27
C LEU H 98 -5.33 16.40 -81.66
N LEU H 99 -4.41 16.28 -80.71
CA LEU H 99 -3.11 15.68 -81.01
C LEU H 99 -3.27 14.28 -81.62
N VAL H 100 -4.06 13.43 -80.97
CA VAL H 100 -4.26 12.07 -81.46
C VAL H 100 -4.93 12.09 -82.84
N ALA H 101 -5.98 12.88 -82.99
CA ALA H 101 -6.69 12.97 -84.27
C ALA H 101 -5.76 13.43 -85.38
N LEU H 102 -4.73 14.20 -85.04
CA LEU H 102 -3.86 14.85 -86.00
C LEU H 102 -2.66 13.99 -86.32
N GLU H 103 -2.07 13.37 -85.30
CA GLU H 103 -1.13 12.27 -85.50
C GLU H 103 -1.70 11.21 -86.43
N ASN H 104 -2.94 10.77 -86.14
CA ASN H 104 -3.53 9.66 -86.89
C ASN H 104 -3.71 10.03 -88.36
N GLN H 105 -4.15 11.25 -88.63
CA GLN H 105 -4.26 11.70 -90.01
C GLN H 105 -2.90 11.69 -90.71
N HIS H 106 -1.84 11.98 -89.96
CA HIS H 106 -0.49 11.95 -90.53
C HIS H 106 -0.05 10.51 -90.79
N THR H 107 -0.24 9.62 -89.81
CA THR H 107 0.12 8.22 -89.97
C THR H 107 -0.52 7.63 -91.22
N ILE H 108 -1.76 8.02 -91.50
CA ILE H 108 -2.46 7.52 -92.68
C ILE H 108 -1.84 8.10 -93.95
N ASP H 109 -1.59 9.42 -93.95
CA ASP H 109 -0.99 10.07 -95.11
C ASP H 109 0.38 9.49 -95.44
N VAL H 110 1.21 9.29 -94.41
CA VAL H 110 2.57 8.81 -94.63
C VAL H 110 2.54 7.42 -95.26
N THR H 111 1.65 6.55 -94.78
CA THR H 111 1.61 5.18 -95.29
C THR H 111 1.00 5.14 -96.69
N ASP H 112 0.01 5.98 -96.94
CA ASP H 112 -0.52 6.09 -98.31
C ASP H 112 0.55 6.60 -99.27
N SER H 113 1.44 7.47 -98.79
CA SER H 113 2.51 8.00 -99.63
C SER H 113 3.55 6.93 -99.94
N GLU H 114 3.97 6.18 -98.91
CA GLU H 114 5.02 5.19 -99.11
C GLU H 114 4.58 4.11 -100.10
N MET H 115 3.31 3.72 -100.06
CA MET H 115 2.78 2.81 -101.05
C MET H 115 2.95 3.37 -102.46
N ASN H 116 2.59 4.64 -102.64
CA ASN H 116 2.66 5.24 -103.97
C ASN H 116 4.10 5.43 -104.42
N LYS H 117 5.00 5.81 -103.51
CA LYS H 117 6.42 5.87 -103.83
C LYS H 117 6.92 4.52 -104.35
N LEU H 118 6.59 3.44 -103.64
CA LEU H 118 6.98 2.11 -104.10
C LEU H 118 6.47 1.83 -105.51
N PHE H 119 5.21 2.16 -105.79
CA PHE H 119 4.67 1.97 -107.13
C PHE H 119 5.44 2.77 -108.16
N GLU H 120 5.70 4.04 -107.86
CA GLU H 120 6.39 4.90 -108.82
C GLU H 120 7.83 4.48 -109.01
N ARG H 121 8.50 4.03 -107.94
CA ARG H 121 9.85 3.48 -108.07
C ARG H 121 9.89 2.39 -109.13
N VAL H 122 8.93 1.46 -109.06
CA VAL H 122 8.89 0.36 -110.01
C VAL H 122 8.60 0.88 -111.41
N ARG H 123 7.63 1.78 -111.53
CA ARG H 123 7.34 2.44 -112.80
C ARG H 123 8.61 2.91 -113.49
N ARG H 124 9.47 3.60 -112.74
CA ARG H 124 10.69 4.18 -113.31
C ARG H 124 11.64 3.09 -113.77
N GLN H 125 11.86 2.07 -112.93
CA GLN H 125 12.73 0.95 -113.29
C GLN H 125 12.32 0.35 -114.63
N LEU H 126 11.02 0.26 -114.88
CA LEU H 126 10.48 -0.52 -115.99
C LEU H 126 10.46 0.26 -117.31
N ARG H 127 10.63 1.58 -117.25
CA ARG H 127 10.63 2.46 -118.41
C ARG H 127 9.54 2.09 -119.41
N GLU H 128 9.91 1.97 -120.69
CA GLU H 128 8.95 1.67 -121.73
C GLU H 128 8.75 0.18 -121.94
N ASN H 129 9.05 -0.64 -120.93
CA ASN H 129 8.93 -2.08 -121.02
C ASN H 129 7.67 -2.61 -120.35
N ALA H 130 6.93 -1.77 -119.63
CA ALA H 130 5.72 -2.18 -118.95
C ALA H 130 4.67 -1.10 -119.06
N GLU H 131 3.41 -1.52 -119.04
CA GLU H 131 2.27 -0.61 -118.98
C GLU H 131 1.50 -0.80 -117.67
N ASP H 132 1.04 0.32 -117.12
CA ASP H 132 0.27 0.31 -115.88
C ASP H 132 -1.14 -0.21 -116.18
N GLN H 133 -1.51 -1.32 -115.55
CA GLN H 133 -2.81 -1.95 -115.81
C GLN H 133 -3.98 -1.23 -115.14
N GLY H 134 -3.71 -0.40 -114.13
CA GLY H 134 -4.76 0.31 -113.42
C GLY H 134 -5.11 -0.26 -112.08
N ASN H 135 -4.64 -1.48 -111.76
CA ASN H 135 -4.98 -2.17 -110.52
C ASN H 135 -3.78 -2.27 -109.58
N GLY H 136 -2.90 -1.28 -109.62
CA GLY H 136 -1.65 -1.34 -108.89
C GLY H 136 -0.67 -2.37 -109.41
N CYS H 137 -0.81 -2.77 -110.68
CA CYS H 137 0.05 -3.76 -111.29
C CYS H 137 0.57 -3.28 -112.63
N PHE H 138 1.75 -3.78 -112.99
CA PHE H 138 2.37 -3.52 -114.29
C PHE H 138 2.33 -4.78 -115.13
N GLU H 139 1.81 -4.67 -116.35
CA GLU H 139 1.99 -5.72 -117.35
C GLU H 139 3.36 -5.57 -117.99
N ILE H 140 4.20 -6.59 -117.84
CA ILE H 140 5.55 -6.58 -118.40
C ILE H 140 5.51 -7.22 -119.78
N PHE H 141 5.95 -6.47 -120.79
CA PHE H 141 5.80 -6.91 -122.18
C PHE H 141 7.01 -7.69 -122.68
N HIS H 142 7.68 -8.42 -121.80
CA HIS H 142 8.74 -9.33 -122.19
C HIS H 142 8.75 -10.49 -121.21
N GLN H 143 9.29 -11.63 -121.67
CA GLN H 143 9.47 -12.76 -120.78
C GLN H 143 10.40 -12.38 -119.62
N CYS H 144 9.92 -12.61 -118.40
CA CYS H 144 10.62 -12.20 -117.18
C CYS H 144 10.61 -13.35 -116.19
N ASP H 145 11.67 -14.15 -116.18
CA ASP H 145 11.72 -15.31 -115.30
C ASP H 145 11.99 -14.86 -113.86
N ASN H 146 12.22 -15.82 -112.96
CA ASN H 146 12.30 -15.51 -111.54
C ASN H 146 13.49 -14.62 -111.21
N ASN H 147 14.60 -14.76 -111.95
CA ASN H 147 15.73 -13.87 -111.74
C ASN H 147 15.41 -12.47 -112.23
N CYS H 148 14.67 -12.36 -113.33
CA CYS H 148 14.27 -11.06 -113.85
C CYS H 148 13.32 -10.35 -112.89
N ILE H 149 12.41 -11.10 -112.27
CA ILE H 149 11.52 -10.52 -111.26
C ILE H 149 12.32 -10.05 -110.04
N GLU H 150 13.35 -10.82 -109.68
CA GLU H 150 14.18 -10.42 -108.54
C GLU H 150 14.99 -9.17 -108.83
N SER H 151 15.41 -8.98 -110.09
CA SER H 151 16.14 -7.76 -110.43
C SER H 151 15.26 -6.53 -110.24
N ILE H 152 14.00 -6.61 -110.67
CA ILE H 152 13.05 -5.54 -110.39
C ILE H 152 12.98 -5.27 -108.88
N ARG H 153 12.95 -6.35 -108.08
CA ARG H 153 12.74 -6.22 -106.65
C ARG H 153 13.98 -5.72 -105.92
N ASN H 154 15.17 -6.10 -106.39
CA ASN H 154 16.41 -5.70 -105.74
C ASN H 154 17.09 -4.53 -106.45
N GLY H 155 16.43 -3.93 -107.44
CA GLY H 155 16.87 -2.65 -107.99
C GLY H 155 17.97 -2.71 -109.01
N THR H 156 18.15 -3.84 -109.70
CA THR H 156 19.21 -3.98 -110.68
C THR H 156 18.68 -4.19 -112.10
N TYR H 157 17.39 -4.00 -112.32
CA TYR H 157 16.77 -4.35 -113.59
C TYR H 157 17.17 -3.34 -114.65
N ASP H 158 17.93 -3.79 -115.66
CA ASP H 158 18.44 -2.91 -116.72
C ASP H 158 17.47 -2.95 -117.89
N HIS H 159 16.66 -1.89 -118.02
CA HIS H 159 15.60 -1.86 -119.03
C HIS H 159 16.15 -1.96 -120.45
N ASN H 160 17.38 -1.49 -120.69
CA ASN H 160 17.96 -1.58 -122.03
C ASN H 160 18.05 -3.03 -122.50
N ILE H 161 18.24 -3.97 -121.56
CA ILE H 161 18.36 -5.39 -121.89
C ILE H 161 17.14 -5.86 -122.69
N TYR H 162 15.95 -5.47 -122.25
CA TYR H 162 14.71 -6.01 -122.81
C TYR H 162 13.95 -5.01 -123.69
N ARG H 163 14.51 -3.83 -123.96
CA ARG H 163 13.73 -2.76 -124.58
C ARG H 163 13.20 -3.15 -125.96
N ASP H 164 14.02 -3.80 -126.78
CA ASP H 164 13.59 -4.17 -128.13
C ASP H 164 12.45 -5.19 -128.08
N GLU H 165 12.60 -6.24 -127.28
CA GLU H 165 11.53 -7.23 -127.15
C GLU H 165 10.23 -6.58 -126.68
N ALA H 166 10.31 -5.68 -125.69
CA ALA H 166 9.11 -5.13 -125.07
C ALA H 166 8.42 -4.12 -125.98
N ILE H 167 9.18 -3.23 -126.62
CA ILE H 167 8.58 -2.24 -127.50
C ILE H 167 7.91 -2.92 -128.69
N ASN H 168 8.54 -3.96 -129.24
CA ASN H 168 7.92 -4.68 -130.36
C ASN H 168 6.64 -5.39 -129.94
N ASN H 169 6.51 -5.75 -128.66
CA ASN H 169 5.30 -6.38 -128.18
C ASN H 169 4.20 -5.37 -127.88
N ARG H 170 4.55 -4.11 -127.68
CA ARG H 170 3.56 -3.09 -127.37
C ARG H 170 3.00 -2.43 -128.62
N ILE H 171 3.82 -2.31 -129.66
CA ILE H 171 3.45 -1.55 -130.85
C ILE H 171 2.82 -2.45 -131.91
N LYS H 172 2.92 -3.77 -131.76
CA LYS H 172 2.29 -4.69 -132.69
C LYS H 172 1.64 -5.86 -131.94
N GLY I 13 43.74 -60.37 -96.33
CA GLY I 13 43.00 -61.62 -96.35
C GLY I 13 42.88 -62.28 -95.00
N ASN I 14 43.95 -62.21 -94.21
CA ASN I 14 44.03 -63.01 -93.00
C ASN I 14 43.16 -62.41 -91.90
N PRO I 15 42.32 -63.20 -91.24
CA PRO I 15 41.52 -62.68 -90.13
C PRO I 15 42.38 -62.28 -88.95
N ILE I 16 41.82 -61.36 -88.14
CA ILE I 16 42.43 -60.91 -86.90
C ILE I 16 41.48 -61.28 -85.78
N ILE I 17 42.04 -61.63 -84.62
CA ILE I 17 41.25 -61.79 -83.40
C ILE I 17 41.99 -61.09 -82.27
N CYS I 18 41.29 -60.21 -81.57
CA CYS I 18 41.86 -59.35 -80.55
C CYS I 18 41.24 -59.64 -79.20
N LEU I 19 42.04 -59.46 -78.16
CA LEU I 19 41.57 -59.62 -76.78
C LEU I 19 41.73 -58.31 -76.05
N GLY I 20 40.66 -57.88 -75.37
CA GLY I 20 40.62 -56.58 -74.73
C GLY I 20 39.87 -56.65 -73.43
N HIS I 21 39.79 -55.49 -72.77
CA HIS I 21 39.06 -55.34 -71.53
C HIS I 21 38.19 -54.10 -71.61
N HIS I 22 37.23 -54.01 -70.69
CA HIS I 22 36.29 -52.90 -70.80
C HIS I 22 36.91 -51.62 -70.26
N ALA I 23 36.27 -50.50 -70.60
CA ALA I 23 36.72 -49.19 -70.15
C ALA I 23 35.51 -48.27 -70.08
N VAL I 24 35.65 -47.21 -69.30
CA VAL I 24 34.63 -46.17 -69.22
C VAL I 24 35.28 -44.84 -69.59
N GLU I 25 34.43 -43.88 -69.97
CA GLU I 25 34.96 -42.57 -70.35
C GLU I 25 35.53 -41.83 -69.15
N ASN I 26 34.87 -41.91 -68.00
CA ASN I 26 35.26 -41.18 -66.80
C ASN I 26 35.51 -42.17 -65.68
N GLY I 27 36.77 -42.30 -65.26
CA GLY I 27 37.16 -43.23 -64.23
C GLY I 27 36.93 -42.73 -62.81
N THR I 28 37.68 -43.33 -61.88
CA THR I 28 37.70 -42.91 -60.49
C THR I 28 39.10 -43.11 -59.95
N SER I 29 39.59 -42.16 -59.15
CA SER I 29 40.95 -42.18 -58.66
C SER I 29 41.03 -42.97 -57.35
N VAL I 30 42.04 -43.85 -57.25
CA VAL I 30 42.29 -44.62 -56.05
C VAL I 30 43.79 -44.63 -55.78
N LYS I 31 44.16 -45.05 -54.57
CA LYS I 31 45.54 -45.02 -54.10
C LYS I 31 46.08 -46.44 -53.96
N THR I 32 47.28 -46.66 -54.50
CA THR I 32 48.09 -47.80 -54.11
C THR I 32 49.24 -47.29 -53.22
N LEU I 33 50.20 -48.16 -52.93
CA LEU I 33 51.33 -47.72 -52.12
C LEU I 33 52.23 -46.74 -52.86
N THR I 34 52.19 -46.73 -54.19
CA THR I 34 53.17 -46.02 -54.99
C THR I 34 52.58 -44.91 -55.85
N ASP I 35 51.28 -44.92 -56.09
CA ASP I 35 50.63 -43.91 -56.91
C ASP I 35 49.43 -43.39 -56.16
N ASN I 36 49.38 -42.09 -55.94
CA ASN I 36 48.29 -41.44 -55.23
C ASN I 36 47.10 -41.16 -56.12
N HIS I 37 47.10 -41.69 -57.34
CA HIS I 37 46.22 -41.23 -58.40
C HIS I 37 46.18 -42.26 -59.52
N VAL I 38 45.62 -43.44 -59.23
CA VAL I 38 45.38 -44.47 -60.24
C VAL I 38 43.91 -44.44 -60.62
N GLU I 39 43.63 -44.35 -61.92
CA GLU I 39 42.27 -44.24 -62.40
C GLU I 39 41.75 -45.64 -62.75
N VAL I 40 40.72 -46.08 -62.01
CA VAL I 40 40.16 -47.41 -62.17
C VAL I 40 38.70 -47.28 -62.63
N VAL I 41 38.18 -48.37 -63.19
CA VAL I 41 36.86 -48.34 -63.81
C VAL I 41 35.78 -48.03 -62.78
N SER I 42 35.84 -48.67 -61.62
CA SER I 42 34.83 -48.51 -60.59
C SER I 42 35.48 -48.50 -59.21
N ALA I 43 34.85 -47.80 -58.27
CA ALA I 43 35.42 -47.63 -56.94
C ALA I 43 34.31 -47.43 -55.92
N LYS I 44 34.64 -47.68 -54.65
CA LYS I 44 33.67 -47.75 -53.56
C LYS I 44 34.23 -47.04 -52.34
N GLU I 45 33.42 -46.17 -51.74
CA GLU I 45 33.83 -45.44 -50.55
C GLU I 45 33.76 -46.32 -49.31
N LEU I 46 34.77 -46.22 -48.45
CA LEU I 46 34.87 -47.04 -47.26
C LEU I 46 34.76 -46.23 -45.97
N VAL I 47 34.76 -44.91 -46.04
CA VAL I 47 34.65 -44.04 -44.86
C VAL I 47 33.24 -43.48 -44.85
N GLU I 48 32.45 -43.87 -43.86
CA GLU I 48 31.10 -43.34 -43.71
C GLU I 48 31.14 -41.93 -43.13
N THR I 49 30.39 -41.03 -43.75
CA THR I 49 30.32 -39.65 -43.31
C THR I 49 28.93 -39.23 -42.84
N ASN I 50 27.90 -40.00 -43.18
CA ASN I 50 26.52 -39.65 -42.82
C ASN I 50 26.13 -40.26 -41.48
N HIS I 51 25.41 -39.47 -40.69
CA HIS I 51 24.68 -39.94 -39.53
C HIS I 51 23.22 -39.54 -39.66
N THR I 52 22.38 -40.16 -38.82
CA THR I 52 20.94 -40.01 -38.98
C THR I 52 20.39 -38.71 -38.42
N ASP I 53 20.99 -38.22 -37.32
CA ASP I 53 20.67 -37.01 -36.57
C ASP I 53 19.65 -37.28 -35.46
N GLU I 54 19.03 -38.45 -35.44
CA GLU I 54 18.20 -38.91 -34.32
C GLU I 54 18.80 -40.20 -33.77
N LEU I 55 18.68 -40.39 -32.46
CA LEU I 55 19.18 -41.59 -31.81
C LEU I 55 18.14 -42.71 -31.93
N CYS I 56 18.56 -43.82 -32.52
CA CYS I 56 17.64 -44.91 -32.80
C CYS I 56 17.39 -45.73 -31.53
N PRO I 57 16.15 -45.88 -31.08
CA PRO I 57 15.88 -46.68 -29.88
C PRO I 57 15.89 -48.18 -30.11
N SER I 58 16.17 -48.63 -31.33
CA SER I 58 16.41 -50.02 -31.63
C SER I 58 17.80 -50.18 -32.22
N PRO I 59 18.48 -51.30 -31.94
CA PRO I 59 18.10 -52.33 -30.97
C PRO I 59 18.61 -52.05 -29.55
N LEU I 60 19.03 -50.81 -29.28
CA LEU I 60 19.62 -50.44 -28.00
C LEU I 60 18.56 -49.80 -27.10
N LYS I 61 18.37 -50.36 -25.91
CA LYS I 61 17.41 -49.83 -24.95
C LYS I 61 17.92 -48.50 -24.39
N LEU I 62 17.28 -47.41 -24.77
CA LEU I 62 17.67 -46.07 -24.33
C LEU I 62 16.77 -45.57 -23.19
N VAL I 63 17.36 -44.81 -22.28
CA VAL I 63 16.64 -44.02 -21.30
C VAL I 63 17.08 -42.58 -21.45
N ASP I 64 16.13 -41.70 -21.74
CA ASP I 64 16.42 -40.27 -21.85
C ASP I 64 16.32 -39.67 -20.46
N GLY I 65 17.45 -39.22 -19.93
CA GLY I 65 17.44 -38.52 -18.66
C GLY I 65 16.72 -37.19 -18.72
N GLN I 66 16.57 -36.62 -19.93
CA GLN I 66 15.91 -35.34 -20.12
C GLN I 66 16.53 -34.27 -19.24
N ASP I 67 15.76 -33.74 -18.30
CA ASP I 67 16.23 -32.65 -17.46
C ASP I 67 17.22 -33.11 -16.40
N CYS I 68 17.36 -34.41 -16.18
CA CYS I 68 18.19 -34.95 -15.11
C CYS I 68 19.40 -35.69 -15.69
N ASP I 69 20.58 -35.41 -15.14
CA ASP I 69 21.73 -36.24 -15.43
C ASP I 69 21.65 -37.54 -14.63
N LEU I 70 22.58 -38.45 -14.90
CA LEU I 70 22.49 -39.79 -14.36
C LEU I 70 22.62 -39.82 -12.84
N ILE I 71 23.31 -38.84 -12.25
CA ILE I 71 23.55 -38.84 -10.82
C ILE I 71 22.38 -38.23 -10.06
N ASN I 72 21.93 -37.05 -10.47
CA ASN I 72 20.69 -36.48 -9.96
C ASN I 72 19.58 -37.53 -9.90
N GLY I 73 19.42 -38.30 -10.98
CA GLY I 73 18.45 -39.38 -10.98
C GLY I 73 18.74 -40.41 -9.90
N ALA I 74 20.00 -40.85 -9.81
CA ALA I 74 20.35 -41.86 -8.82
C ALA I 74 20.16 -41.33 -7.40
N LEU I 75 20.31 -40.02 -7.21
CA LEU I 75 20.06 -39.42 -5.90
C LEU I 75 18.58 -39.17 -5.66
N GLY I 76 17.81 -38.94 -6.73
CA GLY I 76 16.39 -38.67 -6.60
C GLY I 76 16.05 -37.20 -6.49
N SER I 77 16.82 -36.33 -7.15
CA SER I 77 16.51 -34.91 -7.18
C SER I 77 15.14 -34.66 -7.83
N PRO I 78 14.55 -33.46 -7.60
CA PRO I 78 13.16 -33.21 -8.02
C PRO I 78 12.80 -33.56 -9.45
N GLY I 79 13.52 -33.02 -10.42
CA GLY I 79 13.27 -33.31 -11.82
C GLY I 79 13.16 -34.77 -12.21
N CYS I 80 13.70 -35.66 -11.38
CA CYS I 80 14.16 -36.98 -11.81
C CYS I 80 13.21 -38.12 -11.46
N ASP I 81 11.97 -37.82 -11.09
CA ASP I 81 11.09 -38.86 -10.54
C ASP I 81 10.87 -39.99 -11.53
N ARG I 82 10.50 -39.66 -12.77
CA ARG I 82 10.30 -40.67 -13.82
C ARG I 82 11.41 -41.72 -13.85
N LEU I 83 12.66 -41.27 -13.82
CA LEU I 83 13.82 -42.14 -14.01
C LEU I 83 13.86 -43.33 -13.06
N GLN I 84 13.04 -43.34 -12.00
CA GLN I 84 13.03 -44.45 -11.06
C GLN I 84 12.71 -45.77 -11.77
N ASP I 85 13.48 -46.81 -11.47
CA ASP I 85 13.31 -48.19 -11.93
C ASP I 85 13.58 -48.35 -13.42
N THR I 86 13.98 -47.29 -14.12
CA THR I 86 14.36 -47.43 -15.52
C THR I 86 15.62 -48.26 -15.66
N THR I 87 15.69 -49.03 -16.73
CA THR I 87 16.87 -49.80 -17.09
C THR I 87 17.28 -49.44 -18.51
N TRP I 88 18.54 -49.67 -18.84
CA TRP I 88 19.03 -49.17 -20.12
C TRP I 88 20.29 -49.91 -20.56
N ASP I 89 20.48 -49.94 -21.87
CA ASP I 89 21.81 -50.17 -22.44
C ASP I 89 22.60 -48.88 -22.52
N VAL I 90 21.95 -47.79 -22.94
CA VAL I 90 22.58 -46.47 -23.02
C VAL I 90 21.67 -45.47 -22.30
N PHE I 91 22.20 -44.84 -21.25
CA PHE I 91 21.58 -43.68 -20.62
C PHE I 91 22.05 -42.41 -21.32
N ILE I 92 21.10 -41.58 -21.74
CA ILE I 92 21.41 -40.36 -22.47
C ILE I 92 21.30 -39.17 -21.51
N GLU I 93 22.39 -38.42 -21.38
CA GLU I 93 22.39 -37.17 -20.65
C GLU I 93 22.33 -36.00 -21.61
N ARG I 94 21.46 -35.05 -21.34
CA ARG I 94 21.25 -33.87 -22.16
C ARG I 94 22.06 -32.70 -21.61
N PRO I 95 22.57 -31.81 -22.47
CA PRO I 95 23.34 -30.66 -21.97
C PRO I 95 22.47 -29.60 -21.32
N THR I 96 21.15 -29.73 -21.43
CA THR I 96 20.18 -28.84 -20.81
C THR I 96 19.79 -29.30 -19.42
N ALA I 97 20.34 -30.41 -18.95
CA ALA I 97 20.06 -30.90 -17.61
C ALA I 97 20.50 -29.88 -16.56
N VAL I 98 19.83 -29.91 -15.41
CA VAL I 98 19.97 -28.84 -14.43
C VAL I 98 19.88 -29.43 -13.03
N ASP I 99 20.61 -28.82 -12.10
CA ASP I 99 20.46 -29.14 -10.69
C ASP I 99 19.14 -28.57 -10.17
N THR I 100 18.42 -29.37 -9.39
CA THR I 100 17.15 -28.93 -8.82
C THR I 100 17.01 -29.19 -7.32
N CYS I 101 18.08 -29.57 -6.64
CA CYS I 101 18.00 -29.92 -5.22
C CYS I 101 19.08 -29.18 -4.44
N TYR I 102 19.35 -29.63 -3.24
CA TYR I 102 20.39 -29.03 -2.42
C TYR I 102 21.74 -29.12 -3.15
N PRO I 103 22.55 -28.07 -3.08
CA PRO I 103 23.83 -28.09 -3.82
C PRO I 103 24.80 -29.09 -3.23
N PHE I 104 25.57 -29.73 -4.10
CA PHE I 104 26.42 -30.83 -3.69
C PHE I 104 27.58 -30.99 -4.68
N ASP I 105 28.75 -31.34 -4.15
CA ASP I 105 29.83 -31.89 -4.95
C ASP I 105 29.98 -33.38 -4.68
N VAL I 106 30.59 -34.08 -5.62
CA VAL I 106 30.88 -35.50 -5.45
C VAL I 106 32.35 -35.76 -5.72
N PRO I 107 33.14 -36.11 -4.69
CA PRO I 107 34.50 -36.60 -4.95
C PRO I 107 34.43 -37.89 -5.76
N ASP I 108 35.26 -37.97 -6.80
CA ASP I 108 35.21 -39.06 -7.77
C ASP I 108 33.87 -39.08 -8.50
N TYR I 109 33.37 -37.88 -8.85
CA TYR I 109 32.15 -37.77 -9.64
C TYR I 109 32.13 -38.73 -10.81
N GLN I 110 33.19 -38.72 -11.61
CA GLN I 110 33.21 -39.50 -12.84
C GLN I 110 33.32 -41.00 -12.58
N SER I 111 33.88 -41.39 -11.43
CA SER I 111 33.93 -42.81 -11.09
C SER I 111 32.54 -43.32 -10.69
N LEU I 112 31.82 -42.55 -9.86
CA LEU I 112 30.45 -42.92 -9.49
C LEU I 112 29.55 -42.95 -10.72
N ARG I 113 29.59 -41.88 -11.53
CA ARG I 113 28.82 -41.86 -12.77
C ARG I 113 29.11 -43.09 -13.62
N SER I 114 30.39 -43.49 -13.71
CA SER I 114 30.75 -44.69 -14.45
C SER I 114 30.09 -45.93 -13.85
N ILE I 115 30.17 -46.08 -12.53
CA ILE I 115 29.62 -47.27 -11.88
C ILE I 115 28.12 -47.35 -12.12
N LEU I 116 27.42 -46.23 -11.94
CA LEU I 116 25.98 -46.21 -12.16
C LEU I 116 25.64 -46.55 -13.62
N ALA I 117 26.30 -45.87 -14.55
CA ALA I 117 26.11 -46.16 -15.98
C ALA I 117 26.29 -47.63 -16.29
N SER I 118 27.41 -48.21 -15.86
CA SER I 118 27.71 -49.61 -16.17
C SER I 118 26.62 -50.53 -15.63
N SER I 119 26.13 -50.26 -14.42
CA SER I 119 25.09 -51.10 -13.85
C SER I 119 23.82 -51.09 -14.70
N GLY I 120 23.55 -49.98 -15.39
CA GLY I 120 22.43 -49.91 -16.32
C GLY I 120 21.07 -50.08 -15.67
N SER I 121 20.86 -49.42 -14.54
CA SER I 121 19.62 -49.61 -13.80
C SER I 121 19.53 -48.55 -12.72
N LEU I 122 18.35 -47.97 -12.57
CA LEU I 122 18.01 -47.11 -11.44
C LEU I 122 16.93 -47.75 -10.58
N GLU I 123 16.97 -49.08 -10.46
CA GLU I 123 16.00 -49.83 -9.66
C GLU I 123 16.48 -49.84 -8.20
N PHE I 124 15.92 -48.93 -7.41
CA PHE I 124 16.35 -48.71 -6.02
C PHE I 124 15.64 -49.69 -5.10
N ILE I 125 16.40 -50.64 -4.54
CA ILE I 125 15.88 -51.52 -3.50
C ILE I 125 15.79 -50.72 -2.19
N ALA I 126 14.57 -50.44 -1.75
CA ALA I 126 14.36 -49.67 -0.54
C ALA I 126 14.55 -50.50 0.72
N GLU I 127 15.23 -49.93 1.71
CA GLU I 127 15.42 -50.52 3.02
C GLU I 127 14.93 -49.57 4.09
N GLN I 128 14.57 -50.12 5.25
CA GLN I 128 14.08 -49.34 6.37
C GLN I 128 15.11 -49.31 7.49
N PHE I 129 15.49 -48.10 7.91
CA PHE I 129 16.44 -47.87 8.98
C PHE I 129 15.75 -47.22 10.17
N THR I 130 16.11 -47.63 11.38
CA THR I 130 15.64 -46.98 12.61
C THR I 130 16.79 -46.14 13.18
N TRP I 131 16.77 -44.85 12.88
CA TRP I 131 17.83 -43.92 13.30
C TRP I 131 17.52 -43.42 14.71
N ASN I 132 18.10 -44.08 15.70
CA ASN I 132 17.82 -43.78 17.10
C ASN I 132 18.32 -42.39 17.47
N GLY I 133 17.39 -41.46 17.71
CA GLY I 133 17.68 -40.19 18.34
C GLY I 133 17.97 -39.03 17.42
N VAL I 134 17.09 -38.81 16.43
CA VAL I 134 17.25 -37.74 15.45
C VAL I 134 15.89 -37.52 14.80
N LYS I 135 15.67 -36.28 14.35
CA LYS I 135 14.56 -36.01 13.45
C LYS I 135 14.88 -36.51 12.04
N VAL I 136 13.90 -37.13 11.40
CA VAL I 136 14.09 -37.67 10.06
C VAL I 136 13.44 -36.78 9.02
N ASP I 137 13.64 -37.12 7.74
CA ASP I 137 12.88 -36.55 6.62
C ASP I 137 13.02 -35.04 6.52
N GLY I 138 14.20 -34.52 6.83
CA GLY I 138 14.51 -33.13 6.60
C GLY I 138 14.29 -32.67 5.17
N SER I 139 13.94 -31.39 4.99
CA SER I 139 13.75 -30.80 3.67
C SER I 139 14.47 -29.46 3.60
N SER I 140 14.38 -28.81 2.45
CA SER I 140 15.13 -27.57 2.22
C SER I 140 14.45 -26.76 1.12
N SER I 141 14.57 -25.44 1.24
CA SER I 141 14.00 -24.51 0.26
C SER I 141 14.75 -24.50 -1.06
N ALA I 142 15.88 -25.20 -1.16
CA ALA I 142 16.60 -25.30 -2.41
C ALA I 142 16.09 -26.43 -3.29
N CYS I 143 15.38 -27.38 -2.72
CA CYS I 143 14.98 -28.61 -3.39
C CYS I 143 13.46 -28.67 -3.47
N LEU I 144 12.88 -27.86 -4.36
CA LEU I 144 11.44 -27.75 -4.45
C LEU I 144 10.83 -28.91 -5.24
N ARG I 145 9.74 -29.45 -4.72
CA ARG I 145 8.93 -30.45 -5.42
C ARG I 145 7.50 -29.92 -5.44
N GLY I 146 7.08 -29.40 -6.59
CA GLY I 146 5.81 -28.69 -6.65
C GLY I 146 5.81 -27.39 -5.88
N GLY I 147 6.95 -26.71 -5.81
CA GLY I 147 7.06 -25.45 -5.11
C GLY I 147 7.22 -25.57 -3.61
N ARG I 148 7.21 -26.78 -3.06
CA ARG I 148 7.30 -27.01 -1.63
C ARG I 148 8.61 -27.69 -1.29
N ASN I 149 9.18 -27.32 -0.13
CA ASN I 149 10.49 -27.82 0.29
C ASN I 149 10.56 -29.34 0.30
N SER I 150 11.60 -29.88 -0.31
CA SER I 150 11.78 -31.33 -0.44
C SER I 150 13.27 -31.66 -0.34
N PHE I 151 13.60 -32.92 -0.60
CA PHE I 151 14.98 -33.41 -0.56
C PHE I 151 15.15 -34.51 -1.60
N PHE I 152 16.38 -35.01 -1.72
CA PHE I 152 16.65 -36.17 -2.55
C PHE I 152 15.77 -37.35 -2.12
N SER I 153 15.03 -37.92 -3.08
CA SER I 153 14.15 -39.03 -2.76
C SER I 153 14.88 -40.23 -2.17
N ARG I 154 16.20 -40.35 -2.42
CA ARG I 154 16.96 -41.51 -1.97
C ARG I 154 17.83 -41.20 -0.76
N LEU I 155 17.77 -40.00 -0.20
CA LEU I 155 18.54 -39.62 0.96
C LEU I 155 17.62 -39.13 2.07
N ASN I 156 18.13 -39.18 3.31
CA ASN I 156 17.34 -38.88 4.51
C ASN I 156 18.14 -37.93 5.39
N TRP I 157 17.71 -36.66 5.45
CA TRP I 157 18.43 -35.65 6.22
C TRP I 157 18.12 -35.79 7.71
N LEU I 158 19.17 -36.01 8.51
CA LEU I 158 19.05 -36.19 9.95
C LEU I 158 19.46 -34.92 10.68
N THR I 159 18.57 -34.39 11.52
CA THR I 159 18.86 -33.30 12.43
C THR I 159 18.51 -33.71 13.84
N LYS I 160 19.00 -32.94 14.82
CA LYS I 160 18.80 -33.30 16.22
C LYS I 160 17.31 -33.47 16.53
N ALA I 161 17.03 -34.40 17.44
CA ALA I 161 15.64 -34.67 17.82
C ALA I 161 15.05 -33.46 18.55
N THR I 162 13.79 -33.15 18.24
CA THR I 162 13.11 -32.02 18.86
C THR I 162 13.08 -32.20 20.37
N ASN I 163 14.25 -32.12 20.99
CA ASN I 163 14.49 -32.74 22.29
C ASN I 163 15.94 -32.49 22.69
N GLY I 164 16.71 -33.55 22.85
CA GLY I 164 18.09 -33.44 23.29
C GLY I 164 19.08 -33.19 22.17
N ASN I 165 19.86 -34.21 21.87
CA ASN I 165 21.07 -34.08 21.05
C ASN I 165 21.00 -35.05 19.87
N TYR I 166 22.04 -34.97 19.03
CA TYR I 166 22.19 -35.87 17.90
C TYR I 166 22.51 -37.27 18.40
N GLY I 167 21.49 -37.96 18.94
CA GLY I 167 21.67 -39.25 19.59
C GLY I 167 22.50 -40.23 18.80
N PRO I 168 23.64 -40.62 19.36
CA PRO I 168 24.68 -41.35 18.59
C PRO I 168 24.12 -42.51 17.79
N ILE I 169 24.51 -42.57 16.52
CA ILE I 169 23.99 -43.53 15.55
C ILE I 169 25.02 -44.63 15.32
N ASN I 170 24.54 -45.88 15.27
CA ASN I 170 25.40 -47.06 15.14
C ASN I 170 24.61 -48.14 14.39
N VAL I 171 24.02 -47.74 13.26
CA VAL I 171 23.11 -48.59 12.51
C VAL I 171 23.90 -49.52 11.60
N THR I 172 23.44 -50.76 11.47
CA THR I 172 24.14 -51.78 10.70
C THR I 172 23.18 -52.45 9.72
N LYS I 173 23.74 -52.98 8.63
CA LYS I 173 22.98 -53.72 7.63
C LYS I 173 23.86 -54.81 7.05
N GLU I 174 23.38 -56.06 7.12
CA GLU I 174 24.11 -57.21 6.58
C GLU I 174 23.62 -57.53 5.18
N ASN I 175 24.55 -57.67 4.24
CA ASN I 175 24.21 -58.06 2.87
C ASN I 175 23.96 -59.56 2.84
N THR I 176 22.67 -59.94 2.84
CA THR I 176 22.28 -61.34 2.76
C THR I 176 21.96 -61.81 1.34
N GLY I 177 21.71 -60.87 0.43
CA GLY I 177 21.51 -61.21 -0.97
C GLY I 177 22.76 -61.76 -1.62
N SER I 178 22.56 -62.28 -2.84
CA SER I 178 23.65 -62.89 -3.59
C SER I 178 24.48 -61.88 -4.38
N TYR I 179 24.06 -60.62 -4.43
CA TYR I 179 24.67 -59.61 -5.28
C TYR I 179 25.32 -58.51 -4.45
N VAL I 180 26.19 -57.75 -5.10
CA VAL I 180 26.93 -56.67 -4.44
C VAL I 180 26.06 -55.43 -4.34
N ARG I 181 26.15 -54.72 -3.20
CA ARG I 181 25.27 -53.61 -2.86
C ARG I 181 26.00 -52.28 -2.98
N LEU I 182 25.38 -51.32 -3.66
CA LEU I 182 25.86 -49.94 -3.69
C LEU I 182 24.97 -49.05 -2.82
N TYR I 183 25.54 -48.49 -1.76
CA TYR I 183 24.84 -47.57 -0.85
C TYR I 183 25.31 -46.14 -1.11
N LEU I 184 24.39 -45.24 -1.43
CA LEU I 184 24.69 -43.82 -1.59
C LEU I 184 24.34 -43.06 -0.32
N TRP I 185 25.32 -42.32 0.21
CA TRP I 185 25.13 -41.51 1.42
C TRP I 185 25.86 -40.18 1.24
N GLY I 186 25.80 -39.32 2.27
CA GLY I 186 26.38 -38.00 2.16
C GLY I 186 26.76 -37.41 3.50
N VAL I 187 27.28 -36.18 3.45
CA VAL I 187 27.76 -35.44 4.62
C VAL I 187 27.41 -33.98 4.43
N HIS I 188 26.73 -33.40 5.42
CA HIS I 188 26.39 -31.97 5.35
C HIS I 188 27.55 -31.11 5.82
N HIS I 189 27.88 -30.11 5.01
CA HIS I 189 28.85 -29.08 5.39
C HIS I 189 28.13 -27.77 5.63
N PRO I 190 27.78 -27.45 6.88
CA PRO I 190 27.00 -26.24 7.14
C PRO I 190 27.83 -24.96 6.99
N SER I 191 27.12 -23.86 6.83
CA SER I 191 27.76 -22.58 6.55
C SER I 191 28.40 -21.98 7.79
N SER I 192 27.64 -21.85 8.86
CA SER I 192 28.08 -21.15 10.05
C SER I 192 28.31 -22.12 11.20
N ASP I 193 29.12 -21.68 12.17
CA ASP I 193 29.23 -22.43 13.42
C ASP I 193 27.90 -22.50 14.14
N ASN I 194 26.98 -21.59 13.85
CA ASN I 194 25.66 -21.61 14.46
C ASN I 194 24.72 -22.58 13.76
N GLU I 195 24.83 -22.70 12.43
CA GLU I 195 24.01 -23.65 11.70
C GLU I 195 24.36 -25.08 12.10
N GLN I 196 25.64 -25.35 12.34
CA GLN I 196 26.07 -26.65 12.84
C GLN I 196 25.35 -26.97 14.16
N THR I 197 25.35 -26.03 15.10
CA THR I 197 24.82 -26.31 16.43
C THR I 197 23.30 -26.40 16.41
N ASP I 198 22.64 -25.57 15.61
CA ASP I 198 21.19 -25.67 15.44
C ASP I 198 20.77 -27.08 15.03
N LEU I 199 21.48 -27.66 14.07
CA LEU I 199 21.07 -28.90 13.44
C LEU I 199 21.61 -30.13 14.16
N TYR I 200 22.81 -30.04 14.71
CA TYR I 200 23.55 -31.21 15.17
C TYR I 200 24.06 -31.06 16.60
N LYS I 201 23.58 -30.03 17.32
CA LYS I 201 24.06 -29.66 18.66
C LYS I 201 25.58 -29.59 18.75
N VAL I 202 26.26 -30.70 18.52
CA VAL I 202 27.71 -30.82 18.63
C VAL I 202 28.40 -29.71 17.84
N ALA I 203 29.65 -29.40 18.18
CA ALA I 203 30.39 -28.37 17.49
C ALA I 203 31.11 -28.90 16.26
N THR I 204 31.54 -30.15 16.28
CA THR I 204 32.15 -30.80 15.12
C THR I 204 31.45 -32.12 14.89
N GLY I 205 30.99 -32.35 13.66
CA GLY I 205 30.38 -33.62 13.29
C GLY I 205 31.40 -34.72 13.03
N ARG I 206 30.87 -35.91 12.73
CA ARG I 206 31.66 -37.00 12.21
C ARG I 206 30.74 -38.01 11.55
N VAL I 207 31.15 -38.49 10.37
CA VAL I 207 30.47 -39.59 9.67
C VAL I 207 31.49 -40.69 9.40
N THR I 208 31.14 -41.93 9.73
CA THR I 208 32.03 -43.07 9.54
C THR I 208 31.23 -44.26 9.01
N VAL I 209 31.35 -44.50 7.71
CA VAL I 209 30.76 -45.67 7.07
C VAL I 209 31.87 -46.68 6.78
N SER I 210 31.58 -47.97 7.01
CA SER I 210 32.64 -48.96 6.97
C SER I 210 32.07 -50.36 6.78
N THR I 211 32.77 -51.17 5.98
CA THR I 211 32.57 -52.60 5.90
C THR I 211 33.79 -53.32 6.47
N ARG I 212 33.80 -54.64 6.35
CA ARG I 212 35.00 -55.39 6.70
C ARG I 212 36.15 -55.09 5.73
N SER I 213 35.82 -54.77 4.47
CA SER I 213 36.85 -54.52 3.47
C SER I 213 37.54 -53.18 3.71
N ASP I 214 36.79 -52.09 3.68
CA ASP I 214 37.39 -50.75 3.76
C ASP I 214 36.49 -49.83 4.56
N GLN I 215 36.86 -48.55 4.60
CA GLN I 215 36.23 -47.56 5.47
C GLN I 215 36.44 -46.17 4.88
N ILE I 216 35.56 -45.24 5.28
CA ILE I 216 35.76 -43.81 5.09
C ILE I 216 35.27 -43.11 6.37
N SER I 217 35.98 -42.06 6.77
CA SER I 217 35.50 -41.17 7.82
C SER I 217 35.69 -39.72 7.40
N ILE I 218 34.65 -38.92 7.57
CA ILE I 218 34.62 -37.53 7.13
C ILE I 218 34.27 -36.66 8.33
N VAL I 219 35.16 -35.74 8.68
CA VAL I 219 34.87 -34.66 9.62
C VAL I 219 34.36 -33.48 8.81
N PRO I 220 33.11 -33.04 9.01
CA PRO I 220 32.56 -31.99 8.14
C PRO I 220 33.21 -30.65 8.41
N ASN I 221 33.53 -29.93 7.34
CA ASN I 221 34.17 -28.64 7.43
C ASN I 221 33.14 -27.52 7.31
N ILE I 222 33.15 -26.61 8.28
CA ILE I 222 32.24 -25.49 8.33
C ILE I 222 32.85 -24.31 7.58
N GLY I 223 32.00 -23.41 7.10
CA GLY I 223 32.47 -22.26 6.35
C GLY I 223 31.52 -21.85 5.25
N SER I 224 31.82 -20.75 4.56
CA SER I 224 30.90 -20.17 3.60
C SER I 224 31.31 -20.51 2.17
N ARG I 225 30.34 -20.93 1.39
CA ARG I 225 30.39 -21.06 -0.06
C ARG I 225 29.42 -20.07 -0.70
N PRO I 226 29.52 -19.84 -2.01
CA PRO I 226 28.54 -18.95 -2.64
C PRO I 226 27.16 -19.56 -2.62
N ARG I 227 26.16 -18.69 -2.45
CA ARG I 227 24.79 -19.17 -2.31
C ARG I 227 24.30 -19.78 -3.62
N VAL I 228 23.78 -21.00 -3.54
CA VAL I 228 23.24 -21.71 -4.68
C VAL I 228 21.83 -22.15 -4.31
N ARG I 229 20.84 -21.68 -5.07
CA ARG I 229 19.44 -21.81 -4.68
C ARG I 229 19.25 -21.35 -3.24
N ASN I 230 19.96 -20.27 -2.89
CA ASN I 230 19.90 -19.62 -1.59
C ASN I 230 20.39 -20.56 -0.48
N GLN I 231 21.64 -21.02 -0.63
CA GLN I 231 22.25 -21.94 0.33
C GLN I 231 23.76 -21.75 0.32
N SER I 232 24.32 -21.43 1.48
CA SER I 232 25.77 -21.30 1.61
C SER I 232 26.46 -22.61 1.93
N GLY I 233 25.73 -23.60 2.46
CA GLY I 233 26.30 -24.90 2.77
C GLY I 233 26.33 -25.84 1.59
N ARG I 234 26.88 -27.04 1.84
CA ARG I 234 27.02 -28.07 0.82
C ARG I 234 26.83 -29.45 1.45
N ILE I 235 26.36 -30.39 0.63
CA ILE I 235 26.42 -31.82 0.94
C ILE I 235 27.49 -32.46 0.05
N SER I 236 28.23 -33.42 0.61
CA SER I 236 29.23 -34.18 -0.12
C SER I 236 28.79 -35.64 -0.22
N ILE I 237 28.53 -36.10 -1.44
CA ILE I 237 28.01 -37.44 -1.69
C ILE I 237 29.15 -38.45 -1.74
N TYR I 238 29.00 -39.55 -0.99
CA TYR I 238 29.93 -40.66 -0.95
C TYR I 238 29.19 -41.96 -1.26
N TRP I 239 29.94 -43.02 -1.54
CA TRP I 239 29.34 -44.31 -1.80
C TRP I 239 30.17 -45.45 -1.21
N THR I 240 29.48 -46.53 -0.85
CA THR I 240 30.08 -47.73 -0.29
C THR I 240 29.56 -48.97 -1.02
N LEU I 241 30.46 -49.88 -1.37
CA LEU I 241 30.10 -51.19 -1.88
C LEU I 241 30.13 -52.21 -0.75
N VAL I 242 29.12 -53.08 -0.71
CA VAL I 242 29.00 -54.09 0.33
C VAL I 242 28.82 -55.46 -0.32
N ASN I 243 29.81 -56.33 -0.17
CA ASN I 243 29.79 -57.64 -0.79
C ASN I 243 28.80 -58.58 -0.09
N PRO I 244 28.34 -59.61 -0.78
CA PRO I 244 27.51 -60.64 -0.11
C PRO I 244 28.26 -61.29 1.05
N GLY I 245 27.61 -61.31 2.21
CA GLY I 245 28.24 -61.78 3.42
C GLY I 245 28.61 -60.65 4.35
N ASP I 246 29.18 -59.59 3.76
CA ASP I 246 29.70 -58.46 4.50
C ASP I 246 28.56 -57.59 5.04
N SER I 247 28.92 -56.69 5.95
CA SER I 247 27.97 -55.76 6.58
C SER I 247 28.50 -54.34 6.52
N ILE I 248 27.58 -53.38 6.50
CA ILE I 248 27.91 -51.95 6.48
C ILE I 248 27.41 -51.31 7.78
N ILE I 249 28.22 -50.41 8.34
CA ILE I 249 27.87 -49.70 9.57
C ILE I 249 27.94 -48.20 9.32
N PHE I 250 26.83 -47.51 9.53
CA PHE I 250 26.81 -46.05 9.57
C PHE I 250 26.95 -45.59 11.01
N ASN I 251 27.96 -44.76 11.28
CA ASN I 251 28.33 -44.36 12.63
C ASN I 251 28.57 -42.85 12.64
N SER I 252 27.67 -42.11 13.25
CA SER I 252 27.73 -40.65 13.18
C SER I 252 27.34 -40.01 14.51
N ILE I 253 28.09 -38.97 14.89
CA ILE I 253 27.70 -38.06 15.96
C ILE I 253 27.32 -36.70 15.42
N GLY I 254 27.15 -36.57 14.10
CA GLY I 254 26.77 -35.32 13.48
C GLY I 254 26.95 -35.29 11.98
N ASN I 255 25.95 -34.76 11.27
CA ASN I 255 26.04 -34.28 9.89
C ASN I 255 25.86 -35.37 8.84
N LEU I 256 25.29 -36.51 9.21
CA LEU I 256 25.06 -37.58 8.25
C LEU I 256 23.88 -37.27 7.35
N ILE I 257 24.03 -37.54 6.05
CA ILE I 257 22.91 -37.60 5.13
C ILE I 257 22.66 -39.07 4.81
N ALA I 258 21.80 -39.69 5.61
CA ALA I 258 21.59 -41.13 5.59
C ALA I 258 20.99 -41.61 4.28
N PRO I 259 21.16 -42.89 3.95
CA PRO I 259 20.52 -43.46 2.77
C PRO I 259 19.12 -43.99 3.07
N ARG I 260 18.44 -44.42 2.00
CA ARG I 260 17.16 -45.08 2.11
C ARG I 260 17.19 -46.49 1.51
N GLY I 261 18.37 -47.00 1.20
CA GLY I 261 18.49 -48.31 0.60
C GLY I 261 19.67 -48.33 -0.35
N HIS I 262 19.78 -49.42 -1.11
CA HIS I 262 20.93 -49.68 -1.95
C HIS I 262 20.51 -49.87 -3.41
N TYR I 263 21.52 -49.84 -4.28
CA TYR I 263 21.38 -50.21 -5.69
C TYR I 263 22.10 -51.53 -5.96
N LYS I 264 21.64 -52.24 -7.00
CA LYS I 264 22.27 -53.48 -7.43
C LYS I 264 23.43 -53.17 -8.39
N ILE I 265 24.45 -54.04 -8.38
CA ILE I 265 25.74 -53.76 -9.02
C ILE I 265 26.01 -54.68 -10.20
N SER I 266 25.94 -56.01 -9.99
CA SER I 266 26.17 -57.03 -11.01
C SER I 266 27.64 -57.17 -11.41
N LYS I 267 28.23 -56.11 -11.99
CA LYS I 267 29.60 -56.07 -12.49
C LYS I 267 29.73 -56.80 -13.83
N SER I 268 28.84 -57.75 -14.08
CA SER I 268 28.75 -58.41 -15.38
C SER I 268 27.69 -57.72 -16.25
N THR I 269 27.87 -56.41 -16.42
CA THR I 269 26.89 -55.57 -17.11
C THR I 269 27.61 -54.69 -18.13
N LYS I 270 26.95 -54.48 -19.26
CA LYS I 270 27.59 -53.87 -20.42
C LYS I 270 27.13 -52.44 -20.68
N SER I 271 26.24 -51.90 -19.86
CA SER I 271 25.58 -50.63 -20.18
C SER I 271 26.55 -49.46 -20.04
N THR I 272 26.15 -48.31 -20.60
CA THR I 272 26.98 -47.11 -20.59
C THR I 272 26.10 -45.86 -20.65
N VAL I 273 26.76 -44.70 -20.66
CA VAL I 273 26.10 -43.41 -20.71
C VAL I 273 26.61 -42.63 -21.92
N LEU I 274 25.70 -41.93 -22.61
CA LEU I 274 26.03 -41.12 -23.77
C LEU I 274 25.54 -39.68 -23.57
N LYS I 275 26.37 -38.73 -23.98
CA LYS I 275 26.07 -37.31 -23.82
C LYS I 275 25.74 -36.72 -25.20
N SER I 276 24.43 -36.61 -25.49
CA SER I 276 23.95 -36.14 -26.78
C SER I 276 22.78 -35.18 -26.58
N ASP I 277 22.60 -34.27 -27.53
CA ASP I 277 21.45 -33.36 -27.55
C ASP I 277 20.49 -33.67 -28.70
N LYS I 278 20.49 -34.91 -29.19
CA LYS I 278 19.72 -35.29 -30.37
C LYS I 278 18.48 -36.04 -29.95
N ARG I 279 17.39 -35.82 -30.68
CA ARG I 279 16.11 -36.44 -30.35
C ARG I 279 16.16 -37.95 -30.53
N ILE I 280 15.38 -38.65 -29.73
CA ILE I 280 15.17 -40.09 -29.89
C ILE I 280 14.08 -40.30 -30.94
N GLY I 281 14.48 -40.74 -32.14
CA GLY I 281 13.55 -41.06 -33.20
C GLY I 281 12.94 -42.44 -33.06
N SER I 282 12.60 -43.04 -34.20
CA SER I 282 12.10 -44.41 -34.23
C SER I 282 12.87 -45.29 -35.22
N CYS I 283 14.02 -44.81 -35.69
CA CYS I 283 14.87 -45.57 -36.60
C CYS I 283 15.47 -46.81 -35.95
N THR I 284 16.23 -47.58 -36.72
CA THR I 284 16.99 -48.70 -36.22
C THR I 284 18.46 -48.49 -36.54
N SER I 285 19.33 -48.76 -35.54
CA SER I 285 20.77 -48.61 -35.71
C SER I 285 21.55 -49.16 -34.51
N PRO I 286 22.54 -50.02 -34.75
CA PRO I 286 23.39 -50.49 -33.65
C PRO I 286 24.50 -49.53 -33.26
N CYS I 287 24.70 -48.45 -34.00
CA CYS I 287 25.80 -47.51 -33.74
C CYS I 287 25.21 -46.16 -33.37
N LEU I 288 25.45 -45.73 -32.14
CA LEU I 288 25.02 -44.42 -31.66
C LEU I 288 26.24 -43.56 -31.36
N THR I 289 26.20 -42.30 -31.82
CA THR I 289 27.23 -41.31 -31.56
C THR I 289 26.58 -40.07 -30.97
N ASP I 290 27.42 -39.20 -30.38
CA ASP I 290 26.90 -37.94 -29.88
C ASP I 290 26.25 -37.11 -30.99
N LYS I 291 26.72 -37.26 -32.23
CA LYS I 291 26.17 -36.52 -33.35
C LYS I 291 24.91 -37.18 -33.91
N GLY I 292 24.66 -38.44 -33.58
CA GLY I 292 23.54 -39.17 -34.13
C GLY I 292 23.88 -40.62 -34.39
N SER I 293 22.94 -41.37 -34.96
CA SER I 293 23.15 -42.78 -35.24
C SER I 293 23.89 -42.94 -36.57
N ILE I 294 24.49 -44.12 -36.76
CA ILE I 294 25.20 -44.45 -37.99
C ILE I 294 24.57 -45.69 -38.59
N GLN I 295 24.09 -45.56 -39.83
CA GLN I 295 23.48 -46.65 -40.58
C GLN I 295 24.34 -46.91 -41.81
N SER I 296 25.28 -47.83 -41.68
CA SER I 296 26.30 -48.02 -42.70
C SER I 296 26.83 -49.44 -42.64
N ASP I 297 27.24 -49.95 -43.79
CA ASP I 297 27.99 -51.19 -43.87
C ASP I 297 29.46 -50.96 -44.15
N LYS I 298 29.87 -49.70 -44.22
CA LYS I 298 31.26 -49.36 -44.40
C LYS I 298 32.05 -49.70 -43.14
N PRO I 299 33.36 -49.97 -43.25
CA PRO I 299 34.15 -50.33 -42.08
C PRO I 299 34.74 -49.15 -41.31
N PHE I 300 34.64 -47.93 -41.83
CA PHE I 300 35.27 -46.77 -41.20
C PHE I 300 34.29 -45.61 -41.21
N GLN I 301 34.60 -44.59 -40.41
CA GLN I 301 33.73 -43.43 -40.26
C GLN I 301 34.53 -42.28 -39.67
N ASN I 302 34.21 -41.06 -40.12
CA ASN I 302 34.84 -39.85 -39.59
C ASN I 302 33.88 -39.01 -38.75
N VAL I 303 32.70 -39.54 -38.42
CA VAL I 303 31.68 -38.75 -37.74
C VAL I 303 32.15 -38.35 -36.35
N SER I 304 32.35 -39.33 -35.48
CA SER I 304 32.74 -39.02 -34.10
C SER I 304 33.53 -40.16 -33.49
N ARG I 305 34.55 -39.80 -32.71
CA ARG I 305 35.26 -40.79 -31.89
C ARG I 305 34.34 -41.39 -30.83
N ILE I 306 33.30 -40.66 -30.44
CA ILE I 306 32.32 -41.16 -29.48
C ILE I 306 31.35 -42.06 -30.25
N ALA I 307 31.43 -43.36 -30.00
CA ALA I 307 30.66 -44.32 -30.79
C ALA I 307 30.32 -45.52 -29.94
N ILE I 308 29.03 -45.75 -29.71
CA ILE I 308 28.54 -46.78 -28.80
C ILE I 308 27.82 -47.85 -29.61
N GLY I 309 28.19 -49.11 -29.41
CA GLY I 309 27.55 -50.22 -30.08
C GLY I 309 28.40 -50.80 -31.19
N ASN I 310 27.73 -51.52 -32.09
CA ASN I 310 28.37 -52.08 -33.28
C ASN I 310 28.57 -50.94 -34.27
N CYS I 311 29.78 -50.41 -34.31
CA CYS I 311 30.10 -49.23 -35.11
C CYS I 311 31.22 -49.50 -36.10
N PRO I 312 31.32 -48.68 -37.15
CA PRO I 312 32.57 -48.64 -37.91
C PRO I 312 33.68 -47.97 -37.12
N LYS I 313 34.91 -48.37 -37.40
CA LYS I 313 36.04 -47.80 -36.69
C LYS I 313 36.21 -46.33 -37.02
N TYR I 314 36.36 -45.49 -36.00
CA TYR I 314 36.61 -44.07 -36.24
C TYR I 314 38.01 -43.86 -36.78
N VAL I 315 38.13 -43.05 -37.82
CA VAL I 315 39.41 -42.72 -38.45
C VAL I 315 39.43 -41.23 -38.78
N LYS I 316 40.64 -40.73 -39.08
CA LYS I 316 40.79 -39.32 -39.41
C LYS I 316 40.39 -39.03 -40.85
N GLN I 317 40.57 -40.00 -41.75
CA GLN I 317 40.38 -39.76 -43.17
C GLN I 317 38.94 -39.37 -43.48
N GLY I 318 38.77 -38.48 -44.45
CA GLY I 318 37.45 -38.18 -44.95
C GLY I 318 36.98 -39.16 -46.01
N SER I 319 37.91 -39.66 -46.83
CA SER I 319 37.58 -40.58 -47.90
C SER I 319 38.67 -41.63 -48.02
N LEU I 320 38.26 -42.86 -48.31
CA LEU I 320 39.18 -43.96 -48.64
C LEU I 320 38.55 -44.78 -49.76
N MET I 321 38.93 -44.48 -51.00
CA MET I 321 38.29 -45.09 -52.15
C MET I 321 38.90 -46.47 -52.43
N LEU I 322 38.03 -47.47 -52.56
CA LEU I 322 38.44 -48.86 -52.75
C LEU I 322 38.11 -49.26 -54.19
N ALA I 323 39.15 -49.54 -54.97
CA ALA I 323 38.97 -50.02 -56.33
C ALA I 323 38.11 -51.29 -56.34
N THR I 324 37.03 -51.24 -57.14
CA THR I 324 36.19 -52.41 -57.38
C THR I 324 36.24 -52.84 -58.84
N GLY I 325 37.29 -52.44 -59.56
CA GLY I 325 37.43 -52.75 -60.97
C GLY I 325 38.85 -52.48 -61.41
N MET I 326 39.12 -52.79 -62.67
CA MET I 326 40.47 -52.72 -63.20
C MET I 326 40.85 -51.29 -63.53
N ARG I 327 42.12 -51.12 -63.92
CA ARG I 327 42.59 -49.83 -64.42
C ARG I 327 41.72 -49.36 -65.58
N ASN I 328 41.36 -48.08 -65.57
CA ASN I 328 40.66 -47.49 -66.70
C ASN I 328 41.68 -46.94 -67.69
N ILE I 329 41.68 -47.49 -68.90
CA ILE I 329 42.53 -47.01 -69.99
C ILE I 329 41.62 -46.74 -71.17
N PRO I 330 41.13 -45.50 -71.34
CA PRO I 330 40.02 -45.26 -72.27
C PRO I 330 40.45 -45.02 -73.71
N GLY I 331 41.70 -44.63 -73.91
CA GLY I 331 42.19 -44.30 -75.23
C GLY I 331 41.72 -42.96 -75.74
N ALA J 5 40.59 -50.62 -88.53
CA ALA J 5 41.74 -51.29 -87.92
C ALA J 5 41.51 -51.54 -86.43
N ILE J 6 41.77 -52.78 -86.00
CA ILE J 6 41.43 -53.21 -84.65
C ILE J 6 42.71 -53.44 -83.85
N ALA J 7 42.63 -53.19 -82.54
CA ALA J 7 43.70 -53.44 -81.60
C ALA J 7 43.16 -54.19 -80.39
N GLY J 8 44.07 -54.57 -79.50
CA GLY J 8 43.72 -55.25 -78.27
C GLY J 8 44.20 -54.54 -77.02
N PHE J 9 44.41 -55.27 -75.93
CA PHE J 9 44.64 -54.63 -74.64
C PHE J 9 45.95 -53.86 -74.59
N ILE J 10 46.95 -54.25 -75.38
CA ILE J 10 48.23 -53.54 -75.36
C ILE J 10 48.03 -52.06 -75.61
N GLU J 11 47.19 -51.73 -76.60
CA GLU J 11 46.91 -50.34 -76.92
C GLU J 11 46.12 -49.67 -75.80
N ASN J 12 44.82 -49.95 -75.74
CA ASN J 12 43.96 -49.36 -74.73
C ASN J 12 42.77 -50.29 -74.49
N GLY J 13 41.86 -49.85 -73.63
CA GLY J 13 40.65 -50.58 -73.34
C GLY J 13 39.56 -50.34 -74.35
N TRP J 14 38.39 -50.90 -74.06
CA TRP J 14 37.26 -50.93 -74.98
C TRP J 14 36.04 -50.35 -74.27
N GLN J 15 35.74 -49.08 -74.51
CA GLN J 15 34.48 -48.54 -74.00
C GLN J 15 33.28 -49.25 -74.63
N GLY J 16 33.43 -49.74 -75.87
CA GLY J 16 32.35 -50.48 -76.52
C GLY J 16 31.83 -51.66 -75.72
N LEU J 17 32.70 -52.32 -74.96
CA LEU J 17 32.37 -53.60 -74.34
C LEU J 17 31.65 -53.34 -73.02
N ILE J 18 30.37 -53.71 -72.97
CA ILE J 18 29.51 -53.38 -71.84
C ILE J 18 28.89 -54.60 -71.18
N ASP J 19 29.04 -55.79 -71.76
CA ASP J 19 28.44 -57.00 -71.21
C ASP J 19 29.48 -57.96 -70.66
N GLY J 20 30.64 -57.44 -70.27
CA GLY J 20 31.71 -58.28 -69.78
C GLY J 20 32.90 -57.41 -69.45
N TRP J 21 33.82 -57.98 -68.67
CA TRP J 21 35.04 -57.29 -68.32
C TRP J 21 36.15 -57.51 -69.34
N TYR J 22 36.14 -58.67 -70.00
CA TYR J 22 37.09 -59.03 -71.02
C TYR J 22 36.30 -59.58 -72.22
N GLY J 23 36.97 -59.73 -73.35
CA GLY J 23 36.25 -60.21 -74.52
C GLY J 23 37.12 -60.28 -75.76
N PHE J 24 36.55 -60.90 -76.78
CA PHE J 24 37.18 -61.04 -78.08
C PHE J 24 36.63 -60.00 -79.04
N ARG J 25 37.50 -59.48 -79.91
CA ARG J 25 37.08 -58.65 -81.04
C ARG J 25 37.79 -59.16 -82.29
N HIS J 26 37.03 -59.46 -83.33
CA HIS J 26 37.58 -60.12 -84.51
C HIS J 26 37.24 -59.37 -85.80
N GLN J 27 38.03 -59.67 -86.82
CA GLN J 27 37.77 -59.30 -88.20
C GLN J 27 37.91 -60.54 -89.07
N ASN J 28 36.88 -60.85 -89.86
CA ASN J 28 37.01 -61.88 -90.88
C ASN J 28 36.29 -61.40 -92.14
N ALA J 29 36.10 -62.31 -93.09
CA ALA J 29 35.49 -61.92 -94.37
C ALA J 29 34.00 -61.65 -94.23
N GLU J 30 33.38 -62.08 -93.13
CA GLU J 30 31.97 -61.86 -92.89
C GLU J 30 31.68 -60.55 -92.16
N GLY J 31 32.69 -59.90 -91.60
CA GLY J 31 32.50 -58.67 -90.89
C GLY J 31 33.39 -58.60 -89.65
N THR J 32 32.95 -57.80 -88.67
CA THR J 32 33.71 -57.54 -87.46
C THR J 32 32.77 -57.57 -86.27
N GLY J 33 33.24 -58.10 -85.14
CA GLY J 33 32.38 -58.30 -83.99
C GLY J 33 33.13 -58.28 -82.67
N THR J 34 32.38 -57.99 -81.61
CA THR J 34 32.88 -58.00 -80.24
C THR J 34 31.98 -58.87 -79.36
N ALA J 35 32.57 -59.86 -78.71
CA ALA J 35 31.88 -60.71 -77.74
C ALA J 35 32.66 -60.76 -76.44
N ALA J 36 31.94 -60.79 -75.32
CA ALA J 36 32.57 -60.89 -74.01
C ALA J 36 32.89 -62.33 -73.64
N ASP J 37 33.94 -62.50 -72.82
CA ASP J 37 34.36 -63.81 -72.34
C ASP J 37 33.94 -63.95 -70.88
N LEU J 38 33.10 -64.95 -70.59
CA LEU J 38 32.49 -65.05 -69.26
C LEU J 38 33.45 -65.56 -68.20
N LYS J 39 34.23 -66.60 -68.53
CA LYS J 39 35.15 -67.19 -67.53
C LYS J 39 36.10 -66.13 -66.99
N SER J 40 36.85 -65.47 -67.87
CA SER J 40 37.81 -64.46 -67.43
C SER J 40 37.13 -63.36 -66.62
N THR J 41 35.93 -62.96 -67.03
CA THR J 41 35.20 -61.92 -66.30
C THR J 41 34.86 -62.37 -64.88
N GLN J 42 34.21 -63.53 -64.77
CA GLN J 42 33.75 -63.99 -63.45
C GLN J 42 34.94 -64.24 -62.53
N ALA J 43 36.04 -64.76 -63.07
CA ALA J 43 37.29 -64.91 -62.34
C ALA J 43 37.64 -63.63 -61.58
N ALA J 44 37.92 -62.55 -62.32
CA ALA J 44 38.22 -61.27 -61.71
C ALA J 44 37.14 -60.84 -60.71
N ILE J 45 35.89 -60.78 -61.18
CA ILE J 45 34.77 -60.34 -60.33
C ILE J 45 34.76 -61.08 -59.00
N ASP J 46 35.05 -62.38 -59.02
CA ASP J 46 34.88 -63.20 -57.82
C ASP J 46 35.91 -62.85 -56.74
N GLN J 47 37.06 -62.32 -57.13
CA GLN J 47 38.03 -61.87 -56.14
C GLN J 47 37.77 -60.43 -55.68
N ILE J 48 36.95 -59.68 -56.41
CA ILE J 48 36.57 -58.34 -55.96
C ILE J 48 35.47 -58.44 -54.92
N ASN J 49 34.54 -59.38 -55.10
CA ASN J 49 33.52 -59.63 -54.09
C ASN J 49 34.15 -60.19 -52.82
N GLY J 50 34.96 -61.25 -52.94
CA GLY J 50 35.52 -61.91 -51.77
C GLY J 50 36.29 -61.00 -50.85
N LYS J 51 36.90 -59.94 -51.40
CA LYS J 51 37.59 -58.96 -50.58
C LYS J 51 36.63 -57.86 -50.12
N LEU J 52 35.56 -57.64 -50.88
CA LEU J 52 34.45 -56.81 -50.41
C LEU J 52 33.70 -57.49 -49.28
N ASN J 53 33.78 -58.82 -49.22
CA ASN J 53 33.21 -59.60 -48.13
C ASN J 53 34.08 -59.52 -46.89
N ARG J 54 35.41 -59.55 -47.07
CA ARG J 54 36.37 -59.47 -45.98
C ARG J 54 36.31 -58.14 -45.25
N LEU J 55 35.54 -57.17 -45.74
CA LEU J 55 35.55 -55.82 -45.20
C LEU J 55 34.26 -55.45 -44.47
N ILE J 56 33.15 -56.09 -44.78
CA ILE J 56 31.89 -55.81 -44.11
C ILE J 56 31.65 -56.78 -42.94
N GLU J 57 32.71 -57.38 -42.41
CA GLU J 57 32.64 -58.20 -41.20
C GLU J 57 32.95 -57.29 -40.00
N LYS J 58 31.95 -57.03 -39.17
CA LYS J 58 32.08 -56.01 -38.13
C LYS J 58 32.39 -56.69 -36.79
N THR J 59 33.68 -56.88 -36.53
CA THR J 59 34.15 -57.32 -35.22
C THR J 59 34.34 -56.15 -34.26
N ASN J 60 33.93 -54.95 -34.65
CA ASN J 60 34.01 -53.74 -33.84
C ASN J 60 32.67 -53.52 -33.14
N GLU J 61 32.63 -53.83 -31.84
CA GLU J 61 31.47 -53.53 -31.01
C GLU J 61 31.98 -53.11 -29.63
N LYS J 62 31.52 -51.94 -29.16
CA LYS J 62 32.08 -51.33 -27.97
C LYS J 62 30.97 -50.61 -27.19
N TYR J 63 30.69 -51.08 -25.98
CA TYR J 63 29.68 -50.43 -25.15
C TYR J 63 30.29 -49.37 -24.24
N HIS J 64 30.61 -49.72 -22.99
CA HIS J 64 31.21 -48.74 -22.09
C HIS J 64 32.70 -48.68 -22.32
N GLN J 65 33.20 -47.47 -22.57
CA GLN J 65 34.59 -47.28 -22.96
C GLN J 65 35.29 -46.31 -22.01
N ILE J 66 35.64 -45.12 -22.50
CA ILE J 66 36.18 -44.06 -21.66
C ILE J 66 35.61 -42.72 -22.13
N GLU J 67 35.62 -41.75 -21.24
CA GLU J 67 35.24 -40.38 -21.60
C GLU J 67 36.21 -39.84 -22.66
N LYS J 68 35.64 -39.19 -23.67
CA LYS J 68 36.45 -38.69 -24.78
C LYS J 68 36.28 -37.19 -24.98
N GLU J 69 35.49 -36.52 -24.16
CA GLU J 69 35.21 -35.10 -24.26
C GLU J 69 35.11 -34.55 -22.85
N PHE J 70 35.69 -33.37 -22.63
CA PHE J 70 35.80 -32.84 -21.28
C PHE J 70 35.35 -31.39 -21.22
N GLU J 71 34.86 -31.00 -20.05
CA GLU J 71 34.34 -29.64 -19.83
C GLU J 71 35.30 -28.75 -19.07
N GLN J 72 36.11 -29.32 -18.17
CA GLN J 72 37.12 -28.57 -17.42
C GLN J 72 38.45 -29.28 -17.57
N VAL J 73 39.54 -28.53 -17.36
CA VAL J 73 40.87 -29.14 -17.37
C VAL J 73 41.14 -29.84 -16.05
N GLU J 74 41.92 -30.92 -16.11
CA GLU J 74 42.24 -31.72 -14.94
C GLU J 74 43.71 -32.08 -14.80
N GLY J 75 44.47 -32.06 -15.86
CA GLY J 75 45.88 -32.44 -15.78
C GLY J 75 46.10 -33.91 -16.09
N ARG J 76 46.72 -34.62 -15.14
CA ARG J 76 47.40 -35.88 -15.45
C ARG J 76 46.45 -36.92 -16.06
N ILE J 77 45.32 -37.18 -15.40
CA ILE J 77 44.47 -38.29 -15.83
C ILE J 77 43.74 -37.94 -17.12
N GLN J 78 43.28 -36.70 -17.25
CA GLN J 78 42.70 -36.27 -18.53
C GLN J 78 43.75 -36.34 -19.64
N ASP J 79 44.96 -35.85 -19.36
CA ASP J 79 46.03 -35.88 -20.35
C ASP J 79 46.29 -37.30 -20.85
N LEU J 80 46.21 -38.28 -19.95
CA LEU J 80 46.44 -39.67 -20.33
C LEU J 80 45.30 -40.20 -21.18
N GLU J 81 44.06 -40.03 -20.70
CA GLU J 81 42.89 -40.45 -21.47
C GLU J 81 42.89 -39.85 -22.87
N LYS J 82 43.22 -38.55 -22.98
CA LYS J 82 43.32 -37.93 -24.29
C LYS J 82 44.40 -38.58 -25.14
N TYR J 83 45.50 -38.99 -24.51
CA TYR J 83 46.61 -39.60 -25.25
C TYR J 83 46.23 -40.99 -25.75
N VAL J 84 45.66 -41.81 -24.87
CA VAL J 84 45.27 -43.17 -25.24
C VAL J 84 44.36 -43.17 -26.47
N GLU J 85 43.34 -42.31 -26.45
CA GLU J 85 42.39 -42.27 -27.56
C GLU J 85 43.05 -41.73 -28.83
N ASP J 86 43.83 -40.65 -28.72
CA ASP J 86 44.52 -40.11 -29.89
C ASP J 86 45.50 -41.12 -30.47
N THR J 87 46.11 -41.94 -29.62
CA THR J 87 46.98 -42.99 -30.13
C THR J 87 46.18 -44.07 -30.84
N LYS J 88 45.05 -44.48 -30.27
CA LYS J 88 44.16 -45.45 -30.91
C LYS J 88 43.70 -44.95 -32.28
N ILE J 89 43.32 -43.68 -32.36
CA ILE J 89 42.80 -43.14 -33.62
C ILE J 89 43.90 -43.11 -34.67
N ASP J 90 45.12 -42.73 -34.28
CA ASP J 90 46.23 -42.71 -35.23
C ASP J 90 46.51 -44.10 -35.79
N LEU J 91 46.48 -45.12 -34.93
CA LEU J 91 46.88 -46.46 -35.36
C LEU J 91 45.82 -47.09 -36.26
N TRP J 92 44.55 -46.83 -35.99
CA TRP J 92 43.52 -47.33 -36.88
C TRP J 92 43.51 -46.56 -38.19
N SER J 93 43.69 -45.24 -38.11
CA SER J 93 43.82 -44.44 -39.33
C SER J 93 44.94 -44.98 -40.21
N TYR J 94 46.06 -45.40 -39.60
CA TYR J 94 47.13 -45.99 -40.40
C TYR J 94 46.68 -47.29 -41.02
N ASN J 95 46.06 -48.17 -40.23
CA ASN J 95 45.62 -49.46 -40.74
C ASN J 95 44.69 -49.30 -41.93
N ALA J 96 43.79 -48.30 -41.87
CA ALA J 96 42.85 -48.10 -42.96
C ALA J 96 43.57 -47.62 -44.22
N GLU J 97 44.45 -46.63 -44.08
CA GLU J 97 45.20 -46.13 -45.22
C GLU J 97 45.99 -47.25 -45.89
N LEU J 98 46.62 -48.10 -45.10
CA LEU J 98 47.45 -49.17 -45.65
C LEU J 98 46.59 -50.28 -46.25
N LEU J 99 45.57 -50.72 -45.52
CA LEU J 99 44.71 -51.79 -46.01
C LEU J 99 44.10 -51.44 -47.37
N VAL J 100 43.52 -50.25 -47.48
CA VAL J 100 42.90 -49.84 -48.74
C VAL J 100 43.95 -49.74 -49.85
N ALA J 101 45.09 -49.10 -49.55
CA ALA J 101 46.15 -48.97 -50.54
C ALA J 101 46.66 -50.34 -51.00
N LEU J 102 46.55 -51.35 -50.16
CA LEU J 102 47.15 -52.66 -50.40
C LEU J 102 46.17 -53.59 -51.11
N GLU J 103 44.91 -53.57 -50.66
CA GLU J 103 43.81 -54.15 -51.43
C GLU J 103 43.81 -53.65 -52.86
N ASN J 104 43.90 -52.32 -53.04
CA ASN J 104 43.78 -51.73 -54.37
C ASN J 104 44.92 -52.19 -55.28
N GLN J 105 46.15 -52.26 -54.74
CA GLN J 105 47.26 -52.78 -55.52
C GLN J 105 47.01 -54.23 -55.94
N HIS J 106 46.32 -55.00 -55.09
CA HIS J 106 45.99 -56.37 -55.43
C HIS J 106 44.91 -56.42 -56.51
N THR J 107 43.85 -55.63 -56.34
CA THR J 107 42.79 -55.58 -57.33
C THR J 107 43.32 -55.28 -58.73
N ILE J 108 44.33 -54.41 -58.79
CA ILE J 108 44.94 -54.07 -60.07
C ILE J 108 45.75 -55.24 -60.61
N ASP J 109 46.56 -55.87 -59.75
CA ASP J 109 47.36 -57.01 -60.17
C ASP J 109 46.50 -58.15 -60.68
N VAL J 110 45.41 -58.46 -59.96
CA VAL J 110 44.56 -59.59 -60.33
C VAL J 110 43.93 -59.35 -61.70
N THR J 111 43.47 -58.13 -61.95
CA THR J 111 42.79 -57.85 -63.21
C THR J 111 43.79 -57.79 -64.37
N ASP J 112 44.99 -57.28 -64.12
CA ASP J 112 46.04 -57.32 -65.13
C ASP J 112 46.43 -58.76 -65.45
N SER J 113 46.37 -59.65 -64.46
CA SER J 113 46.72 -61.05 -64.68
C SER J 113 45.65 -61.75 -65.50
N GLU J 114 44.37 -61.54 -65.15
CA GLU J 114 43.29 -62.24 -65.85
C GLU J 114 43.27 -61.88 -67.33
N MET J 115 43.55 -60.62 -67.66
CA MET J 115 43.69 -60.23 -69.06
C MET J 115 44.77 -61.05 -69.75
N ASN J 116 45.93 -61.17 -69.11
CA ASN J 116 47.05 -61.87 -69.73
C ASN J 116 46.78 -63.37 -69.83
N LYS J 117 46.15 -63.95 -68.81
CA LYS J 117 45.74 -65.35 -68.90
C LYS J 117 44.84 -65.58 -70.11
N LEU J 118 43.84 -64.72 -70.29
CA LEU J 118 42.95 -64.82 -71.45
C LEU J 118 43.74 -64.78 -72.76
N PHE J 119 44.70 -63.86 -72.87
CA PHE J 119 45.50 -63.78 -74.09
C PHE J 119 46.28 -65.08 -74.30
N GLU J 120 46.91 -65.59 -73.24
CA GLU J 120 47.73 -66.79 -73.37
C GLU J 120 46.86 -68.02 -73.65
N ARG J 121 45.67 -68.08 -73.05
CA ARG J 121 44.72 -69.15 -73.36
C ARG J 121 44.48 -69.23 -74.86
N VAL J 122 44.23 -68.08 -75.48
CA VAL J 122 43.97 -68.05 -76.93
C VAL J 122 45.22 -68.45 -77.70
N ARG J 123 46.37 -67.91 -77.30
CA ARG J 123 47.65 -68.31 -77.88
C ARG J 123 47.76 -69.83 -77.98
N ARG J 124 47.47 -70.53 -76.89
CA ARG J 124 47.63 -71.98 -76.85
C ARG J 124 46.66 -72.66 -77.81
N GLN J 125 45.39 -72.24 -77.79
CA GLN J 125 44.39 -72.79 -78.70
C GLN J 125 44.86 -72.71 -80.15
N LEU J 126 45.52 -71.62 -80.51
CA LEU J 126 45.81 -71.30 -81.91
C LEU J 126 47.06 -71.99 -82.42
N ARG J 127 47.90 -72.51 -81.53
CA ARG J 127 49.15 -73.20 -81.86
C ARG J 127 49.92 -72.48 -82.97
N GLU J 128 50.35 -73.23 -83.98
CA GLU J 128 51.16 -72.68 -85.06
C GLU J 128 50.31 -72.13 -86.19
N ASN J 129 49.05 -71.77 -85.91
CA ASN J 129 48.14 -71.25 -86.92
C ASN J 129 47.99 -69.73 -86.85
N ALA J 130 48.55 -69.09 -85.82
CA ALA J 130 48.46 -67.64 -85.66
C ALA J 130 49.78 -67.09 -85.16
N GLU J 131 50.06 -65.84 -85.52
CA GLU J 131 51.18 -65.09 -84.99
C GLU J 131 50.71 -63.89 -84.18
N ASP J 132 51.40 -63.62 -83.07
CA ASP J 132 51.08 -62.50 -82.21
C ASP J 132 51.51 -61.20 -82.90
N GLN J 133 50.54 -60.31 -83.16
CA GLN J 133 50.81 -59.07 -83.87
C GLN J 133 51.50 -58.01 -83.01
N GLY J 134 51.43 -58.13 -81.69
CA GLY J 134 52.03 -57.17 -80.80
C GLY J 134 51.06 -56.20 -80.15
N ASN J 135 49.82 -56.15 -80.62
CA ASN J 135 48.81 -55.21 -80.16
C ASN J 135 47.69 -55.91 -79.39
N GLY J 136 48.02 -57.01 -78.70
CA GLY J 136 47.00 -57.83 -78.07
C GLY J 136 46.10 -58.56 -79.05
N CYS J 137 46.56 -58.78 -80.28
CA CYS J 137 45.78 -59.47 -81.30
C CYS J 137 46.62 -60.54 -81.97
N PHE J 138 45.93 -61.57 -82.46
CA PHE J 138 46.52 -62.65 -83.24
C PHE J 138 46.10 -62.52 -84.69
N GLU J 139 47.08 -62.53 -85.59
CA GLU J 139 46.79 -62.71 -87.01
C GLU J 139 46.59 -64.19 -87.31
N ILE J 140 45.41 -64.54 -87.78
CA ILE J 140 45.09 -65.93 -88.10
C ILE J 140 45.40 -66.19 -89.56
N PHE J 141 46.27 -67.17 -89.82
CA PHE J 141 46.77 -67.41 -91.17
C PHE J 141 45.93 -68.43 -91.93
N HIS J 142 44.64 -68.47 -91.66
CA HIS J 142 43.70 -69.28 -92.44
C HIS J 142 42.36 -68.58 -92.45
N GLN J 143 41.56 -68.88 -93.46
CA GLN J 143 40.19 -68.38 -93.49
C GLN J 143 39.43 -68.90 -92.27
N CYS J 144 38.84 -67.97 -91.52
CA CYS J 144 38.15 -68.28 -90.27
C CYS J 144 36.80 -67.55 -90.25
N ASP J 145 35.74 -68.23 -90.67
CA ASP J 145 34.41 -67.62 -90.73
C ASP J 145 33.85 -67.48 -89.31
N ASN J 146 32.57 -67.09 -89.22
CA ASN J 146 31.97 -66.75 -87.94
C ASN J 146 31.89 -67.96 -87.02
N ASN J 147 31.70 -69.16 -87.59
CA ASN J 147 31.70 -70.36 -86.76
C ASN J 147 33.10 -70.66 -86.24
N CYS J 148 34.11 -70.41 -87.06
CA CYS J 148 35.49 -70.64 -86.65
C CYS J 148 35.90 -69.68 -85.54
N ILE J 149 35.46 -68.42 -85.62
CA ILE J 149 35.74 -67.46 -84.55
C ILE J 149 35.04 -67.87 -83.27
N GLU J 150 33.82 -68.41 -83.39
CA GLU J 150 33.09 -68.86 -82.19
C GLU J 150 33.76 -70.06 -81.55
N SER J 151 34.37 -70.94 -82.34
CA SER J 151 35.08 -72.09 -81.78
C SER J 151 36.25 -71.64 -80.92
N ILE J 152 37.01 -70.64 -81.40
CA ILE J 152 38.05 -70.04 -80.58
C ILE J 152 37.46 -69.53 -79.26
N ARG J 153 36.29 -68.89 -79.34
CA ARG J 153 35.70 -68.24 -78.18
C ARG J 153 35.09 -69.23 -77.21
N ASN J 154 34.53 -70.33 -77.71
CA ASN J 154 33.91 -71.34 -76.84
C ASN J 154 34.82 -72.53 -76.59
N GLY J 155 36.07 -72.47 -77.04
CA GLY J 155 37.09 -73.43 -76.62
C GLY J 155 37.09 -74.76 -77.34
N THR J 156 36.56 -74.84 -78.54
CA THR J 156 36.50 -76.09 -79.30
C THR J 156 37.35 -76.06 -80.56
N TYR J 157 38.19 -75.04 -80.73
CA TYR J 157 38.91 -74.84 -81.98
C TYR J 157 40.02 -75.88 -82.10
N ASP J 158 39.90 -76.77 -83.09
CA ASP J 158 40.85 -77.86 -83.29
C ASP J 158 41.91 -77.42 -84.28
N HIS J 159 43.10 -77.08 -83.78
CA HIS J 159 44.15 -76.51 -84.63
C HIS J 159 44.59 -77.46 -85.74
N ASN J 160 44.48 -78.78 -85.52
CA ASN J 160 44.85 -79.74 -86.56
C ASN J 160 44.05 -79.52 -87.84
N ILE J 161 42.80 -79.07 -87.70
CA ILE J 161 41.93 -78.84 -88.85
C ILE J 161 42.58 -77.90 -89.85
N TYR J 162 43.18 -76.81 -89.37
CA TYR J 162 43.67 -75.74 -90.24
C TYR J 162 45.20 -75.69 -90.35
N ARG J 163 45.93 -76.65 -89.76
CA ARG J 163 47.37 -76.51 -89.63
C ARG J 163 48.07 -76.41 -90.99
N ASP J 164 47.67 -77.24 -91.96
CA ASP J 164 48.32 -77.22 -93.27
C ASP J 164 48.11 -75.89 -93.99
N GLU J 165 46.85 -75.41 -94.02
CA GLU J 165 46.58 -74.13 -94.65
C GLU J 165 47.38 -73.00 -94.00
N ALA J 166 47.45 -72.99 -92.68
CA ALA J 166 48.07 -71.88 -91.96
C ALA J 166 49.59 -71.89 -92.07
N ILE J 167 50.21 -73.07 -91.93
CA ILE J 167 51.66 -73.16 -92.01
C ILE J 167 52.14 -72.78 -93.41
N ASN J 168 51.40 -73.21 -94.44
CA ASN J 168 51.79 -72.85 -95.80
C ASN J 168 51.65 -71.35 -96.06
N ASN J 169 50.77 -70.67 -95.32
CA ASN J 169 50.61 -69.24 -95.46
C ASN J 169 51.67 -68.45 -94.69
N ARG J 170 52.30 -69.07 -93.70
CA ARG J 170 53.31 -68.39 -92.89
C ARG J 170 54.71 -68.53 -93.48
N ILE J 171 54.99 -69.66 -94.13
CA ILE J 171 56.34 -69.98 -94.57
C ILE J 171 56.59 -69.53 -96.00
N LYS J 172 55.55 -69.15 -96.74
CA LYS J 172 55.72 -68.65 -98.10
C LYS J 172 54.84 -67.42 -98.36
N GLY K 13 -24.29 -0.41 -17.73
CA GLY K 13 -25.02 -1.66 -17.66
C GLY K 13 -25.16 -2.24 -16.26
N ASN K 14 -24.11 -2.10 -15.46
CA ASN K 14 -24.01 -2.83 -14.20
C ASN K 14 -24.90 -2.22 -13.13
N PRO K 15 -25.74 -3.02 -12.47
CA PRO K 15 -26.54 -2.50 -11.36
C PRO K 15 -25.68 -2.10 -10.16
N ILE K 16 -26.25 -1.20 -9.35
CA ILE K 16 -25.62 -0.72 -8.12
C ILE K 16 -26.53 -1.08 -6.96
N ILE K 17 -25.94 -1.41 -5.81
CA ILE K 17 -26.69 -1.52 -4.56
C ILE K 17 -25.93 -0.78 -3.47
N CYS K 18 -26.63 0.11 -2.77
CA CYS K 18 -26.03 0.97 -1.77
C CYS K 18 -26.68 0.72 -0.41
N LEU K 19 -25.88 0.88 0.64
CA LEU K 19 -26.36 0.72 2.00
C LEU K 19 -26.20 2.01 2.76
N GLY K 20 -27.26 2.44 3.43
CA GLY K 20 -27.28 3.73 4.08
C GLY K 20 -28.05 3.69 5.39
N HIS K 21 -28.10 4.84 6.04
CA HIS K 21 -28.82 5.00 7.29
C HIS K 21 -29.66 6.27 7.20
N HIS K 22 -30.63 6.40 8.12
CA HIS K 22 -31.54 7.53 8.00
C HIS K 22 -30.90 8.81 8.53
N ALA K 23 -31.51 9.93 8.17
CA ALA K 23 -31.05 11.24 8.60
C ALA K 23 -32.24 12.19 8.66
N VAL K 24 -32.07 13.27 9.42
CA VAL K 24 -33.07 14.32 9.50
C VAL K 24 -32.41 15.64 9.11
N GLU K 25 -33.24 16.61 8.74
CA GLU K 25 -32.68 17.91 8.34
C GLU K 25 -32.10 18.64 9.54
N ASN K 26 -32.77 18.58 10.70
CA ASN K 26 -32.36 19.31 11.89
C ASN K 26 -32.13 18.30 13.02
N GLY K 27 -30.87 18.14 13.42
CA GLY K 27 -30.50 17.19 14.44
C GLY K 27 -30.71 17.70 15.86
N THR K 28 -29.96 17.09 16.78
CA THR K 28 -29.92 17.52 18.17
C THR K 28 -28.52 17.31 18.72
N SER K 29 -28.04 18.27 19.51
CA SER K 29 -26.68 18.23 20.03
C SER K 29 -26.61 17.44 21.33
N VAL K 30 -25.60 16.57 21.44
CA VAL K 30 -25.35 15.79 22.65
C VAL K 30 -23.85 15.76 22.90
N LYS K 31 -23.48 15.34 24.11
CA LYS K 31 -22.10 15.35 24.57
C LYS K 31 -21.60 13.92 24.73
N THR K 32 -20.41 13.66 24.21
CA THR K 32 -19.61 12.50 24.61
C THR K 32 -18.47 12.99 25.49
N LEU K 33 -17.53 12.09 25.81
CA LEU K 33 -16.39 12.49 26.62
C LEU K 33 -15.46 13.43 25.89
N THR K 34 -15.48 13.42 24.55
CA THR K 34 -14.48 14.11 23.75
C THR K 34 -15.04 15.20 22.86
N ASP K 35 -16.35 15.22 22.60
CA ASP K 35 -16.97 16.22 21.75
C ASP K 35 -18.16 16.80 22.50
N ASN K 36 -18.17 18.13 22.67
CA ASN K 36 -19.25 18.80 23.38
C ASN K 36 -20.43 19.12 22.49
N HIS K 37 -20.46 18.55 21.28
CA HIS K 37 -21.36 19.03 20.23
C HIS K 37 -21.44 18.01 19.11
N VAL K 38 -22.02 16.83 19.41
CA VAL K 38 -22.28 15.81 18.41
C VAL K 38 -23.76 15.87 18.04
N GLU K 39 -24.04 15.97 16.74
CA GLU K 39 -25.41 16.09 16.26
C GLU K 39 -25.96 14.72 15.93
N VAL K 40 -26.98 14.30 16.66
CA VAL K 40 -27.59 12.98 16.52
C VAL K 40 -29.03 13.14 16.07
N VAL K 41 -29.57 12.04 15.52
CA VAL K 41 -30.89 12.09 14.90
C VAL K 41 -31.96 12.43 15.93
N SER K 42 -31.91 11.80 17.10
CA SER K 42 -32.92 12.00 18.14
C SER K 42 -32.27 12.01 19.50
N ALA K 43 -32.88 12.73 20.44
CA ALA K 43 -32.31 12.88 21.78
C ALA K 43 -33.41 13.12 22.79
N LYS K 44 -33.09 12.86 24.06
CA LYS K 44 -34.05 12.85 25.15
C LYS K 44 -33.48 13.55 26.37
N GLU K 45 -34.24 14.46 26.96
CA GLU K 45 -33.79 15.18 28.14
C GLU K 45 -33.91 14.32 29.40
N LEU K 46 -32.88 14.41 30.26
CA LEU K 46 -32.82 13.60 31.46
C LEU K 46 -32.92 14.42 32.74
N VAL K 47 -32.90 15.74 32.66
CA VAL K 47 -33.00 16.62 33.82
C VAL K 47 -34.41 17.21 33.83
N GLU K 48 -35.21 16.84 34.82
CA GLU K 48 -36.54 17.40 34.94
C GLU K 48 -36.47 18.82 35.51
N THR K 49 -37.18 19.73 34.86
CA THR K 49 -37.22 21.13 35.28
C THR K 49 -38.60 21.60 35.71
N ASN K 50 -39.66 20.85 35.37
CA ASN K 50 -41.03 21.26 35.69
C ASN K 50 -41.47 20.70 37.04
N HIS K 51 -42.17 21.54 37.80
CA HIS K 51 -42.91 21.10 38.96
C HIS K 51 -44.36 21.56 38.83
N THR K 52 -45.23 20.99 39.68
CA THR K 52 -46.66 21.17 39.51
C THR K 52 -47.15 22.49 40.07
N ASP K 53 -46.53 22.97 41.15
CA ASP K 53 -46.80 24.20 41.90
C ASP K 53 -47.83 23.97 43.00
N GLU K 54 -48.51 22.81 43.03
CA GLU K 54 -49.34 22.41 44.13
C GLU K 54 -48.81 21.10 44.70
N LEU K 55 -48.95 20.93 46.02
CA LEU K 55 -48.49 19.70 46.67
C LEU K 55 -49.56 18.62 46.57
N CYS K 56 -49.18 17.48 45.98
CA CYS K 56 -50.13 16.41 45.71
C CYS K 56 -50.42 15.61 46.97
N PRO K 57 -51.67 15.48 47.40
CA PRO K 57 -51.98 14.70 48.60
C PRO K 57 -52.00 13.19 48.37
N SER K 58 -51.72 12.74 47.16
CA SER K 58 -51.49 11.33 46.87
C SER K 58 -50.10 11.13 46.29
N PRO K 59 -49.45 10.00 46.57
CA PRO K 59 -49.86 8.98 47.53
C PRO K 59 -49.35 9.26 48.95
N LEU K 60 -48.91 10.49 49.22
CA LEU K 60 -48.31 10.86 50.50
C LEU K 60 -49.37 11.53 51.37
N LYS K 61 -49.59 10.98 52.56
CA LYS K 61 -50.56 11.54 53.51
C LYS K 61 -50.02 12.86 54.06
N LEU K 62 -50.64 13.96 53.67
CA LEU K 62 -50.22 15.29 54.11
C LEU K 62 -51.10 15.81 55.23
N VAL K 63 -50.47 16.57 56.13
CA VAL K 63 -51.17 17.39 57.12
C VAL K 63 -50.68 18.82 56.97
N ASP K 64 -51.59 19.74 56.68
CA ASP K 64 -51.26 21.15 56.56
C ASP K 64 -51.33 21.79 57.94
N GLY K 65 -50.18 22.22 58.45
CA GLY K 65 -50.17 22.94 59.71
C GLY K 65 -50.84 24.29 59.65
N GLN K 66 -50.98 24.86 58.45
CA GLN K 66 -51.60 26.16 58.25
C GLN K 66 -50.95 27.23 59.13
N ASP K 67 -51.72 27.79 60.06
CA ASP K 67 -51.24 28.86 60.91
C ASP K 67 -50.28 28.38 61.99
N CYS K 68 -50.19 27.08 62.23
CA CYS K 68 -49.39 26.52 63.32
C CYS K 68 -48.22 25.73 62.77
N ASP K 69 -47.04 25.97 63.34
CA ASP K 69 -45.90 25.09 63.10
C ASP K 69 -46.05 23.80 63.90
N LEU K 70 -45.14 22.86 63.64
CA LEU K 70 -45.29 21.51 64.19
C LEU K 70 -45.19 21.49 65.72
N ILE K 71 -44.48 22.45 66.30
CA ILE K 71 -44.26 22.47 67.74
C ILE K 71 -45.42 23.12 68.47
N ASN K 72 -45.82 24.32 68.04
CA ASN K 72 -47.06 24.93 68.52
C ASN K 72 -48.20 23.91 68.55
N GLY K 73 -48.36 23.16 67.45
CA GLY K 73 -49.36 22.10 67.44
C GLY K 73 -49.13 21.05 68.51
N ALA K 74 -47.88 20.57 68.62
CA ALA K 74 -47.58 19.57 69.63
C ALA K 74 -47.78 20.11 71.04
N LEU K 75 -47.60 21.41 71.22
CA LEU K 75 -47.85 22.03 72.53
C LEU K 75 -49.33 22.33 72.74
N GLY K 76 -50.07 22.58 71.66
CA GLY K 76 -51.48 22.90 71.77
C GLY K 76 -51.78 24.37 71.88
N SER K 77 -50.97 25.22 71.24
CA SER K 77 -51.23 26.65 71.19
C SER K 77 -52.59 26.94 70.54
N PRO K 78 -53.15 28.15 70.77
CA PRO K 78 -54.54 28.43 70.34
C PRO K 78 -54.89 28.08 68.90
N GLY K 79 -54.14 28.61 67.93
CA GLY K 79 -54.39 28.33 66.53
C GLY K 79 -54.52 26.87 66.15
N CYS K 80 -54.01 25.98 67.00
CA CYS K 80 -53.57 24.65 66.60
C CYS K 80 -54.56 23.54 66.95
N ASP K 81 -55.80 23.88 67.31
CA ASP K 81 -56.70 22.87 67.86
C ASP K 81 -56.97 21.74 66.87
N ARG K 82 -57.33 22.08 65.62
CA ARG K 82 -57.54 21.09 64.57
C ARG K 82 -56.48 20.01 64.54
N LEU K 83 -55.21 20.40 64.59
CA LEU K 83 -54.10 19.48 64.38
C LEU K 83 -54.10 18.28 65.33
N GLN K 84 -54.92 18.30 66.38
CA GLN K 84 -54.97 17.19 67.32
C GLN K 84 -55.34 15.88 66.62
N ASP K 85 -54.60 14.82 66.95
CA ASP K 85 -54.83 13.45 66.49
C ASP K 85 -54.55 13.26 65.01
N THR K 86 -54.09 14.28 64.30
CA THR K 86 -53.70 14.12 62.91
C THR K 86 -52.46 13.25 62.78
N THR K 87 -52.40 12.47 61.71
CA THR K 87 -51.24 11.66 61.37
C THR K 87 -50.80 11.99 59.94
N TRP K 88 -49.53 11.73 59.65
CA TRP K 88 -49.01 12.19 58.36
C TRP K 88 -47.78 11.42 57.95
N ASP K 89 -47.55 11.38 56.64
CA ASP K 89 -46.23 11.09 56.10
C ASP K 89 -45.39 12.36 56.02
N VAL K 90 -46.00 13.46 55.57
CA VAL K 90 -45.34 14.76 55.49
C VAL K 90 -46.21 15.80 56.19
N PHE K 91 -45.66 16.40 57.25
CA PHE K 91 -46.26 17.58 57.86
C PHE K 91 -45.74 18.83 57.15
N ILE K 92 -46.65 19.68 56.73
CA ILE K 92 -46.30 20.90 56.00
C ILE K 92 -46.37 22.09 56.94
N GLU K 93 -45.25 22.80 57.09
CA GLU K 93 -45.20 24.06 57.82
C GLU K 93 -45.21 25.23 56.84
N ARG K 94 -46.06 26.19 57.11
CA ARG K 94 -46.19 27.38 56.28
C ARG K 94 -45.36 28.51 56.84
N PRO K 95 -44.80 29.39 55.99
CA PRO K 95 -43.99 30.50 56.51
C PRO K 95 -44.83 31.59 57.14
N THR K 96 -46.16 31.52 57.02
CA THR K 96 -47.09 32.45 57.62
C THR K 96 -47.51 32.03 59.02
N ALA K 97 -47.00 30.91 59.52
CA ALA K 97 -47.32 30.45 60.86
C ALA K 97 -46.87 31.46 61.91
N VAL K 98 -47.56 31.45 63.05
CA VAL K 98 -47.41 32.51 64.05
C VAL K 98 -47.55 31.93 65.43
N ASP K 99 -46.81 32.52 66.38
CA ASP K 99 -47.01 32.21 67.80
C ASP K 99 -48.32 32.84 68.28
N THR K 100 -49.10 32.06 69.04
CA THR K 100 -50.36 32.57 69.57
C THR K 100 -50.55 32.31 71.07
N CYS K 101 -49.51 31.91 71.79
CA CYS K 101 -49.65 31.57 73.21
C CYS K 101 -48.56 32.28 74.00
N TYR K 102 -48.32 31.82 75.21
CA TYR K 102 -47.26 32.40 76.04
C TYR K 102 -45.93 32.27 75.32
N PRO K 103 -45.08 33.30 75.37
CA PRO K 103 -43.80 33.25 74.65
C PRO K 103 -42.86 32.21 75.24
N PHE K 104 -42.10 31.56 74.36
CA PHE K 104 -41.28 30.44 74.78
C PHE K 104 -40.13 30.25 73.80
N ASP K 105 -38.97 29.86 74.33
CA ASP K 105 -37.90 29.26 73.54
C ASP K 105 -37.81 27.77 73.82
N VAL K 106 -37.21 27.04 72.90
CA VAL K 106 -36.98 25.60 73.09
C VAL K 106 -35.51 25.29 72.86
N PRO K 107 -34.75 24.92 73.89
CA PRO K 107 -33.39 24.40 73.65
C PRO K 107 -33.45 23.12 72.83
N ASP K 108 -32.59 23.05 71.81
CA ASP K 108 -32.63 21.97 70.82
C ASP K 108 -33.95 21.95 70.07
N TYR K 109 -34.44 23.15 69.72
CA TYR K 109 -35.66 23.29 68.93
C TYR K 109 -35.71 22.32 67.76
N GLN K 110 -34.67 22.30 66.94
CA GLN K 110 -34.67 21.49 65.73
C GLN K 110 -34.54 20.00 66.05
N SER K 111 -33.99 19.66 67.21
CA SER K 111 -33.94 18.26 67.61
C SER K 111 -35.32 17.74 67.98
N LEU K 112 -36.07 18.52 68.76
CA LEU K 112 -37.44 18.15 69.10
C LEU K 112 -38.32 18.12 67.87
N ARG K 113 -38.26 19.19 67.06
CA ARG K 113 -39.01 19.24 65.81
C ARG K 113 -38.77 18.00 64.96
N SER K 114 -37.51 17.56 64.86
CA SER K 114 -37.20 16.34 64.12
C SER K 114 -37.90 15.13 64.72
N ILE K 115 -37.83 14.98 66.05
CA ILE K 115 -38.41 13.82 66.71
C ILE K 115 -39.92 13.76 66.47
N LEU K 116 -40.59 14.90 66.63
CA LEU K 116 -42.02 14.95 66.39
C LEU K 116 -42.35 14.61 64.95
N ALA K 117 -41.66 15.26 64.00
CA ALA K 117 -41.84 14.97 62.59
C ALA K 117 -41.70 13.48 62.28
N SER K 118 -40.61 12.87 62.74
CA SER K 118 -40.35 11.47 62.42
C SER K 118 -41.47 10.57 62.93
N SER K 119 -41.98 10.85 64.14
CA SER K 119 -43.07 10.05 64.69
C SER K 119 -44.31 10.12 63.80
N GLY K 120 -44.54 11.24 63.13
CA GLY K 120 -45.64 11.35 62.20
C GLY K 120 -47.02 11.24 62.83
N SER K 121 -47.24 11.92 63.95
CA SER K 121 -48.49 11.77 64.68
C SER K 121 -48.58 12.85 65.76
N LEU K 122 -49.75 13.46 65.89
CA LEU K 122 -50.08 14.34 67.01
C LEU K 122 -51.20 13.75 67.86
N GLU K 123 -51.22 12.43 68.00
CA GLU K 123 -52.22 11.73 68.80
C GLU K 123 -51.76 11.71 70.27
N PHE K 124 -52.29 12.64 71.05
CA PHE K 124 -51.87 12.85 72.43
C PHE K 124 -52.62 11.90 73.36
N ILE K 125 -51.90 10.94 73.94
CA ILE K 125 -52.46 10.08 74.97
C ILE K 125 -52.53 10.86 76.27
N ALA K 126 -53.74 11.18 76.72
CA ALA K 126 -53.94 11.95 77.94
C ALA K 126 -53.78 11.08 79.19
N GLU K 127 -53.08 11.64 80.19
CA GLU K 127 -52.94 11.04 81.50
C GLU K 127 -53.40 12.03 82.56
N GLN K 128 -53.80 11.52 83.73
CA GLN K 128 -54.25 12.36 84.83
C GLN K 128 -53.23 12.36 85.96
N PHE K 129 -52.81 13.54 86.38
CA PHE K 129 -51.86 13.74 87.46
C PHE K 129 -52.55 14.43 88.63
N THR K 130 -52.23 14.01 89.85
CA THR K 130 -52.70 14.69 91.05
C THR K 130 -51.54 15.49 91.64
N TRP K 131 -51.49 16.79 91.35
CA TRP K 131 -50.40 17.68 91.76
C TRP K 131 -50.67 18.19 93.17
N ASN K 132 -50.09 17.53 94.17
CA ASN K 132 -50.33 17.87 95.57
C ASN K 132 -49.81 19.26 95.92
N GLY K 133 -50.72 20.19 96.17
CA GLY K 133 -50.39 21.46 96.79
C GLY K 133 -50.09 22.60 95.85
N VAL K 134 -50.96 22.82 94.87
CA VAL K 134 -50.78 23.88 93.87
C VAL K 134 -52.13 24.12 93.23
N LYS K 135 -52.33 25.36 92.76
CA LYS K 135 -53.45 25.66 91.87
C LYS K 135 -53.13 25.13 90.47
N VAL K 136 -54.14 24.52 89.83
CA VAL K 136 -53.96 23.97 88.49
C VAL K 136 -54.58 24.88 87.43
N ASP K 137 -54.38 24.53 86.16
CA ASP K 137 -55.09 25.11 85.02
C ASP K 137 -54.91 26.61 84.93
N GLY K 138 -53.70 27.09 85.24
CA GLY K 138 -53.33 28.47 85.01
C GLY K 138 -53.52 28.93 83.58
N SER K 139 -53.84 30.22 83.39
CA SER K 139 -53.99 30.82 82.07
C SER K 139 -53.23 32.14 82.02
N SER K 140 -53.29 32.81 80.87
CA SER K 140 -52.51 34.02 80.66
C SER K 140 -53.13 34.85 79.54
N SER K 141 -52.98 36.17 79.67
CA SER K 141 -53.55 37.10 78.69
C SER K 141 -52.80 37.10 77.37
N ALA K 142 -51.68 36.37 77.27
CA ALA K 142 -50.96 36.26 76.01
C ALA K 142 -51.49 35.15 75.12
N CYS K 143 -52.23 34.20 75.68
CA CYS K 143 -52.65 32.98 75.01
C CYS K 143 -54.18 32.98 74.92
N LEU K 144 -54.71 33.78 74.01
CA LEU K 144 -56.16 33.95 73.93
C LEU K 144 -56.79 32.81 73.13
N ARG K 145 -57.90 32.28 73.65
CA ARG K 145 -58.72 31.30 72.95
C ARG K 145 -60.15 31.86 72.93
N GLY K 146 -60.57 32.37 71.78
CA GLY K 146 -61.82 33.10 71.71
C GLY K 146 -61.81 34.39 72.50
N GLY K 147 -60.67 35.06 72.55
CA GLY K 147 -60.54 36.32 73.27
C GLY K 147 -60.38 36.18 74.78
N ARG K 148 -60.42 34.96 75.31
CA ARG K 148 -60.35 34.72 76.75
C ARG K 148 -59.04 34.03 77.09
N ASN K 149 -58.49 34.39 78.26
CA ASN K 149 -57.19 33.88 78.69
C ASN K 149 -57.15 32.35 78.70
N SER K 150 -56.10 31.78 78.09
CA SER K 150 -55.96 30.34 77.97
C SER K 150 -54.47 29.97 78.08
N PHE K 151 -54.17 28.70 77.81
CA PHE K 151 -52.82 28.18 77.88
C PHE K 151 -52.67 27.08 76.83
N PHE K 152 -51.45 26.54 76.72
CA PHE K 152 -51.22 25.37 75.88
C PHE K 152 -52.11 24.22 76.31
N SER K 153 -52.86 23.66 75.35
CA SER K 153 -53.79 22.57 75.66
C SER K 153 -53.08 21.36 76.26
N ARG K 154 -51.78 21.20 76.02
CA ARG K 154 -51.05 20.03 76.49
C ARG K 154 -50.19 20.31 77.71
N LEU K 155 -50.24 21.53 78.25
CA LEU K 155 -49.46 21.91 79.43
C LEU K 155 -50.39 22.42 80.53
N ASN K 156 -49.89 22.38 81.76
CA ASN K 156 -50.68 22.69 82.96
C ASN K 156 -49.86 23.63 83.84
N TRP K 157 -50.24 24.91 83.88
CA TRP K 157 -49.51 25.91 84.66
C TRP K 157 -49.82 25.77 86.14
N LEU K 158 -48.78 25.53 86.95
CA LEU K 158 -48.91 25.36 88.39
C LEU K 158 -48.48 26.63 89.12
N THR K 159 -49.37 27.17 89.95
CA THR K 159 -49.04 28.25 90.87
C THR K 159 -49.43 27.84 92.29
N LYS K 160 -48.92 28.59 93.27
CA LYS K 160 -49.14 28.25 94.67
C LYS K 160 -50.63 28.13 94.98
N ALA K 161 -50.95 27.22 95.89
CA ALA K 161 -52.33 27.00 96.27
C ALA K 161 -52.90 28.23 96.97
N THR K 162 -54.15 28.58 96.64
CA THR K 162 -54.81 29.73 97.24
C THR K 162 -54.85 29.61 98.76
N ASN K 163 -53.69 29.66 99.38
CA ASN K 163 -53.49 29.09 100.71
C ASN K 163 -52.04 29.27 101.12
N GLY K 164 -51.31 28.17 101.26
CA GLY K 164 -49.94 28.20 101.70
C GLY K 164 -48.92 28.41 100.61
N ASN K 165 -48.18 27.36 100.30
CA ASN K 165 -46.96 27.43 99.50
C ASN K 165 -47.03 26.48 98.33
N TYR K 166 -45.99 26.52 97.49
CA TYR K 166 -45.83 25.60 96.36
C TYR K 166 -45.55 24.19 96.87
N GLY K 167 -46.58 23.52 97.39
CA GLY K 167 -46.44 22.23 98.03
C GLY K 167 -45.63 21.23 97.26
N PRO K 168 -44.50 20.81 97.84
CA PRO K 168 -43.47 20.05 97.09
C PRO K 168 -44.05 18.88 96.29
N ILE K 169 -43.64 18.82 95.02
CA ILE K 169 -44.18 17.86 94.05
C ILE K 169 -43.18 16.72 93.86
N ASN K 170 -43.69 15.49 93.83
CA ASN K 170 -42.87 14.29 93.72
C ASN K 170 -43.68 13.22 92.98
N VAL K 171 -44.22 13.61 91.83
CA VAL K 171 -45.16 12.80 91.07
C VAL K 171 -44.39 11.84 90.16
N THR K 172 -44.91 10.62 90.02
CA THR K 172 -44.27 9.56 89.24
C THR K 172 -45.25 8.94 88.26
N LYS K 173 -44.71 8.39 87.18
CA LYS K 173 -45.50 7.68 86.17
C LYS K 173 -44.65 6.56 85.58
N GLU K 174 -45.15 5.33 85.67
CA GLU K 174 -44.46 4.15 85.15
C GLU K 174 -44.97 3.81 83.75
N ASN K 175 -44.05 3.64 82.81
CA ASN K 175 -44.40 3.26 81.44
C ASN K 175 -44.72 1.77 81.41
N THR K 176 -46.00 1.44 81.38
CA THR K 176 -46.46 0.07 81.30
C THR K 176 -46.76 -0.39 79.87
N GLY K 177 -46.96 0.56 78.96
CA GLY K 177 -47.14 0.21 77.57
C GLY K 177 -45.89 -0.40 76.93
N SER K 178 -46.09 -0.93 75.73
CA SER K 178 -45.01 -1.58 75.00
C SER K 178 -44.15 -0.60 74.20
N TYR K 179 -44.54 0.68 74.13
CA TYR K 179 -43.90 1.66 73.27
C TYR K 179 -43.22 2.75 74.10
N VAL K 180 -42.33 3.49 73.44
CA VAL K 180 -41.55 4.53 74.10
C VAL K 180 -42.39 5.81 74.19
N ARG K 181 -42.27 6.51 75.33
CA ARG K 181 -43.12 7.64 75.66
C ARG K 181 -42.34 8.96 75.55
N LEU K 182 -42.93 9.94 74.87
CA LEU K 182 -42.40 11.31 74.83
C LEU K 182 -43.27 12.22 75.70
N TYR K 183 -42.69 12.78 76.76
CA TYR K 183 -43.36 13.71 77.65
C TYR K 183 -42.84 15.12 77.40
N LEU K 184 -43.73 16.05 77.08
CA LEU K 184 -43.40 17.45 76.91
C LEU K 184 -43.72 18.24 78.17
N TRP K 185 -42.72 18.95 78.70
CA TRP K 185 -42.89 19.78 79.89
C TRP K 185 -42.13 21.10 79.70
N GLY K 186 -42.19 21.97 80.71
CA GLY K 186 -41.58 23.28 80.61
C GLY K 186 -41.19 23.88 81.94
N VAL K 187 -40.63 25.09 81.88
CA VAL K 187 -40.13 25.82 83.04
C VAL K 187 -40.45 27.30 82.86
N HIS K 188 -41.11 27.90 83.85
CA HIS K 188 -41.40 29.33 83.82
C HIS K 188 -40.21 30.16 84.29
N HIS K 189 -39.84 31.17 83.49
CA HIS K 189 -38.84 32.15 83.89
C HIS K 189 -39.51 33.49 84.14
N PRO K 190 -39.85 33.83 85.38
CA PRO K 190 -40.59 35.06 85.64
C PRO K 190 -39.72 36.30 85.49
N SER K 191 -40.40 37.44 85.32
CA SER K 191 -39.71 38.70 85.04
C SER K 191 -39.06 39.27 86.29
N SER K 192 -39.83 39.45 87.35
CA SER K 192 -39.38 40.14 88.56
C SER K 192 -39.22 39.16 89.72
N ASP K 193 -38.41 39.57 90.70
CA ASP K 193 -38.35 38.85 91.96
C ASP K 193 -39.70 38.84 92.67
N ASN K 194 -40.58 39.79 92.34
CA ASN K 194 -41.91 39.82 92.94
C ASN K 194 -42.86 38.85 92.24
N GLU K 195 -42.74 38.72 90.91
CA GLU K 195 -43.58 37.78 90.19
C GLU K 195 -43.27 36.33 90.60
N GLN K 196 -42.00 36.03 90.84
CA GLN K 196 -41.62 34.72 91.38
C GLN K 196 -42.36 34.42 92.67
N THR K 197 -42.34 35.37 93.61
CA THR K 197 -42.91 35.12 94.94
C THR K 197 -44.43 35.08 94.91
N ASP K 198 -45.05 35.91 94.07
CA ASP K 198 -46.50 35.85 93.88
C ASP K 198 -46.94 34.46 93.47
N LEU K 199 -46.24 33.85 92.52
CA LEU K 199 -46.68 32.62 91.88
C LEU K 199 -46.18 31.38 92.62
N TYR K 200 -44.97 31.45 93.16
CA TYR K 200 -44.29 30.25 93.64
C TYR K 200 -43.78 30.41 95.08
N LYS K 201 -44.22 31.46 95.79
CA LYS K 201 -43.76 31.83 97.12
C LYS K 201 -42.24 31.86 97.25
N VAL K 202 -41.60 30.71 97.01
CA VAL K 202 -40.15 30.56 97.13
C VAL K 202 -39.43 31.63 96.33
N ALA K 203 -38.17 31.90 96.68
CA ALA K 203 -37.39 32.91 95.98
C ALA K 203 -36.69 32.34 94.76
N THR K 204 -36.28 31.07 94.80
CA THR K 204 -35.69 30.39 93.66
C THR K 204 -36.42 29.08 93.43
N GLY K 205 -36.88 28.86 92.20
CA GLY K 205 -37.52 27.61 91.83
C GLY K 205 -36.53 26.47 91.58
N ARG K 206 -37.10 25.31 91.28
CA ARG K 206 -36.32 24.18 90.76
C ARG K 206 -37.27 23.19 90.10
N VAL K 207 -36.87 22.69 88.93
CA VAL K 207 -37.58 21.63 88.22
C VAL K 207 -36.59 20.50 87.95
N THR K 208 -36.99 19.26 88.28
CA THR K 208 -36.13 18.09 88.10
C THR K 208 -36.95 16.93 87.57
N VAL K 209 -36.81 16.65 86.26
CA VAL K 209 -37.42 15.49 85.63
C VAL K 209 -36.34 14.45 85.36
N SER K 210 -36.67 13.18 85.59
CA SER K 210 -35.65 12.13 85.56
C SER K 210 -36.26 10.77 85.35
N THR K 211 -35.57 9.94 84.56
CA THR K 211 -35.83 8.51 84.45
C THR K 211 -34.63 7.74 85.04
N ARG K 212 -34.68 6.42 84.90
CA ARG K 212 -33.52 5.61 85.25
C ARG K 212 -32.36 5.88 84.31
N SER K 213 -32.64 6.22 83.05
CA SER K 213 -31.59 6.44 82.07
C SER K 213 -30.84 7.74 82.33
N ASP K 214 -31.55 8.87 82.30
CA ASP K 214 -30.90 10.18 82.42
C ASP K 214 -31.79 11.13 83.21
N GLN K 215 -31.37 12.39 83.26
CA GLN K 215 -31.99 13.40 84.13
C GLN K 215 -31.72 14.78 83.55
N ILE K 216 -32.59 15.74 83.92
CA ILE K 216 -32.35 17.17 83.74
C ILE K 216 -32.86 17.90 84.97
N SER K 217 -32.15 18.95 85.38
CA SER K 217 -32.64 19.88 86.40
C SER K 217 -32.40 21.31 85.96
N ILE K 218 -33.42 22.15 86.11
CA ILE K 218 -33.38 23.54 85.68
C ILE K 218 -33.72 24.42 86.88
N VAL K 219 -32.79 25.30 87.24
CA VAL K 219 -33.07 26.38 88.18
C VAL K 219 -33.52 27.60 87.38
N PRO K 220 -34.76 28.06 87.55
CA PRO K 220 -35.26 29.13 86.69
C PRO K 220 -34.59 30.46 86.98
N ASN K 221 -34.26 31.18 85.91
CA ASN K 221 -33.58 32.45 85.99
C ASN K 221 -34.57 33.60 85.89
N ILE K 222 -34.51 34.51 86.85
CA ILE K 222 -35.38 35.67 86.88
C ILE K 222 -34.70 36.82 86.14
N GLY K 223 -35.52 37.76 85.65
CA GLY K 223 -35.01 38.88 84.89
C GLY K 223 -35.96 39.31 83.78
N SER K 224 -35.63 40.39 83.08
CA SER K 224 -36.55 40.99 82.12
C SER K 224 -36.16 40.62 80.70
N ARG K 225 -37.14 40.22 79.91
CA ARG K 225 -37.07 40.10 78.47
C ARG K 225 -38.00 41.13 77.82
N PRO K 226 -37.87 41.37 76.51
CA PRO K 226 -38.81 42.29 75.86
C PRO K 226 -40.21 41.70 75.84
N ARG K 227 -41.20 42.58 75.98
CA ARG K 227 -42.58 42.14 76.10
C ARG K 227 -43.08 41.54 74.78
N VAL K 228 -43.63 40.33 74.87
CA VAL K 228 -44.20 39.62 73.73
C VAL K 228 -45.62 39.23 74.10
N ARG K 229 -46.59 39.72 73.31
CA ARG K 229 -48.00 39.65 73.71
C ARG K 229 -48.17 40.12 75.15
N ASN K 230 -47.43 41.18 75.49
CA ASN K 230 -47.48 41.85 76.79
C ASN K 230 -47.03 40.90 77.91
N GLN K 231 -45.79 40.41 77.77
CA GLN K 231 -45.22 39.48 78.74
C GLN K 231 -43.71 39.63 78.76
N SER K 232 -43.15 39.94 79.94
CA SER K 232 -41.71 40.03 80.11
C SER K 232 -41.05 38.70 80.42
N GLY K 233 -41.81 37.72 80.94
CA GLY K 233 -41.27 36.41 81.26
C GLY K 233 -41.24 35.46 80.06
N ARG K 234 -40.72 34.26 80.31
CA ARG K 234 -40.59 33.22 79.29
C ARG K 234 -40.82 31.85 79.91
N ILE K 235 -41.30 30.91 79.08
CA ILE K 235 -41.29 29.49 79.38
C ILE K 235 -40.24 28.80 78.51
N SER K 236 -39.55 27.82 79.08
CA SER K 236 -38.57 27.01 78.37
C SER K 236 -39.07 25.57 78.27
N ILE K 237 -39.31 25.11 77.05
CA ILE K 237 -39.88 23.79 76.79
C ILE K 237 -38.78 22.73 76.74
N TYR K 238 -38.97 21.65 77.49
CA TYR K 238 -38.06 20.51 77.55
C TYR K 238 -38.83 19.23 77.24
N TRP K 239 -38.12 18.13 76.98
CA TRP K 239 -38.78 16.85 76.74
C TRP K 239 -37.99 15.69 77.35
N THR K 240 -38.71 14.62 77.69
CA THR K 240 -38.14 13.41 78.26
C THR K 240 -38.70 12.19 77.55
N LEU K 241 -37.82 11.24 77.19
CA LEU K 241 -38.22 9.94 76.69
C LEU K 241 -38.24 8.91 77.83
N VAL K 242 -39.28 8.08 77.86
CA VAL K 242 -39.45 7.06 78.90
C VAL K 242 -39.67 5.70 78.24
N ASN K 243 -38.71 4.79 78.41
CA ASN K 243 -38.77 3.46 77.82
C ASN K 243 -39.81 2.58 78.51
N PRO K 244 -40.30 1.55 77.81
CA PRO K 244 -41.17 0.56 78.47
C PRO K 244 -40.47 -0.11 79.65
N GLY K 245 -41.13 -0.08 80.80
CA GLY K 245 -40.54 -0.57 82.02
C GLY K 245 -40.14 0.56 82.94
N ASP K 246 -39.51 1.58 82.35
CA ASP K 246 -38.95 2.70 83.09
C ASP K 246 -40.04 3.63 83.62
N SER K 247 -39.65 4.52 84.52
CA SER K 247 -40.56 5.47 85.14
C SER K 247 -39.96 6.88 85.09
N ILE K 248 -40.84 7.88 85.05
CA ILE K 248 -40.46 9.29 85.04
C ILE K 248 -40.95 9.94 86.33
N ILE K 249 -40.12 10.81 86.90
CA ILE K 249 -40.46 11.54 88.13
C ILE K 249 -40.31 13.04 87.88
N PHE K 250 -41.40 13.78 88.08
CA PHE K 250 -41.36 15.24 88.12
C PHE K 250 -41.22 15.71 89.56
N ASN K 251 -40.19 16.51 89.83
CA ASN K 251 -39.82 16.92 91.17
C ASN K 251 -39.55 18.42 91.17
N SER K 252 -40.45 19.21 91.78
CA SER K 252 -40.35 20.65 91.70
C SER K 252 -40.74 21.30 93.02
N ILE K 253 -39.97 22.33 93.40
CA ILE K 253 -40.33 23.24 94.47
C ILE K 253 -40.67 24.63 93.92
N GLY K 254 -40.85 24.74 92.61
CA GLY K 254 -41.20 26.01 92.00
C GLY K 254 -41.03 26.03 90.48
N ASN K 255 -42.01 26.60 89.78
CA ASN K 255 -41.89 27.08 88.40
C ASN K 255 -42.09 25.98 87.36
N LEU K 256 -42.70 24.87 87.72
CA LEU K 256 -42.95 23.81 86.76
C LEU K 256 -44.12 24.13 85.84
N ILE K 257 -43.94 23.85 84.55
CA ILE K 257 -45.06 23.80 83.62
C ILE K 257 -45.36 22.34 83.32
N ALA K 258 -46.24 21.75 84.12
CA ALA K 258 -46.47 20.31 84.10
C ALA K 258 -47.09 19.83 82.78
N PRO K 259 -46.94 18.56 82.46
CA PRO K 259 -47.58 17.99 81.27
C PRO K 259 -48.99 17.48 81.56
N ARG K 260 -49.67 17.09 80.48
CA ARG K 260 -50.98 16.45 80.56
C ARG K 260 -50.99 15.06 79.96
N GLY K 261 -49.83 14.51 79.65
CA GLY K 261 -49.75 13.19 79.04
C GLY K 261 -48.57 13.13 78.11
N HIS K 262 -48.50 12.03 77.36
CA HIS K 262 -47.36 11.72 76.52
C HIS K 262 -47.77 11.52 75.06
N TYR K 263 -46.75 11.50 74.19
CA TYR K 263 -46.87 11.12 72.79
C TYR K 263 -46.18 9.78 72.54
N LYS K 264 -46.63 9.08 71.51
CA LYS K 264 -46.04 7.82 71.07
C LYS K 264 -44.86 8.08 70.13
N ILE K 265 -43.88 7.17 70.13
CA ILE K 265 -42.58 7.39 69.51
C ILE K 265 -42.32 6.46 68.34
N SER K 266 -42.45 5.14 68.57
CA SER K 266 -42.24 4.09 67.56
C SER K 266 -40.77 3.88 67.17
N LYS K 267 -40.12 4.90 66.60
CA LYS K 267 -38.74 4.86 66.10
C LYS K 267 -38.63 4.12 64.77
N SER K 268 -39.57 3.22 64.48
CA SER K 268 -39.66 2.58 63.17
C SER K 268 -40.67 3.32 62.29
N THR K 269 -40.44 4.62 62.13
CA THR K 269 -41.36 5.51 61.43
C THR K 269 -40.61 6.36 60.43
N LYS K 270 -41.23 6.60 59.29
CA LYS K 270 -40.56 7.18 58.15
C LYS K 270 -40.97 8.63 57.88
N SER K 271 -41.86 9.20 58.68
CA SER K 271 -42.48 10.48 58.35
C SER K 271 -41.47 11.63 58.49
N THR K 272 -41.84 12.79 57.93
CA THR K 272 -40.98 13.96 57.95
C THR K 272 -41.82 15.24 57.88
N VAL K 273 -41.12 16.38 57.86
CA VAL K 273 -41.73 17.70 57.81
C VAL K 273 -41.17 18.45 56.60
N LEU K 274 -42.06 19.17 55.89
CA LEU K 274 -41.68 19.96 54.73
C LEU K 274 -42.11 21.40 54.92
N LYS K 275 -41.25 22.33 54.52
CA LYS K 275 -41.49 23.77 54.66
C LYS K 275 -41.81 24.36 53.29
N SER K 276 -43.11 24.51 53.00
CA SER K 276 -43.58 24.99 51.71
C SER K 276 -44.71 25.99 51.90
N ASP K 277 -44.84 26.91 50.94
CA ASP K 277 -45.97 27.85 50.92
C ASP K 277 -46.94 27.56 49.77
N LYS K 278 -46.96 26.32 49.28
CA LYS K 278 -47.74 25.98 48.09
C LYS K 278 -49.02 25.26 48.50
N ARG K 279 -50.10 25.52 47.78
CA ARG K 279 -51.40 24.94 48.10
C ARG K 279 -51.40 23.43 47.91
N ILE K 280 -52.21 22.76 48.72
CA ILE K 280 -52.46 21.33 48.56
C ILE K 280 -53.56 21.16 47.50
N GLY K 281 -53.17 20.70 46.31
CA GLY K 281 -54.10 20.41 45.24
C GLY K 281 -54.73 19.04 45.39
N SER K 282 -55.09 18.44 44.25
CA SER K 282 -55.63 17.09 44.23
C SER K 282 -54.88 16.19 43.25
N CYS K 283 -53.71 16.62 42.77
CA CYS K 283 -52.87 15.85 41.88
C CYS K 283 -52.33 14.60 42.57
N THR K 284 -51.59 13.81 41.79
CA THR K 284 -50.85 12.65 42.29
C THR K 284 -49.36 12.81 41.96
N SER K 285 -48.50 12.52 42.94
CA SER K 285 -47.05 12.62 42.77
C SER K 285 -46.31 12.03 43.96
N PRO K 286 -45.35 11.13 43.74
CA PRO K 286 -44.54 10.63 44.85
C PRO K 286 -43.40 11.55 45.28
N CYS K 287 -43.15 12.64 44.55
CA CYS K 287 -42.04 13.54 44.84
C CYS K 287 -42.57 14.91 45.20
N LEU K 288 -42.33 15.34 46.44
CA LEU K 288 -42.72 16.67 46.90
C LEU K 288 -41.49 17.50 47.20
N THR K 289 -41.48 18.74 46.73
CA THR K 289 -40.41 19.69 47.01
C THR K 289 -41.03 20.97 47.56
N ASP K 290 -40.18 21.81 48.16
CA ASP K 290 -40.65 23.10 48.65
C ASP K 290 -41.25 23.94 47.53
N LYS K 291 -40.77 23.76 46.29
CA LYS K 291 -41.28 24.51 45.16
C LYS K 291 -42.56 23.90 44.59
N GLY K 292 -42.85 22.64 44.93
CA GLY K 292 -44.00 21.94 44.38
C GLY K 292 -43.71 20.48 44.10
N SER K 293 -44.68 19.76 43.54
CA SER K 293 -44.52 18.34 43.25
C SER K 293 -43.79 18.15 41.93
N ILE K 294 -43.24 16.95 41.74
CA ILE K 294 -42.54 16.59 40.52
C ILE K 294 -43.20 15.36 39.92
N GLN K 295 -43.66 15.48 38.68
CA GLN K 295 -44.31 14.40 37.94
C GLN K 295 -43.46 14.08 36.72
N SER K 296 -42.55 13.11 36.88
CA SER K 296 -41.53 12.86 35.89
C SER K 296 -41.04 11.43 36.02
N ASP K 297 -40.62 10.85 34.90
CA ASP K 297 -39.91 9.58 34.89
C ASP K 297 -38.41 9.78 34.61
N LYS K 298 -37.95 11.02 34.50
CA LYS K 298 -36.54 11.31 34.31
C LYS K 298 -35.75 10.97 35.56
N PRO K 299 -34.44 10.70 35.42
CA PRO K 299 -33.63 10.36 36.60
C PRO K 299 -33.03 11.54 37.36
N PHE K 300 -33.11 12.76 36.83
CA PHE K 300 -32.47 13.91 37.45
C PHE K 300 -33.41 15.11 37.43
N GLN K 301 -33.07 16.12 38.22
CA GLN K 301 -33.90 17.30 38.38
C GLN K 301 -33.06 18.43 38.95
N ASN K 302 -33.33 19.66 38.50
CA ASN K 302 -32.65 20.85 39.01
C ASN K 302 -33.56 21.72 39.85
N VAL K 303 -34.76 21.24 40.18
CA VAL K 303 -35.77 22.05 40.86
C VAL K 303 -35.32 22.44 42.26
N SER K 304 -35.16 21.46 43.14
CA SER K 304 -34.78 21.77 44.51
C SER K 304 -34.04 20.60 45.15
N ARG K 305 -33.00 20.94 45.92
CA ARG K 305 -32.34 19.94 46.75
C ARG K 305 -33.29 19.38 47.81
N ILE K 306 -34.31 20.14 48.18
CA ILE K 306 -35.32 19.68 49.13
C ILE K 306 -36.30 18.83 48.34
N ALA K 307 -36.28 17.51 48.58
CA ALA K 307 -37.06 16.58 47.77
C ALA K 307 -37.43 15.38 48.63
N ILE K 308 -38.73 15.19 48.85
CA ILE K 308 -39.24 14.18 49.76
C ILE K 308 -39.99 13.13 48.96
N GLY K 309 -39.66 11.87 49.16
CA GLY K 309 -40.33 10.77 48.50
C GLY K 309 -39.51 10.16 47.39
N ASN K 310 -40.20 9.45 46.50
CA ASN K 310 -39.60 8.87 45.30
C ASN K 310 -39.34 9.99 44.30
N CYS K 311 -38.12 10.49 44.26
CA CYS K 311 -37.75 11.65 43.48
C CYS K 311 -36.64 11.35 42.49
N PRO K 312 -36.49 12.15 41.44
CA PRO K 312 -35.24 12.15 40.69
C PRO K 312 -34.13 12.79 41.50
N LYS K 313 -32.90 12.35 41.24
CA LYS K 313 -31.75 12.88 41.97
C LYS K 313 -31.50 14.34 41.62
N TYR K 314 -31.34 15.17 42.65
CA TYR K 314 -31.04 16.58 42.41
C TYR K 314 -29.61 16.75 41.89
N VAL K 315 -29.46 17.55 40.84
CA VAL K 315 -28.17 17.85 40.23
C VAL K 315 -28.12 19.34 39.89
N LYS K 316 -26.89 19.81 39.60
CA LYS K 316 -26.73 21.22 39.25
C LYS K 316 -27.09 21.49 37.79
N GLN K 317 -26.93 20.51 36.92
CA GLN K 317 -27.11 20.73 35.48
C GLN K 317 -28.52 21.15 35.16
N GLY K 318 -28.65 22.05 34.16
CA GLY K 318 -29.96 22.38 33.64
C GLY K 318 -30.44 21.41 32.57
N SER K 319 -29.52 20.88 31.77
CA SER K 319 -29.88 19.95 30.71
C SER K 319 -28.81 18.86 30.61
N LEU K 320 -29.25 17.64 30.34
CA LEU K 320 -28.35 16.53 30.02
C LEU K 320 -29.03 15.72 28.92
N MET K 321 -28.67 15.99 27.67
CA MET K 321 -29.33 15.37 26.54
C MET K 321 -28.77 13.99 26.28
N LEU K 322 -29.65 12.99 26.18
CA LEU K 322 -29.28 11.60 25.99
C LEU K 322 -29.63 11.20 24.55
N ALA K 323 -28.62 10.91 23.76
CA ALA K 323 -28.82 10.43 22.40
C ALA K 323 -29.70 9.18 22.38
N THR K 324 -30.77 9.24 21.59
CA THR K 324 -31.63 8.10 21.35
C THR K 324 -31.58 7.65 19.89
N GLY K 325 -30.52 8.03 19.18
CA GLY K 325 -30.37 7.70 17.78
C GLY K 325 -28.94 7.93 17.34
N MET K 326 -28.68 7.60 16.09
CA MET K 326 -27.34 7.64 15.54
C MET K 326 -26.92 9.06 15.20
N ARG K 327 -25.65 9.21 14.80
CA ARG K 327 -25.16 10.47 14.27
C ARG K 327 -26.03 10.95 13.11
N ASN K 328 -26.36 12.24 13.12
CA ASN K 328 -27.05 12.85 11.99
C ASN K 328 -26.03 13.37 10.99
N ILE K 329 -26.04 12.82 9.79
CA ILE K 329 -25.19 13.28 8.70
C ILE K 329 -26.11 13.55 7.52
N PRO K 330 -26.58 14.79 7.36
CA PRO K 330 -27.72 15.03 6.46
C PRO K 330 -27.36 15.25 5.00
N GLY K 331 -26.13 15.64 4.72
CA GLY K 331 -25.72 15.97 3.38
C GLY K 331 -26.25 17.32 2.91
N ALA L 5 -27.30 9.41 -9.86
CA ALA L 5 -26.13 8.81 -9.22
C ALA L 5 -26.37 8.59 -7.73
N ILE L 6 -26.08 7.38 -7.26
CA ILE L 6 -26.42 6.97 -5.90
C ILE L 6 -25.16 6.79 -5.08
N ALA L 7 -25.25 7.07 -3.78
CA ALA L 7 -24.17 6.84 -2.83
C ALA L 7 -24.71 6.11 -1.60
N GLY L 8 -23.81 5.75 -0.70
CA GLY L 8 -24.16 5.07 0.54
C GLY L 8 -23.65 5.78 1.77
N PHE L 9 -23.45 5.04 2.86
CA PHE L 9 -23.18 5.68 4.15
C PHE L 9 -21.85 6.40 4.18
N ILE L 10 -20.87 5.99 3.37
CA ILE L 10 -19.56 6.65 3.36
C ILE L 10 -19.74 8.15 3.10
N GLU L 11 -20.56 8.48 2.12
CA GLU L 11 -20.82 9.88 1.79
C GLU L 11 -21.60 10.57 2.89
N ASN L 12 -22.90 10.30 2.95
CA ASN L 12 -23.77 10.90 3.95
C ASN L 12 -24.96 9.99 4.19
N GLY L 13 -25.87 10.45 5.05
CA GLY L 13 -27.10 9.74 5.35
C GLY L 13 -28.20 9.99 4.33
N TRP L 14 -29.37 9.45 4.64
CA TRP L 14 -30.51 9.43 3.74
C TRP L 14 -31.72 10.02 4.45
N GLN L 15 -32.03 11.30 4.19
CA GLN L 15 -33.30 11.82 4.68
C GLN L 15 -34.48 11.10 4.04
N GLY L 16 -34.30 10.60 2.81
CA GLY L 16 -35.36 9.85 2.14
C GLY L 16 -35.91 8.68 2.95
N LEU L 17 -35.05 8.04 3.75
CA LEU L 17 -35.40 6.78 4.40
C LEU L 17 -36.13 7.09 5.71
N ILE L 18 -37.41 6.74 5.77
CA ILE L 18 -38.28 7.13 6.88
C ILE L 18 -38.91 5.95 7.59
N ASP L 19 -38.78 4.73 7.08
CA ASP L 19 -39.40 3.56 7.68
C ASP L 19 -38.37 2.60 8.28
N GLY L 20 -37.20 3.11 8.63
CA GLY L 20 -36.15 2.26 9.13
C GLY L 20 -34.92 3.09 9.42
N TRP L 21 -34.01 2.50 10.19
CA TRP L 21 -32.76 3.17 10.51
C TRP L 21 -31.68 2.91 9.47
N TYR L 22 -31.73 1.75 8.83
CA TYR L 22 -30.80 1.35 7.79
C TYR L 22 -31.59 0.81 6.62
N GLY L 23 -30.96 0.64 5.47
CA GLY L 23 -31.68 0.15 4.31
C GLY L 23 -30.80 0.08 3.08
N PHE L 24 -31.38 -0.55 2.05
CA PHE L 24 -30.76 -0.71 0.73
C PHE L 24 -31.31 0.34 -0.24
N ARG L 25 -30.44 0.82 -1.12
CA ARG L 25 -30.86 1.61 -2.27
C ARG L 25 -30.16 1.07 -3.51
N HIS L 26 -30.94 0.76 -4.56
CA HIS L 26 -30.40 0.08 -5.71
C HIS L 26 -30.74 0.81 -7.01
N GLN L 27 -29.95 0.50 -8.04
CA GLN L 27 -30.23 0.86 -9.42
C GLN L 27 -30.09 -0.37 -10.28
N ASN L 28 -31.12 -0.68 -11.07
CA ASN L 28 -30.99 -1.69 -12.11
C ASN L 28 -31.72 -1.21 -13.35
N ALA L 29 -31.90 -2.12 -14.32
CA ALA L 29 -32.52 -1.73 -15.58
C ALA L 29 -34.02 -1.49 -15.43
N GLU L 30 -34.62 -1.93 -14.33
CA GLU L 30 -36.04 -1.71 -14.06
C GLU L 30 -36.31 -0.40 -13.34
N GLY L 31 -35.29 0.24 -12.80
CA GLY L 31 -35.48 1.49 -12.08
C GLY L 31 -34.57 1.57 -10.86
N THR L 32 -35.00 2.36 -9.89
CA THR L 32 -34.22 2.64 -8.69
C THR L 32 -35.17 2.65 -7.50
N GLY L 33 -34.70 2.12 -6.36
CA GLY L 33 -35.57 1.95 -5.21
C GLY L 33 -34.82 1.97 -3.89
N THR L 34 -35.58 2.29 -2.83
CA THR L 34 -35.06 2.28 -1.46
C THR L 34 -35.96 1.42 -0.59
N ALA L 35 -35.39 0.41 0.07
CA ALA L 35 -36.09 -0.41 1.04
C ALA L 35 -35.31 -0.45 2.35
N ALA L 36 -36.04 -0.43 3.46
CA ALA L 36 -35.41 -0.51 4.77
C ALA L 36 -35.10 -1.95 5.18
N ASP L 37 -34.06 -2.10 5.99
CA ASP L 37 -33.63 -3.40 6.49
C ASP L 37 -34.06 -3.52 7.96
N LEU L 38 -34.91 -4.51 8.25
CA LEU L 38 -35.51 -4.59 9.58
C LEU L 38 -34.54 -5.11 10.63
N LYS L 39 -33.77 -6.16 10.31
CA LYS L 39 -32.85 -6.75 11.27
C LYS L 39 -31.88 -5.71 11.84
N SER L 40 -31.13 -5.04 10.96
CA SER L 40 -30.17 -4.05 11.41
C SER L 40 -30.84 -2.95 12.22
N THR L 41 -32.04 -2.51 11.80
CA THR L 41 -32.75 -1.46 12.53
C THR L 41 -33.11 -1.91 13.93
N GLN L 42 -33.79 -3.05 14.04
CA GLN L 42 -34.25 -3.52 15.34
C GLN L 42 -33.07 -3.82 16.26
N ALA L 43 -31.97 -4.35 15.72
CA ALA L 43 -30.73 -4.51 16.46
C ALA L 43 -30.36 -3.24 17.21
N ALA L 44 -30.09 -2.17 16.46
CA ALA L 44 -29.77 -0.88 17.07
C ALA L 44 -30.85 -0.44 18.06
N ILE L 45 -32.10 -0.36 17.59
CA ILE L 45 -33.20 0.10 18.43
C ILE L 45 -33.23 -0.63 19.77
N ASP L 46 -32.97 -1.94 19.75
CA ASP L 46 -33.14 -2.75 20.96
C ASP L 46 -32.11 -2.39 22.02
N GLN L 47 -30.94 -1.89 21.62
CA GLN L 47 -29.96 -1.44 22.59
C GLN L 47 -30.20 0.00 23.05
N ILE L 48 -31.00 0.77 22.31
CA ILE L 48 -31.35 2.11 22.75
C ILE L 48 -32.48 2.04 23.77
N ASN L 49 -33.42 1.11 23.60
CA ASN L 49 -34.44 0.89 24.61
C ASN L 49 -33.84 0.35 25.90
N GLY L 50 -33.04 -0.72 25.79
CA GLY L 50 -32.50 -1.37 26.98
C GLY L 50 -31.73 -0.44 27.89
N LYS L 51 -31.09 0.59 27.33
CA LYS L 51 -30.40 1.59 28.15
C LYS L 51 -31.34 2.70 28.59
N LEU L 52 -32.40 2.95 27.81
CA LEU L 52 -33.50 3.79 28.25
C LEU L 52 -34.28 3.13 29.39
N ASN L 53 -34.22 1.80 29.47
CA ASN L 53 -34.81 1.05 30.57
C ASN L 53 -33.93 1.13 31.82
N ARG L 54 -32.61 1.07 31.64
CA ARG L 54 -31.65 1.14 32.72
C ARG L 54 -31.68 2.48 33.45
N LEU L 55 -32.42 3.46 32.93
CA LEU L 55 -32.39 4.83 33.44
C LEU L 55 -33.66 5.25 34.16
N ILE L 56 -34.80 4.64 33.87
CA ILE L 56 -36.05 4.97 34.55
C ILE L 56 -36.32 4.02 35.72
N GLU L 57 -35.28 3.38 36.26
CA GLU L 57 -35.39 2.57 37.47
C GLU L 57 -35.07 3.45 38.67
N LYS L 58 -36.07 3.74 39.51
CA LYS L 58 -35.93 4.72 40.57
C LYS L 58 -35.64 4.01 41.90
N THR L 59 -34.35 3.79 42.17
CA THR L 59 -33.91 3.31 43.47
C THR L 59 -33.69 4.46 44.46
N ASN L 60 -34.03 5.69 44.06
CA ASN L 60 -33.89 6.88 44.89
C ASN L 60 -35.24 7.20 45.55
N GLU L 61 -35.37 6.90 46.84
CA GLU L 61 -36.54 7.31 47.61
C GLU L 61 -36.08 7.73 49.00
N LYS L 62 -36.50 8.92 49.44
CA LYS L 62 -35.94 9.54 50.64
C LYS L 62 -37.05 10.26 51.39
N TYR L 63 -37.34 9.80 52.61
CA TYR L 63 -38.33 10.45 53.46
C TYR L 63 -37.70 11.49 54.37
N HIS L 64 -37.37 11.13 55.61
CA HIS L 64 -36.73 12.09 56.50
C HIS L 64 -35.23 12.10 56.27
N GLN L 65 -34.69 13.29 56.04
CA GLN L 65 -33.30 13.46 55.66
C GLN L 65 -32.59 14.41 56.63
N ILE L 66 -32.21 15.59 56.15
CA ILE L 66 -31.68 16.65 57.01
C ILE L 66 -32.20 18.00 56.50
N GLU L 67 -32.17 18.98 57.40
CA GLU L 67 -32.48 20.35 57.02
C GLU L 67 -31.51 20.86 55.97
N LYS L 68 -32.03 21.55 54.96
CA LYS L 68 -31.22 22.02 53.86
C LYS L 68 -31.31 23.54 53.66
N GLU L 69 -32.09 24.23 54.48
CA GLU L 69 -32.30 25.67 54.38
C GLU L 69 -32.41 26.21 55.80
N PHE L 70 -31.77 27.35 56.05
CA PHE L 70 -31.67 27.88 57.40
C PHE L 70 -32.06 29.35 57.44
N GLU L 71 -32.56 29.77 58.59
CA GLU L 71 -33.05 31.12 58.82
C GLU L 71 -32.08 31.99 59.60
N GLN L 72 -31.30 31.40 60.50
CA GLN L 72 -30.29 32.12 61.26
C GLN L 72 -28.97 31.35 61.13
N VAL L 73 -27.87 32.06 61.34
CA VAL L 73 -26.56 31.40 61.37
C VAL L 73 -26.35 30.71 62.70
N GLU L 74 -25.60 29.61 62.66
CA GLU L 74 -25.32 28.80 63.85
C GLU L 74 -23.86 28.42 64.01
N GLY L 75 -23.07 28.41 62.96
CA GLY L 75 -21.69 27.99 63.05
C GLY L 75 -21.52 26.51 62.74
N ARG L 76 -20.97 25.76 63.70
CA ARG L 76 -20.35 24.46 63.40
C ARG L 76 -21.32 23.49 62.76
N ILE L 77 -22.47 23.27 63.39
CA ILE L 77 -23.36 22.19 62.94
C ILE L 77 -24.04 22.56 61.62
N GLN L 78 -24.46 23.82 61.48
CA GLN L 78 -24.98 24.28 60.20
C GLN L 78 -23.94 24.15 59.11
N ASP L 79 -22.70 24.59 59.39
CA ASP L 79 -21.62 24.51 58.42
C ASP L 79 -21.43 23.08 57.92
N LEU L 80 -21.55 22.10 58.82
CA LEU L 80 -21.35 20.71 58.41
C LEU L 80 -22.52 20.21 57.57
N GLU L 81 -23.75 20.42 58.04
CA GLU L 81 -24.93 20.04 57.28
C GLU L 81 -24.91 20.64 55.87
N LYS L 82 -24.57 21.92 55.76
CA LYS L 82 -24.45 22.53 54.43
C LYS L 82 -23.37 21.84 53.60
N TYR L 83 -22.29 21.41 54.26
CA TYR L 83 -21.18 20.76 53.56
C TYR L 83 -21.57 19.38 53.06
N VAL L 84 -22.19 18.56 53.92
CA VAL L 84 -22.60 17.21 53.54
C VAL L 84 -23.50 17.23 52.32
N GLU L 85 -24.51 18.12 52.31
CA GLU L 85 -25.43 18.17 51.18
C GLU L 85 -24.73 18.68 49.93
N ASP L 86 -23.92 19.74 50.04
CA ASP L 86 -23.19 20.24 48.89
C ASP L 86 -22.23 19.20 48.34
N THR L 87 -21.67 18.36 49.21
CA THR L 87 -20.81 17.27 48.73
C THR L 87 -21.63 16.22 47.98
N LYS L 88 -22.78 15.85 48.53
CA LYS L 88 -23.67 14.90 47.86
C LYS L 88 -24.10 15.42 46.49
N ILE L 89 -24.44 16.71 46.39
CA ILE L 89 -24.91 17.26 45.12
C ILE L 89 -23.79 17.27 44.09
N ASP L 90 -22.58 17.61 44.51
CA ASP L 90 -21.44 17.61 43.59
C ASP L 90 -21.18 16.22 43.04
N LEU L 91 -21.27 15.20 43.89
CA LEU L 91 -20.91 13.85 43.47
C LEU L 91 -21.95 13.25 42.54
N TRP L 92 -23.23 13.54 42.78
CA TRP L 92 -24.25 13.07 41.86
C TRP L 92 -24.23 13.83 40.55
N SER L 93 -24.02 15.15 40.61
CA SER L 93 -23.88 15.93 39.39
C SER L 93 -22.79 15.36 38.50
N TYR L 94 -21.68 14.92 39.10
CA TYR L 94 -20.61 14.28 38.33
C TYR L 94 -21.09 12.96 37.73
N ASN L 95 -21.75 12.13 38.53
CA ASN L 95 -22.22 10.84 38.04
C ASN L 95 -23.15 11.02 36.84
N ALA L 96 -23.99 12.05 36.87
CA ALA L 96 -24.93 12.27 35.77
C ALA L 96 -24.19 12.72 34.52
N GLU L 97 -23.28 13.68 34.67
CA GLU L 97 -22.51 14.17 33.53
C GLU L 97 -21.74 13.03 32.86
N LEU L 98 -21.14 12.15 33.65
CA LEU L 98 -20.34 11.07 33.10
C LEU L 98 -21.22 9.98 32.49
N LEU L 99 -22.27 9.58 33.21
CA LEU L 99 -23.17 8.54 32.70
C LEU L 99 -23.73 8.92 31.34
N VAL L 100 -24.27 10.13 31.21
CA VAL L 100 -24.85 10.56 29.95
C VAL L 100 -23.79 10.61 28.85
N ALA L 101 -22.63 11.21 29.16
CA ALA L 101 -21.55 11.30 28.18
C ALA L 101 -21.09 9.93 27.72
N LEU L 102 -21.23 8.92 28.57
CA LEU L 102 -20.68 7.59 28.36
C LEU L 102 -21.68 6.70 27.64
N GLU L 103 -22.94 6.76 28.08
CA GLU L 103 -24.05 6.21 27.30
C GLU L 103 -24.00 6.71 25.86
N ASN L 104 -23.89 8.03 25.68
CA ASN L 104 -23.97 8.63 24.35
C ASN L 104 -22.84 8.15 23.46
N GLN L 105 -21.63 8.05 24.00
CA GLN L 105 -20.52 7.50 23.23
C GLN L 105 -20.80 6.06 22.84
N HIS L 106 -21.51 5.32 23.68
CA HIS L 106 -21.88 3.95 23.36
C HIS L 106 -22.96 3.92 22.28
N THR L 107 -24.00 4.73 22.44
CA THR L 107 -25.05 4.80 21.44
C THR L 107 -24.50 5.07 20.05
N ILE L 108 -23.48 5.92 19.97
CA ILE L 108 -22.87 6.23 18.67
C ILE L 108 -22.09 5.04 18.16
N ASP L 109 -21.32 4.39 19.04
CA ASP L 109 -20.53 3.22 18.64
C ASP L 109 -21.43 2.10 18.12
N VAL L 110 -22.52 1.82 18.84
CA VAL L 110 -23.38 0.70 18.47
C VAL L 110 -24.01 0.93 17.10
N THR L 111 -24.46 2.17 16.84
CA THR L 111 -25.11 2.46 15.58
C THR L 111 -24.12 2.50 14.42
N ASP L 112 -22.92 3.00 14.68
CA ASP L 112 -21.87 2.93 13.66
C ASP L 112 -21.49 1.49 13.36
N SER L 113 -21.55 0.61 14.35
CA SER L 113 -21.20 -0.79 14.15
C SER L 113 -22.27 -1.50 13.33
N GLU L 114 -23.54 -1.28 13.67
CA GLU L 114 -24.63 -1.97 12.99
C GLU L 114 -24.65 -1.63 11.51
N MET L 115 -24.35 -0.37 11.16
CA MET L 115 -24.24 0.01 9.76
C MET L 115 -23.17 -0.82 9.06
N ASN L 116 -21.99 -0.95 9.69
CA ASN L 116 -20.89 -1.68 9.07
C ASN L 116 -21.17 -3.17 9.00
N LYS L 117 -21.81 -3.73 10.02
CA LYS L 117 -22.25 -5.13 9.94
C LYS L 117 -23.16 -5.34 8.75
N LEU L 118 -24.14 -4.44 8.56
CA LEU L 118 -25.03 -4.54 7.40
C LEU L 118 -24.25 -4.54 6.09
N PHE L 119 -23.27 -3.64 5.96
CA PHE L 119 -22.46 -3.59 4.75
C PHE L 119 -21.70 -4.90 4.54
N GLU L 120 -21.08 -5.40 5.61
CA GLU L 120 -20.27 -6.61 5.50
C GLU L 120 -21.15 -7.83 5.22
N ARG L 121 -22.34 -7.88 5.82
CA ARG L 121 -23.29 -8.93 5.50
C ARG L 121 -23.53 -9.03 4.01
N VAL L 122 -23.78 -7.89 3.35
CA VAL L 122 -24.03 -7.88 1.92
C VAL L 122 -22.78 -8.29 1.15
N ARG L 123 -21.62 -7.75 1.54
CA ARG L 123 -20.35 -8.15 0.96
C ARG L 123 -20.24 -9.67 0.85
N ARG L 124 -20.55 -10.36 1.95
CA ARG L 124 -20.43 -11.81 2.00
C ARG L 124 -21.39 -12.48 1.03
N GLN L 125 -22.66 -12.03 1.04
CA GLN L 125 -23.66 -12.58 0.13
C GLN L 125 -23.18 -12.51 -1.31
N LEU L 126 -22.50 -11.42 -1.68
CA LEU L 126 -22.22 -11.13 -3.07
C LEU L 126 -20.97 -11.83 -3.58
N ARG L 127 -20.13 -12.35 -2.68
CA ARG L 127 -18.89 -13.04 -3.03
C ARG L 127 -18.11 -12.32 -4.13
N GLU L 128 -17.70 -13.07 -5.15
CA GLU L 128 -16.88 -12.53 -6.22
C GLU L 128 -17.72 -11.95 -7.35
N ASN L 129 -18.98 -11.60 -7.08
CA ASN L 129 -19.87 -11.08 -8.10
C ASN L 129 -20.00 -9.57 -8.07
N ALA L 130 -19.45 -8.91 -7.05
CA ALA L 130 -19.53 -7.47 -6.90
C ALA L 130 -18.20 -6.94 -6.39
N GLU L 131 -17.91 -5.69 -6.74
CA GLU L 131 -16.77 -4.96 -6.19
C GLU L 131 -17.25 -3.77 -5.39
N ASP L 132 -16.57 -3.52 -4.27
CA ASP L 132 -16.91 -2.40 -3.41
C ASP L 132 -16.46 -1.10 -4.07
N GLN L 133 -17.40 -0.20 -4.32
CA GLN L 133 -17.10 1.03 -5.03
C GLN L 133 -16.40 2.06 -4.16
N GLY L 134 -16.47 1.94 -2.84
CA GLY L 134 -15.84 2.88 -1.94
C GLY L 134 -16.80 3.87 -1.31
N ASN L 135 -18.04 3.94 -1.80
CA ASN L 135 -19.02 4.91 -1.34
C ASN L 135 -20.16 4.25 -0.58
N GLY L 136 -19.88 3.15 0.10
CA GLY L 136 -20.93 2.35 0.71
C GLY L 136 -21.83 1.64 -0.27
N CYS L 137 -21.35 1.42 -1.49
CA CYS L 137 -22.14 0.75 -2.51
C CYS L 137 -21.31 -0.35 -3.18
N PHE L 138 -22.02 -1.36 -3.67
CA PHE L 138 -21.44 -2.45 -4.44
C PHE L 138 -21.85 -2.32 -5.90
N GLU L 139 -20.87 -2.34 -6.80
CA GLU L 139 -21.16 -2.52 -8.21
C GLU L 139 -21.35 -4.00 -8.49
N ILE L 140 -22.55 -4.36 -8.96
CA ILE L 140 -22.88 -5.75 -9.25
C ILE L 140 -22.60 -6.00 -10.72
N PHE L 141 -21.73 -6.98 -11.01
CA PHE L 141 -21.25 -7.21 -12.37
C PHE L 141 -22.10 -8.23 -13.13
N HIS L 142 -23.40 -8.28 -12.86
CA HIS L 142 -24.32 -9.08 -13.62
C HIS L 142 -25.68 -8.40 -13.63
N GLN L 143 -26.48 -8.74 -14.64
CA GLN L 143 -27.86 -8.25 -14.67
C GLN L 143 -28.61 -8.76 -13.45
N CYS L 144 -29.23 -7.83 -12.72
CA CYS L 144 -29.92 -8.13 -11.46
C CYS L 144 -31.27 -7.42 -11.45
N ASP L 145 -32.31 -8.13 -11.87
CA ASP L 145 -33.65 -7.54 -11.93
C ASP L 145 -34.21 -7.40 -10.51
N ASN L 146 -35.49 -7.01 -10.43
CA ASN L 146 -36.08 -6.67 -9.12
C ASN L 146 -36.17 -7.89 -8.21
N ASN L 147 -36.34 -9.09 -8.77
CA ASN L 147 -36.33 -10.28 -7.94
C ASN L 147 -34.94 -10.53 -7.38
N CYS L 148 -33.91 -10.30 -8.20
CA CYS L 148 -32.54 -10.48 -7.77
C CYS L 148 -32.15 -9.47 -6.69
N ILE L 149 -32.61 -8.22 -6.83
CA ILE L 149 -32.34 -7.22 -5.80
C ILE L 149 -33.04 -7.59 -4.50
N GLU L 150 -34.26 -8.14 -4.60
CA GLU L 150 -34.97 -8.54 -3.39
C GLU L 150 -34.30 -9.74 -2.72
N SER L 151 -33.69 -10.64 -3.50
CA SER L 151 -33.00 -11.77 -2.91
C SER L 151 -31.82 -11.32 -2.05
N ILE L 152 -31.05 -10.34 -2.55
CA ILE L 152 -30.00 -9.73 -1.75
C ILE L 152 -30.56 -9.20 -0.44
N ARG L 153 -31.73 -8.55 -0.51
CA ARG L 153 -32.29 -7.87 0.66
C ARG L 153 -32.89 -8.85 1.65
N ASN L 154 -33.47 -9.96 1.17
CA ASN L 154 -34.07 -10.95 2.05
C ASN L 154 -33.18 -12.15 2.30
N GLY L 155 -31.93 -12.11 1.84
CA GLY L 155 -30.92 -13.06 2.24
C GLY L 155 -30.92 -14.41 1.54
N THR L 156 -31.48 -14.49 0.32
CA THR L 156 -31.55 -15.74 -0.41
C THR L 156 -30.72 -15.74 -1.69
N TYR L 157 -29.86 -14.73 -1.88
CA TYR L 157 -29.14 -14.55 -3.14
C TYR L 157 -28.05 -15.60 -3.25
N ASP L 158 -28.17 -16.50 -4.23
CA ASP L 158 -27.23 -17.61 -4.42
C ASP L 158 -26.15 -17.16 -5.41
N HIS L 159 -24.97 -16.84 -4.89
CA HIS L 159 -23.91 -16.27 -5.74
C HIS L 159 -23.49 -17.23 -6.85
N ASN L 160 -23.62 -18.53 -6.64
CA ASN L 160 -23.24 -19.50 -7.68
C ASN L 160 -24.05 -19.27 -8.96
N ILE L 161 -25.29 -18.80 -8.82
CA ILE L 161 -26.15 -18.56 -9.98
C ILE L 161 -25.48 -17.64 -10.98
N TYR L 162 -24.85 -16.56 -10.49
CA TYR L 162 -24.32 -15.52 -11.35
C TYR L 162 -22.80 -15.49 -11.43
N ARG L 163 -22.10 -16.46 -10.82
CA ARG L 163 -20.65 -16.35 -10.69
C ARG L 163 -19.95 -16.28 -12.05
N ASP L 164 -20.38 -17.09 -13.01
CA ASP L 164 -19.73 -17.09 -14.32
C ASP L 164 -19.96 -15.77 -15.04
N GLU L 165 -21.20 -15.29 -15.07
CA GLU L 165 -21.49 -14.01 -15.71
C GLU L 165 -20.67 -12.89 -15.09
N ALA L 166 -20.58 -12.86 -13.76
CA ALA L 166 -19.94 -11.74 -13.08
C ALA L 166 -18.42 -11.79 -13.19
N ILE L 167 -17.82 -12.96 -13.03
CA ILE L 167 -16.36 -13.07 -13.12
C ILE L 167 -15.89 -12.73 -14.52
N ASN L 168 -16.64 -13.16 -15.55
CA ASN L 168 -16.26 -12.83 -16.91
C ASN L 168 -16.42 -11.34 -17.20
N ASN L 169 -17.29 -10.63 -16.48
CA ASN L 169 -17.43 -9.20 -16.64
C ASN L 169 -16.36 -8.42 -15.88
N ARG L 170 -15.75 -9.04 -14.88
CA ARG L 170 -14.73 -8.38 -14.07
C ARG L 170 -13.33 -8.53 -14.65
N ILE L 171 -13.06 -9.69 -15.27
CA ILE L 171 -11.71 -10.04 -15.70
C ILE L 171 -11.45 -9.64 -17.14
N LYS L 172 -12.49 -9.29 -17.90
CA LYS L 172 -12.31 -8.84 -19.28
C LYS L 172 -13.22 -7.64 -19.57
C1 NAG M . 2.31 14.00 46.38
C2 NAG M . 2.97 13.79 47.75
C3 NAG M . 4.51 13.77 47.63
C4 NAG M . 5.01 12.95 46.44
C5 NAG M . 4.20 13.24 45.18
C6 NAG M . 4.54 12.33 44.03
C7 NAG M . 1.80 14.59 49.75
C8 NAG M . 1.48 15.79 50.60
N2 NAG M . 2.56 14.83 48.67
O3 NAG M . 5.05 13.24 48.83
O4 NAG M . 6.38 13.25 46.19
O5 NAG M . 2.81 13.06 45.45
O6 NAG M . 3.89 11.07 44.17
O7 NAG M . 1.39 13.47 50.02
C1 NAG M . 7.19 12.05 46.30
C2 NAG M . 8.49 12.27 45.53
C3 NAG M . 9.55 11.18 45.84
C4 NAG M . 9.29 10.31 47.07
C5 NAG M . 8.00 10.56 47.86
C6 NAG M . 8.22 10.47 49.35
C7 NAG M . 8.13 13.42 43.37
C8 NAG M . 7.86 13.25 41.91
N2 NAG M . 8.23 12.30 44.10
O3 NAG M . 10.80 11.84 46.03
O4 NAG M . 9.21 8.96 46.61
O5 NAG M . 7.47 11.86 47.62
O6 NAG M . 9.24 11.36 49.80
O7 NAG M . 8.27 14.54 43.89
C1 NAG N . -3.21 15.53 -6.51
C2 NAG N . -2.99 17.03 -6.84
C3 NAG N . -2.68 17.25 -8.34
C4 NAG N . -1.63 16.28 -8.87
C5 NAG N . -2.07 14.86 -8.53
C6 NAG N . -1.12 13.78 -8.99
C7 NAG N . -4.16 18.60 -5.36
C8 NAG N . -5.44 19.34 -5.09
N2 NAG N . -4.13 17.82 -6.44
O3 NAG N . -2.25 18.60 -8.55
O4 NAG N . -1.52 16.43 -10.29
O5 NAG N . -2.17 14.72 -7.10
O6 NAG N . 0.12 13.84 -8.30
O7 NAG N . -3.18 18.73 -4.62
C1 NAG N . -0.17 16.32 -10.85
C2 NAG N . -0.19 16.53 -12.38
C3 NAG N . 1.22 16.45 -12.96
C4 NAG N . 2.15 17.39 -12.22
C5 NAG N . 2.11 17.08 -10.73
C6 NAG N . 3.02 17.96 -9.90
C7 NAG N . -2.38 15.63 -13.06
C8 NAG N . -3.09 14.52 -13.78
N2 NAG N . -1.04 15.54 -13.04
O3 NAG N . 1.21 16.75 -14.35
O4 NAG N . 3.48 17.22 -12.69
O5 NAG N . 0.77 17.25 -10.25
O6 NAG N . 2.52 19.29 -9.84
O7 NAG N . -2.99 16.55 -12.53
C1 NAG O . 31.72 -11.00 -43.24
C2 NAG O . 32.16 -12.36 -43.79
C3 NAG O . 31.58 -13.53 -42.98
C4 NAG O . 31.67 -13.30 -41.47
C5 NAG O . 31.25 -11.89 -41.10
C6 NAG O . 31.49 -11.56 -39.64
C7 NAG O . 32.66 -12.62 -46.18
C8 NAG O . 32.08 -12.75 -47.57
N2 NAG O . 31.78 -12.50 -45.19
O3 NAG O . 32.28 -14.72 -43.32
O4 NAG O . 30.78 -14.20 -40.81
O5 NAG O . 32.00 -10.95 -41.86
O6 NAG O . 32.85 -11.76 -39.29
O7 NAG O . 33.86 -12.62 -45.98
C1 NAG O . 31.43 -15.14 -39.92
C2 NAG O . 30.29 -15.73 -39.06
C3 NAG O . 30.78 -16.86 -38.13
C4 NAG O . 31.81 -17.78 -38.77
C5 NAG O . 32.78 -17.06 -39.72
C6 NAG O . 33.55 -18.01 -40.61
C7 NAG O . 28.55 -14.03 -38.78
C8 NAG O . 27.95 -13.01 -37.86
N2 NAG O . 29.61 -14.70 -38.30
O3 NAG O . 29.66 -17.60 -37.67
O4 NAG O . 32.53 -18.47 -37.76
O5 NAG O . 32.09 -16.15 -40.59
O6 NAG O . 32.69 -18.58 -41.59
O7 NAG O . 28.10 -14.25 -39.90
C1 NAG P . 11.56 24.57 -9.27
C2 NAG P . 10.13 24.81 -9.83
C3 NAG P . 9.21 25.48 -8.79
C4 NAG P . 9.28 24.81 -7.42
C5 NAG P . 10.75 24.72 -7.00
C6 NAG P . 10.97 24.03 -5.66
C7 NAG P . 10.38 25.05 -12.26
C8 NAG P . 10.43 26.01 -13.41
N2 NAG P . 10.19 25.59 -11.06
O3 NAG P . 7.88 25.52 -9.28
O4 NAG P . 8.50 25.54 -6.48
O5 NAG P . 11.47 23.96 -7.97
O6 NAG P . 10.51 22.68 -5.70
O7 NAG P . 10.52 23.83 -12.42
C1 NAG P . 7.79 24.76 -5.47
C2 NAG P . 6.99 25.71 -4.54
C3 NAG P . 6.23 24.92 -3.48
C4 NAG P . 5.38 23.83 -4.14
C5 NAG P . 6.27 22.95 -5.01
C6 NAG P . 5.49 21.87 -5.71
C7 NAG P . 8.49 27.67 -4.54
C8 NAG P . 9.36 28.55 -3.69
N2 NAG P . 7.87 26.67 -3.89
O3 NAG P . 5.42 25.78 -2.69
O4 NAG P . 4.78 22.99 -3.16
O5 NAG P . 6.90 23.75 -6.02
O6 NAG P . 5.95 21.68 -7.04
O7 NAG P . 8.37 27.85 -5.74
C1 NAG Q . -27.34 -10.57 50.79
C2 NAG Q . -28.54 -10.61 51.74
C3 NAG Q . -29.18 -12.02 51.78
C4 NAG Q . -29.32 -12.65 50.39
C5 NAG Q . -28.06 -12.46 49.56
C6 NAG Q . -28.21 -12.92 48.13
C7 NAG Q . -28.37 -9.01 53.60
C8 NAG Q . -27.88 -8.80 54.99
N2 NAG Q . -28.13 -10.22 53.07
O3 NAG Q . -30.46 -11.91 52.40
O4 NAG Q . -29.59 -14.04 50.50
O5 NAG Q . -27.72 -11.07 49.52
O6 NAG Q . -28.61 -11.84 47.29
O7 NAG Q . -28.97 -8.14 52.96
C1 NAG Q . -30.86 -14.43 49.92
C2 NAG Q . -30.92 -15.96 49.77
C3 NAG Q . -32.33 -16.45 49.37
C4 NAG Q . -33.48 -15.69 50.03
C5 NAG Q . -33.18 -14.20 50.22
C6 NAG Q . -34.15 -13.52 51.17
C7 NAG Q . -28.65 -16.64 49.15
C8 NAG Q . -27.77 -17.15 48.04
N2 NAG Q . -29.93 -16.44 48.83
O3 NAG Q . -32.43 -17.83 49.66
O4 NAG Q . -34.64 -15.80 49.22
O5 NAG Q . -31.87 -14.00 50.74
O6 NAG Q . -34.28 -14.28 52.37
O7 NAG Q . -28.21 -16.42 50.27
C1 NAG R . 4.65 -25.23 10.75
C2 NAG R . 5.79 -25.96 11.51
C3 NAG R . 6.62 -26.89 10.59
C4 NAG R . 5.75 -27.74 9.67
C5 NAG R . 4.79 -26.81 8.95
C6 NAG R . 3.87 -27.50 7.95
C7 NAG R . 6.58 -24.68 13.47
C8 NAG R . 7.57 -23.66 13.96
N2 NAG R . 6.67 -25.00 12.17
O3 NAG R . 7.43 -27.75 11.38
O4 NAG R . 6.60 -28.44 8.76
O5 NAG R . 3.95 -26.16 9.91
O6 NAG R . 2.89 -28.29 8.62
O7 NAG R . 5.75 -25.20 14.20
C1 NAG R . 6.21 -29.78 8.33
C2 NAG R . 7.16 -30.26 7.21
C3 NAG R . 6.77 -31.68 6.76
C4 NAG R . 6.70 -32.61 7.95
C5 NAG R . 5.72 -32.05 8.96
C6 NAG R . 5.58 -32.93 10.18
C7 NAG R . 7.83 -28.21 6.06
C8 NAG R . 7.73 -27.41 4.81
N2 NAG R . 7.15 -29.36 6.08
O3 NAG R . 7.72 -32.17 5.80
O4 NAG R . 6.21 -33.88 7.54
O5 NAG R . 6.17 -30.76 9.40
O6 NAG R . 6.17 -32.32 11.32
O7 NAG R . 8.50 -27.84 7.02
C1 NAG S . -11.85 5.47 -67.32
C2 NAG S . -13.10 5.42 -66.42
C3 NAG S . -13.83 4.06 -66.55
C4 NAG S . -13.97 3.59 -67.99
C5 NAG S . -12.67 3.77 -68.76
C6 NAG S . -12.80 3.48 -70.24
C7 NAG S . -13.02 6.81 -64.40
C8 NAG S . -12.57 6.89 -62.97
N2 NAG S . -12.73 5.66 -65.03
O3 NAG S . -15.11 4.16 -65.93
O4 NAG S . -14.27 2.20 -68.02
O5 NAG S . -12.22 5.12 -68.64
O6 NAG S . -13.98 4.08 -70.76
O7 NAG S . -13.60 7.73 -64.95
C1 NAG S . -15.58 1.87 -68.52
C2 NAG S . -15.59 0.34 -68.63
C3 NAG S . -16.98 -0.21 -68.99
C4 NAG S . -18.14 0.52 -68.31
C5 NAG S . -17.90 2.03 -68.18
C6 NAG S . -18.88 2.71 -67.26
C7 NAG S . -13.34 -0.44 -69.22
C8 NAG S . -12.44 -0.92 -70.32
N2 NAG S . -14.59 -0.13 -69.57
O3 NAG S . -17.03 -1.60 -68.67
O4 NAG S . -19.37 0.28 -68.99
O5 NAG S . -16.59 2.30 -67.68
O6 NAG S . -18.65 2.32 -65.91
O7 NAG S . -12.94 -0.32 -68.06
C1 NAG T . 19.77 -9.11 -107.61
C2 NAG T . 20.85 -9.91 -106.84
C3 NAG T . 21.68 -10.80 -107.80
C4 NAG T . 20.81 -11.60 -108.76
C5 NAG T . 19.87 -10.64 -109.48
C6 NAG T . 18.92 -11.30 -110.46
C7 NAG T . 21.47 -8.63 -104.83
C8 NAG T . 22.47 -7.69 -104.23
N2 NAG T . 21.71 -9.02 -106.09
O3 NAG T . 22.50 -11.67 -107.02
O4 NAG T . 21.63 -12.30 -109.68
O5 NAG T . 19.05 -9.98 -108.51
O6 NAG T . 18.04 -12.23 -109.82
O7 NAG T . 20.49 -9.01 -104.21
C1 NAG T . 21.18 -13.65 -110.05
C2 NAG T . 22.12 -14.21 -111.15
C3 NAG T . 21.68 -15.63 -111.53
C4 NAG T . 21.58 -16.51 -110.31
C5 NAG T . 20.63 -15.88 -109.30
C6 NAG T . 20.53 -16.70 -108.04
C7 NAG T . 22.75 -12.17 -112.37
C8 NAG T . 22.63 -11.44 -113.66
N2 NAG T . 22.12 -13.35 -112.32
O3 NAG T . 22.59 -16.17 -112.49
O4 NAG T . 21.04 -17.79 -110.65
O5 NAG T . 21.13 -14.59 -108.93
O6 NAG T . 20.60 -15.88 -106.89
O7 NAG T . 23.37 -11.73 -111.41
C1 NAG U . 34.16 -36.06 -42.83
C2 NAG U . 34.22 -34.63 -42.29
C3 NAG U . 33.62 -33.62 -43.30
C4 NAG U . 34.08 -33.87 -44.73
C5 NAG U . 34.00 -35.34 -45.09
C6 NAG U . 34.60 -35.66 -46.45
C7 NAG U . 34.16 -34.48 -39.84
C8 NAG U . 33.28 -34.39 -38.62
N2 NAG U . 33.53 -34.53 -41.01
O3 NAG U . 33.96 -32.30 -42.90
O4 NAG U . 33.23 -33.16 -45.64
O5 NAG U . 34.73 -36.11 -44.13
O6 NAG U . 35.99 -35.34 -46.49
O7 NAG U . 35.38 -34.51 -39.75
C1 NAG U . 33.92 -32.11 -46.36
C2 NAG U . 33.00 -31.71 -47.53
C3 NAG U . 33.52 -30.47 -48.29
C4 NAG U . 34.14 -29.40 -47.39
C5 NAG U . 34.91 -29.98 -46.20
C6 NAG U . 35.25 -28.95 -45.15
C7 NAG U . 31.82 -33.73 -48.30
C8 NAG U . 31.76 -34.80 -49.35
N2 NAG U . 32.80 -32.82 -48.44
O3 NAG U . 32.45 -29.90 -49.03
O4 NAG U . 35.02 -28.58 -48.14
O5 NAG U . 34.16 -31.01 -45.55
O6 NAG U . 34.07 -28.51 -44.48
O7 NAG U . 31.02 -33.68 -47.37
C1 NAG V . 31.05 -73.97 -80.18
C2 NAG V . 29.62 -74.53 -80.01
C3 NAG V . 29.17 -75.34 -81.25
C4 NAG V . 29.45 -74.60 -82.55
C5 NAG V . 30.92 -74.19 -82.59
C6 NAG V . 31.33 -73.40 -83.82
C7 NAG V . 29.04 -74.88 -77.64
C8 NAG V . 29.03 -75.86 -76.51
N2 NAG V . 29.51 -75.34 -78.81
O3 NAG V . 27.79 -75.65 -81.14
O4 NAG V . 29.12 -75.44 -83.66
O5 NAG V . 31.18 -73.33 -81.47
O6 NAG V . 30.45 -72.30 -84.07
O7 NAG V . 28.65 -73.72 -77.51
C1 NAG V . 28.51 -74.77 -84.81
C2 NAG V . 28.19 -75.82 -85.91
C3 NAG V . 27.55 -75.13 -87.12
C4 NAG V . 26.35 -74.31 -86.70
C5 NAG V . 26.76 -73.31 -85.64
C6 NAG V . 25.60 -72.48 -85.13
C7 NAG V . 29.97 -77.46 -85.53
C8 NAG V . 31.18 -78.13 -86.12
N2 NAG V . 29.38 -76.55 -86.30
O3 NAG V . 27.17 -76.10 -88.10
O4 NAG V . 25.83 -73.57 -87.81
O5 NAG V . 27.29 -74.01 -84.49
O6 NAG V . 25.75 -72.18 -83.75
O7 NAG V . 29.56 -77.73 -84.40
C1 NAG W . -33.39 24.60 35.79
C2 NAG W . -33.34 26.03 36.36
C3 NAG W . -34.00 27.05 35.41
C4 NAG W . -33.65 26.83 33.94
C5 NAG W . -33.71 25.35 33.57
C6 NAG W . -33.22 25.06 32.17
C7 NAG W . -33.28 26.12 38.82
C8 NAG W . -34.11 26.17 40.08
N2 NAG W . -33.96 26.07 37.67
O3 NAG W . -33.62 28.36 35.80
O4 NAG W . -34.56 27.53 33.10
O5 NAG W . -32.89 24.60 34.47
O6 NAG W . -31.80 25.00 32.13
O7 NAG W . -32.06 26.12 38.86
C1 NAG W . -33.95 28.60 32.32
C2 NAG W . -34.92 28.96 31.20
C3 NAG W . -34.50 30.26 30.46
C4 NAG W . -33.93 31.34 31.37
C5 NAG W . -33.09 30.79 32.51
C6 NAG W . -32.80 31.81 33.59
C7 NAG W . -35.98 26.92 30.31
C8 NAG W . -35.92 25.87 29.24
N2 NAG W . -35.03 27.86 30.25
O3 NAG W . -35.63 30.76 29.75
O4 NAG W . -33.13 32.24 30.60
O5 NAG W . -33.75 29.69 33.14
O6 NAG W . -33.98 32.44 34.05
O7 NAG W . -36.84 26.91 31.18
C1 NAG X . -36.99 -13.53 -1.25
C2 NAG X . -38.43 -14.08 -1.03
C3 NAG X . -38.95 -14.86 -2.25
C4 NAG X . -38.68 -14.15 -3.58
C5 NAG X . -37.20 -13.81 -3.63
C6 NAG X . -36.74 -13.14 -4.90
C7 NAG X . -38.98 -14.57 1.32
C8 NAG X . -38.89 -15.58 2.43
N2 NAG X . -38.45 -14.92 0.15
O3 NAG X . -40.36 -15.07 -2.11
O4 NAG X . -39.06 -15.02 -4.65
O5 NAG X . -36.88 -12.92 -2.54
O6 NAG X . -37.19 -11.80 -4.99
O7 NAG X . -39.51 -13.47 1.48
C1 NAG X . -39.57 -14.40 -5.88
C2 NAG X . -39.88 -15.46 -6.95
C3 NAG X . -40.44 -14.80 -8.22
C4 NAG X . -41.62 -13.89 -7.87
C5 NAG X . -41.18 -12.87 -6.83
C6 NAG X . -42.29 -11.93 -6.43
C7 NAG X . -38.15 -17.14 -6.46
C8 NAG X . -36.94 -17.86 -6.99
N2 NAG X . -38.72 -16.25 -7.29
O3 NAG X . -40.82 -15.80 -9.16
O4 NAG X . -42.04 -13.18 -9.02
O5 NAG X . -40.76 -13.57 -5.64
O6 NAG X . -43.13 -12.51 -5.44
O7 NAG X . -38.58 -17.33 -5.34
C1 NAG Y . -36.51 47.59 82.93
C2 NAG Y . -37.49 46.80 82.01
C3 NAG Y . -38.92 46.84 82.59
C4 NAG Y . -38.96 46.50 84.08
C5 NAG Y . -37.99 47.37 84.84
C6 NAG Y . -37.88 47.00 86.30
C7 NAG Y . -36.47 47.70 79.89
C8 NAG Y . -36.83 48.23 78.53
N2 NAG Y . -37.52 47.34 80.65
O3 NAG Y . -39.77 45.96 81.87
O4 NAG Y . -40.26 46.72 84.59
O5 NAG Y . -36.69 47.18 84.29
O6 NAG Y . -37.80 45.59 86.45
O7 NAG Y . -35.31 47.61 80.27
C1 NAG Z . 38.33 3.78 -104.18
C2 NAG Z . 38.77 5.02 -103.35
C3 NAG Z . 39.79 5.86 -104.16
C4 NAG Z . 40.89 5.02 -104.77
C5 NAG Z . 40.28 3.88 -105.57
C6 NAG Z . 41.31 2.91 -106.09
C7 NAG Z . 37.24 6.14 -101.77
C8 NAG Z . 36.05 7.04 -101.65
N2 NAG Z . 37.62 5.84 -103.01
O3 NAG Z . 40.36 6.88 -103.34
O4 NAG Z . 41.69 5.79 -105.65
O5 NAG Z . 39.46 3.11 -104.69
O6 NAG Z . 40.85 1.57 -105.93
O7 NAG Z . 37.81 5.69 -100.78
C1 NAG AA . -5.31 26.59 96.70
C2 NAG AA . -5.00 27.37 95.40
C3 NAG AA . -4.71 28.85 95.71
C4 NAG AA . -5.75 29.46 96.65
C5 NAG AA . -5.92 28.61 97.88
C6 NAG AA . -7.05 29.08 98.77
C7 NAG AA . -3.65 25.52 94.37
C8 NAG AA . -2.38 25.23 93.64
N2 NAG AA . -3.85 26.81 94.68
O3 NAG AA . -4.63 29.61 94.52
O4 NAG AA . -5.35 30.77 97.03
O5 NAG AA . -6.27 27.30 97.47
O6 NAG AA . -8.30 28.73 98.20
O7 NAG AA . -4.45 24.64 94.67
C1 NAG BA . 10.03 43.42 -22.08
C2 NAG BA . 10.63 43.92 -23.43
C3 NAG BA . 11.00 45.42 -23.33
C4 NAG BA . 9.87 46.26 -22.73
C5 NAG BA . 9.42 45.65 -21.41
C6 NAG BA . 8.21 46.33 -20.83
C7 NAG BA . 12.14 42.89 -25.06
C8 NAG BA . 13.41 42.11 -25.24
N2 NAG BA . 11.80 43.16 -23.80
O3 NAG BA . 11.34 45.94 -24.62
O4 NAG BA . 10.30 47.59 -22.48
O5 NAG BA . 9.01 44.30 -21.66
O6 NAG BA . 7.19 45.38 -20.58
O7 NAG BA . 11.46 43.25 -26.01
C1 NAG CA . 26.66 -50.98 17.87
C2 NAG CA . 27.58 -52.09 17.29
C3 NAG CA . 28.43 -52.73 18.41
C4 NAG CA . 29.11 -51.68 19.29
C5 NAG CA . 28.09 -50.70 19.80
C6 NAG CA . 28.69 -49.54 20.56
C7 NAG CA . 26.85 -53.41 15.33
C8 NAG CA . 25.97 -54.53 14.87
N2 NAG CA . 26.79 -53.12 16.63
O3 NAG CA . 29.42 -53.60 17.86
O4 NAG CA . 29.74 -52.29 20.40
O5 NAG CA . 27.43 -50.11 18.68
O6 NAG CA . 28.14 -48.32 20.08
O7 NAG CA . 27.56 -52.77 14.55
C1 NAG DA . -42.01 10.34 96.63
C2 NAG DA . -40.72 9.59 96.18
C3 NAG DA . -39.94 9.05 97.40
C4 NAG DA . -39.78 10.08 98.51
C5 NAG DA . -41.16 10.62 98.87
C6 NAG DA . -41.12 11.72 99.92
C7 NAG DA . -42.03 8.35 94.42
C8 NAG DA . -42.13 7.03 93.71
N2 NAG DA . -41.04 8.45 95.31
O3 NAG DA . -38.65 8.61 96.97
O4 NAG DA . -39.18 9.48 99.64
O5 NAG DA . -41.70 11.21 97.70
O6 NAG DA . -39.94 12.50 99.82
O7 NAG DA . -42.80 9.27 94.16
#